data_8FDT
#
_entry.id   8FDT
#
loop_
_entity.id
_entity.type
_entity.pdbx_description
1 polymer 'Cytoplasmic dynein 1 heavy chain 1,Serine--tRNA ligase'
2 polymer 'Platelet-activating factor acetylhydrolase IB subunit beta'
3 non-polymer "ADENOSINE-5'-TRIPHOSPHATE"
4 non-polymer "ADENOSINE-5'-DIPHOSPHATE"
5 non-polymer 'VANADATE ION'
#
loop_
_entity_poly.entity_id
_entity_poly.type
_entity_poly.pdbx_seq_one_letter_code
_entity_poly.pdbx_strand_id
1 'polypeptide(L)'
;GSALEEFLKQIREVWNTYELDLVNYQNKCRLIRGWDDLFNKVKEHINSVSAMKLSPYYKVFEEDALSWEDKLNRIMALFD
VWIDVQRRWVYLEGIFTGSADIKHLLPVETQRFQSISTEFLALMKKVSKSPLVMDVLNIQGVQRSLERLADLLGKIQKAL
GEYLERERSSFPRFYFVGDEDLLEIIGNSKNVAKLQKHFKKMFAGVSSIILNEDNSVVLGISSREGEEVMFKTPVSITEH
PKINEWLTLVEKEMRVTLAKLLAESVTEVEIFGKATSIDPNTYITWIDKYQAQLVVLSAQIAWSENVETALSSMGGGGDA
APLHSVLSNVEVTLNVLADSVLMEQPPLRRRKLEHLITELVHQRDVTRSLIKSKIDNAKSFEWLSQMRFYFDPKQTDVLQ
QLSIQMANAKFNYGFEYLGVQDKLVQTPLTDRCYLTMTQALEARLGGSPFGPAGTGKTESVKALGHQLGRFVLVFNCDET
FDFQAMGRIFVGLCQVGAWGCFDEFNRLEERMLSAVSQQVQCIQEALREHSNPNYDKTSAPITCELLNKQVKVSPDMAIF
ITMNPGYAGRSNLPDNLKKLFRSLAMTKPDRQLIAQVMLYSQGFRTAEVLANKIVPFFKLCDEQLSSQSHYDFGLRALKS
VLVSAGNVKRERIQKIKREKEERGEAVDEGEIAENLPEQEILIQSVCETMVPKLVAEDIPLLFSLLSDVFPGVQYHRGEM
TALREELKKVCQEMYLTYGDGEEVGGMWVEKVLQLYQITQINHGLMMVGPSGSGKSMAWRVLLKALERLEGVEGVAHIID
PKAISKDHLYGTLDPNTREWTDGLFTHVLRKIIDSVRGELQKRQWIVFDGDVDPEWVENLNSVLDDNKLLTLPNGERLSL
PPNVRIMFEVQDLKYATLATVSRCGMVWFSEDVLSTDMIFNNFLARLRSIPLDEGEDEAQRRRKGKEDEGEEAASPMLQI
QRDAATIMQPYFTSNGLVTKALEHAFQLEHIMDLTRLRCLGSLFSMLHQACRNVAQYNANHPDFPMQIEQLERYIQRYLV
YAILWSLSGDSRLKMRAELGEYIRRITTVPLPTAPNIPIIDYEVSISGEWSPWQAKVPQIEVETHKVAAPDVVVPTLDTV
RHEALLYTWLAEHKPLVLCGPPGSGKTMTLFSALRALPDMEVVGLNFSSATTPELLLKTFDHYCEYRRTPNGVVLAPVQL
GKWLVLFCDEINLPDMDKYGTQRVISFIRQMVEHGGFYRTSDQTWVKLERIQFVGACNPPTDPGRKPLSHRFLRHVPVVY
VDYPGPASLTQIYGTFNRAMLRLIPSLRTYAEPLTAAMVEFYTMSQERFTQDTQPHYIYSPREMTRWVRGIFEALRPLET
LPVEGLIRIWAHEALRLFQDRLVEDEERRWTDENIDTVALKHFPNIDREKAMSRPILYSNWLSKDYIPVDQEELRDYVKA
RLKVFYEEELDVPLVLFNEVLDHVLRIDRIFRQPQGHLLLIGVSGAGKTTLSRFVAWMNGLSVYQIKVHRKYTGEDFDED
LRTVLRRSGCKNEKIAFIMDESNVLDSGFLERMNTLLANGEVPGLFEGDEYATLMTQCKEGAQKEGLMLDSHEELYKWFT
SQVIRNLHVVFTMNPSSEGLKDRAATSPALFNRCVLNWFGDWSTEALYQVGKEFTSKMDLEKPNYIVPDYMPVVYDKLPQ
PPSHREAIVNSCVFVHQTLHQANARLAKRGGRTMAITPRHYLDFINHYANLFHEKRSELEEQQMHLNVGLRKIKETVDQV
EELRRDLRIKSQELEVKNAAANDKLKKMVKDQQEAEKKKVMSQEIQEQLHKQQEVIADKQMSLLALDQEVQELKKRLQEV
QTERNQVAKRVPKAPPEEKEALIARGRALGEEAKRLEEALREKEAQLEALRNELQKLEDDAKDNQQKANEVEQMIRDLEA
SIARYKEEYAVLISEAQAIKADLAAVEAKVNRSTALLKSLSAERERWEKTSETFKNQMSTIAGDCLLSAAFIAYAGYFDQ
QMRQNLFTTWSHHLQQANIQFRTDIARTEYLSNADERLRWQASSLPADDLCTENAIMLKRFNRYPLIIDPSGQATEFIMN
EYKDRKITRTSFLDDAFRKNLESALRFGNPLLVQDVESYDPVLNPVLNREVRRTGGRVLITLGDQDIDLSPSFVIFLSTR
DPTVEFPPDLCSRVTFVNFTVTRSSLQSQCLNEVLKAERPDVDEKRSDLLKLQGEFQLRLRQLEKSLLQALNEVKGRILD
DDTIITTLENLKREAAEVTRKVEETDIVMQEVETVSQQYLPLSTACSSIYFTMESLKQIHFLYQYSLQFFLDIYHNVLYE
NPNLKGVTDHTQRLSIITKDLFQVAFNRVARGMLHQDHITFAMLLARIKLKGTVGEPTYDAEFQHFLRGNEIVLSAGSTP
RIQGLTVEQAEAVVRLSCLPAFKDLIAKVQADEQFGIWLDSSSPEQTVPYLWSEETPATPIGQAIHRLLLIQAFRPDRLL
AMAHMFVSTNLGESFMSIMEQPLDLTHIVGTEVKPNTPVLMCSVPGYDASGHVEDLAAEQNTQITSIAIGSAEGFNQADK
AINTAVKSGRWVMLKNVHLAPGWLMQLEKKLHSLQPHACFRLFLTMEINPKVPVNLLRAGRIFVFEPPPGVKANMLRTFS
SIPVSRICKSPNERARLYFLLAWFHAIIQERLRYAPLGWSKKYEFGESDLRSACDTVDTWLDDTAKGRQNISPDKIPWSA
LKTLMAQSIYGGRVDNEFDQRLLNTFLERLFTTRSFDSEFKLACKVDGHKDIQMPDGIRREEFVQWVELLPDTQTPSWLG
LPNNAERVLLTTQGVDMISKMLKMQMLEDEDDLAYAETEKKTRTDSTSDGRPAWMRTLHTTASNWLHLIPQTLSHLKRTV
ENIKDPLFRFFEREVKMGAKLLQDVRQDLADVVQVCEGKKKQTNYLRTLINELVKGILPRSWSHYTVPAGMTVIQWVSDF
SERIKQLQNISLAAASGGAKELKNIHVCLGGLFVPEAYITATRQYVAQANSWSLEELCLEVNVTTSQGATLDACSFGVTG
LKLQGATCNNNKLSLSNAISTALPLTQLRWVKQTNTEKKASVVTLPVYLNFTRADLIFTVDFEIATKEDPRSFYERGVAV
LCTEEF
;
A
2 'polypeptide(L)'
;GSVLSQRQRDELNRAIADYLRSNGYEEAYSVFKKEAELDVNEELDKKYAGLLEKKWTSVIRLQKKVMELESKLNEAKEEF
TSGGPLGQKRDPKEWIPRPPEKYALSGHRSPVTRVIFHPVFSVMVSASEDATIKVWDYETGDFERTLKGHTDSVQDISFD
HSGKLLASCSADMTIKLWDFQGFECIRTMHGHDHNVSSVAIMPNGDHIVSASRDKTIKMWEVQTGYCVKTFTGHREWVRM
VRPNQDGTLIASCSNDQTVRVWVVATKECKAELREHEHVVECISWAPESSYSSISEATGSETKKSGKPGPFLLSGSRDKT
IKMWDVSTGMCLMTLVGHDNWVRGVLFHSGGKFILSCADDKTLRVWDYKNKRCMKTLNAHEHFVTSLDFHKTAPYVVTGS
VDQTVKVWECRGAGAGADKDCEMKRTTLDSPLGKLELSGCEQGLHRIIFLGKGTSAADAVEVPAPAAVLGGPEPLMQATA
WLNAYFHQPEAIEEFPVPALHHPVFQQESFTRQVLWKLLKVVKFGEVISYSHLAALAGNPAATAAVKTALSGNPVPILIP
CHRVVQGDLDVGGYEGGLAVKEWLLAHEGHRLGKPGLG
;
B,C
#
# COMPACT_ATOMS: atom_id res chain seq x y z
N ARG A 88 -18.04 -8.96 35.71
CA ARG A 88 -18.15 -8.20 36.94
C ARG A 88 -19.40 -8.59 37.72
N TRP A 89 -20.46 -7.80 37.56
CA TRP A 89 -21.72 -8.07 38.26
C TRP A 89 -22.30 -9.41 37.85
N VAL A 90 -22.27 -9.71 36.55
CA VAL A 90 -22.79 -10.99 36.07
C VAL A 90 -21.96 -12.15 36.60
N TYR A 91 -20.64 -11.95 36.71
CA TYR A 91 -19.78 -12.98 37.25
C TYR A 91 -20.16 -13.33 38.69
N LEU A 92 -20.29 -12.31 39.53
CA LEU A 92 -20.65 -12.54 40.93
C LEU A 92 -22.06 -13.12 41.05
N GLU A 93 -22.98 -12.65 40.22
CA GLU A 93 -24.33 -13.20 40.23
C GLU A 93 -24.34 -14.68 39.88
N GLY A 94 -23.53 -15.06 38.89
CA GLY A 94 -23.44 -16.47 38.53
C GLY A 94 -22.78 -17.33 39.60
N ILE A 95 -21.73 -16.79 40.25
CA ILE A 95 -20.93 -17.62 41.15
C ILE A 95 -21.36 -17.54 42.61
N PHE A 96 -22.32 -16.67 42.95
CA PHE A 96 -22.76 -16.55 44.34
C PHE A 96 -23.96 -17.45 44.67
N THR A 97 -24.45 -18.24 43.72
CA THR A 97 -25.60 -19.11 43.95
C THR A 97 -25.25 -20.58 43.72
N GLY A 98 -24.12 -21.03 44.24
CA GLY A 98 -23.67 -22.40 44.07
C GLY A 98 -24.07 -23.32 45.20
N SER A 99 -23.13 -24.17 45.60
CA SER A 99 -23.37 -25.11 46.69
C SER A 99 -23.47 -24.39 48.03
N ALA A 100 -23.64 -25.17 49.10
CA ALA A 100 -23.84 -24.58 50.41
C ALA A 100 -22.55 -24.02 50.97
N ASP A 101 -21.55 -24.88 51.23
CA ASP A 101 -20.31 -24.42 51.84
C ASP A 101 -19.40 -23.67 50.88
N ILE A 102 -19.64 -23.78 49.57
CA ILE A 102 -18.84 -23.02 48.61
C ILE A 102 -19.03 -21.53 48.80
N LYS A 103 -20.17 -21.12 49.37
CA LYS A 103 -20.48 -19.72 49.59
C LYS A 103 -19.96 -19.18 50.92
N HIS A 104 -19.47 -20.04 51.80
CA HIS A 104 -18.87 -19.57 53.05
C HIS A 104 -17.42 -19.17 52.88
N LEU A 105 -16.88 -19.29 51.66
CA LEU A 105 -15.55 -18.82 51.33
C LEU A 105 -15.58 -17.30 51.26
N LEU A 106 -15.26 -16.63 52.37
CA LEU A 106 -15.43 -15.19 52.51
C LEU A 106 -16.88 -14.84 52.17
N PRO A 107 -17.84 -15.20 53.02
CA PRO A 107 -19.25 -15.08 52.65
C PRO A 107 -19.83 -13.68 52.76
N VAL A 108 -19.05 -12.70 53.24
CA VAL A 108 -19.59 -11.36 53.42
C VAL A 108 -20.02 -10.77 52.08
N GLU A 109 -19.27 -11.05 51.02
CA GLU A 109 -19.68 -10.62 49.69
C GLU A 109 -20.99 -11.29 49.28
N THR A 110 -21.15 -12.57 49.62
CA THR A 110 -22.37 -13.28 49.26
C THR A 110 -23.58 -12.66 49.95
N GLN A 111 -23.46 -12.35 51.24
CA GLN A 111 -24.59 -11.72 51.93
C GLN A 111 -24.83 -10.29 51.46
N ARG A 112 -23.77 -9.54 51.15
CA ARG A 112 -23.97 -8.16 50.74
C ARG A 112 -24.34 -8.03 49.26
N PHE A 113 -24.30 -9.12 48.50
CA PHE A 113 -24.72 -9.12 47.10
C PHE A 113 -26.20 -9.49 46.98
N GLN A 114 -26.57 -10.67 47.47
CA GLN A 114 -27.99 -11.04 47.53
C GLN A 114 -28.64 -10.42 48.76
N LEU A 152 -17.92 -0.97 45.15
CA LEU A 152 -18.77 -2.09 45.53
C LEU A 152 -18.46 -3.32 44.69
N LEU A 153 -18.76 -3.24 43.40
CA LEU A 153 -18.49 -4.37 42.50
C LEU A 153 -17.00 -4.68 42.44
N GLY A 154 -16.18 -3.64 42.28
CA GLY A 154 -14.74 -3.84 42.21
C GLY A 154 -14.17 -4.42 43.49
N LYS A 155 -14.63 -3.91 44.63
CA LYS A 155 -14.14 -4.40 45.92
C LYS A 155 -14.49 -5.87 46.11
N ILE A 156 -15.72 -6.26 45.78
CA ILE A 156 -16.13 -7.65 45.91
C ILE A 156 -15.31 -8.54 44.98
N GLN A 157 -15.16 -8.12 43.73
CA GLN A 157 -14.42 -8.93 42.76
C GLN A 157 -12.96 -9.10 43.19
N LYS A 158 -12.33 -8.01 43.64
CA LYS A 158 -10.94 -8.09 44.07
C LYS A 158 -10.78 -8.86 45.37
N ALA A 159 -11.77 -8.80 46.27
CA ALA A 159 -11.70 -9.64 47.47
C ALA A 159 -11.77 -11.12 47.10
N LEU A 160 -12.65 -11.48 46.17
CA LEU A 160 -12.73 -12.87 45.74
C LEU A 160 -11.45 -13.31 45.06
N GLY A 161 -10.89 -12.45 44.19
CA GLY A 161 -9.63 -12.77 43.54
C GLY A 161 -8.49 -12.89 44.54
N GLU A 162 -8.49 -12.03 45.56
CA GLU A 162 -7.48 -12.10 46.61
C GLU A 162 -7.59 -13.40 47.39
N TYR A 163 -8.82 -13.84 47.68
CA TYR A 163 -8.98 -15.14 48.33
C TYR A 163 -8.45 -16.27 47.45
N LEU A 164 -8.76 -16.23 46.16
CA LEU A 164 -8.27 -17.27 45.26
C LEU A 164 -6.75 -17.28 45.22
N GLU A 165 -6.13 -16.11 45.13
CA GLU A 165 -4.67 -16.04 45.08
C GLU A 165 -4.05 -16.42 46.42
N ARG A 166 -4.73 -16.13 47.53
CA ARG A 166 -4.24 -16.55 48.85
C ARG A 166 -4.23 -18.07 48.94
N GLU A 167 -5.32 -18.71 48.52
CA GLU A 167 -5.36 -20.16 48.53
C GLU A 167 -4.32 -20.76 47.60
N ARG A 168 -4.11 -20.12 46.44
CA ARG A 168 -3.07 -20.59 45.52
C ARG A 168 -1.69 -20.46 46.15
N SER A 169 -1.43 -19.37 46.87
CA SER A 169 -0.15 -19.19 47.53
C SER A 169 0.03 -20.18 48.67
N SER A 170 -1.05 -20.58 49.34
CA SER A 170 -0.94 -21.56 50.41
C SER A 170 -0.44 -22.89 49.88
N PHE A 171 -0.99 -23.36 48.76
CA PHE A 171 -0.54 -24.59 48.13
C PHE A 171 -0.06 -24.28 46.72
N PRO A 172 1.25 -24.29 46.48
CA PRO A 172 1.77 -23.78 45.20
C PRO A 172 1.20 -24.46 43.96
N ARG A 173 0.88 -25.74 44.03
CA ARG A 173 0.35 -26.43 42.87
C ARG A 173 -1.01 -25.89 42.44
N PHE A 174 -1.68 -25.12 43.30
CA PHE A 174 -2.94 -24.50 42.92
C PHE A 174 -2.76 -23.45 41.84
N TYR A 175 -1.55 -23.01 41.56
CA TYR A 175 -1.33 -22.13 40.42
C TYR A 175 -1.41 -22.87 39.10
N PHE A 176 -1.51 -24.20 39.13
CA PHE A 176 -1.77 -24.99 37.92
C PHE A 176 -3.24 -25.30 37.72
N VAL A 177 -4.06 -25.16 38.75
CA VAL A 177 -5.48 -25.50 38.64
C VAL A 177 -6.27 -24.25 38.26
N GLY A 178 -7.43 -24.46 37.65
CA GLY A 178 -8.29 -23.36 37.31
C GLY A 178 -9.00 -22.77 38.52
N ASP A 179 -9.40 -21.51 38.39
CA ASP A 179 -10.09 -20.84 39.48
C ASP A 179 -11.46 -21.48 39.75
N GLU A 180 -12.19 -21.82 38.70
CA GLU A 180 -13.47 -22.51 38.89
C GLU A 180 -13.25 -23.90 39.49
N ASP A 181 -12.22 -24.62 39.01
CA ASP A 181 -11.92 -25.93 39.57
C ASP A 181 -11.51 -25.81 41.03
N LEU A 182 -10.70 -24.80 41.36
CA LEU A 182 -10.30 -24.59 42.75
C LEU A 182 -11.50 -24.26 43.63
N LEU A 183 -12.40 -23.40 43.15
CA LEU A 183 -13.56 -23.01 43.94
C LEU A 183 -14.48 -24.19 44.17
N GLU A 184 -14.67 -25.03 43.14
CA GLU A 184 -15.46 -26.25 43.31
C GLU A 184 -14.76 -27.23 44.25
N ILE A 185 -13.43 -27.31 44.19
CA ILE A 185 -12.68 -28.20 45.08
C ILE A 185 -12.90 -27.80 46.53
N ILE A 186 -12.78 -26.50 46.82
CA ILE A 186 -12.98 -26.04 48.18
C ILE A 186 -14.45 -26.24 48.58
N GLY A 187 -15.37 -26.01 47.65
CA GLY A 187 -16.77 -26.29 47.92
C GLY A 187 -17.04 -27.76 48.17
N ASN A 188 -16.31 -28.63 47.48
CA ASN A 188 -16.44 -30.08 47.69
C ASN A 188 -15.44 -30.59 48.72
N SER A 189 -15.50 -30.02 49.92
CA SER A 189 -14.61 -30.49 50.99
C SER A 189 -15.07 -31.83 51.54
N LYS A 190 -16.39 -32.01 51.71
CA LYS A 190 -16.91 -33.25 52.27
C LYS A 190 -16.70 -34.42 51.33
N ASN A 191 -16.92 -34.20 50.03
CA ASN A 191 -16.72 -35.24 49.04
C ASN A 191 -15.29 -35.18 48.52
N VAL A 192 -14.56 -36.28 48.70
CA VAL A 192 -13.16 -36.33 48.29
C VAL A 192 -13.03 -37.12 47.00
N ALA A 193 -13.97 -38.04 46.77
CA ALA A 193 -13.92 -38.87 45.57
C ALA A 193 -14.04 -38.04 44.31
N LYS A 194 -14.89 -37.01 44.32
CA LYS A 194 -15.02 -36.13 43.17
C LYS A 194 -13.77 -35.33 42.92
N LEU A 195 -12.87 -35.23 43.90
CA LEU A 195 -11.62 -34.50 43.76
C LEU A 195 -10.50 -35.37 43.22
N GLN A 196 -10.77 -36.63 42.90
CA GLN A 196 -9.74 -37.56 42.44
C GLN A 196 -9.48 -37.45 40.95
N LYS A 197 -9.86 -36.33 40.31
CA LYS A 197 -9.53 -36.09 38.92
C LYS A 197 -8.48 -35.01 38.73
N HIS A 198 -8.45 -33.99 39.60
CA HIS A 198 -7.48 -32.91 39.47
C HIS A 198 -6.08 -33.34 39.86
N PHE A 199 -5.93 -34.47 40.56
CA PHE A 199 -4.60 -34.92 40.93
C PHE A 199 -3.75 -35.28 39.72
N LYS A 200 -4.37 -35.65 38.61
CA LYS A 200 -3.61 -35.97 37.41
C LYS A 200 -2.83 -34.76 36.90
N LYS A 201 -3.43 -33.58 36.99
CA LYS A 201 -2.80 -32.36 36.49
C LYS A 201 -2.11 -31.54 37.57
N MET A 202 -2.43 -31.77 38.85
CA MET A 202 -1.67 -31.12 39.91
C MET A 202 -0.26 -31.69 40.01
N PHE A 203 -0.15 -33.01 40.05
CA PHE A 203 1.12 -33.70 40.26
C PHE A 203 1.63 -34.29 38.96
N ALA A 204 2.76 -34.99 39.05
CA ALA A 204 3.37 -35.61 37.88
C ALA A 204 2.86 -37.02 37.64
N GLY A 205 3.04 -37.89 38.62
CA GLY A 205 2.63 -39.28 38.47
C GLY A 205 1.45 -39.66 39.33
N VAL A 206 1.04 -38.76 40.20
CA VAL A 206 -0.12 -39.04 41.05
C VAL A 206 -1.39 -38.90 40.23
N SER A 207 -2.19 -39.96 40.21
CA SER A 207 -3.48 -39.94 39.54
C SER A 207 -4.64 -40.31 40.45
N SER A 208 -4.36 -40.94 41.59
CA SER A 208 -5.39 -41.32 42.54
C SER A 208 -4.78 -41.31 43.94
N ILE A 209 -5.64 -41.15 44.94
CA ILE A 209 -5.24 -41.17 46.34
C ILE A 209 -6.08 -42.21 47.08
N ILE A 210 -5.42 -42.99 47.93
CA ILE A 210 -6.06 -44.07 48.65
C ILE A 210 -6.54 -43.53 49.99
N LEU A 211 -7.83 -43.65 50.25
CA LEU A 211 -8.41 -43.15 51.49
C LEU A 211 -8.80 -44.31 52.40
N ASN A 212 -9.23 -43.98 53.61
CA ASN A 212 -9.73 -44.96 54.54
C ASN A 212 -11.16 -45.36 54.16
N GLU A 213 -11.69 -46.36 54.87
CA GLU A 213 -13.04 -46.84 54.57
C GLU A 213 -14.09 -45.77 54.85
N ASP A 214 -13.85 -44.91 55.84
CA ASP A 214 -14.81 -43.89 56.23
C ASP A 214 -14.65 -42.59 55.44
N ASN A 215 -13.78 -42.57 54.43
CA ASN A 215 -13.53 -41.36 53.64
C ASN A 215 -13.04 -40.23 54.54
N SER A 216 -12.10 -40.56 55.44
CA SER A 216 -11.59 -39.60 56.40
C SER A 216 -10.08 -39.56 56.50
N VAL A 217 -9.37 -40.64 56.19
CA VAL A 217 -7.92 -40.71 56.32
C VAL A 217 -7.35 -41.20 55.00
N VAL A 218 -6.43 -40.44 54.43
CA VAL A 218 -5.76 -40.84 53.20
C VAL A 218 -4.54 -41.70 53.56
N LEU A 219 -4.43 -42.86 52.91
CA LEU A 219 -3.38 -43.82 53.23
C LEU A 219 -2.22 -43.80 52.25
N GLY A 220 -2.45 -43.38 51.02
CA GLY A 220 -1.39 -43.38 50.03
C GLY A 220 -1.89 -42.83 48.71
N ILE A 221 -1.03 -42.91 47.71
CA ILE A 221 -1.30 -42.39 46.38
C ILE A 221 -1.16 -43.52 45.37
N SER A 222 -1.97 -43.47 44.31
CA SER A 222 -1.97 -44.47 43.27
C SER A 222 -1.70 -43.80 41.93
N SER A 223 -0.76 -44.35 41.16
CA SER A 223 -0.52 -43.85 39.83
C SER A 223 -1.61 -44.37 38.87
N ARG A 224 -1.65 -43.78 37.68
CA ARG A 224 -2.64 -44.19 36.69
C ARG A 224 -2.37 -45.56 36.10
N GLU A 225 -1.19 -46.13 36.35
CA GLU A 225 -0.86 -47.48 35.88
C GLU A 225 -1.11 -48.53 36.96
N GLY A 226 -1.72 -48.16 38.07
CA GLY A 226 -2.02 -49.12 39.12
C GLY A 226 -0.86 -49.41 40.05
N GLU A 227 -0.04 -48.41 40.35
CA GLU A 227 1.07 -48.55 41.28
C GLU A 227 0.79 -47.73 42.52
N GLU A 228 1.03 -48.30 43.68
CA GLU A 228 0.68 -47.69 44.96
C GLU A 228 1.94 -47.31 45.70
N VAL A 229 1.89 -46.16 46.38
CA VAL A 229 2.95 -45.70 47.25
C VAL A 229 2.30 -45.44 48.61
N MET A 230 2.34 -46.43 49.48
CA MET A 230 1.67 -46.30 50.78
C MET A 230 2.46 -45.35 51.67
N PHE A 231 1.77 -44.36 52.23
CA PHE A 231 2.43 -43.39 53.09
C PHE A 231 2.99 -44.07 54.34
N LYS A 232 4.22 -43.72 54.69
CA LYS A 232 4.79 -44.21 55.94
C LYS A 232 4.02 -43.70 57.15
N THR A 233 3.55 -42.46 57.10
CA THR A 233 2.75 -41.88 58.19
C THR A 233 1.45 -41.37 57.59
N PRO A 234 0.33 -42.05 57.83
CA PRO A 234 -0.95 -41.56 57.31
C PRO A 234 -1.35 -40.24 57.93
N VAL A 235 -2.12 -39.45 57.17
CA VAL A 235 -2.64 -38.19 57.66
C VAL A 235 -4.16 -38.19 57.49
N SER A 236 -4.84 -37.60 58.47
CA SER A 236 -6.29 -37.62 58.54
C SER A 236 -6.87 -36.30 58.05
N ILE A 237 -7.95 -36.39 57.27
CA ILE A 237 -8.62 -35.18 56.81
C ILE A 237 -9.23 -34.42 57.98
N THR A 238 -9.81 -35.14 58.95
CA THR A 238 -10.35 -34.48 60.13
C THR A 238 -9.26 -33.83 60.95
N GLU A 239 -8.03 -34.36 60.89
CA GLU A 239 -6.95 -33.84 61.72
C GLU A 239 -6.32 -32.59 61.09
N HIS A 240 -6.60 -32.34 59.80
CA HIS A 240 -6.43 -31.01 59.20
C HIS A 240 -7.56 -30.81 58.20
N PRO A 241 -8.64 -30.12 58.59
CA PRO A 241 -9.81 -30.02 57.70
C PRO A 241 -9.60 -29.15 56.47
N LYS A 242 -8.74 -28.13 56.52
CA LYS A 242 -8.57 -27.24 55.38
C LYS A 242 -7.90 -27.97 54.23
N ILE A 243 -8.38 -27.68 53.02
CA ILE A 243 -7.91 -28.42 51.83
C ILE A 243 -6.42 -28.17 51.61
N ASN A 244 -6.01 -26.90 51.65
CA ASN A 244 -4.63 -26.57 51.32
C ASN A 244 -3.64 -27.20 52.29
N GLU A 245 -3.95 -27.15 53.58
CA GLU A 245 -3.00 -27.68 54.56
C GLU A 245 -2.83 -29.19 54.42
N TRP A 246 -3.94 -29.94 54.32
CA TRP A 246 -3.78 -31.37 54.21
C TRP A 246 -3.18 -31.77 52.86
N LEU A 247 -3.42 -30.98 51.81
CA LEU A 247 -2.73 -31.25 50.54
C LEU A 247 -1.23 -31.03 50.67
N THR A 248 -0.82 -29.96 51.36
CA THR A 248 0.60 -29.73 51.59
C THR A 248 1.21 -30.89 52.38
N LEU A 249 0.51 -31.35 53.41
CA LEU A 249 1.04 -32.44 54.21
C LEU A 249 1.09 -33.74 53.42
N VAL A 250 0.10 -34.02 52.57
CA VAL A 250 0.20 -35.26 51.80
C VAL A 250 1.34 -35.16 50.80
N GLU A 251 1.60 -33.97 50.23
CA GLU A 251 2.76 -33.83 49.37
C GLU A 251 4.05 -34.09 50.14
N LYS A 252 4.17 -33.50 51.32
CA LYS A 252 5.38 -33.69 52.13
C LYS A 252 5.55 -35.15 52.55
N GLU A 253 4.46 -35.80 52.95
CA GLU A 253 4.54 -37.21 53.34
C GLU A 253 4.86 -38.09 52.15
N MET A 254 4.42 -37.70 50.95
CA MET A 254 4.82 -38.43 49.76
C MET A 254 6.32 -38.33 49.53
N ARG A 255 6.87 -37.13 49.66
CA ARG A 255 8.32 -36.97 49.53
C ARG A 255 9.05 -37.77 50.60
N VAL A 256 8.57 -37.72 51.83
CA VAL A 256 9.20 -38.43 52.94
C VAL A 256 9.15 -39.93 52.70
N THR A 257 8.00 -40.43 52.26
CA THR A 257 7.86 -41.86 51.98
C THR A 257 8.79 -42.30 50.87
N LEU A 258 8.91 -41.49 49.81
CA LEU A 258 9.84 -41.82 48.75
C LEU A 258 11.27 -41.84 49.26
N ALA A 259 11.63 -40.89 50.12
CA ALA A 259 12.98 -40.87 50.68
C ALA A 259 13.25 -42.12 51.51
N LYS A 260 12.32 -42.46 52.40
CA LYS A 260 12.51 -43.63 53.27
C LYS A 260 12.56 -44.92 52.45
N LEU A 261 11.69 -45.06 51.46
CA LEU A 261 11.71 -46.25 50.62
C LEU A 261 12.99 -46.32 49.80
N LEU A 262 13.48 -45.18 49.33
CA LEU A 262 14.75 -45.17 48.63
C LEU A 262 15.88 -45.62 49.54
N ALA A 263 15.88 -45.17 50.79
CA ALA A 263 16.91 -45.61 51.74
C ALA A 263 16.83 -47.12 51.95
N GLU A 264 15.63 -47.65 52.14
CA GLU A 264 15.47 -49.09 52.32
C GLU A 264 15.94 -49.86 51.09
N SER A 265 15.60 -49.35 49.90
CA SER A 265 15.98 -50.04 48.67
C SER A 265 17.49 -50.01 48.48
N VAL A 266 18.13 -48.89 48.82
CA VAL A 266 19.59 -48.83 48.73
C VAL A 266 20.22 -49.82 49.70
N THR A 267 19.67 -49.90 50.92
CA THR A 267 20.18 -50.87 51.89
C THR A 267 20.04 -52.29 51.34
N GLU A 268 18.89 -52.60 50.73
CA GLU A 268 18.69 -53.93 50.17
C GLU A 268 19.66 -54.22 49.03
N VAL A 269 19.85 -53.25 48.13
CA VAL A 269 20.70 -53.49 46.97
C VAL A 269 22.17 -53.47 47.35
N GLU A 270 22.52 -53.01 48.56
CA GLU A 270 23.87 -53.21 49.06
C GLU A 270 24.24 -54.69 49.03
N ILE A 271 23.29 -55.57 49.36
CA ILE A 271 23.58 -57.00 49.39
C ILE A 271 23.98 -57.50 48.00
N PHE A 272 23.23 -57.08 46.97
CA PHE A 272 23.61 -57.46 45.61
C PHE A 272 24.92 -56.81 45.20
N GLY A 273 25.22 -55.63 45.76
CA GLY A 273 26.47 -54.97 45.45
C GLY A 273 27.69 -55.72 45.94
N LYS A 274 27.60 -56.34 47.12
CA LYS A 274 28.71 -57.06 47.74
C LYS A 274 28.51 -58.57 47.68
N ALA A 275 27.99 -59.07 46.56
CA ALA A 275 27.82 -60.50 46.38
C ALA A 275 27.98 -60.83 44.90
N THR A 276 28.46 -62.04 44.64
CA THR A 276 28.58 -62.57 43.29
C THR A 276 27.69 -63.79 43.15
N SER A 277 27.41 -64.16 41.90
CA SER A 277 26.45 -65.22 41.58
C SER A 277 25.13 -64.97 42.31
N ILE A 278 24.52 -63.83 41.98
CA ILE A 278 23.36 -63.36 42.73
C ILE A 278 22.16 -64.27 42.47
N ASP A 279 21.26 -64.32 43.45
CA ASP A 279 20.10 -65.20 43.35
C ASP A 279 19.00 -64.51 42.53
N PRO A 280 18.59 -65.09 41.39
CA PRO A 280 17.54 -64.44 40.60
C PRO A 280 16.23 -64.25 41.35
N ASN A 281 15.88 -65.19 42.23
CA ASN A 281 14.58 -65.10 42.89
C ASN A 281 14.51 -63.91 43.84
N THR A 282 15.52 -63.76 44.71
CA THR A 282 15.54 -62.61 45.61
C THR A 282 15.72 -61.31 44.83
N TYR A 283 16.44 -61.37 43.72
CA TYR A 283 16.65 -60.19 42.90
C TYR A 283 15.32 -59.69 42.31
N ILE A 284 14.51 -60.61 41.78
CA ILE A 284 13.19 -60.25 41.30
C ILE A 284 12.28 -59.81 42.45
N THR A 285 12.44 -60.43 43.61
CA THR A 285 11.67 -60.02 44.77
C THR A 285 11.96 -58.56 45.13
N TRP A 286 13.24 -58.17 45.08
CA TRP A 286 13.58 -56.77 45.29
C TRP A 286 13.00 -55.89 44.19
N ILE A 287 13.08 -56.35 42.93
CA ILE A 287 12.63 -55.52 41.82
C ILE A 287 11.15 -55.20 41.95
N ASP A 288 10.33 -56.21 42.20
CA ASP A 288 8.91 -55.97 42.33
C ASP A 288 8.50 -55.57 43.75
N LYS A 289 9.45 -55.47 44.67
CA LYS A 289 9.15 -54.96 46.00
C LYS A 289 8.83 -53.47 45.98
N TYR A 290 9.61 -52.69 45.23
CA TYR A 290 9.56 -51.24 45.32
C TYR A 290 9.14 -50.62 43.98
N GLN A 291 8.96 -49.30 43.96
CA GLN A 291 8.49 -48.59 42.78
C GLN A 291 9.62 -48.52 41.74
N ALA A 292 9.26 -48.26 40.49
CA ALA A 292 10.23 -48.35 39.39
C ALA A 292 11.30 -47.27 39.49
N GLN A 293 10.89 -46.03 39.76
CA GLN A 293 11.89 -44.96 39.87
C GLN A 293 12.83 -45.23 41.04
N LEU A 294 12.31 -45.76 42.14
CA LEU A 294 13.16 -46.12 43.26
C LEU A 294 14.12 -47.24 42.89
N VAL A 295 13.66 -48.20 42.09
CA VAL A 295 14.55 -49.29 41.67
C VAL A 295 15.70 -48.75 40.82
N VAL A 296 15.38 -47.89 39.86
CA VAL A 296 16.44 -47.33 39.01
C VAL A 296 17.38 -46.45 39.84
N LEU A 297 16.82 -45.68 40.77
CA LEU A 297 17.65 -44.87 41.65
C LEU A 297 18.59 -45.72 42.47
N SER A 298 18.10 -46.83 43.03
CA SER A 298 18.94 -47.70 43.83
C SER A 298 20.04 -48.31 42.98
N ALA A 299 19.72 -48.72 41.76
CA ALA A 299 20.74 -49.27 40.88
C ALA A 299 21.82 -48.24 40.60
N GLN A 300 21.43 -47.02 40.26
CA GLN A 300 22.41 -45.98 39.97
C GLN A 300 23.24 -45.63 41.20
N ILE A 301 22.60 -45.56 42.37
CA ILE A 301 23.31 -45.22 43.60
C ILE A 301 24.34 -46.30 43.92
N ALA A 302 23.92 -47.57 43.84
CA ALA A 302 24.84 -48.66 44.13
C ALA A 302 26.02 -48.65 43.16
N TRP A 303 25.75 -48.44 41.87
CA TRP A 303 26.84 -48.41 40.91
C TRP A 303 27.79 -47.25 41.18
N SER A 304 27.25 -46.07 41.48
CA SER A 304 28.10 -44.92 41.75
C SER A 304 28.97 -45.16 42.97
N GLU A 305 28.38 -45.68 44.05
CA GLU A 305 29.15 -45.95 45.26
C GLU A 305 30.23 -46.99 44.99
N ASN A 306 29.89 -48.05 44.25
CA ASN A 306 30.88 -49.08 43.96
C ASN A 306 32.04 -48.52 43.14
N VAL A 307 31.76 -47.73 42.12
CA VAL A 307 32.82 -47.19 41.29
C VAL A 307 33.67 -46.19 42.08
N GLU A 308 33.04 -45.37 42.90
CA GLU A 308 33.80 -44.42 43.72
C GLU A 308 34.70 -45.16 44.69
N THR A 309 34.19 -46.22 45.33
CA THR A 309 35.00 -46.98 46.26
C THR A 309 36.17 -47.66 45.55
N ALA A 310 35.92 -48.21 44.36
CA ALA A 310 36.99 -48.85 43.61
C ALA A 310 38.06 -47.83 43.23
N LEU A 311 37.65 -46.67 42.72
CA LEU A 311 38.61 -45.65 42.33
C LEU A 311 39.42 -45.16 43.52
N SER A 312 38.76 -44.98 44.67
CA SER A 312 39.49 -44.58 45.88
C SER A 312 40.48 -45.66 46.29
N SER A 313 40.09 -46.93 46.20
CA SER A 313 40.99 -48.01 46.57
C SER A 313 42.21 -48.04 45.65
N MET A 314 42.01 -47.81 44.35
CA MET A 314 43.14 -47.78 43.44
C MET A 314 44.10 -46.64 43.78
N GLY A 315 43.58 -45.43 43.89
CA GLY A 315 44.42 -44.27 44.15
C GLY A 315 45.51 -44.12 43.10
N GLY A 316 46.76 -44.04 43.53
CA GLY A 316 47.87 -44.06 42.60
C GLY A 316 48.38 -45.46 42.35
N GLY A 317 47.46 -46.41 42.22
CA GLY A 317 47.82 -47.80 42.04
C GLY A 317 48.41 -48.12 40.69
N GLY A 318 49.60 -48.74 40.68
CA GLY A 318 50.22 -49.09 39.43
C GLY A 318 49.46 -50.16 38.66
N ASP A 319 48.99 -51.19 39.36
CA ASP A 319 48.33 -52.30 38.68
C ASP A 319 47.03 -52.76 39.34
N ALA A 320 46.67 -52.24 40.51
CA ALA A 320 45.44 -52.67 41.17
C ALA A 320 44.23 -52.35 40.30
N ALA A 321 43.43 -53.37 40.02
CA ALA A 321 42.23 -53.23 39.19
C ALA A 321 41.05 -53.92 39.86
N PRO A 322 40.55 -53.36 40.96
CA PRO A 322 39.35 -53.94 41.60
C PRO A 322 38.05 -53.54 40.92
N LEU A 323 38.06 -52.51 40.07
CA LEU A 323 36.83 -52.11 39.39
C LEU A 323 36.39 -53.16 38.37
N HIS A 324 37.29 -54.08 37.98
CA HIS A 324 36.85 -55.22 37.18
C HIS A 324 35.83 -56.06 37.94
N SER A 325 35.91 -56.08 39.27
CA SER A 325 34.87 -56.73 40.06
C SER A 325 33.54 -56.02 39.89
N VAL A 326 33.56 -54.69 39.83
CA VAL A 326 32.34 -53.92 39.58
C VAL A 326 31.80 -54.24 38.19
N LEU A 327 32.68 -54.31 37.20
CA LEU A 327 32.24 -54.66 35.85
C LEU A 327 31.64 -56.05 35.80
N SER A 328 32.25 -57.01 36.50
CA SER A 328 31.72 -58.37 36.53
C SER A 328 30.38 -58.42 37.23
N ASN A 329 30.21 -57.62 38.30
CA ASN A 329 28.92 -57.56 38.97
C ASN A 329 27.85 -57.00 38.04
N VAL A 330 28.17 -55.94 37.30
CA VAL A 330 27.22 -55.41 36.32
C VAL A 330 26.91 -56.45 35.26
N GLU A 331 27.94 -57.17 34.79
CA GLU A 331 27.74 -58.21 33.79
C GLU A 331 26.79 -59.29 34.30
N VAL A 332 26.99 -59.78 35.52
CA VAL A 332 26.18 -60.89 36.01
C VAL A 332 24.76 -60.44 36.29
N THR A 333 24.57 -59.24 36.85
CA THR A 333 23.19 -58.79 37.07
C THR A 333 22.49 -58.50 35.75
N LEU A 334 23.22 -58.04 34.75
CA LEU A 334 22.63 -57.84 33.43
C LEU A 334 22.24 -59.18 32.80
N ASN A 335 23.06 -60.21 32.99
CA ASN A 335 22.70 -61.53 32.51
C ASN A 335 21.47 -62.07 33.23
N VAL A 336 21.39 -61.82 34.53
CA VAL A 336 20.20 -62.23 35.29
C VAL A 336 18.97 -61.54 34.74
N LEU A 337 19.06 -60.23 34.46
CA LEU A 337 17.93 -59.52 33.89
C LEU A 337 17.57 -60.04 32.50
N ALA A 338 18.58 -60.33 31.67
CA ALA A 338 18.31 -60.85 30.34
C ALA A 338 17.60 -62.19 30.41
N ASP A 339 18.01 -63.05 31.34
CA ASP A 339 17.30 -64.31 31.54
C ASP A 339 15.88 -64.06 32.04
N SER A 340 15.71 -63.09 32.93
CA SER A 340 14.40 -62.83 33.52
C SER A 340 13.41 -62.21 32.54
N VAL A 341 13.90 -61.50 31.53
CA VAL A 341 13.01 -60.86 30.58
C VAL A 341 12.60 -61.80 29.44
N LEU A 342 13.35 -62.87 29.21
CA LEU A 342 13.01 -63.83 28.17
C LEU A 342 11.76 -64.63 28.48
N MET A 343 11.37 -64.74 29.75
CA MET A 343 10.21 -65.53 30.13
C MET A 343 9.05 -64.61 30.47
N GLU A 344 7.88 -65.22 30.66
CA GLU A 344 6.68 -64.47 30.97
C GLU A 344 6.84 -63.68 32.26
N GLN A 345 6.45 -62.41 32.23
CA GLN A 345 6.59 -61.51 33.36
C GLN A 345 5.32 -60.69 33.50
N PRO A 346 5.00 -60.23 34.71
CA PRO A 346 3.88 -59.31 34.90
C PRO A 346 4.16 -57.97 34.24
N PRO A 347 3.12 -57.18 33.95
CA PRO A 347 3.33 -55.94 33.18
C PRO A 347 4.22 -54.92 33.85
N LEU A 348 3.88 -54.54 35.09
CA LEU A 348 4.69 -53.54 35.80
C LEU A 348 6.10 -54.04 36.00
N ARG A 349 6.26 -55.30 36.39
CA ARG A 349 7.59 -55.87 36.51
C ARG A 349 8.30 -55.93 35.16
N ARG A 350 7.56 -56.16 34.07
CA ARG A 350 8.18 -56.13 32.75
C ARG A 350 8.77 -54.76 32.47
N ARG A 351 8.00 -53.70 32.74
CA ARG A 351 8.52 -52.36 32.50
C ARG A 351 9.70 -52.03 33.41
N LYS A 352 9.64 -52.44 34.68
CA LYS A 352 10.76 -52.23 35.58
C LYS A 352 12.01 -52.90 35.05
N LEU A 353 11.86 -54.14 34.56
CA LEU A 353 13.01 -54.84 34.00
C LEU A 353 13.55 -54.10 32.78
N GLU A 354 12.66 -53.66 31.89
CA GLU A 354 13.13 -52.95 30.69
C GLU A 354 13.96 -51.73 31.09
N HIS A 355 13.42 -50.92 32.01
CA HIS A 355 14.17 -49.76 32.49
C HIS A 355 15.52 -50.18 33.07
N LEU A 356 15.53 -51.28 33.82
CA LEU A 356 16.74 -51.64 34.54
C LEU A 356 17.84 -52.11 33.60
N ILE A 357 17.49 -52.88 32.56
CA ILE A 357 18.49 -53.18 31.53
C ILE A 357 18.95 -51.91 30.83
N THR A 358 18.02 -50.99 30.51
CA THR A 358 18.44 -49.78 29.83
C THR A 358 19.48 -49.01 30.64
N GLU A 359 19.30 -48.95 31.96
CA GLU A 359 20.30 -48.26 32.79
C GLU A 359 21.58 -49.09 32.93
N LEU A 360 21.45 -50.40 33.16
CA LEU A 360 22.63 -51.19 33.47
C LEU A 360 23.54 -51.38 32.27
N VAL A 361 23.00 -51.35 31.05
CA VAL A 361 23.87 -51.42 29.88
C VAL A 361 24.70 -50.16 29.75
N HIS A 362 24.10 -49.01 30.08
CA HIS A 362 24.88 -47.77 30.13
C HIS A 362 25.96 -47.85 31.20
N GLN A 363 25.62 -48.40 32.37
CA GLN A 363 26.62 -48.56 33.42
C GLN A 363 27.77 -49.44 32.95
N ARG A 364 27.44 -50.52 32.25
CA ARG A 364 28.46 -51.42 31.71
C ARG A 364 29.36 -50.69 30.72
N ASP A 365 28.76 -49.90 29.82
CA ASP A 365 29.56 -49.18 28.83
C ASP A 365 30.45 -48.14 29.50
N VAL A 366 29.93 -47.43 30.50
CA VAL A 366 30.72 -46.43 31.21
C VAL A 366 31.89 -47.08 31.94
N THR A 367 31.63 -48.22 32.58
CA THR A 367 32.69 -48.93 33.28
C THR A 367 33.76 -49.42 32.31
N ARG A 368 33.35 -49.93 31.15
CA ARG A 368 34.33 -50.35 30.15
C ARG A 368 35.15 -49.17 29.65
N SER A 369 34.51 -48.01 29.45
CA SER A 369 35.25 -46.82 29.05
C SER A 369 36.26 -46.42 30.11
N LEU A 370 35.86 -46.47 31.38
CA LEU A 370 36.78 -46.14 32.47
C LEU A 370 37.96 -47.10 32.48
N ILE A 371 37.70 -48.39 32.32
CA ILE A 371 38.78 -49.39 32.32
C ILE A 371 39.73 -49.14 31.16
N LYS A 372 39.18 -48.87 29.97
CA LYS A 372 40.02 -48.64 28.81
C LYS A 372 40.88 -47.39 28.97
N SER A 373 40.29 -46.32 29.51
CA SER A 373 41.04 -45.08 29.67
C SER A 373 41.97 -45.09 30.87
N LYS A 374 41.83 -46.07 31.77
CA LYS A 374 42.72 -46.26 32.91
C LYS A 374 42.74 -45.02 33.81
N ILE A 375 41.57 -44.72 34.39
CA ILE A 375 41.46 -43.66 35.36
C ILE A 375 41.94 -44.17 36.72
N ASP A 376 42.74 -43.36 37.40
CA ASP A 376 43.32 -43.74 38.69
C ASP A 376 42.55 -43.20 39.89
N ASN A 377 42.22 -41.92 39.90
CA ASN A 377 41.57 -41.30 41.05
C ASN A 377 40.18 -40.83 40.67
N ALA A 378 39.34 -40.66 41.70
CA ALA A 378 37.95 -40.29 41.52
C ALA A 378 37.76 -38.83 41.12
N LYS A 379 38.83 -38.03 41.13
CA LYS A 379 38.73 -36.63 40.76
C LYS A 379 39.03 -36.39 39.28
N SER A 380 39.28 -37.44 38.51
CA SER A 380 39.52 -37.27 37.09
C SER A 380 38.22 -36.92 36.37
N PHE A 381 38.34 -36.12 35.32
CA PHE A 381 37.16 -35.69 34.59
C PHE A 381 36.51 -36.85 33.85
N GLU A 382 37.29 -37.85 33.44
CA GLU A 382 36.72 -39.00 32.76
C GLU A 382 35.74 -39.75 33.66
N TRP A 383 35.80 -39.51 34.97
CA TRP A 383 34.77 -39.98 35.89
C TRP A 383 33.87 -38.87 36.39
N LEU A 384 34.38 -37.64 36.50
CA LEU A 384 33.55 -36.54 36.94
C LEU A 384 32.51 -36.13 35.90
N SER A 385 32.81 -36.31 34.62
CA SER A 385 31.87 -35.91 33.59
C SER A 385 30.59 -36.72 33.65
N GLN A 386 30.70 -38.04 33.83
CA GLN A 386 29.51 -38.88 33.90
C GLN A 386 28.72 -38.59 35.17
N MET A 387 27.39 -38.61 35.04
CA MET A 387 26.52 -38.41 36.18
C MET A 387 26.76 -39.51 37.21
N ARG A 388 26.93 -39.10 38.45
CA ARG A 388 27.14 -40.05 39.54
C ARG A 388 26.31 -39.59 40.74
N PHE A 389 25.90 -40.55 41.56
CA PHE A 389 24.97 -40.28 42.64
C PHE A 389 25.66 -40.48 43.99
N TYR A 390 25.14 -39.79 45.01
CA TYR A 390 25.73 -39.84 46.34
C TYR A 390 24.60 -39.89 47.36
N PHE A 391 24.55 -40.97 48.13
CA PHE A 391 23.48 -41.19 49.09
C PHE A 391 24.05 -41.22 50.50
N ASP A 392 23.36 -40.54 51.42
CA ASP A 392 23.72 -40.59 52.85
C ASP A 392 22.47 -40.26 53.66
N PRO A 393 21.81 -41.27 54.22
CA PRO A 393 20.63 -41.02 55.06
C PRO A 393 20.96 -40.49 56.44
N LYS A 394 22.22 -40.13 56.70
CA LYS A 394 22.61 -39.64 58.02
C LYS A 394 21.93 -38.31 58.34
N GLN A 395 21.83 -37.42 57.36
CA GLN A 395 21.32 -36.08 57.62
C GLN A 395 19.82 -36.13 57.86
N THR A 396 19.24 -34.96 58.13
CA THR A 396 17.89 -34.85 58.66
C THR A 396 16.88 -35.12 57.54
N ASP A 397 15.59 -34.95 57.83
CA ASP A 397 14.51 -35.24 56.91
C ASP A 397 14.22 -34.10 55.95
N VAL A 398 15.19 -33.23 55.69
CA VAL A 398 15.02 -32.11 54.77
C VAL A 398 15.08 -32.62 53.34
N LEU A 399 15.18 -33.95 53.19
CA LEU A 399 15.15 -34.61 51.89
C LEU A 399 16.35 -34.18 51.04
N GLN A 400 17.54 -34.32 51.62
CA GLN A 400 18.78 -34.00 50.95
C GLN A 400 19.74 -35.18 50.99
N GLN A 401 19.20 -36.40 51.05
CA GLN A 401 20.04 -37.59 51.10
C GLN A 401 20.73 -37.83 49.76
N LEU A 402 20.09 -37.48 48.65
CA LEU A 402 20.66 -37.70 47.32
C LEU A 402 21.28 -36.43 46.77
N SER A 403 22.43 -36.58 46.14
CA SER A 403 23.27 -35.48 45.69
C SER A 403 23.73 -35.70 44.26
N ILE A 404 22.78 -35.97 43.37
CA ILE A 404 23.08 -36.20 41.95
C ILE A 404 24.03 -35.12 41.46
N GLN A 405 25.10 -35.55 40.78
CA GLN A 405 26.17 -34.63 40.41
C GLN A 405 26.64 -34.94 39.00
N MET A 406 26.58 -33.94 38.12
CA MET A 406 27.28 -33.97 36.84
C MET A 406 28.64 -33.31 37.05
N ALA A 407 29.33 -32.94 35.98
CA ALA A 407 30.62 -32.28 36.10
C ALA A 407 30.48 -30.99 36.90
N ASN A 408 31.04 -30.99 38.11
CA ASN A 408 31.03 -29.85 39.04
C ASN A 408 29.67 -29.16 39.09
N ALA A 409 28.61 -29.96 39.05
CA ALA A 409 27.26 -29.45 39.17
C ALA A 409 26.51 -30.31 40.18
N LYS A 410 26.22 -29.73 41.34
CA LYS A 410 25.61 -30.45 42.45
C LYS A 410 24.10 -30.25 42.37
N PHE A 411 23.36 -31.36 42.32
CA PHE A 411 21.92 -31.32 42.16
C PHE A 411 21.27 -32.13 43.28
N ASN A 412 20.21 -31.56 43.86
CA ASN A 412 19.43 -32.33 44.80
C ASN A 412 18.32 -33.08 44.06
N TYR A 413 17.74 -34.06 44.74
CA TYR A 413 16.66 -34.87 44.19
C TYR A 413 15.36 -34.41 44.84
N GLY A 414 14.53 -33.72 44.07
CA GLY A 414 13.28 -33.19 44.60
C GLY A 414 12.19 -34.25 44.62
N PHE A 415 12.26 -35.16 45.59
CA PHE A 415 11.45 -36.36 45.62
C PHE A 415 9.98 -36.08 45.35
N GLU A 416 9.48 -36.63 44.25
CA GLU A 416 8.08 -36.53 43.87
C GLU A 416 7.74 -37.74 43.02
N TYR A 417 6.54 -38.29 43.21
CA TYR A 417 6.17 -39.54 42.58
C TYR A 417 5.98 -39.33 41.08
N LEU A 418 6.97 -39.75 40.30
CA LEU A 418 6.85 -39.65 38.85
C LEU A 418 6.00 -40.78 38.28
N GLY A 419 5.75 -41.83 39.06
CA GLY A 419 5.02 -42.96 38.56
C GLY A 419 5.93 -43.93 37.82
N VAL A 420 5.47 -44.48 36.71
CA VAL A 420 6.28 -45.33 35.85
C VAL A 420 6.23 -44.73 34.44
N GLN A 421 7.37 -44.27 33.96
CA GLN A 421 7.50 -43.70 32.62
C GLN A 421 8.64 -44.38 31.88
N ASP A 422 8.72 -44.10 30.59
CA ASP A 422 9.75 -44.70 29.76
C ASP A 422 11.11 -44.10 30.06
N LYS A 423 12.17 -44.88 29.81
CA LYS A 423 13.54 -44.37 30.03
C LYS A 423 14.31 -44.43 28.70
N LEU A 424 14.96 -43.32 28.32
CA LEU A 424 15.70 -43.26 27.04
C LEU A 424 17.02 -44.04 27.19
N VAL A 425 17.59 -44.50 26.08
CA VAL A 425 18.88 -45.25 26.11
C VAL A 425 20.02 -44.23 26.16
N GLN A 426 20.40 -43.78 27.36
CA GLN A 426 21.46 -42.75 27.49
C GLN A 426 22.49 -42.99 26.38
N THR A 427 22.40 -42.24 25.28
CA THR A 427 23.34 -42.40 24.15
C THR A 427 24.45 -41.35 24.27
N PRO A 428 25.47 -41.33 23.38
CA PRO A 428 26.50 -40.31 23.42
C PRO A 428 25.91 -38.89 23.34
N LEU A 429 24.94 -38.67 22.45
CA LEU A 429 24.28 -37.35 22.34
C LEU A 429 23.44 -37.07 23.60
N THR A 430 22.72 -38.07 24.10
CA THR A 430 21.86 -37.87 25.29
C THR A 430 22.74 -37.51 26.48
N ASP A 431 24.02 -37.91 26.44
CA ASP A 431 24.96 -37.54 27.53
C ASP A 431 25.35 -36.07 27.32
N ARG A 432 25.92 -35.75 26.16
CA ARG A 432 26.28 -34.37 25.87
C ARG A 432 25.14 -33.43 26.25
N CYS A 433 23.91 -33.86 25.97
CA CYS A 433 22.76 -33.06 26.36
C CYS A 433 22.66 -32.93 27.87
N TYR A 434 22.89 -34.02 28.60
CA TYR A 434 22.90 -33.95 30.05
C TYR A 434 23.97 -32.99 30.54
N LEU A 435 25.18 -33.10 29.96
CA LEU A 435 26.27 -32.24 30.37
C LEU A 435 25.92 -30.78 30.17
N THR A 436 25.38 -30.44 29.00
CA THR A 436 25.11 -29.04 28.68
C THR A 436 23.95 -28.50 29.53
N MET A 437 22.90 -29.30 29.73
CA MET A 437 21.81 -28.86 30.59
C MET A 437 22.26 -28.67 32.03
N THR A 438 23.07 -29.58 32.56
CA THR A 438 23.55 -29.42 33.92
C THR A 438 24.44 -28.18 34.04
N GLN A 439 25.29 -27.93 33.04
CA GLN A 439 26.11 -26.73 33.06
C GLN A 439 25.26 -25.48 33.01
N ALA A 440 24.21 -25.48 32.19
CA ALA A 440 23.32 -24.34 32.12
C ALA A 440 22.60 -24.10 33.44
N LEU A 441 22.16 -25.17 34.09
CA LEU A 441 21.54 -25.02 35.40
C LEU A 441 22.54 -24.52 36.45
N GLU A 442 23.80 -24.95 36.35
CA GLU A 442 24.82 -24.44 37.25
C GLU A 442 24.99 -22.93 37.07
N ALA A 443 25.13 -22.49 35.83
CA ALA A 443 25.16 -21.06 35.53
C ALA A 443 23.77 -20.43 35.66
N ARG A 444 22.76 -21.21 36.03
CA ARG A 444 21.41 -20.73 36.28
C ARG A 444 20.77 -20.18 35.01
N LEU A 445 21.29 -20.57 33.85
CA LEU A 445 20.72 -20.20 32.57
C LEU A 445 19.59 -21.16 32.21
N GLY A 446 19.16 -21.14 30.95
CA GLY A 446 18.21 -22.11 30.44
C GLY A 446 18.85 -22.95 29.35
N GLY A 447 18.14 -24.02 28.98
CA GLY A 447 18.59 -24.93 27.94
C GLY A 447 17.75 -24.79 26.70
N SER A 448 18.41 -24.71 25.55
CA SER A 448 17.76 -24.50 24.26
C SER A 448 18.26 -25.53 23.26
N PRO A 449 17.86 -26.79 23.40
CA PRO A 449 18.19 -27.78 22.37
C PRO A 449 17.59 -27.40 21.04
N PHE A 450 18.38 -27.56 19.97
CA PHE A 450 17.93 -27.21 18.63
C PHE A 450 18.47 -28.22 17.64
N GLY A 451 17.78 -28.32 16.49
CA GLY A 451 18.20 -29.27 15.44
C GLY A 451 17.02 -29.77 14.63
N PRO A 452 17.17 -30.80 13.77
CA PRO A 452 16.06 -31.38 13.04
C PRO A 452 14.99 -31.97 13.96
N ALA A 453 13.81 -32.30 13.42
CA ALA A 453 12.70 -32.84 14.26
C ALA A 453 12.95 -34.33 14.56
N GLY A 454 12.38 -34.82 15.67
CA GLY A 454 12.55 -36.24 16.05
C GLY A 454 14.02 -36.59 16.27
N THR A 455 14.72 -35.81 17.09
CA THR A 455 16.15 -36.09 17.40
C THR A 455 16.32 -36.19 18.92
N GLY A 456 15.22 -36.35 19.65
CA GLY A 456 15.30 -36.54 21.12
C GLY A 456 15.60 -35.24 21.85
N LYS A 457 14.73 -34.25 21.70
CA LYS A 457 14.91 -32.97 22.43
C LYS A 457 13.93 -32.93 23.62
N THR A 458 12.62 -32.95 23.36
CA THR A 458 11.61 -32.87 24.45
C THR A 458 11.66 -34.11 25.34
N GLU A 459 12.19 -35.22 24.82
CA GLU A 459 12.25 -36.49 25.61
C GLU A 459 13.56 -36.53 26.39
N SER A 460 14.66 -36.03 25.82
CA SER A 460 15.93 -35.96 26.59
C SER A 460 15.76 -34.95 27.73
N VAL A 461 15.21 -33.78 27.42
CA VAL A 461 14.94 -32.74 28.47
C VAL A 461 14.08 -33.38 29.56
N LYS A 462 12.97 -34.03 29.19
CA LYS A 462 12.11 -34.68 30.18
C LYS A 462 12.84 -35.77 30.94
N ALA A 463 13.62 -36.61 30.26
CA ALA A 463 14.36 -37.68 30.91
C ALA A 463 15.36 -37.15 31.91
N LEU A 464 16.03 -36.05 31.59
CA LEU A 464 16.90 -35.42 32.59
C LEU A 464 16.12 -34.74 33.71
N GLY A 465 14.93 -34.21 33.42
CA GLY A 465 14.12 -33.61 34.45
C GLY A 465 13.53 -34.64 35.39
N HIS A 466 13.47 -35.89 34.92
CA HIS A 466 13.03 -37.00 35.75
C HIS A 466 14.17 -37.78 36.39
N GLN A 467 15.38 -37.68 35.83
CA GLN A 467 16.55 -38.24 36.50
C GLN A 467 16.81 -37.54 37.82
N LEU A 468 16.67 -36.22 37.84
CA LEU A 468 16.67 -35.47 39.09
C LEU A 468 15.34 -35.55 39.81
N GLY A 469 14.36 -36.26 39.24
CA GLY A 469 13.11 -36.52 39.91
C GLY A 469 12.30 -35.28 40.21
N ARG A 470 12.19 -34.38 39.24
CA ARG A 470 11.47 -33.13 39.45
C ARG A 470 10.28 -33.06 38.50
N PHE A 471 9.24 -32.36 38.96
CA PHE A 471 8.01 -32.20 38.19
C PHE A 471 8.31 -31.40 36.93
N VAL A 472 8.12 -32.01 35.77
CA VAL A 472 8.40 -31.37 34.49
C VAL A 472 7.08 -31.22 33.74
N LEU A 473 6.79 -30.01 33.30
CA LEU A 473 5.61 -29.72 32.50
C LEU A 473 6.04 -29.28 31.11
N VAL A 474 5.50 -29.93 30.09
CA VAL A 474 5.80 -29.60 28.71
C VAL A 474 4.63 -28.78 28.17
N PHE A 475 4.95 -27.63 27.60
CA PHE A 475 3.97 -26.76 26.97
C PHE A 475 4.28 -26.68 25.48
N ASN A 476 3.25 -26.88 24.66
CA ASN A 476 3.41 -26.72 23.21
C ASN A 476 3.14 -25.25 22.87
N CYS A 477 4.21 -24.52 22.57
CA CYS A 477 4.13 -23.08 22.39
C CYS A 477 3.64 -22.74 20.98
N ASP A 478 2.69 -21.83 20.90
CA ASP A 478 2.22 -21.29 19.62
C ASP A 478 1.99 -19.80 19.78
N GLU A 479 1.59 -19.15 18.69
CA GLU A 479 1.45 -17.71 18.69
C GLU A 479 0.29 -17.21 19.56
N THR A 480 -0.58 -18.12 20.02
CA THR A 480 -1.69 -17.69 20.87
C THR A 480 -1.28 -17.48 22.32
N PHE A 481 -0.07 -17.85 22.71
CA PHE A 481 0.41 -17.60 24.07
C PHE A 481 0.72 -16.13 24.23
N ASP A 482 -0.14 -15.39 24.93
CA ASP A 482 0.09 -13.97 25.12
C ASP A 482 0.97 -13.75 26.36
N PHE A 483 1.29 -12.48 26.63
CA PHE A 483 2.21 -12.15 27.70
C PHE A 483 1.69 -12.59 29.06
N GLN A 484 0.39 -12.39 29.30
CA GLN A 484 -0.18 -12.76 30.59
C GLN A 484 -0.18 -14.28 30.78
N ALA A 485 -0.37 -15.04 29.70
CA ALA A 485 -0.32 -16.50 29.82
C ALA A 485 1.08 -16.96 30.19
N MET A 486 2.11 -16.43 29.52
CA MET A 486 3.48 -16.77 29.87
C MET A 486 3.79 -16.36 31.30
N GLY A 487 3.33 -15.19 31.72
CA GLY A 487 3.56 -14.76 33.08
C GLY A 487 2.89 -15.67 34.10
N ARG A 488 1.67 -16.10 33.82
CA ARG A 488 0.97 -17.01 34.73
C ARG A 488 1.67 -18.36 34.81
N ILE A 489 2.13 -18.87 33.66
CA ILE A 489 2.87 -20.12 33.66
C ILE A 489 4.15 -19.98 34.48
N PHE A 490 4.86 -18.86 34.31
CA PHE A 490 6.10 -18.65 35.05
C PHE A 490 5.84 -18.47 36.53
N VAL A 491 4.72 -17.85 36.90
CA VAL A 491 4.37 -17.72 38.31
C VAL A 491 4.10 -19.09 38.90
N GLY A 492 3.39 -19.95 38.17
CA GLY A 492 3.19 -21.31 38.63
C GLY A 492 4.50 -22.05 38.81
N LEU A 493 5.42 -21.90 37.85
CA LEU A 493 6.72 -22.54 37.97
C LEU A 493 7.50 -22.00 39.16
N CYS A 494 7.39 -20.70 39.44
CA CYS A 494 8.05 -20.12 40.61
C CYS A 494 7.51 -20.76 41.89
N GLN A 495 6.18 -20.79 42.02
CA GLN A 495 5.59 -21.28 43.27
C GLN A 495 5.87 -22.76 43.47
N VAL A 496 5.70 -23.57 42.42
CA VAL A 496 5.88 -25.00 42.56
C VAL A 496 7.35 -25.41 42.49
N GLY A 497 8.17 -24.64 41.78
CA GLY A 497 9.53 -25.06 41.53
C GLY A 497 9.68 -26.07 40.42
N ALA A 498 8.60 -26.38 39.72
CA ALA A 498 8.63 -27.39 38.67
C ALA A 498 9.36 -26.88 37.44
N TRP A 499 9.97 -27.80 36.71
CA TRP A 499 10.64 -27.46 35.47
C TRP A 499 9.63 -27.10 34.39
N GLY A 500 10.14 -26.48 33.32
CA GLY A 500 9.29 -26.16 32.18
C GLY A 500 9.99 -26.37 30.87
N CYS A 501 9.42 -27.19 30.00
CA CYS A 501 9.95 -27.43 28.67
C CYS A 501 8.95 -26.86 27.66
N PHE A 502 9.27 -25.69 27.12
CA PHE A 502 8.37 -25.01 26.15
C PHE A 502 8.68 -25.52 24.74
N ASP A 503 7.95 -26.54 24.29
CA ASP A 503 8.17 -27.15 22.95
C ASP A 503 7.87 -26.12 21.86
N GLU A 504 8.66 -26.14 20.77
CA GLU A 504 8.45 -25.20 19.64
C GLU A 504 8.24 -23.77 20.18
N PHE A 505 9.25 -23.22 20.84
CA PHE A 505 9.17 -21.85 21.41
C PHE A 505 9.18 -20.82 20.28
N ASN A 506 10.00 -21.04 19.24
CA ASN A 506 10.08 -20.09 18.14
C ASN A 506 8.76 -19.92 17.41
N ARG A 507 7.77 -20.77 17.68
CA ARG A 507 6.46 -20.61 17.05
C ARG A 507 5.71 -19.40 17.57
N LEU A 508 6.18 -18.76 18.64
CA LEU A 508 5.61 -17.50 19.07
C LEU A 508 6.00 -16.39 18.10
N GLU A 509 5.27 -15.28 18.17
CA GLU A 509 5.62 -14.11 17.40
C GLU A 509 6.94 -13.52 17.91
N GLU A 510 7.69 -12.91 17.00
CA GLU A 510 8.99 -12.36 17.37
C GLU A 510 8.83 -11.28 18.44
N ARG A 511 7.78 -10.46 18.33
CA ARG A 511 7.49 -9.47 19.35
C ARG A 511 7.33 -10.12 20.71
N MET A 512 6.65 -11.27 20.75
CA MET A 512 6.40 -11.90 22.04
C MET A 512 7.65 -12.58 22.57
N LEU A 513 8.52 -13.08 21.69
CA LEU A 513 9.81 -13.58 22.14
C LEU A 513 10.61 -12.47 22.80
N SER A 514 10.63 -11.29 22.18
CA SER A 514 11.27 -10.15 22.81
C SER A 514 10.62 -9.81 24.14
N ALA A 515 9.30 -9.85 24.20
CA ALA A 515 8.59 -9.50 25.44
C ALA A 515 8.93 -10.45 26.57
N VAL A 516 8.98 -11.76 26.29
CA VAL A 516 9.29 -12.74 27.32
C VAL A 516 10.78 -12.81 27.63
N SER A 517 11.63 -12.22 26.80
CA SER A 517 13.01 -12.03 27.20
C SER A 517 13.11 -11.30 28.53
N GLN A 518 12.21 -10.34 28.76
CA GLN A 518 12.19 -9.61 30.02
C GLN A 518 11.90 -10.53 31.20
N GLN A 519 10.95 -11.44 31.03
CA GLN A 519 10.60 -12.35 32.13
C GLN A 519 11.71 -13.35 32.38
N VAL A 520 12.36 -13.83 31.32
CA VAL A 520 13.51 -14.72 31.50
C VAL A 520 14.61 -14.00 32.27
N GLN A 521 14.89 -12.75 31.90
CA GLN A 521 15.88 -11.97 32.63
C GLN A 521 15.48 -11.71 34.08
N CYS A 522 14.17 -11.61 34.34
CA CYS A 522 13.67 -11.41 35.73
C CYS A 522 13.79 -12.71 36.54
N ILE A 523 13.39 -13.84 35.95
CA ILE A 523 13.43 -15.16 36.66
C ILE A 523 14.88 -15.54 36.94
N GLN A 524 15.76 -15.41 35.93
CA GLN A 524 17.20 -15.70 36.13
C GLN A 524 17.79 -14.72 37.15
N GLU A 525 17.30 -13.48 37.18
CA GLU A 525 17.77 -12.49 38.19
C GLU A 525 17.45 -13.01 39.59
N ALA A 526 16.25 -13.59 39.78
CA ALA A 526 15.88 -14.17 41.10
C ALA A 526 16.82 -15.32 41.45
N LEU A 527 17.17 -16.16 40.48
CA LEU A 527 18.13 -17.28 40.72
C LEU A 527 19.51 -16.69 41.06
N ARG A 528 19.91 -15.60 40.40
CA ARG A 528 21.21 -14.95 40.70
C ARG A 528 21.09 -14.20 42.03
N GLU A 529 19.88 -13.83 42.44
CA GLU A 529 19.68 -13.19 43.77
C GLU A 529 19.82 -14.29 44.83
N HIS A 530 19.34 -15.50 44.53
CA HIS A 530 19.53 -16.64 45.47
C HIS A 530 21.02 -16.77 45.78
N SER A 531 21.88 -16.46 44.81
CA SER A 531 23.34 -16.65 45.01
C SER A 531 23.88 -15.62 46.03
N ASN A 532 23.30 -14.42 46.07
CA ASN A 532 23.75 -13.47 47.09
C ASN A 532 23.05 -13.71 48.42
N PRO A 541 12.85 -17.66 49.23
CA PRO A 541 11.95 -16.54 49.51
C PRO A 541 12.21 -15.33 48.63
N ILE A 542 13.05 -15.51 47.61
CA ILE A 542 13.35 -14.43 46.68
C ILE A 542 12.14 -14.12 45.82
N THR A 543 11.91 -12.83 45.60
CA THR A 543 10.81 -12.36 44.76
C THR A 543 11.37 -11.77 43.47
N CYS A 544 10.71 -12.09 42.36
CA CYS A 544 11.05 -11.52 41.06
C CYS A 544 9.82 -10.86 40.46
N GLU A 545 10.06 -9.86 39.62
CA GLU A 545 8.97 -9.10 39.00
C GLU A 545 8.36 -9.93 37.89
N LEU A 546 7.12 -10.37 38.09
CA LEU A 546 6.38 -11.16 37.10
C LEU A 546 4.92 -10.75 37.17
N LEU A 547 4.48 -9.94 36.21
CA LEU A 547 3.10 -9.46 36.12
C LEU A 547 2.70 -8.74 37.42
N ASN A 548 3.38 -7.61 37.63
CA ASN A 548 3.21 -6.70 38.77
C ASN A 548 2.87 -7.47 40.06
N LYS A 549 3.64 -8.53 40.31
CA LYS A 549 3.45 -9.38 41.47
C LYS A 549 4.81 -9.92 41.88
N GLN A 550 5.05 -9.97 43.19
CA GLN A 550 6.26 -10.55 43.74
C GLN A 550 5.98 -11.97 44.21
N VAL A 551 6.69 -12.93 43.64
CA VAL A 551 6.39 -14.35 43.82
C VAL A 551 7.61 -15.05 44.40
N LYS A 552 7.34 -15.97 45.32
CA LYS A 552 8.40 -16.82 45.86
C LYS A 552 9.02 -17.67 44.76
N VAL A 553 10.35 -17.72 44.76
CA VAL A 553 11.10 -18.46 43.75
C VAL A 553 11.92 -19.53 44.44
N SER A 554 11.85 -20.76 43.95
CA SER A 554 12.64 -21.83 44.50
C SER A 554 13.78 -22.20 43.56
N PRO A 555 14.93 -22.61 44.10
CA PRO A 555 16.11 -22.83 43.24
C PRO A 555 15.94 -23.96 42.24
N ASP A 556 14.95 -24.84 42.44
CA ASP A 556 14.78 -25.99 41.55
C ASP A 556 14.19 -25.60 40.21
N MET A 557 13.96 -24.31 39.98
CA MET A 557 13.39 -23.84 38.71
C MET A 557 14.26 -24.26 37.54
N ALA A 558 13.62 -24.45 36.39
CA ALA A 558 14.32 -24.61 35.12
C ALA A 558 13.38 -24.17 34.01
N ILE A 559 13.94 -23.52 32.99
CA ILE A 559 13.20 -23.10 31.81
C ILE A 559 13.93 -23.65 30.60
N PHE A 560 13.24 -24.47 29.81
CA PHE A 560 13.80 -25.08 28.62
C PHE A 560 12.92 -24.80 27.41
N ILE A 561 13.58 -24.48 26.30
CA ILE A 561 12.83 -24.12 25.06
C ILE A 561 13.39 -24.94 23.89
N THR A 562 12.64 -25.96 23.46
CA THR A 562 13.08 -26.75 22.27
C THR A 562 12.62 -26.01 21.02
N MET A 563 13.47 -25.95 19.98
CA MET A 563 13.12 -25.17 18.76
C MET A 563 13.61 -25.91 17.51
N ASN A 564 13.00 -25.63 16.35
CA ASN A 564 13.42 -26.29 15.09
C ASN A 564 13.94 -25.20 14.13
N PRO A 565 15.28 -25.03 13.99
CA PRO A 565 15.84 -23.97 13.14
C PRO A 565 15.60 -24.21 11.64
N GLY A 566 15.34 -23.13 10.89
CA GLY A 566 15.12 -23.24 9.45
C GLY A 566 13.91 -24.06 9.07
N TYR A 567 12.78 -23.85 9.74
CA TYR A 567 11.57 -24.59 9.48
C TYR A 567 10.42 -23.63 9.22
N ALA A 568 9.48 -24.07 8.38
CA ALA A 568 8.36 -23.21 8.01
C ALA A 568 7.45 -22.96 9.21
N GLY A 569 6.90 -21.74 9.28
CA GLY A 569 6.00 -21.39 10.39
C GLY A 569 6.75 -21.16 11.69
N ARG A 570 8.06 -20.91 11.61
CA ARG A 570 8.88 -20.65 12.83
C ARG A 570 9.49 -19.24 12.74
N SER A 571 9.44 -18.48 13.84
CA SER A 571 9.98 -17.10 13.85
C SER A 571 11.38 -17.08 14.48
N ASN A 572 12.27 -16.22 13.98
CA ASN A 572 13.63 -16.14 14.50
C ASN A 572 13.63 -15.53 15.90
N LEU A 573 14.60 -15.95 16.72
CA LEU A 573 14.73 -15.45 18.09
C LEU A 573 15.60 -14.19 18.11
N PRO A 574 15.24 -13.21 18.93
CA PRO A 574 16.13 -12.06 19.13
C PRO A 574 17.41 -12.47 19.83
N ASP A 575 18.48 -11.73 19.57
CA ASP A 575 19.74 -12.00 20.23
C ASP A 575 19.64 -11.79 21.74
N ASN A 576 18.78 -10.87 22.17
CA ASN A 576 18.60 -10.63 23.60
C ASN A 576 18.11 -11.88 24.30
N LEU A 577 17.13 -12.57 23.73
CA LEU A 577 16.67 -13.83 24.29
C LEU A 577 17.65 -14.96 24.04
N LYS A 578 18.33 -14.94 22.89
CA LYS A 578 19.22 -16.04 22.53
C LYS A 578 20.45 -16.07 23.42
N LYS A 579 20.80 -14.93 24.03
CA LYS A 579 21.90 -14.93 24.98
C LYS A 579 21.45 -15.32 26.38
N LEU A 580 20.15 -15.41 26.64
CA LEU A 580 19.63 -15.84 27.93
C LEU A 580 19.50 -17.36 28.03
N PHE A 581 19.81 -18.10 26.97
CA PHE A 581 19.67 -19.55 26.95
C PHE A 581 20.96 -20.17 26.44
N ARG A 582 21.22 -21.39 26.89
CA ARG A 582 22.35 -22.18 26.43
C ARG A 582 21.87 -23.26 25.49
N SER A 583 22.45 -23.30 24.29
CA SER A 583 21.95 -24.14 23.21
C SER A 583 22.97 -25.20 22.83
N LEU A 584 22.48 -26.37 22.41
CA LEU A 584 23.32 -27.42 21.87
C LEU A 584 22.67 -28.00 20.63
N ALA A 585 23.47 -28.60 19.76
CA ALA A 585 22.94 -29.11 18.47
C ALA A 585 22.59 -30.58 18.57
N MET A 586 21.33 -30.91 18.84
CA MET A 586 20.89 -32.32 18.82
C MET A 586 20.53 -32.62 17.37
N THR A 587 21.53 -32.79 16.50
CA THR A 587 21.27 -32.98 15.05
C THR A 587 21.11 -34.47 14.71
N LYS A 588 22.12 -35.29 15.00
CA LYS A 588 22.04 -36.70 14.63
C LYS A 588 22.05 -37.58 15.88
N PRO A 589 20.90 -38.12 16.30
CA PRO A 589 20.91 -39.08 17.39
C PRO A 589 21.61 -40.37 16.97
N ASP A 590 22.18 -41.04 17.96
CA ASP A 590 22.91 -42.29 17.73
C ASP A 590 21.90 -43.43 17.73
N ARG A 591 21.32 -43.69 16.55
CA ARG A 591 20.22 -44.65 16.45
C ARG A 591 20.69 -46.09 16.56
N GLN A 592 21.95 -46.37 16.21
CA GLN A 592 22.46 -47.74 16.33
C GLN A 592 22.43 -48.23 17.77
N LEU A 593 22.96 -47.43 18.70
CA LEU A 593 22.92 -47.81 20.14
C LEU A 593 21.48 -47.74 20.64
N ILE A 594 20.69 -46.78 20.14
CA ILE A 594 19.27 -46.64 20.58
C ILE A 594 18.53 -47.92 20.24
N ALA A 595 18.78 -48.49 19.06
CA ALA A 595 18.10 -49.73 18.64
C ALA A 595 18.66 -50.91 19.42
N GLN A 596 19.98 -51.11 19.35
CA GLN A 596 20.58 -52.27 20.02
C GLN A 596 20.07 -52.40 21.44
N VAL A 597 20.01 -51.30 22.17
CA VAL A 597 19.58 -51.36 23.61
C VAL A 597 18.10 -51.70 23.69
N MET A 598 17.23 -50.91 23.03
CA MET A 598 15.76 -51.13 23.15
C MET A 598 15.46 -52.59 22.80
N LEU A 599 16.15 -53.14 21.79
CA LEU A 599 15.97 -54.57 21.45
C LEU A 599 16.49 -55.41 22.64
N TYR A 600 17.81 -55.44 22.83
CA TYR A 600 18.35 -56.25 23.92
C TYR A 600 17.40 -56.28 25.10
N SER A 601 16.77 -55.15 25.40
CA SER A 601 15.83 -55.09 26.51
C SER A 601 14.58 -55.90 26.22
N GLN A 602 14.14 -55.93 24.96
CA GLN A 602 12.93 -56.68 24.63
C GLN A 602 13.12 -58.17 24.82
N GLY A 603 14.28 -58.70 24.43
CA GLY A 603 14.53 -60.12 24.56
C GLY A 603 15.12 -60.75 23.32
N PHE A 604 15.55 -59.93 22.37
CA PHE A 604 16.19 -60.41 21.15
C PHE A 604 17.64 -60.74 21.45
N ARG A 605 17.98 -62.03 21.35
CA ARG A 605 19.31 -62.47 21.75
C ARG A 605 20.39 -61.91 20.84
N THR A 606 20.08 -61.72 19.56
CA THR A 606 21.02 -61.17 18.58
C THR A 606 20.77 -59.69 18.34
N ALA A 607 20.43 -58.95 19.40
CA ALA A 607 20.09 -57.54 19.26
C ALA A 607 21.19 -56.75 18.58
N GLU A 608 22.45 -57.10 18.84
CA GLU A 608 23.57 -56.41 18.20
C GLU A 608 23.48 -56.53 16.69
N VAL A 609 23.34 -57.75 16.19
CA VAL A 609 23.29 -57.97 14.74
C VAL A 609 22.03 -57.34 14.17
N LEU A 610 20.92 -57.42 14.89
CA LEU A 610 19.68 -56.83 14.40
C LEU A 610 19.81 -55.33 14.21
N ALA A 611 20.38 -54.63 15.19
CA ALA A 611 20.59 -53.19 15.05
C ALA A 611 21.59 -52.90 13.94
N ASN A 612 22.69 -53.65 13.89
CA ASN A 612 23.70 -53.45 12.86
C ASN A 612 23.12 -53.65 11.47
N LYS A 613 22.07 -54.45 11.35
CA LYS A 613 21.41 -54.62 10.07
C LYS A 613 20.34 -53.56 9.79
N ILE A 614 19.60 -53.14 10.81
CA ILE A 614 18.44 -52.30 10.56
C ILE A 614 18.82 -50.84 10.40
N VAL A 615 19.79 -50.34 11.17
CA VAL A 615 20.13 -48.92 11.08
C VAL A 615 20.73 -48.59 9.71
N PRO A 616 21.74 -49.33 9.22
CA PRO A 616 22.18 -49.10 7.84
C PRO A 616 21.08 -49.30 6.82
N PHE A 617 20.14 -50.20 7.09
CA PHE A 617 18.99 -50.34 6.20
C PHE A 617 18.19 -49.05 6.14
N PHE A 618 17.96 -48.42 7.29
CA PHE A 618 17.23 -47.15 7.30
C PHE A 618 18.01 -46.06 6.56
N LYS A 619 19.32 -45.97 6.81
CA LYS A 619 20.09 -44.93 6.15
C LYS A 619 20.18 -45.13 4.64
N LEU A 620 20.21 -46.38 4.17
CA LEU A 620 20.20 -46.65 2.74
C LEU A 620 18.81 -46.48 2.13
N CYS A 621 17.76 -46.73 2.91
CA CYS A 621 16.40 -46.50 2.44
C CYS A 621 16.13 -45.02 2.28
N ASP A 622 16.71 -44.19 3.15
CA ASP A 622 16.53 -42.74 3.03
C ASP A 622 17.09 -42.21 1.72
N GLU A 623 18.14 -42.83 1.20
CA GLU A 623 18.78 -42.38 -0.04
C GLU A 623 18.20 -43.05 -1.28
N GLN A 624 18.09 -44.39 -1.24
CA GLN A 624 17.67 -45.13 -2.42
C GLN A 624 16.27 -44.77 -2.86
N LEU A 625 15.35 -44.63 -1.92
CA LEU A 625 13.96 -44.36 -2.25
C LEU A 625 13.79 -42.96 -2.81
N SER A 626 12.77 -42.79 -3.64
CA SER A 626 12.46 -41.49 -4.20
C SER A 626 11.97 -40.54 -3.11
N SER A 627 12.35 -39.28 -3.23
CA SER A 627 11.93 -38.27 -2.26
C SER A 627 10.44 -38.00 -2.40
N GLN A 628 9.70 -38.15 -1.31
CA GLN A 628 8.27 -37.88 -1.29
C GLN A 628 7.95 -37.05 -0.07
N SER A 629 6.82 -36.35 -0.14
CA SER A 629 6.47 -35.42 0.93
C SER A 629 6.09 -36.12 2.22
N HIS A 630 5.57 -37.35 2.15
CA HIS A 630 5.11 -38.07 3.33
C HIS A 630 6.14 -39.09 3.83
N TYR A 631 7.35 -39.05 3.31
CA TYR A 631 8.39 -40.01 3.65
C TYR A 631 9.15 -39.53 4.87
N ASP A 632 9.26 -40.38 5.88
CA ASP A 632 9.99 -40.07 7.09
C ASP A 632 10.80 -41.30 7.49
N PHE A 633 12.12 -41.15 7.56
CA PHE A 633 12.98 -42.26 7.94
C PHE A 633 13.90 -41.86 9.09
N GLY A 634 13.31 -41.27 10.14
CA GLY A 634 14.12 -40.79 11.28
C GLY A 634 14.01 -41.65 12.52
N LEU A 635 14.20 -41.05 13.69
CA LEU A 635 14.18 -41.82 14.96
C LEU A 635 12.73 -42.21 15.29
N ARG A 636 11.77 -41.34 15.02
CA ARG A 636 10.35 -41.64 15.29
C ARG A 636 9.93 -42.86 14.45
N ALA A 637 10.51 -43.01 13.26
CA ALA A 637 10.22 -44.19 12.41
C ALA A 637 10.84 -45.44 13.04
N LEU A 638 12.15 -45.41 13.31
CA LEU A 638 12.85 -46.57 13.92
C LEU A 638 12.15 -46.94 15.22
N LYS A 639 11.76 -45.95 16.03
CA LYS A 639 11.12 -46.22 17.34
C LYS A 639 9.83 -47.02 17.11
N SER A 640 8.97 -46.56 16.20
CA SER A 640 7.69 -47.25 15.94
C SER A 640 7.96 -48.67 15.44
N VAL A 641 9.02 -48.86 14.66
CA VAL A 641 9.38 -50.18 14.16
C VAL A 641 9.80 -51.11 15.28
N LEU A 642 10.62 -50.62 16.20
CA LEU A 642 11.12 -51.49 17.28
C LEU A 642 10.01 -51.81 18.28
N VAL A 643 9.13 -50.85 18.56
CA VAL A 643 8.00 -51.14 19.43
C VAL A 643 7.10 -52.21 18.80
N SER A 644 6.85 -52.08 17.49
CA SER A 644 6.05 -53.08 16.80
C SER A 644 6.74 -54.43 16.80
N ALA A 645 8.07 -54.44 16.67
CA ALA A 645 8.81 -55.69 16.71
C ALA A 645 8.67 -56.37 18.06
N GLY A 646 8.74 -55.59 19.14
CA GLY A 646 8.52 -56.16 20.46
C GLY A 646 7.12 -56.73 20.62
N ASN A 647 6.11 -56.00 20.16
CA ASN A 647 4.75 -56.51 20.25
C ASN A 647 4.57 -57.77 19.43
N VAL A 648 5.16 -57.82 18.23
CA VAL A 648 5.06 -59.01 17.38
C VAL A 648 5.75 -60.19 18.04
N LYS A 649 6.91 -59.96 18.66
CA LYS A 649 7.60 -61.03 19.37
C LYS A 649 6.74 -61.57 20.50
N ARG A 650 6.11 -60.68 21.28
CA ARG A 650 5.25 -61.14 22.36
C ARG A 650 4.08 -61.95 21.83
N GLU A 651 3.46 -61.48 20.74
CA GLU A 651 2.33 -62.21 20.16
C GLU A 651 2.76 -63.58 19.65
N ARG A 652 3.95 -63.66 19.05
CA ARG A 652 4.44 -64.95 18.55
C ARG A 652 4.74 -65.90 19.70
N ILE A 653 5.29 -65.38 20.80
CA ILE A 653 5.47 -66.21 21.99
C ILE A 653 4.13 -66.75 22.47
N GLN A 654 3.11 -65.89 22.55
CA GLN A 654 1.80 -66.36 22.98
C GLN A 654 1.26 -67.43 22.03
N LYS A 655 1.39 -67.21 20.72
CA LYS A 655 0.86 -68.16 19.75
C LYS A 655 1.58 -69.51 19.86
N ILE A 656 2.90 -69.49 20.04
CA ILE A 656 3.64 -70.73 20.21
C ILE A 656 3.21 -71.45 21.48
N LYS A 657 3.03 -70.69 22.57
CA LYS A 657 2.63 -71.31 23.83
C LYS A 657 1.22 -71.89 23.76
N ARG A 658 0.36 -71.36 22.87
CA ARG A 658 -0.99 -71.90 22.76
C ARG A 658 -0.99 -73.32 22.22
N GLU A 659 0.08 -73.73 21.56
CA GLU A 659 0.16 -75.10 21.06
C GLU A 659 0.73 -76.03 22.13
N ILE A 672 12.77 -70.52 27.46
CA ILE A 672 11.95 -71.60 26.91
C ILE A 672 11.36 -71.19 25.57
N ALA A 673 11.48 -72.08 24.59
CA ALA A 673 10.96 -71.84 23.24
C ALA A 673 11.49 -70.52 22.68
N GLU A 674 12.81 -70.39 22.66
CA GLU A 674 13.47 -69.15 22.25
C GLU A 674 14.36 -69.35 21.03
N ASN A 675 13.97 -70.24 20.12
CA ASN A 675 14.65 -70.39 18.83
C ASN A 675 13.94 -69.63 17.72
N LEU A 676 13.29 -68.52 18.04
CA LEU A 676 12.54 -67.77 17.04
C LEU A 676 13.48 -67.18 16.01
N PRO A 677 13.05 -67.05 14.76
CA PRO A 677 13.79 -66.24 13.79
C PRO A 677 13.52 -64.78 14.03
N GLU A 678 14.53 -64.06 14.50
CA GLU A 678 14.36 -62.64 14.82
C GLU A 678 14.32 -61.78 13.57
N GLN A 679 15.06 -62.18 12.53
CA GLN A 679 15.11 -61.37 11.32
C GLN A 679 13.74 -61.27 10.66
N GLU A 680 12.99 -62.36 10.63
CA GLU A 680 11.64 -62.29 10.07
C GLU A 680 10.70 -61.46 10.96
N ILE A 681 10.92 -61.44 12.27
CA ILE A 681 10.12 -60.57 13.13
C ILE A 681 10.39 -59.10 12.80
N LEU A 682 11.66 -58.75 12.62
CA LEU A 682 11.98 -57.38 12.21
C LEU A 682 11.39 -57.08 10.84
N ILE A 683 11.44 -58.04 9.93
CA ILE A 683 10.87 -57.82 8.60
C ILE A 683 9.37 -57.60 8.70
N GLN A 684 8.69 -58.36 9.56
CA GLN A 684 7.26 -58.17 9.75
C GLN A 684 6.96 -56.78 10.30
N SER A 685 7.72 -56.33 11.30
CA SER A 685 7.48 -54.99 11.83
C SER A 685 7.71 -53.91 10.78
N VAL A 686 8.81 -54.04 10.02
CA VAL A 686 9.12 -53.05 8.99
C VAL A 686 8.02 -53.02 7.94
N CYS A 687 7.60 -54.19 7.47
CA CYS A 687 6.56 -54.26 6.46
C CYS A 687 5.21 -53.85 6.98
N GLU A 688 4.98 -53.92 8.30
CA GLU A 688 3.74 -53.43 8.87
C GLU A 688 3.78 -51.94 9.18
N THR A 689 4.95 -51.31 9.13
CA THR A 689 5.02 -49.86 9.35
C THR A 689 5.55 -49.11 8.14
N MET A 690 6.59 -49.61 7.48
CA MET A 690 7.18 -48.86 6.36
C MET A 690 6.36 -49.01 5.09
N VAL A 691 5.84 -50.21 4.82
CA VAL A 691 5.14 -50.45 3.56
C VAL A 691 3.89 -49.57 3.40
N PRO A 692 3.02 -49.40 4.41
CA PRO A 692 1.76 -48.68 4.17
C PRO A 692 1.92 -47.27 3.62
N LYS A 693 3.14 -46.74 3.50
CA LYS A 693 3.33 -45.39 3.03
C LYS A 693 4.16 -45.30 1.75
N LEU A 694 4.63 -46.41 1.22
CA LEU A 694 5.41 -46.39 0.00
C LEU A 694 4.51 -46.15 -1.21
N VAL A 695 5.05 -45.42 -2.19
CA VAL A 695 4.36 -45.24 -3.46
C VAL A 695 4.53 -46.50 -4.29
N ALA A 696 3.73 -46.63 -5.35
CA ALA A 696 3.73 -47.86 -6.14
C ALA A 696 5.06 -48.15 -6.81
N GLU A 697 5.91 -47.14 -7.00
CA GLU A 697 7.20 -47.33 -7.63
C GLU A 697 8.33 -47.46 -6.62
N ASP A 698 8.03 -47.47 -5.33
CA ASP A 698 9.04 -47.61 -4.30
C ASP A 698 9.02 -48.96 -3.59
N ILE A 699 7.91 -49.68 -3.63
CA ILE A 699 7.83 -50.98 -2.96
C ILE A 699 8.90 -51.95 -3.46
N PRO A 700 9.13 -52.12 -4.77
CA PRO A 700 10.24 -52.99 -5.20
C PRO A 700 11.57 -52.58 -4.63
N LEU A 701 11.85 -51.27 -4.53
CA LEU A 701 13.12 -50.82 -3.99
C LEU A 701 13.27 -51.23 -2.52
N LEU A 702 12.23 -50.98 -1.72
CA LEU A 702 12.30 -51.33 -0.30
C LEU A 702 12.42 -52.83 -0.11
N PHE A 703 11.69 -53.61 -0.90
CA PHE A 703 11.76 -55.06 -0.73
C PHE A 703 13.12 -55.60 -1.19
N SER A 704 13.69 -55.01 -2.24
CA SER A 704 15.05 -55.41 -2.63
C SER A 704 16.06 -55.08 -1.54
N LEU A 705 15.93 -53.89 -0.94
CA LEU A 705 16.83 -53.53 0.15
C LEU A 705 16.68 -54.49 1.33
N LEU A 706 15.43 -54.86 1.66
CA LEU A 706 15.21 -55.80 2.75
C LEU A 706 15.78 -57.18 2.44
N SER A 707 15.61 -57.65 1.21
CA SER A 707 16.16 -58.94 0.81
C SER A 707 17.67 -58.94 0.72
N ASP A 708 18.28 -57.77 0.55
CA ASP A 708 19.73 -57.68 0.55
C ASP A 708 20.33 -57.55 1.94
N VAL A 709 19.70 -56.77 2.82
CA VAL A 709 20.17 -56.66 4.20
C VAL A 709 19.91 -57.95 4.96
N PHE A 710 18.75 -58.57 4.75
CA PHE A 710 18.39 -59.81 5.43
C PHE A 710 18.28 -60.94 4.41
N PRO A 711 19.39 -61.47 3.89
CA PRO A 711 19.31 -62.46 2.81
C PRO A 711 18.95 -63.83 3.36
N GLY A 712 17.80 -64.35 2.92
CA GLY A 712 17.41 -65.70 3.29
C GLY A 712 16.02 -65.85 3.86
N VAL A 713 15.42 -64.76 4.31
CA VAL A 713 14.13 -64.82 4.98
C VAL A 713 13.17 -63.84 4.33
N GLN A 714 11.88 -64.12 4.51
CA GLN A 714 10.81 -63.27 3.97
C GLN A 714 9.57 -63.43 4.81
N TYR A 715 8.70 -62.42 4.78
CA TYR A 715 7.48 -62.39 5.55
C TYR A 715 6.27 -62.38 4.61
N HIS A 716 5.21 -63.04 5.03
CA HIS A 716 3.97 -63.11 4.28
C HIS A 716 2.85 -62.48 5.10
N ARG A 717 1.97 -61.75 4.42
CA ARG A 717 0.92 -60.99 5.11
C ARG A 717 0.05 -61.89 5.96
N GLY A 718 -0.29 -61.41 7.15
CA GLY A 718 -1.25 -62.13 7.98
C GLY A 718 -2.61 -62.18 7.31
N GLU A 719 -3.30 -63.31 7.51
CA GLU A 719 -4.58 -63.51 6.84
C GLU A 719 -5.63 -62.54 7.33
N MET A 720 -5.81 -62.43 8.64
CA MET A 720 -6.79 -61.53 9.24
C MET A 720 -8.19 -61.80 8.70
N THR A 721 -8.49 -63.07 8.46
CA THR A 721 -9.76 -63.43 7.85
C THR A 721 -10.94 -63.06 8.75
N ALA A 722 -10.76 -63.10 10.07
CA ALA A 722 -11.82 -62.71 10.98
C ALA A 722 -12.24 -61.27 10.76
N LEU A 723 -11.31 -60.43 10.30
CA LEU A 723 -11.65 -59.06 9.94
C LEU A 723 -12.09 -58.94 8.48
N ARG A 724 -11.52 -59.77 7.60
CA ARG A 724 -11.86 -59.67 6.18
C ARG A 724 -13.28 -60.10 5.88
N GLU A 725 -13.80 -61.10 6.58
CA GLU A 725 -15.21 -61.45 6.39
C GLU A 725 -16.13 -60.32 6.82
N GLU A 726 -15.80 -59.66 7.94
CA GLU A 726 -16.58 -58.51 8.37
C GLU A 726 -16.48 -57.37 7.37
N LEU A 727 -15.29 -57.15 6.81
CA LEU A 727 -15.12 -56.14 5.78
C LEU A 727 -15.97 -56.45 4.56
N LYS A 728 -15.99 -57.71 4.14
CA LYS A 728 -16.83 -58.09 3.01
C LYS A 728 -18.30 -57.84 3.31
N LYS A 729 -18.75 -58.22 4.49
CA LYS A 729 -20.15 -58.01 4.85
C LYS A 729 -20.51 -56.53 4.82
N VAL A 730 -19.70 -55.69 5.45
CA VAL A 730 -20.03 -54.27 5.54
C VAL A 730 -19.86 -53.57 4.20
N CYS A 731 -18.90 -54.00 3.38
CA CYS A 731 -18.80 -53.46 2.03
C CYS A 731 -20.03 -53.80 1.22
N GLN A 732 -20.52 -55.03 1.35
CA GLN A 732 -21.77 -55.40 0.70
C GLN A 732 -22.93 -54.54 1.19
N GLU A 733 -22.96 -54.22 2.48
CA GLU A 733 -24.00 -53.35 3.01
C GLU A 733 -23.84 -51.90 2.60
N MET A 734 -22.68 -51.51 2.07
CA MET A 734 -22.44 -50.13 1.65
C MET A 734 -22.23 -50.01 0.15
N TYR A 735 -22.64 -51.01 -0.63
CA TYR A 735 -22.55 -50.94 -2.11
C TYR A 735 -21.11 -50.68 -2.57
N LEU A 736 -20.13 -51.01 -1.73
CA LEU A 736 -18.71 -50.88 -2.15
C LEU A 736 -18.19 -52.24 -2.60
N THR A 737 -17.28 -52.26 -3.57
CA THR A 737 -16.74 -53.55 -4.11
C THR A 737 -15.72 -54.14 -3.15
N TYR A 738 -15.68 -55.48 -3.04
CA TYR A 738 -14.69 -56.15 -2.16
C TYR A 738 -13.90 -57.16 -2.99
N GLY A 739 -12.64 -57.39 -2.63
CA GLY A 739 -11.79 -58.33 -3.34
C GLY A 739 -10.68 -58.82 -2.44
N ASP A 740 -9.93 -59.79 -2.97
CA ASP A 740 -8.79 -60.35 -2.25
C ASP A 740 -7.63 -60.52 -3.21
N GLY A 741 -6.46 -60.04 -2.82
CA GLY A 741 -5.27 -60.19 -3.63
C GLY A 741 -5.36 -59.47 -4.96
N GLU A 742 -5.44 -60.24 -6.05
CA GLU A 742 -5.46 -59.68 -7.39
C GLU A 742 -6.87 -59.49 -7.94
N GLU A 743 -7.89 -59.68 -7.12
CA GLU A 743 -9.25 -59.42 -7.55
C GLU A 743 -9.46 -57.93 -7.74
N VAL A 744 -10.65 -57.57 -8.22
CA VAL A 744 -11.03 -56.16 -8.32
C VAL A 744 -11.45 -55.71 -6.91
N GLY A 745 -10.91 -54.58 -6.49
CA GLY A 745 -11.07 -54.12 -5.13
C GLY A 745 -10.16 -54.80 -4.13
N GLY A 746 -9.04 -55.36 -4.57
CA GLY A 746 -8.12 -56.03 -3.68
C GLY A 746 -7.10 -55.10 -3.08
N MET A 747 -6.57 -54.19 -3.90
CA MET A 747 -5.57 -53.21 -3.41
C MET A 747 -6.23 -52.32 -2.36
N TRP A 748 -7.51 -51.98 -2.54
CA TRP A 748 -8.24 -51.14 -1.55
C TRP A 748 -8.41 -51.91 -0.24
N VAL A 749 -8.65 -53.22 -0.31
CA VAL A 749 -8.74 -54.05 0.93
C VAL A 749 -7.35 -54.10 1.58
N GLU A 750 -6.28 -54.21 0.79
CA GLU A 750 -4.95 -54.17 1.37
C GLU A 750 -4.70 -52.86 2.09
N LYS A 751 -5.12 -51.75 1.50
CA LYS A 751 -4.96 -50.45 2.14
C LYS A 751 -5.79 -50.29 3.39
N VAL A 752 -7.03 -50.79 3.42
CA VAL A 752 -7.79 -50.71 4.67
C VAL A 752 -7.20 -51.61 5.75
N LEU A 753 -6.64 -52.77 5.39
CA LEU A 753 -5.93 -53.58 6.39
C LEU A 753 -4.69 -52.87 6.90
N GLN A 754 -3.94 -52.22 6.02
CA GLN A 754 -2.79 -51.43 6.45
C GLN A 754 -3.22 -50.30 7.38
N LEU A 755 -4.37 -49.69 7.09
CA LEU A 755 -4.89 -48.64 7.96
C LEU A 755 -5.23 -49.20 9.32
N TYR A 756 -5.78 -50.42 9.38
CA TYR A 756 -6.01 -51.07 10.67
C TYR A 756 -4.69 -51.29 11.42
N GLN A 757 -3.67 -51.74 10.70
CA GLN A 757 -2.36 -51.95 11.33
C GLN A 757 -1.86 -50.64 11.95
N ILE A 758 -1.92 -49.55 11.18
CA ILE A 758 -1.43 -48.27 11.68
C ILE A 758 -2.29 -47.78 12.84
N THR A 759 -3.59 -48.06 12.82
CA THR A 759 -4.44 -47.73 13.96
C THR A 759 -3.96 -48.46 15.20
N GLN A 760 -3.61 -49.73 15.07
CA GLN A 760 -3.10 -50.48 16.20
C GLN A 760 -1.77 -49.91 16.70
N ILE A 761 -0.88 -49.52 15.79
CA ILE A 761 0.45 -49.07 16.20
C ILE A 761 0.40 -47.64 16.74
N ASN A 762 0.01 -46.68 15.90
CA ASN A 762 0.10 -45.27 16.22
C ASN A 762 -1.19 -44.75 16.84
N HIS A 763 -1.09 -43.57 17.46
CA HIS A 763 -2.30 -42.93 18.04
C HIS A 763 -2.70 -41.77 17.13
N GLY A 764 -1.79 -41.35 16.25
CA GLY A 764 -2.11 -40.34 15.24
C GLY A 764 -1.98 -40.97 13.87
N LEU A 765 -2.95 -40.75 12.98
CA LEU A 765 -2.91 -41.40 11.64
C LEU A 765 -2.98 -40.31 10.56
N MET A 766 -2.52 -40.63 9.36
CA MET A 766 -2.55 -39.62 8.25
C MET A 766 -2.75 -40.37 6.93
N MET A 767 -3.80 -40.03 6.19
CA MET A 767 -4.08 -40.70 4.87
C MET A 767 -3.64 -39.77 3.75
N VAL A 768 -2.65 -40.20 2.94
CA VAL A 768 -2.14 -39.36 1.87
C VAL A 768 -2.43 -40.02 0.54
N GLY A 769 -3.11 -39.27 -0.35
CA GLY A 769 -3.39 -39.82 -1.68
C GLY A 769 -4.19 -38.86 -2.55
N PRO A 770 -4.07 -38.95 -3.90
CA PRO A 770 -4.84 -38.08 -4.79
C PRO A 770 -6.34 -38.13 -4.48
N SER A 771 -7.03 -37.01 -4.68
CA SER A 771 -8.48 -36.93 -4.37
C SER A 771 -9.24 -38.00 -5.15
N GLY A 772 -10.12 -38.74 -4.48
CA GLY A 772 -10.84 -39.84 -5.16
C GLY A 772 -10.01 -41.11 -5.21
N SER A 773 -9.32 -41.45 -4.12
CA SER A 773 -8.52 -42.71 -4.06
C SER A 773 -9.14 -43.67 -3.04
N GLY A 774 -10.30 -43.32 -2.47
CA GLY A 774 -10.99 -44.24 -1.54
C GLY A 774 -10.53 -44.05 -0.10
N LYS A 775 -9.94 -42.90 0.22
CA LYS A 775 -9.45 -42.63 1.60
C LYS A 775 -10.64 -42.54 2.57
N SER A 776 -11.66 -41.75 2.22
CA SER A 776 -12.82 -41.54 3.12
C SER A 776 -13.51 -42.89 3.40
N MET A 777 -13.74 -43.67 2.35
CA MET A 777 -14.45 -44.97 2.52
C MET A 777 -13.59 -45.91 3.37
N ALA A 778 -12.28 -45.97 3.11
CA ALA A 778 -11.39 -46.89 3.85
C ALA A 778 -11.65 -46.79 5.35
N TRP A 779 -11.62 -45.57 5.92
CA TRP A 779 -11.82 -45.47 7.35
C TRP A 779 -13.28 -45.62 7.76
N ARG A 780 -14.23 -45.20 6.91
CA ARG A 780 -15.62 -45.45 7.25
C ARG A 780 -15.91 -46.95 7.35
N VAL A 781 -15.45 -47.71 6.36
CA VAL A 781 -15.72 -49.15 6.35
C VAL A 781 -14.95 -49.83 7.47
N LEU A 782 -13.73 -49.35 7.76
CA LEU A 782 -12.98 -49.94 8.87
C LEU A 782 -13.67 -49.71 10.20
N LEU A 783 -14.19 -48.51 10.41
CA LEU A 783 -14.90 -48.22 11.66
C LEU A 783 -16.15 -49.08 11.78
N LYS A 784 -16.92 -49.19 10.69
CA LYS A 784 -18.13 -50.01 10.72
C LYS A 784 -17.82 -51.50 10.85
N ALA A 785 -16.66 -51.95 10.37
CA ALA A 785 -16.27 -53.34 10.54
C ALA A 785 -15.78 -53.63 11.95
N LEU A 786 -15.05 -52.69 12.56
CA LEU A 786 -14.57 -52.90 13.92
C LEU A 786 -15.71 -52.82 14.93
N GLU A 787 -16.73 -51.99 14.67
CA GLU A 787 -17.81 -51.90 15.64
C GLU A 787 -18.67 -53.17 15.67
N ARG A 788 -18.49 -54.06 14.69
CA ARG A 788 -19.08 -55.38 14.76
C ARG A 788 -18.09 -56.48 15.16
N LEU A 789 -16.85 -56.42 14.67
CA LEU A 789 -15.89 -57.48 14.98
C LEU A 789 -15.55 -57.50 16.47
N GLU A 790 -15.38 -56.34 17.09
CA GLU A 790 -15.01 -56.24 18.49
C GLU A 790 -16.17 -55.90 19.40
N GLY A 791 -17.28 -55.39 18.87
CA GLY A 791 -18.43 -55.06 19.68
C GLY A 791 -18.37 -53.69 20.33
N VAL A 792 -17.30 -52.95 20.17
CA VAL A 792 -17.18 -51.61 20.71
C VAL A 792 -17.58 -50.60 19.64
N GLU A 793 -18.47 -49.69 20.01
CA GLU A 793 -18.97 -48.71 19.06
C GLU A 793 -17.85 -47.78 18.63
N GLY A 794 -17.97 -47.26 17.40
CA GLY A 794 -17.02 -46.31 16.89
C GLY A 794 -17.68 -45.04 16.40
N VAL A 795 -17.38 -43.92 17.04
CA VAL A 795 -17.96 -42.63 16.72
C VAL A 795 -16.86 -41.75 16.15
N ALA A 796 -17.11 -41.15 14.98
CA ALA A 796 -16.11 -40.36 14.28
C ALA A 796 -16.61 -38.92 14.16
N HIS A 797 -15.80 -37.98 14.62
CA HIS A 797 -16.04 -36.56 14.41
C HIS A 797 -15.13 -36.07 13.29
N ILE A 798 -15.73 -35.55 12.22
CA ILE A 798 -14.99 -35.06 11.07
C ILE A 798 -14.94 -33.54 11.16
N ILE A 799 -13.74 -32.98 11.25
CA ILE A 799 -13.52 -31.56 11.42
C ILE A 799 -12.66 -31.07 10.27
N ASP A 800 -13.10 -29.98 9.63
CA ASP A 800 -12.30 -29.36 8.57
C ASP A 800 -11.46 -28.25 9.18
N PRO A 801 -10.15 -28.35 9.18
CA PRO A 801 -9.32 -27.36 9.88
C PRO A 801 -9.34 -25.98 9.25
N LYS A 802 -9.10 -25.91 7.94
CA LYS A 802 -9.02 -24.62 7.27
C LYS A 802 -10.39 -23.99 7.03
N ALA A 803 -11.48 -24.73 7.23
CA ALA A 803 -12.80 -24.17 7.01
C ALA A 803 -13.08 -23.04 8.00
N ILE A 804 -12.68 -23.22 9.25
CA ILE A 804 -12.90 -22.22 10.28
C ILE A 804 -11.56 -21.71 10.78
N SER A 805 -11.58 -20.52 11.37
CA SER A 805 -10.37 -19.92 11.91
C SER A 805 -9.82 -20.75 13.05
N LYS A 806 -8.49 -20.81 13.14
CA LYS A 806 -7.86 -21.63 14.18
C LYS A 806 -8.24 -21.17 15.57
N ASP A 807 -8.66 -19.92 15.74
CA ASP A 807 -9.23 -19.48 17.00
C ASP A 807 -10.46 -20.29 17.34
N HIS A 808 -11.34 -20.52 16.34
CA HIS A 808 -12.49 -21.38 16.54
C HIS A 808 -12.11 -22.85 16.57
N LEU A 809 -10.96 -23.21 15.98
CA LEU A 809 -10.55 -24.61 15.96
C LEU A 809 -10.08 -25.06 17.34
N TYR A 810 -9.26 -24.24 18.00
CA TYR A 810 -8.69 -24.60 19.29
C TYR A 810 -9.31 -23.86 20.46
N GLY A 811 -9.36 -22.54 20.40
CA GLY A 811 -9.98 -21.78 21.46
C GLY A 811 -9.46 -20.36 21.49
N THR A 812 -10.13 -19.53 22.29
CA THR A 812 -9.81 -18.13 22.42
C THR A 812 -9.66 -17.77 23.89
N LEU A 813 -8.86 -16.74 24.15
CA LEU A 813 -8.62 -16.24 25.50
C LEU A 813 -8.59 -14.72 25.43
N ASP A 814 -9.69 -14.09 25.81
CA ASP A 814 -9.77 -12.64 25.73
C ASP A 814 -8.83 -12.00 26.75
N PRO A 815 -7.95 -11.08 26.33
CA PRO A 815 -6.97 -10.51 27.27
C PRO A 815 -7.59 -9.70 28.38
N ASN A 816 -8.84 -9.25 28.25
CA ASN A 816 -9.44 -8.40 29.27
C ASN A 816 -10.09 -9.21 30.38
N THR A 817 -11.09 -10.02 30.03
CA THR A 817 -11.77 -10.81 31.05
C THR A 817 -10.97 -12.03 31.48
N ARG A 818 -10.01 -12.46 30.65
CA ARG A 818 -9.24 -13.68 30.90
C ARG A 818 -10.15 -14.89 31.09
N GLU A 819 -11.02 -15.09 30.10
CA GLU A 819 -11.94 -16.22 30.08
C GLU A 819 -11.65 -17.07 28.87
N TRP A 820 -11.65 -18.38 29.05
CA TRP A 820 -11.33 -19.33 28.00
C TRP A 820 -12.61 -19.92 27.44
N THR A 821 -12.78 -19.84 26.13
CA THR A 821 -13.88 -20.47 25.43
C THR A 821 -13.30 -21.55 24.51
N ASP A 822 -13.78 -22.78 24.70
CA ASP A 822 -13.23 -23.90 23.95
C ASP A 822 -13.50 -23.73 22.46
N GLY A 823 -12.54 -24.15 21.65
CA GLY A 823 -12.70 -24.16 20.21
C GLY A 823 -13.49 -25.37 19.75
N LEU A 824 -13.16 -25.86 18.57
CA LEU A 824 -13.83 -27.04 18.04
C LEU A 824 -13.16 -28.33 18.50
N PHE A 825 -11.86 -28.47 18.23
CA PHE A 825 -11.15 -29.67 18.65
C PHE A 825 -11.13 -29.79 20.16
N THR A 826 -10.93 -28.68 20.86
CA THR A 826 -10.89 -28.71 22.32
C THR A 826 -12.22 -29.16 22.90
N HIS A 827 -13.33 -28.69 22.33
CA HIS A 827 -14.64 -29.10 22.82
C HIS A 827 -14.86 -30.60 22.66
N VAL A 828 -14.50 -31.13 21.49
CA VAL A 828 -14.63 -32.57 21.26
C VAL A 828 -13.77 -33.35 22.23
N LEU A 829 -12.52 -32.90 22.43
CA LEU A 829 -11.62 -33.61 23.32
C LEU A 829 -12.12 -33.58 24.76
N ARG A 830 -12.64 -32.45 25.20
CA ARG A 830 -13.19 -32.37 26.56
C ARG A 830 -14.40 -33.25 26.71
N LYS A 831 -15.27 -33.31 25.69
CA LYS A 831 -16.41 -34.22 25.75
C LYS A 831 -15.94 -35.67 25.86
N ILE A 832 -14.91 -36.04 25.10
CA ILE A 832 -14.41 -37.41 25.15
C ILE A 832 -13.83 -37.72 26.52
N ILE A 833 -13.04 -36.81 27.06
CA ILE A 833 -12.41 -37.04 28.36
C ILE A 833 -13.46 -37.15 29.45
N ASP A 834 -14.44 -36.25 29.43
CA ASP A 834 -15.55 -36.28 30.38
C ASP A 834 -16.63 -37.22 29.84
N SER A 835 -16.43 -38.51 30.09
CA SER A 835 -17.34 -39.52 29.57
C SER A 835 -18.66 -39.53 30.33
N VAL A 836 -19.42 -38.44 30.23
CA VAL A 836 -20.74 -38.39 30.84
C VAL A 836 -21.70 -39.36 30.15
N ARG A 837 -21.58 -39.48 28.83
CA ARG A 837 -22.39 -40.40 28.04
C ARG A 837 -21.58 -41.61 27.61
N GLY A 838 -20.64 -42.05 28.44
CA GLY A 838 -19.83 -43.21 28.12
C GLY A 838 -18.94 -43.02 26.89
N GLU A 839 -18.41 -41.81 26.70
CA GLU A 839 -17.55 -41.55 25.55
C GLU A 839 -16.22 -42.28 25.65
N LEU A 840 -15.83 -42.71 26.85
CA LEU A 840 -14.57 -43.41 27.00
C LEU A 840 -14.67 -44.89 26.63
N GLN A 841 -15.87 -45.43 26.46
CA GLN A 841 -16.07 -46.82 26.08
C GLN A 841 -16.33 -46.97 24.58
N LYS A 842 -16.20 -45.89 23.82
CA LYS A 842 -16.45 -45.91 22.39
C LYS A 842 -15.17 -45.58 21.65
N ARG A 843 -15.04 -46.15 20.45
CA ARG A 843 -13.84 -45.98 19.63
C ARG A 843 -13.91 -44.63 18.91
N GLN A 844 -13.70 -43.57 19.68
CA GLN A 844 -13.73 -42.23 19.12
C GLN A 844 -12.60 -42.03 18.12
N TRP A 845 -12.94 -41.50 16.95
CA TRP A 845 -12.00 -41.33 15.85
C TRP A 845 -12.18 -39.92 15.30
N ILE A 846 -11.39 -38.98 15.80
CA ILE A 846 -11.43 -37.60 15.30
C ILE A 846 -10.63 -37.55 14.00
N VAL A 847 -11.27 -37.08 12.93
CA VAL A 847 -10.67 -37.03 11.60
C VAL A 847 -10.63 -35.58 11.13
N PHE A 848 -9.45 -35.16 10.66
CA PHE A 848 -9.30 -33.78 10.14
C PHE A 848 -9.25 -33.84 8.62
N ASP A 849 -10.42 -33.81 7.98
CA ASP A 849 -10.48 -33.90 6.50
C ASP A 849 -10.27 -32.50 5.92
N GLY A 850 -9.04 -32.18 5.49
CA GLY A 850 -8.74 -30.85 4.95
C GLY A 850 -7.32 -30.76 4.44
N ASP A 851 -6.66 -29.62 4.64
CA ASP A 851 -5.25 -29.42 4.18
C ASP A 851 -4.34 -29.21 5.39
N VAL A 852 -3.20 -29.91 5.43
CA VAL A 852 -2.24 -29.78 6.57
C VAL A 852 -1.21 -28.70 6.24
N ASP A 853 -1.10 -27.67 7.10
CA ASP A 853 -0.07 -26.62 6.92
C ASP A 853 0.59 -26.37 8.28
N PRO A 854 1.89 -25.99 8.36
CA PRO A 854 2.58 -25.86 9.67
C PRO A 854 2.11 -24.69 10.54
N GLU A 855 0.81 -24.62 10.83
CA GLU A 855 0.26 -23.56 11.73
C GLU A 855 -0.65 -24.23 12.75
N TRP A 856 -1.61 -25.04 12.29
CA TRP A 856 -2.58 -25.69 13.21
C TRP A 856 -2.04 -27.05 13.68
N VAL A 857 -1.50 -27.87 12.78
CA VAL A 857 -1.02 -29.23 13.15
C VAL A 857 0.13 -29.11 14.16
N GLU A 858 0.83 -27.97 14.15
CA GLU A 858 1.93 -27.75 15.13
C GLU A 858 1.34 -27.61 16.53
N ASN A 859 0.09 -27.15 16.66
CA ASN A 859 -0.56 -27.10 17.99
C ASN A 859 -0.85 -28.53 18.46
N LEU A 860 -0.73 -29.50 17.56
CA LEU A 860 -1.06 -30.91 17.92
C LEU A 860 0.22 -31.75 18.11
N ASN A 861 1.39 -31.12 18.00
CA ASN A 861 2.68 -31.85 18.13
C ASN A 861 2.73 -32.57 19.48
N SER A 862 2.17 -31.96 20.53
CA SER A 862 2.19 -32.55 21.89
C SER A 862 1.14 -33.66 22.03
N VAL A 863 0.09 -33.63 21.21
CA VAL A 863 -0.99 -34.67 21.28
C VAL A 863 -0.59 -35.86 20.40
N LEU A 864 0.23 -35.61 19.37
CA LEU A 864 0.61 -36.69 18.43
C LEU A 864 1.98 -37.26 18.79
N ASP A 865 2.62 -36.77 19.86
CA ASP A 865 3.90 -37.38 20.29
C ASP A 865 3.69 -38.16 21.60
N ASP A 866 4.75 -38.74 22.15
CA ASP A 866 4.63 -39.59 23.37
C ASP A 866 3.86 -38.88 24.48
N ASN A 867 3.84 -37.54 24.48
CA ASN A 867 3.19 -36.81 25.59
C ASN A 867 1.69 -37.10 25.61
N LYS A 868 1.07 -37.35 24.45
CA LYS A 868 -0.37 -37.60 24.38
C LYS A 868 -1.13 -36.56 25.20
N LEU A 869 -0.71 -35.31 25.07
CA LEU A 869 -1.22 -34.25 25.92
C LEU A 869 -1.48 -33.00 25.09
N LEU A 870 -2.60 -32.34 25.33
CA LEU A 870 -2.93 -31.09 24.66
C LEU A 870 -2.70 -29.94 25.65
N THR A 871 -1.80 -29.04 25.30
CA THR A 871 -1.44 -27.92 26.14
C THR A 871 -2.06 -26.64 25.57
N LEU A 872 -2.80 -25.93 26.42
CA LEU A 872 -3.52 -24.73 26.03
C LEU A 872 -2.84 -23.48 26.59
N PRO A 873 -3.07 -22.32 25.99
CA PRO A 873 -2.55 -21.08 26.58
C PRO A 873 -3.11 -20.81 27.97
N ASN A 874 -4.28 -21.34 28.29
CA ASN A 874 -4.85 -21.17 29.61
C ASN A 874 -4.05 -21.90 30.68
N GLY A 875 -3.13 -22.78 30.27
CA GLY A 875 -2.40 -23.63 31.17
C GLY A 875 -3.01 -25.01 31.35
N GLU A 876 -4.25 -25.20 30.89
CA GLU A 876 -4.89 -26.50 30.99
C GLU A 876 -4.15 -27.53 30.13
N ARG A 877 -4.09 -28.75 30.63
CA ARG A 877 -3.42 -29.85 29.96
C ARG A 877 -4.41 -31.00 29.84
N LEU A 878 -4.80 -31.33 28.62
CA LEU A 878 -5.78 -32.37 28.36
C LEU A 878 -5.08 -33.60 27.81
N SER A 879 -5.14 -34.70 28.55
CA SER A 879 -4.52 -35.93 28.12
C SER A 879 -5.36 -36.59 27.04
N LEU A 880 -4.68 -37.29 26.14
CA LEU A 880 -5.35 -38.00 25.06
C LEU A 880 -5.78 -39.38 25.57
N PRO A 881 -7.07 -39.66 25.66
CA PRO A 881 -7.49 -40.98 26.12
C PRO A 881 -7.02 -42.05 25.15
N PRO A 882 -6.75 -43.26 25.63
CA PRO A 882 -6.19 -44.30 24.76
C PRO A 882 -7.12 -44.73 23.64
N ASN A 883 -8.43 -44.50 23.77
CA ASN A 883 -9.41 -44.92 22.77
C ASN A 883 -9.68 -43.84 21.74
N VAL A 884 -8.75 -42.92 21.52
CA VAL A 884 -8.92 -41.82 20.59
C VAL A 884 -7.78 -41.87 19.58
N ARG A 885 -8.13 -41.72 18.30
CA ARG A 885 -7.15 -41.62 17.23
C ARG A 885 -7.39 -40.32 16.49
N ILE A 886 -6.33 -39.53 16.32
CA ILE A 886 -6.38 -38.28 15.59
C ILE A 886 -5.98 -38.59 14.16
N MET A 887 -6.88 -38.36 13.21
CA MET A 887 -6.59 -38.73 11.80
C MET A 887 -6.57 -37.47 10.93
N PHE A 888 -5.83 -37.53 9.82
CA PHE A 888 -5.75 -36.38 8.88
C PHE A 888 -5.87 -36.91 7.46
N GLU A 889 -7.05 -36.78 6.84
CA GLU A 889 -7.23 -37.22 5.44
C GLU A 889 -6.79 -36.07 4.52
N VAL A 890 -5.60 -36.19 3.92
CA VAL A 890 -5.05 -35.10 3.07
C VAL A 890 -4.75 -35.65 1.67
N GLN A 891 -4.55 -34.77 0.69
CA GLN A 891 -4.21 -35.23 -0.68
C GLN A 891 -2.69 -35.11 -0.90
N ASP A 892 -2.02 -34.21 -0.17
CA ASP A 892 -0.56 -34.02 -0.30
C ASP A 892 0.00 -33.38 0.97
N LEU A 893 1.28 -33.61 1.26
CA LEU A 893 1.93 -33.00 2.45
C LEU A 893 3.04 -32.03 1.99
N LYS A 894 2.88 -31.43 0.82
CA LYS A 894 3.91 -30.50 0.26
C LYS A 894 4.06 -29.31 1.20
N TYR A 895 2.95 -28.72 1.65
CA TYR A 895 3.00 -27.57 2.59
C TYR A 895 2.97 -28.09 4.04
N ALA A 896 3.92 -28.94 4.41
CA ALA A 896 3.98 -29.46 5.80
C ALA A 896 5.45 -29.64 6.22
N THR A 897 5.75 -29.40 7.50
CA THR A 897 7.14 -29.57 8.00
C THR A 897 7.38 -31.01 8.44
N LEU A 898 8.65 -31.44 8.47
CA LEU A 898 8.98 -32.85 8.81
C LEU A 898 8.46 -33.21 10.20
N ALA A 899 8.21 -32.22 11.06
CA ALA A 899 7.79 -32.52 12.44
C ALA A 899 6.48 -33.31 12.42
N THR A 900 5.47 -32.81 11.72
CA THR A 900 4.14 -33.49 11.66
C THR A 900 4.27 -34.77 10.82
N VAL A 901 5.06 -34.74 9.75
CA VAL A 901 5.27 -35.95 8.91
C VAL A 901 5.90 -37.06 9.77
N SER A 902 6.78 -36.70 10.72
CA SER A 902 7.48 -37.72 11.54
C SER A 902 6.48 -38.52 12.37
N ARG A 903 5.46 -37.85 12.93
CA ARG A 903 4.40 -38.58 13.66
C ARG A 903 3.26 -38.96 12.70
N CYS A 904 2.12 -39.41 13.22
CA CYS A 904 0.92 -39.68 12.39
C CYS A 904 1.13 -40.74 11.30
N GLY A 905 1.46 -42.00 11.63
CA GLY A 905 1.62 -43.10 10.66
C GLY A 905 1.03 -42.84 9.27
N MET A 906 1.86 -42.90 8.21
CA MET A 906 1.42 -42.55 6.87
C MET A 906 0.78 -43.75 6.20
N VAL A 907 -0.36 -43.53 5.55
CA VAL A 907 -0.98 -44.50 4.67
C VAL A 907 -1.16 -43.83 3.31
N TRP A 908 -0.50 -44.37 2.29
CA TRP A 908 -0.47 -43.77 0.96
C TRP A 908 -1.52 -44.45 0.09
N PHE A 909 -2.60 -43.73 -0.21
CA PHE A 909 -3.69 -44.23 -1.05
C PHE A 909 -3.41 -43.79 -2.48
N SER A 910 -2.74 -44.66 -3.23
CA SER A 910 -2.43 -44.34 -4.62
C SER A 910 -3.70 -44.29 -5.45
N GLU A 911 -3.64 -43.58 -6.58
CA GLU A 911 -4.82 -43.44 -7.42
C GLU A 911 -5.22 -44.75 -8.07
N ASP A 912 -4.26 -45.65 -8.33
CA ASP A 912 -4.60 -46.94 -8.92
C ASP A 912 -5.38 -47.83 -7.96
N VAL A 913 -5.36 -47.49 -6.67
CA VAL A 913 -6.05 -48.33 -5.64
C VAL A 913 -7.55 -48.39 -5.97
N LEU A 914 -8.22 -47.24 -6.05
CA LEU A 914 -9.66 -47.22 -6.46
C LEU A 914 -9.72 -47.29 -7.98
N SER A 915 -10.06 -48.47 -8.51
CA SER A 915 -10.12 -48.64 -9.99
C SER A 915 -11.45 -48.10 -10.50
N THR A 916 -11.51 -47.74 -11.78
CA THR A 916 -12.72 -47.13 -12.33
C THR A 916 -13.88 -48.13 -12.37
N ASP A 917 -13.58 -49.41 -12.59
CA ASP A 917 -14.64 -50.44 -12.61
C ASP A 917 -15.32 -50.50 -11.25
N MET A 918 -14.56 -50.27 -10.17
CA MET A 918 -15.14 -50.27 -8.80
C MET A 918 -16.13 -49.11 -8.70
N ILE A 919 -15.78 -47.94 -9.22
CA ILE A 919 -16.69 -46.76 -9.20
C ILE A 919 -17.95 -47.09 -10.00
N PHE A 920 -17.79 -47.70 -11.19
CA PHE A 920 -18.96 -48.09 -12.02
C PHE A 920 -19.84 -49.04 -11.22
N ASN A 921 -19.24 -50.08 -10.62
CA ASN A 921 -20.03 -51.10 -9.87
C ASN A 921 -20.74 -50.43 -8.70
N ASN A 922 -20.08 -49.48 -8.03
CA ASN A 922 -20.72 -48.74 -6.93
C ASN A 922 -21.99 -48.08 -7.47
N PHE A 923 -21.87 -47.37 -8.60
CA PHE A 923 -23.03 -46.68 -9.20
C PHE A 923 -24.12 -47.70 -9.53
N LEU A 924 -23.76 -48.77 -10.24
CA LEU A 924 -24.81 -49.70 -10.65
C LEU A 924 -25.51 -50.32 -9.45
N ALA A 925 -24.75 -50.65 -8.40
CA ALA A 925 -25.35 -51.19 -7.19
C ALA A 925 -26.26 -50.17 -6.52
N ARG A 926 -25.82 -48.91 -6.45
CA ARG A 926 -26.67 -47.87 -5.90
C ARG A 926 -27.90 -47.61 -6.76
N LEU A 927 -27.79 -47.83 -8.07
CA LEU A 927 -28.95 -47.64 -8.95
C LEU A 927 -29.95 -48.78 -8.78
N ARG A 928 -29.48 -50.01 -8.64
CA ARG A 928 -30.38 -51.14 -8.47
C ARG A 928 -31.07 -51.14 -7.12
N SER A 929 -30.78 -50.15 -6.26
CA SER A 929 -31.50 -49.93 -5.01
C SER A 929 -31.67 -48.42 -4.83
N ILE A 930 -32.00 -48.00 -3.61
CA ILE A 930 -32.15 -46.58 -3.28
C ILE A 930 -33.12 -45.93 -4.25
N PRO A 931 -34.42 -46.13 -4.10
CA PRO A 931 -35.39 -45.49 -5.01
C PRO A 931 -35.23 -43.98 -4.99
N LEU A 932 -35.06 -43.40 -6.18
CA LEU A 932 -34.87 -41.96 -6.28
C LEU A 932 -36.12 -41.18 -5.86
N SER A 955 -41.06 -48.47 -5.41
CA SER A 955 -41.08 -49.78 -6.11
C SER A 955 -41.19 -49.57 -7.63
N PRO A 956 -42.17 -48.83 -8.19
CA PRO A 956 -42.21 -48.57 -9.64
C PRO A 956 -40.96 -47.81 -10.08
N MET A 957 -40.60 -46.74 -9.37
CA MET A 957 -39.39 -45.94 -9.71
C MET A 957 -38.16 -46.85 -9.54
N LEU A 958 -38.13 -47.66 -8.50
CA LEU A 958 -36.99 -48.58 -8.26
C LEU A 958 -36.86 -49.54 -9.45
N GLN A 959 -37.98 -50.08 -9.95
CA GLN A 959 -37.95 -50.99 -11.12
C GLN A 959 -37.41 -50.24 -12.35
N ILE A 960 -37.83 -48.98 -12.52
CA ILE A 960 -37.35 -48.14 -13.66
C ILE A 960 -35.82 -48.01 -13.56
N GLN A 961 -35.28 -47.86 -12.34
CA GLN A 961 -33.81 -47.79 -12.15
C GLN A 961 -33.19 -49.16 -12.39
N ARG A 962 -33.85 -50.24 -11.96
CA ARG A 962 -33.27 -51.61 -12.07
C ARG A 962 -33.06 -52.00 -13.54
N ASP A 963 -34.13 -52.01 -14.35
CA ASP A 963 -34.00 -52.45 -15.73
C ASP A 963 -33.16 -51.46 -16.56
N ALA A 964 -33.12 -50.19 -16.17
CA ALA A 964 -32.19 -49.26 -16.80
C ALA A 964 -30.73 -49.67 -16.53
N ALA A 965 -30.45 -50.07 -15.28
CA ALA A 965 -29.11 -50.54 -14.96
C ALA A 965 -28.79 -51.82 -15.71
N THR A 966 -29.77 -52.70 -15.86
CA THR A 966 -29.58 -53.90 -16.67
C THR A 966 -29.21 -53.53 -18.09
N ILE A 967 -29.84 -52.50 -18.64
CA ILE A 967 -29.51 -52.05 -19.99
C ILE A 967 -28.08 -51.50 -20.05
N MET A 968 -27.70 -50.69 -19.06
CA MET A 968 -26.40 -50.03 -19.14
C MET A 968 -25.25 -50.91 -18.69
N GLN A 969 -25.53 -52.09 -18.16
CA GLN A 969 -24.46 -52.95 -17.67
C GLN A 969 -23.37 -53.23 -18.70
N PRO A 970 -23.67 -53.59 -19.95
CA PRO A 970 -22.58 -53.86 -20.90
C PRO A 970 -21.71 -52.65 -21.22
N TYR A 971 -22.21 -51.43 -21.05
CA TYR A 971 -21.42 -50.26 -21.38
C TYR A 971 -20.46 -49.86 -20.27
N PHE A 972 -20.57 -50.46 -19.09
CA PHE A 972 -19.69 -50.16 -17.96
C PHE A 972 -18.66 -51.24 -17.72
N THR A 973 -18.22 -51.94 -18.77
CA THR A 973 -17.16 -52.91 -18.63
C THR A 973 -15.85 -52.20 -18.28
N SER A 974 -14.92 -52.95 -17.66
CA SER A 974 -13.64 -52.38 -17.29
C SER A 974 -12.93 -51.74 -18.47
N ASN A 975 -13.00 -52.38 -19.64
CA ASN A 975 -12.49 -51.83 -20.88
C ASN A 975 -13.62 -51.51 -21.85
N GLY A 976 -14.76 -51.09 -21.30
CA GLY A 976 -15.93 -50.81 -22.09
C GLY A 976 -15.87 -49.44 -22.73
N LEU A 977 -17.03 -48.99 -23.20
CA LEU A 977 -17.11 -47.71 -23.91
C LEU A 977 -16.73 -46.55 -22.99
N VAL A 978 -17.24 -46.55 -21.76
CA VAL A 978 -17.06 -45.40 -20.89
C VAL A 978 -15.58 -45.23 -20.54
N THR A 979 -14.88 -46.32 -20.27
CA THR A 979 -13.46 -46.24 -19.93
C THR A 979 -12.65 -45.68 -21.09
N LYS A 980 -12.90 -46.16 -22.30
CA LYS A 980 -12.16 -45.66 -23.46
C LYS A 980 -12.47 -44.19 -23.71
N ALA A 981 -13.74 -43.80 -23.59
CA ALA A 981 -14.08 -42.39 -23.73
C ALA A 981 -13.38 -41.54 -22.67
N LEU A 982 -13.32 -42.04 -21.44
CA LEU A 982 -12.67 -41.31 -20.37
C LEU A 982 -11.19 -41.13 -20.62
N GLU A 983 -10.50 -42.17 -21.08
CA GLU A 983 -9.07 -42.04 -21.34
C GLU A 983 -8.83 -41.08 -22.51
N HIS A 984 -9.67 -41.14 -23.54
CA HIS A 984 -9.50 -40.19 -24.64
C HIS A 984 -9.76 -38.77 -24.18
N ALA A 985 -10.75 -38.57 -23.31
CA ALA A 985 -11.01 -37.24 -22.77
C ALA A 985 -9.83 -36.74 -21.96
N PHE A 986 -9.20 -37.64 -21.19
CA PHE A 986 -7.98 -37.27 -20.48
C PHE A 986 -6.86 -36.93 -21.46
N GLN A 987 -6.91 -37.46 -22.69
CA GLN A 987 -5.92 -37.07 -23.68
C GLN A 987 -6.20 -35.69 -24.29
N LEU A 988 -7.38 -35.13 -24.09
CA LEU A 988 -7.73 -33.83 -24.69
C LEU A 988 -7.35 -32.69 -23.74
N GLU A 989 -7.83 -31.49 -24.06
CA GLU A 989 -7.54 -30.28 -23.30
C GLU A 989 -8.83 -29.68 -22.76
N HIS A 990 -8.82 -29.30 -21.49
CA HIS A 990 -9.97 -28.74 -20.81
C HIS A 990 -9.55 -27.47 -20.08
N ILE A 991 -10.53 -26.59 -19.85
CA ILE A 991 -10.23 -25.34 -19.17
C ILE A 991 -9.75 -25.60 -17.74
N MET A 992 -10.34 -26.57 -17.06
CA MET A 992 -9.90 -27.01 -15.75
C MET A 992 -9.34 -28.42 -15.86
N ASP A 993 -8.36 -28.74 -15.01
CA ASP A 993 -7.74 -30.05 -15.05
C ASP A 993 -8.80 -31.13 -14.85
N LEU A 994 -8.73 -32.17 -15.68
CA LEU A 994 -9.75 -33.21 -15.68
C LEU A 994 -9.53 -34.14 -14.50
N THR A 995 -10.56 -34.27 -13.67
CA THR A 995 -10.56 -35.21 -12.55
C THR A 995 -11.57 -36.31 -12.84
N ARG A 996 -11.14 -37.56 -12.73
CA ARG A 996 -12.02 -38.72 -13.05
C ARG A 996 -13.33 -38.64 -12.28
N LEU A 997 -13.27 -38.51 -10.95
CA LEU A 997 -14.51 -38.55 -10.13
C LEU A 997 -15.45 -37.38 -10.45
N ARG A 998 -14.94 -36.26 -10.96
CA ARG A 998 -15.84 -35.14 -11.37
C ARG A 998 -16.66 -35.59 -12.58
N CYS A 999 -15.98 -36.08 -13.62
CA CYS A 999 -16.67 -36.55 -14.83
C CYS A 999 -17.63 -37.68 -14.50
N LEU A 1000 -17.19 -38.62 -13.66
CA LEU A 1000 -18.08 -39.73 -13.30
C LEU A 1000 -19.28 -39.24 -12.51
N GLY A 1001 -19.09 -38.26 -11.62
CA GLY A 1001 -20.22 -37.73 -10.88
C GLY A 1001 -21.23 -37.06 -11.77
N SER A 1002 -20.75 -36.24 -12.72
CA SER A 1002 -21.66 -35.62 -13.66
C SER A 1002 -22.40 -36.66 -14.49
N LEU A 1003 -21.69 -37.70 -14.94
CA LEU A 1003 -22.31 -38.74 -15.74
C LEU A 1003 -23.38 -39.48 -14.95
N PHE A 1004 -23.08 -39.83 -13.70
CA PHE A 1004 -24.05 -40.54 -12.88
C PHE A 1004 -25.27 -39.67 -12.60
N SER A 1005 -25.05 -38.38 -12.35
CA SER A 1005 -26.18 -37.48 -12.14
C SER A 1005 -27.07 -37.40 -13.37
N MET A 1006 -26.45 -37.32 -14.55
CA MET A 1006 -27.24 -37.22 -15.78
C MET A 1006 -27.97 -38.52 -16.08
N LEU A 1007 -27.37 -39.67 -15.76
CA LEU A 1007 -28.09 -40.93 -15.91
C LEU A 1007 -29.26 -41.05 -14.94
N HIS A 1008 -29.08 -40.54 -13.71
CA HIS A 1008 -30.20 -40.45 -12.79
C HIS A 1008 -31.31 -39.60 -13.38
N GLN A 1009 -30.94 -38.49 -14.03
CA GLN A 1009 -31.94 -37.66 -14.67
C GLN A 1009 -32.61 -38.39 -15.83
N ALA A 1010 -31.86 -39.27 -16.51
CA ALA A 1010 -32.46 -40.08 -17.60
C ALA A 1010 -33.55 -40.98 -17.01
N CYS A 1011 -33.27 -41.61 -15.86
CA CYS A 1011 -34.27 -42.49 -15.19
C CYS A 1011 -35.49 -41.67 -14.78
N ARG A 1012 -35.26 -40.44 -14.29
CA ARG A 1012 -36.39 -39.55 -13.91
C ARG A 1012 -37.21 -39.19 -15.15
N ASN A 1013 -36.55 -38.98 -16.30
CA ASN A 1013 -37.26 -38.68 -17.57
C ASN A 1013 -38.14 -39.88 -17.95
N VAL A 1014 -37.61 -41.10 -17.80
CA VAL A 1014 -38.40 -42.34 -18.09
C VAL A 1014 -39.61 -42.37 -17.15
N ALA A 1015 -39.39 -42.11 -15.86
CA ALA A 1015 -40.49 -42.10 -14.88
C ALA A 1015 -41.52 -41.05 -15.27
N GLN A 1016 -41.06 -39.85 -15.63
CA GLN A 1016 -41.98 -38.76 -16.06
C GLN A 1016 -42.80 -39.24 -17.26
N TYR A 1017 -42.15 -39.91 -18.23
CA TYR A 1017 -42.87 -40.33 -19.42
C TYR A 1017 -43.87 -41.44 -19.09
N ASN A 1018 -43.45 -42.39 -18.25
CA ASN A 1018 -44.36 -43.45 -17.85
C ASN A 1018 -45.57 -42.90 -17.11
N ALA A 1019 -45.35 -41.90 -16.25
CA ALA A 1019 -46.47 -41.26 -15.55
C ALA A 1019 -47.38 -40.52 -16.53
N ASN A 1020 -46.80 -39.87 -17.54
CA ASN A 1020 -47.60 -39.11 -18.49
C ASN A 1020 -48.51 -39.98 -19.33
N HIS A 1021 -48.20 -41.27 -19.46
CA HIS A 1021 -48.98 -42.19 -20.29
C HIS A 1021 -49.35 -43.40 -19.45
N PRO A 1022 -50.38 -43.29 -18.62
CA PRO A 1022 -50.79 -44.45 -17.81
C PRO A 1022 -51.12 -45.67 -18.66
N ASP A 1023 -51.76 -45.47 -19.80
CA ASP A 1023 -51.96 -46.54 -20.76
C ASP A 1023 -50.76 -46.63 -21.68
N PHE A 1024 -50.50 -47.83 -22.19
CA PHE A 1024 -49.35 -48.10 -23.04
C PHE A 1024 -48.07 -47.68 -22.32
N PRO A 1025 -47.67 -48.38 -21.27
CA PRO A 1025 -46.45 -47.99 -20.56
C PRO A 1025 -45.22 -48.17 -21.43
N MET A 1026 -44.20 -47.38 -21.12
CA MET A 1026 -42.99 -47.32 -21.93
C MET A 1026 -42.25 -48.66 -21.87
N GLN A 1027 -42.05 -49.28 -23.03
CA GLN A 1027 -41.68 -50.68 -23.15
C GLN A 1027 -40.17 -50.87 -23.10
N ILE A 1028 -39.76 -52.14 -23.12
CA ILE A 1028 -38.36 -52.49 -22.91
C ILE A 1028 -37.51 -52.09 -24.11
N GLU A 1029 -37.99 -52.32 -25.33
CA GLU A 1029 -37.20 -51.95 -26.50
C GLU A 1029 -37.04 -50.43 -26.60
N GLN A 1030 -38.13 -49.68 -26.38
CA GLN A 1030 -38.03 -48.23 -26.37
C GLN A 1030 -37.12 -47.76 -25.25
N LEU A 1031 -37.23 -48.39 -24.07
CA LEU A 1031 -36.38 -48.01 -22.95
C LEU A 1031 -34.92 -48.25 -23.25
N GLU A 1032 -34.59 -49.40 -23.85
CA GLU A 1032 -33.20 -49.69 -24.14
C GLU A 1032 -32.65 -48.76 -25.20
N ARG A 1033 -33.46 -48.44 -26.21
CA ARG A 1033 -33.02 -47.46 -27.21
C ARG A 1033 -32.75 -46.10 -26.57
N TYR A 1034 -33.71 -45.62 -25.77
CA TYR A 1034 -33.57 -44.30 -25.17
C TYR A 1034 -32.37 -44.24 -24.23
N ILE A 1035 -32.18 -45.29 -23.42
CA ILE A 1035 -31.08 -45.27 -22.46
C ILE A 1035 -29.74 -45.41 -23.17
N GLN A 1036 -29.65 -46.28 -24.18
CA GLN A 1036 -28.38 -46.45 -24.87
C GLN A 1036 -28.03 -45.24 -25.73
N ARG A 1037 -29.00 -44.37 -26.04
CA ARG A 1037 -28.65 -43.10 -26.68
C ARG A 1037 -28.33 -42.02 -25.66
N TYR A 1038 -29.10 -41.96 -24.57
CA TYR A 1038 -28.83 -41.00 -23.51
C TYR A 1038 -27.47 -41.22 -22.89
N LEU A 1039 -26.99 -42.47 -22.87
CA LEU A 1039 -25.66 -42.73 -22.32
C LEU A 1039 -24.58 -42.08 -23.17
N VAL A 1040 -24.70 -42.17 -24.49
CA VAL A 1040 -23.74 -41.49 -25.37
C VAL A 1040 -23.84 -39.99 -25.19
N TYR A 1041 -25.07 -39.47 -25.13
CA TYR A 1041 -25.26 -38.04 -24.90
C TYR A 1041 -24.59 -37.60 -23.60
N ALA A 1042 -24.73 -38.42 -22.56
CA ALA A 1042 -24.15 -38.08 -21.25
C ALA A 1042 -22.62 -38.16 -21.28
N ILE A 1043 -22.07 -39.14 -21.99
CA ILE A 1043 -20.63 -39.22 -22.10
C ILE A 1043 -20.09 -37.96 -22.76
N LEU A 1044 -20.71 -37.55 -23.87
CA LEU A 1044 -20.25 -36.35 -24.57
C LEU A 1044 -20.39 -35.11 -23.70
N TRP A 1045 -21.49 -35.01 -22.95
CA TRP A 1045 -21.69 -33.78 -22.18
C TRP A 1045 -21.06 -33.82 -20.80
N SER A 1046 -20.43 -34.93 -20.42
CA SER A 1046 -19.69 -35.00 -19.16
C SER A 1046 -18.19 -34.93 -19.36
N LEU A 1047 -17.65 -35.67 -20.32
CA LEU A 1047 -16.21 -35.66 -20.54
C LEU A 1047 -15.74 -34.46 -21.35
N SER A 1048 -16.65 -33.74 -22.02
CA SER A 1048 -16.28 -32.56 -22.79
C SER A 1048 -17.25 -31.41 -22.62
N GLY A 1049 -17.97 -31.34 -21.50
CA GLY A 1049 -18.75 -30.16 -21.21
C GLY A 1049 -17.92 -28.98 -20.77
N ASP A 1050 -16.65 -29.22 -20.44
CA ASP A 1050 -15.74 -28.18 -19.97
C ASP A 1050 -14.76 -27.72 -21.04
N SER A 1051 -14.87 -28.23 -22.26
CA SER A 1051 -13.88 -27.98 -23.28
C SER A 1051 -14.46 -27.12 -24.40
N ARG A 1052 -13.56 -26.60 -25.23
CA ARG A 1052 -13.93 -25.80 -26.39
C ARG A 1052 -14.56 -26.68 -27.47
N LEU A 1053 -15.18 -26.03 -28.45
CA LEU A 1053 -16.11 -26.72 -29.34
C LEU A 1053 -15.41 -27.82 -30.14
N LYS A 1054 -14.23 -27.55 -30.68
CA LYS A 1054 -13.59 -28.56 -31.51
C LYS A 1054 -13.09 -29.73 -30.68
N MET A 1055 -12.80 -29.52 -29.40
CA MET A 1055 -12.52 -30.65 -28.52
C MET A 1055 -13.77 -31.52 -28.34
N ARG A 1056 -14.94 -30.89 -28.23
CA ARG A 1056 -16.17 -31.65 -28.18
C ARG A 1056 -16.38 -32.44 -29.45
N ALA A 1057 -16.09 -31.83 -30.60
CA ALA A 1057 -16.19 -32.54 -31.87
C ALA A 1057 -15.22 -33.71 -31.93
N GLU A 1058 -14.01 -33.53 -31.42
CA GLU A 1058 -13.04 -34.63 -31.42
C GLU A 1058 -13.52 -35.78 -30.56
N LEU A 1059 -14.05 -35.48 -29.37
CA LEU A 1059 -14.59 -36.55 -28.54
C LEU A 1059 -15.76 -37.23 -29.23
N GLY A 1060 -16.60 -36.47 -29.91
CA GLY A 1060 -17.71 -37.07 -30.64
C GLY A 1060 -17.23 -38.00 -31.74
N GLU A 1061 -16.18 -37.60 -32.47
CA GLU A 1061 -15.64 -38.44 -33.51
C GLU A 1061 -15.07 -39.73 -32.94
N TYR A 1062 -14.33 -39.63 -31.82
CA TYR A 1062 -13.82 -40.83 -31.18
C TYR A 1062 -14.95 -41.75 -30.73
N ILE A 1063 -15.98 -41.17 -30.10
CA ILE A 1063 -17.13 -41.96 -29.67
C ILE A 1063 -17.74 -42.67 -30.88
N ARG A 1064 -17.91 -41.94 -31.98
CA ARG A 1064 -18.51 -42.52 -33.17
C ARG A 1064 -17.70 -43.69 -33.70
N ARG A 1065 -16.37 -43.56 -33.71
CA ARG A 1065 -15.57 -44.63 -34.26
C ARG A 1065 -15.31 -45.78 -33.28
N ILE A 1066 -15.64 -45.64 -32.00
CA ILE A 1066 -15.38 -46.73 -31.07
C ILE A 1066 -16.68 -47.16 -30.37
N THR A 1067 -17.82 -47.00 -31.04
CA THR A 1067 -19.08 -47.38 -30.44
C THR A 1067 -19.89 -48.25 -31.40
N THR A 1068 -20.95 -48.84 -30.86
CA THR A 1068 -21.94 -49.59 -31.63
C THR A 1068 -23.35 -49.07 -31.45
N VAL A 1069 -23.56 -48.13 -30.54
CA VAL A 1069 -24.89 -47.52 -30.35
C VAL A 1069 -25.27 -46.74 -31.60
N PRO A 1070 -26.51 -46.80 -32.07
CA PRO A 1070 -26.89 -46.01 -33.24
C PRO A 1070 -26.69 -44.51 -33.00
N LEU A 1071 -26.23 -43.83 -34.04
CA LEU A 1071 -25.87 -42.42 -33.96
C LEU A 1071 -26.51 -41.65 -35.10
N PRO A 1072 -26.59 -40.32 -35.02
CA PRO A 1072 -27.11 -39.55 -36.15
C PRO A 1072 -26.29 -39.79 -37.40
N THR A 1073 -27.00 -39.88 -38.54
CA THR A 1073 -26.38 -40.27 -39.80
C THR A 1073 -25.80 -39.11 -40.59
N ALA A 1074 -26.09 -37.87 -40.20
CA ALA A 1074 -25.58 -36.73 -40.94
C ALA A 1074 -24.06 -36.67 -40.82
N PRO A 1075 -23.34 -36.41 -41.92
CA PRO A 1075 -21.88 -36.55 -41.89
C PRO A 1075 -21.14 -35.34 -41.37
N ASN A 1076 -21.73 -34.15 -41.41
CA ASN A 1076 -21.02 -32.92 -41.07
C ASN A 1076 -21.33 -32.41 -39.66
N ILE A 1077 -22.59 -32.40 -39.28
CA ILE A 1077 -22.97 -31.83 -37.97
C ILE A 1077 -22.49 -32.77 -36.87
N PRO A 1078 -21.85 -32.25 -35.82
CA PRO A 1078 -21.36 -33.12 -34.75
C PRO A 1078 -22.50 -33.69 -33.91
N ILE A 1079 -22.16 -34.73 -33.16
CA ILE A 1079 -23.17 -35.45 -32.38
C ILE A 1079 -23.74 -34.57 -31.28
N ILE A 1080 -22.92 -33.70 -30.70
CA ILE A 1080 -23.36 -32.90 -29.56
C ILE A 1080 -24.52 -32.00 -29.93
N ASP A 1081 -24.64 -31.62 -31.20
CA ASP A 1081 -25.77 -30.83 -31.66
C ASP A 1081 -27.08 -31.60 -31.68
N TYR A 1082 -27.08 -32.86 -31.26
CA TYR A 1082 -28.27 -33.69 -31.23
C TYR A 1082 -28.63 -33.99 -29.79
N GLU A 1083 -29.92 -33.92 -29.48
CA GLU A 1083 -30.43 -34.41 -28.21
C GLU A 1083 -31.03 -35.79 -28.42
N VAL A 1084 -31.54 -36.36 -27.33
CA VAL A 1084 -32.20 -37.67 -27.38
C VAL A 1084 -33.63 -37.47 -26.93
N SER A 1085 -34.58 -37.69 -27.82
CA SER A 1085 -35.99 -37.53 -27.49
C SER A 1085 -36.43 -38.64 -26.55
N ILE A 1086 -37.53 -38.39 -25.83
CA ILE A 1086 -38.02 -39.35 -24.86
C ILE A 1086 -38.48 -40.64 -25.51
N SER A 1087 -38.83 -40.60 -26.79
CA SER A 1087 -39.16 -41.82 -27.51
C SER A 1087 -37.93 -42.59 -27.98
N GLY A 1088 -36.76 -41.96 -27.96
CA GLY A 1088 -35.53 -42.62 -28.30
C GLY A 1088 -34.97 -42.32 -29.67
N GLU A 1089 -35.14 -41.11 -30.18
CA GLU A 1089 -34.58 -40.72 -31.46
C GLU A 1089 -33.58 -39.57 -31.29
N TRP A 1090 -32.49 -39.65 -32.05
CA TRP A 1090 -31.43 -38.61 -31.94
C TRP A 1090 -31.94 -37.37 -32.65
N SER A 1091 -32.78 -36.57 -32.01
CA SER A 1091 -33.37 -35.35 -32.64
C SER A 1091 -32.32 -34.23 -32.65
N PRO A 1092 -32.26 -33.36 -33.67
CA PRO A 1092 -31.33 -32.23 -33.67
C PRO A 1092 -31.77 -31.14 -32.67
N TRP A 1093 -30.81 -30.34 -32.20
CA TRP A 1093 -31.12 -29.24 -31.24
C TRP A 1093 -31.54 -28.00 -32.03
N GLN A 1094 -31.18 -27.92 -33.32
CA GLN A 1094 -31.50 -26.75 -34.18
C GLN A 1094 -32.98 -26.76 -34.56
N ALA A 1095 -33.80 -27.61 -33.94
CA ALA A 1095 -35.25 -27.63 -34.20
C ALA A 1095 -35.95 -27.08 -32.97
N LYS A 1096 -35.20 -26.80 -31.91
CA LYS A 1096 -35.81 -26.20 -30.70
C LYS A 1096 -35.25 -24.78 -30.52
N VAL A 1097 -34.86 -24.13 -31.61
CA VAL A 1097 -34.36 -22.72 -31.54
C VAL A 1097 -35.28 -21.85 -32.40
N PRO A 1098 -36.51 -21.52 -31.93
CA PRO A 1098 -37.43 -20.75 -32.75
C PRO A 1098 -36.82 -19.41 -33.13
N GLN A 1099 -36.94 -18.99 -34.39
CA GLN A 1099 -36.47 -17.63 -34.78
C GLN A 1099 -37.54 -16.66 -34.28
N ILE A 1100 -37.55 -16.36 -32.98
CA ILE A 1100 -38.61 -15.50 -32.38
C ILE A 1100 -38.45 -14.05 -32.81
N GLU A 1101 -39.47 -13.25 -32.56
CA GLU A 1101 -39.37 -11.83 -32.86
C GLU A 1101 -39.66 -11.06 -31.58
N VAL A 1102 -38.63 -10.42 -31.03
CA VAL A 1102 -38.79 -9.66 -29.80
C VAL A 1102 -39.72 -8.49 -30.04
N GLU A 1103 -40.45 -8.08 -29.00
CA GLU A 1103 -41.28 -6.89 -29.09
C GLU A 1103 -40.44 -5.68 -29.45
N THR A 1104 -41.07 -4.70 -30.08
CA THR A 1104 -40.35 -3.49 -30.47
C THR A 1104 -39.84 -2.73 -29.26
N HIS A 1105 -40.45 -2.92 -28.10
CA HIS A 1105 -39.95 -2.40 -26.84
C HIS A 1105 -39.18 -3.50 -26.12
N LYS A 1106 -38.67 -3.18 -24.93
CA LYS A 1106 -37.90 -4.08 -24.07
C LYS A 1106 -36.89 -4.90 -24.86
N VAL A 1107 -36.28 -4.29 -25.87
CA VAL A 1107 -35.21 -4.95 -26.62
C VAL A 1107 -33.93 -4.88 -25.81
N ALA A 1108 -33.15 -5.96 -25.81
CA ALA A 1108 -31.93 -6.06 -25.02
C ALA A 1108 -32.20 -5.88 -23.53
N ALA A 1109 -33.39 -6.26 -23.08
CA ALA A 1109 -33.72 -6.17 -21.68
C ALA A 1109 -32.97 -7.24 -20.89
N PRO A 1110 -32.82 -7.06 -19.58
CA PRO A 1110 -32.15 -8.08 -18.77
C PRO A 1110 -32.82 -9.44 -18.82
N ASP A 1111 -34.15 -9.46 -18.95
CA ASP A 1111 -34.90 -10.74 -18.92
C ASP A 1111 -35.29 -11.17 -20.35
N VAL A 1112 -34.33 -11.19 -21.28
CA VAL A 1112 -34.62 -11.68 -22.66
C VAL A 1112 -33.35 -12.34 -23.25
N VAL A 1113 -33.53 -13.37 -24.06
CA VAL A 1113 -32.37 -14.05 -24.72
C VAL A 1113 -32.86 -14.72 -26.01
N VAL A 1114 -32.18 -14.47 -27.13
CA VAL A 1114 -32.57 -15.12 -28.42
C VAL A 1114 -32.15 -16.58 -28.37
N PRO A 1115 -33.07 -17.56 -28.49
CA PRO A 1115 -32.74 -18.97 -28.38
C PRO A 1115 -31.73 -19.41 -29.43
N THR A 1116 -30.48 -19.69 -29.01
CA THR A 1116 -29.48 -20.18 -29.95
C THR A 1116 -29.10 -21.59 -29.54
N LEU A 1117 -28.34 -22.25 -30.41
CA LEU A 1117 -27.98 -23.65 -30.19
C LEU A 1117 -27.25 -23.82 -28.85
N ASP A 1118 -26.22 -23.01 -28.65
CA ASP A 1118 -25.44 -23.08 -27.39
C ASP A 1118 -26.37 -22.82 -26.20
N THR A 1119 -27.21 -21.79 -26.29
CA THR A 1119 -28.11 -21.44 -25.15
C THR A 1119 -29.02 -22.62 -24.81
N VAL A 1120 -29.69 -23.21 -25.79
CA VAL A 1120 -30.66 -24.31 -25.49
C VAL A 1120 -29.92 -25.56 -25.01
N ARG A 1121 -28.70 -25.81 -25.51
CA ARG A 1121 -27.93 -26.95 -25.03
C ARG A 1121 -27.50 -26.76 -23.57
N HIS A 1122 -26.89 -25.61 -23.28
CA HIS A 1122 -26.39 -25.36 -21.94
C HIS A 1122 -27.54 -25.22 -20.94
N GLU A 1123 -28.66 -24.62 -21.36
CA GLU A 1123 -29.80 -24.51 -20.47
C GLU A 1123 -30.37 -25.88 -20.13
N ALA A 1124 -30.45 -26.78 -21.12
CA ALA A 1124 -30.91 -28.14 -20.84
C ALA A 1124 -29.97 -28.85 -19.88
N LEU A 1125 -28.65 -28.70 -20.09
CA LEU A 1125 -27.70 -29.35 -19.19
C LEU A 1125 -27.82 -28.81 -17.77
N LEU A 1126 -27.96 -27.48 -17.63
CA LEU A 1126 -28.11 -26.88 -16.31
C LEU A 1126 -29.41 -27.32 -15.65
N TYR A 1127 -30.49 -27.44 -16.43
CA TYR A 1127 -31.73 -27.94 -15.88
C TYR A 1127 -31.58 -29.37 -15.37
N THR A 1128 -30.89 -30.21 -16.15
CA THR A 1128 -30.66 -31.59 -15.73
C THR A 1128 -29.89 -31.64 -14.42
N TRP A 1129 -28.85 -30.82 -14.30
CA TRP A 1129 -28.02 -30.86 -13.09
C TRP A 1129 -28.72 -30.23 -11.89
N LEU A 1130 -29.51 -29.18 -12.13
CA LEU A 1130 -30.16 -28.49 -11.01
C LEU A 1130 -31.35 -29.27 -10.49
N ALA A 1131 -32.10 -29.93 -11.38
CA ALA A 1131 -33.20 -30.76 -10.91
C ALA A 1131 -32.71 -31.90 -10.03
N GLU A 1132 -31.47 -32.32 -10.21
CA GLU A 1132 -30.83 -33.32 -9.36
C GLU A 1132 -30.22 -32.71 -8.10
N HIS A 1133 -30.32 -31.39 -7.94
CA HIS A 1133 -29.81 -30.68 -6.78
C HIS A 1133 -28.32 -30.92 -6.57
N LYS A 1134 -27.56 -30.93 -7.67
CA LYS A 1134 -26.13 -31.16 -7.60
C LYS A 1134 -25.39 -29.84 -7.81
N PRO A 1135 -24.53 -29.42 -6.88
CA PRO A 1135 -23.81 -28.16 -7.06
C PRO A 1135 -22.94 -28.21 -8.31
N LEU A 1136 -22.80 -27.07 -8.98
CA LEU A 1136 -22.13 -27.05 -10.28
C LEU A 1136 -21.42 -25.72 -10.49
N VAL A 1137 -20.66 -25.64 -11.59
CA VAL A 1137 -19.87 -24.46 -11.89
C VAL A 1137 -19.84 -24.20 -13.39
N LEU A 1138 -19.90 -22.92 -13.76
CA LEU A 1138 -19.83 -22.44 -15.14
C LEU A 1138 -18.54 -21.65 -15.28
N CYS A 1139 -17.61 -22.17 -16.09
CA CYS A 1139 -16.32 -21.50 -16.29
C CYS A 1139 -16.26 -20.95 -17.72
N GLY A 1140 -16.21 -19.63 -17.84
CA GLY A 1140 -16.10 -19.01 -19.14
C GLY A 1140 -15.57 -17.59 -19.04
N PRO A 1141 -15.16 -16.95 -20.17
CA PRO A 1141 -14.73 -15.53 -20.13
C PRO A 1141 -15.88 -14.60 -19.72
N PRO A 1142 -15.60 -13.47 -19.05
CA PRO A 1142 -16.66 -12.56 -18.59
C PRO A 1142 -17.53 -12.05 -19.74
N GLY A 1143 -18.86 -12.14 -19.59
CA GLY A 1143 -19.78 -11.65 -20.63
C GLY A 1143 -20.18 -12.72 -21.63
N SER A 1144 -19.66 -13.94 -21.47
CA SER A 1144 -20.00 -15.06 -22.38
C SER A 1144 -21.52 -15.33 -22.33
N GLY A 1145 -22.12 -15.23 -21.15
CA GLY A 1145 -23.57 -15.48 -20.99
C GLY A 1145 -23.82 -16.57 -19.96
N LYS A 1146 -23.00 -16.62 -18.91
CA LYS A 1146 -23.16 -17.65 -17.84
C LYS A 1146 -24.37 -17.30 -16.97
N THR A 1147 -24.45 -16.05 -16.51
CA THR A 1147 -25.55 -15.64 -15.59
C THR A 1147 -26.91 -15.78 -16.29
N MET A 1148 -27.01 -15.32 -17.55
CA MET A 1148 -28.32 -15.35 -18.26
C MET A 1148 -28.76 -16.81 -18.47
N THR A 1149 -27.82 -17.69 -18.82
CA THR A 1149 -28.16 -19.13 -19.04
C THR A 1149 -28.64 -19.73 -17.71
N LEU A 1150 -27.97 -19.37 -16.60
CA LEU A 1150 -28.39 -19.87 -15.31
C LEU A 1150 -29.80 -19.44 -14.96
N PHE A 1151 -30.13 -18.17 -15.20
CA PHE A 1151 -31.47 -17.70 -14.88
C PHE A 1151 -32.51 -18.31 -15.81
N SER A 1152 -32.16 -18.53 -17.09
CA SER A 1152 -33.07 -19.19 -18.01
C SER A 1152 -33.36 -20.62 -17.57
N ALA A 1153 -32.32 -21.34 -17.13
CA ALA A 1153 -32.54 -22.67 -16.61
C ALA A 1153 -33.37 -22.63 -15.34
N LEU A 1154 -33.14 -21.63 -14.48
CA LEU A 1154 -33.80 -21.57 -13.19
C LEU A 1154 -35.28 -21.24 -13.34
N ARG A 1155 -35.63 -20.30 -14.22
CA ARG A 1155 -37.02 -19.90 -14.37
C ARG A 1155 -37.90 -21.05 -14.84
N ALA A 1156 -37.32 -22.05 -15.49
CA ALA A 1156 -38.08 -23.25 -15.83
C ALA A 1156 -38.55 -23.96 -14.56
N LEU A 1157 -37.70 -24.05 -13.55
CA LEU A 1157 -38.09 -24.61 -12.26
C LEU A 1157 -38.92 -23.59 -11.50
N PRO A 1158 -40.18 -23.90 -11.17
CA PRO A 1158 -41.06 -22.92 -10.52
C PRO A 1158 -40.95 -22.87 -9.00
N ASP A 1159 -40.31 -23.86 -8.38
CA ASP A 1159 -40.15 -23.91 -6.94
C ASP A 1159 -38.70 -23.60 -6.54
N MET A 1160 -38.03 -22.78 -7.33
CA MET A 1160 -36.58 -22.62 -7.23
C MET A 1160 -36.29 -21.14 -7.22
N GLU A 1161 -35.77 -20.63 -6.10
CA GLU A 1161 -35.55 -19.19 -5.94
C GLU A 1161 -34.07 -18.97 -5.67
N VAL A 1162 -33.50 -17.93 -6.28
CA VAL A 1162 -32.06 -17.72 -6.31
C VAL A 1162 -31.69 -16.55 -5.39
N VAL A 1163 -30.50 -16.64 -4.81
CA VAL A 1163 -29.94 -15.57 -3.99
C VAL A 1163 -28.53 -15.27 -4.51
N GLY A 1164 -28.30 -14.02 -4.88
CA GLY A 1164 -27.03 -13.63 -5.46
C GLY A 1164 -25.91 -13.56 -4.42
N LEU A 1165 -24.68 -13.75 -4.88
CA LEU A 1165 -23.51 -13.67 -4.04
C LEU A 1165 -22.30 -13.38 -4.90
N ASN A 1166 -21.52 -12.37 -4.49
CA ASN A 1166 -20.37 -11.90 -5.26
C ASN A 1166 -19.11 -12.15 -4.45
N PHE A 1167 -18.15 -12.84 -5.05
CA PHE A 1167 -16.91 -13.21 -4.37
C PHE A 1167 -15.80 -12.28 -4.82
N SER A 1168 -15.18 -11.60 -3.87
CA SER A 1168 -13.97 -10.84 -4.13
C SER A 1168 -12.76 -11.70 -3.77
N SER A 1169 -11.58 -11.10 -3.77
CA SER A 1169 -10.37 -11.81 -3.35
C SER A 1169 -10.09 -11.65 -1.86
N ALA A 1170 -10.98 -10.99 -1.14
CA ALA A 1170 -10.82 -10.79 0.29
C ALA A 1170 -12.09 -11.20 1.02
N THR A 1171 -12.68 -12.31 0.60
CA THR A 1171 -13.91 -12.79 1.18
C THR A 1171 -13.64 -13.99 2.10
N THR A 1172 -14.48 -14.15 3.11
CA THR A 1172 -14.38 -15.19 4.11
C THR A 1172 -15.72 -15.88 4.24
N PRO A 1173 -15.75 -17.09 4.81
CA PRO A 1173 -17.05 -17.77 5.03
C PRO A 1173 -18.04 -16.94 5.82
N GLU A 1174 -17.60 -15.87 6.48
CA GLU A 1174 -18.53 -14.99 7.19
C GLU A 1174 -19.57 -14.40 6.24
N LEU A 1175 -19.19 -14.19 4.98
CA LEU A 1175 -20.16 -13.74 3.98
C LEU A 1175 -21.30 -14.74 3.82
N LEU A 1176 -20.95 -16.02 3.65
CA LEU A 1176 -21.98 -17.04 3.53
C LEU A 1176 -22.79 -17.17 4.81
N LEU A 1177 -22.14 -17.05 5.96
CA LEU A 1177 -22.86 -17.14 7.22
C LEU A 1177 -23.88 -16.01 7.35
N LYS A 1178 -23.50 -14.79 6.97
CA LYS A 1178 -24.45 -13.69 6.97
C LYS A 1178 -25.58 -13.93 5.97
N THR A 1179 -25.24 -14.48 4.80
CA THR A 1179 -26.26 -14.76 3.79
C THR A 1179 -27.28 -15.77 4.31
N PHE A 1180 -26.82 -16.82 4.98
CA PHE A 1180 -27.74 -17.79 5.56
C PHE A 1180 -28.53 -17.20 6.73
N ASP A 1181 -27.90 -16.36 7.56
CA ASP A 1181 -28.63 -15.77 8.67
C ASP A 1181 -29.73 -14.85 8.16
N HIS A 1182 -29.49 -14.17 7.04
CA HIS A 1182 -30.44 -13.19 6.51
C HIS A 1182 -31.63 -13.86 5.85
N TYR A 1183 -31.38 -14.92 5.06
CA TYR A 1183 -32.46 -15.53 4.28
C TYR A 1183 -32.92 -16.86 4.87
N CYS A 1184 -32.01 -17.62 5.46
CA CYS A 1184 -32.35 -18.91 6.09
C CYS A 1184 -32.42 -18.74 7.60
N GLU A 1185 -33.49 -18.09 8.06
CA GLU A 1185 -33.64 -17.81 9.48
C GLU A 1185 -33.71 -19.10 10.30
N TYR A 1186 -34.44 -20.10 9.81
CA TYR A 1186 -34.65 -21.32 10.58
C TYR A 1186 -33.33 -22.03 10.83
N ARG A 1187 -32.90 -22.04 12.08
CA ARG A 1187 -31.73 -22.78 12.55
C ARG A 1187 -32.19 -23.91 13.46
N ARG A 1188 -33.34 -24.50 13.14
CA ARG A 1188 -34.00 -25.44 14.02
C ARG A 1188 -33.16 -26.69 14.23
N THR A 1189 -33.32 -27.31 15.41
CA THR A 1189 -32.57 -28.49 15.80
C THR A 1189 -33.50 -29.58 16.35
N PRO A 1190 -34.39 -30.12 15.52
CA PRO A 1190 -35.08 -31.37 15.90
C PRO A 1190 -34.20 -32.55 15.53
N ASN A 1191 -33.89 -33.39 16.53
CA ASN A 1191 -33.02 -34.57 16.40
C ASN A 1191 -31.81 -34.30 15.51
N GLY A 1192 -31.23 -33.12 15.67
CA GLY A 1192 -30.13 -32.68 14.84
C GLY A 1192 -30.35 -31.30 14.28
N VAL A 1193 -29.29 -30.50 14.18
CA VAL A 1193 -29.40 -29.12 13.75
C VAL A 1193 -29.51 -29.08 12.23
N VAL A 1194 -30.55 -28.43 11.72
CA VAL A 1194 -30.80 -28.34 10.28
C VAL A 1194 -31.03 -26.89 9.91
N LEU A 1195 -30.55 -26.51 8.72
CA LEU A 1195 -30.68 -25.15 8.21
C LEU A 1195 -31.63 -25.15 7.02
N ALA A 1196 -32.71 -24.37 7.13
CA ALA A 1196 -33.71 -24.31 6.07
C ALA A 1196 -34.24 -22.89 5.89
N PRO A 1197 -34.63 -22.51 4.68
CA PRO A 1197 -35.21 -21.19 4.46
C PRO A 1197 -36.62 -21.08 5.00
N VAL A 1198 -37.10 -19.84 5.08
CA VAL A 1198 -38.47 -19.60 5.56
C VAL A 1198 -39.49 -20.15 4.56
N GLN A 1199 -39.29 -19.86 3.28
CA GLN A 1199 -40.29 -20.22 2.27
C GLN A 1199 -40.29 -21.73 2.12
N LEU A 1200 -41.25 -22.38 2.76
CA LEU A 1200 -41.32 -23.84 2.80
C LEU A 1200 -41.71 -24.39 1.43
N GLY A 1201 -41.17 -25.57 1.11
CA GLY A 1201 -41.43 -26.18 -0.16
C GLY A 1201 -40.62 -25.62 -1.31
N LYS A 1202 -39.73 -24.67 -1.04
CA LYS A 1202 -38.93 -24.03 -2.07
C LYS A 1202 -37.46 -24.24 -1.75
N TRP A 1203 -36.69 -24.59 -2.78
CA TRP A 1203 -35.25 -24.77 -2.61
C TRP A 1203 -34.58 -23.41 -2.67
N LEU A 1204 -33.25 -23.39 -2.55
CA LEU A 1204 -32.49 -22.16 -2.58
C LEU A 1204 -31.20 -22.38 -3.35
N VAL A 1205 -30.94 -21.53 -4.32
CA VAL A 1205 -29.72 -21.59 -5.12
C VAL A 1205 -28.87 -20.39 -4.76
N LEU A 1206 -27.70 -20.65 -4.16
CA LEU A 1206 -26.78 -19.58 -3.77
C LEU A 1206 -25.84 -19.34 -4.95
N PHE A 1207 -26.17 -18.35 -5.79
CA PHE A 1207 -25.37 -18.09 -6.96
C PHE A 1207 -24.08 -17.37 -6.58
N CYS A 1208 -22.98 -18.13 -6.48
CA CYS A 1208 -21.68 -17.56 -6.11
C CYS A 1208 -20.93 -17.23 -7.38
N ASP A 1209 -20.65 -15.95 -7.59
CA ASP A 1209 -20.03 -15.51 -8.83
C ASP A 1209 -18.56 -15.21 -8.56
N GLU A 1210 -17.72 -15.49 -9.56
CA GLU A 1210 -16.26 -15.32 -9.44
C GLU A 1210 -15.71 -16.11 -8.26
N ILE A 1211 -16.07 -17.39 -8.20
CA ILE A 1211 -15.73 -18.21 -7.06
C ILE A 1211 -14.23 -18.43 -6.92
N ASN A 1212 -13.45 -18.29 -7.99
CA ASN A 1212 -12.03 -18.57 -7.89
C ASN A 1212 -11.19 -17.34 -7.60
N LEU A 1213 -11.86 -16.20 -7.38
CA LEU A 1213 -11.13 -14.95 -7.00
C LEU A 1213 -10.68 -14.99 -5.53
N PRO A 1214 -11.47 -15.49 -4.55
CA PRO A 1214 -11.01 -15.62 -3.16
C PRO A 1214 -9.53 -16.04 -3.06
N ASP A 1215 -8.71 -15.23 -2.37
CA ASP A 1215 -7.25 -15.52 -2.30
C ASP A 1215 -6.98 -16.77 -1.45
N MET A 1216 -5.90 -17.50 -1.78
CA MET A 1216 -5.52 -18.68 -0.96
C MET A 1216 -4.63 -18.20 0.19
N ASP A 1217 -4.41 -19.05 1.20
CA ASP A 1217 -3.62 -18.61 2.39
C ASP A 1217 -2.13 -18.54 2.02
N LYS A 1218 -1.28 -18.17 2.98
CA LYS A 1218 0.19 -18.19 2.72
C LYS A 1218 0.62 -19.59 2.28
N TYR A 1219 -0.21 -20.61 2.50
CA TYR A 1219 0.18 -22.02 2.17
C TYR A 1219 -0.70 -22.59 1.06
N GLY A 1220 -1.15 -21.75 0.13
CA GLY A 1220 -1.92 -22.23 -1.04
C GLY A 1220 -3.18 -23.01 -0.70
N THR A 1221 -4.13 -22.40 0.02
CA THR A 1221 -5.43 -23.06 0.32
C THR A 1221 -6.52 -21.98 0.51
N GLN A 1222 -7.52 -21.95 -0.38
CA GLN A 1222 -8.64 -20.97 -0.24
C GLN A 1222 -9.57 -21.42 0.88
N ARG A 1223 -9.93 -20.52 1.79
CA ARG A 1223 -10.76 -20.90 2.97
C ARG A 1223 -12.22 -21.17 2.55
N VAL A 1224 -12.85 -20.23 1.83
CA VAL A 1224 -14.24 -20.40 1.45
C VAL A 1224 -14.42 -21.62 0.55
N ILE A 1225 -13.43 -21.94 -0.28
CA ILE A 1225 -13.52 -23.15 -1.09
C ILE A 1225 -13.51 -24.39 -0.21
N SER A 1226 -12.65 -24.39 0.82
CA SER A 1226 -12.64 -25.49 1.77
C SER A 1226 -13.97 -25.58 2.52
N PHE A 1227 -14.54 -24.44 2.88
CA PHE A 1227 -15.85 -24.45 3.52
C PHE A 1227 -16.91 -25.06 2.62
N ILE A 1228 -16.91 -24.68 1.34
CA ILE A 1228 -17.95 -25.20 0.40
C ILE A 1228 -17.78 -26.71 0.28
N ARG A 1229 -16.55 -27.18 0.04
CA ARG A 1229 -16.28 -28.63 -0.09
C ARG A 1229 -16.82 -29.35 1.15
N GLN A 1230 -16.55 -28.81 2.34
CA GLN A 1230 -17.00 -29.45 3.60
C GLN A 1230 -18.51 -29.48 3.65
N MET A 1231 -19.17 -28.35 3.34
CA MET A 1231 -20.61 -28.30 3.48
C MET A 1231 -21.33 -28.93 2.30
N VAL A 1232 -20.59 -29.36 1.28
CA VAL A 1232 -21.22 -30.08 0.14
C VAL A 1232 -20.98 -31.59 0.32
N GLU A 1233 -19.72 -32.00 0.43
CA GLU A 1233 -19.38 -33.44 0.61
C GLU A 1233 -20.02 -33.96 1.90
N HIS A 1234 -19.70 -33.34 3.03
CA HIS A 1234 -20.21 -33.83 4.34
C HIS A 1234 -21.64 -33.31 4.55
N GLY A 1235 -22.14 -32.49 3.62
CA GLY A 1235 -23.53 -32.04 3.74
C GLY A 1235 -23.81 -31.24 4.98
N GLY A 1236 -22.88 -30.38 5.38
CA GLY A 1236 -23.09 -29.56 6.56
C GLY A 1236 -21.79 -28.98 7.05
N PHE A 1237 -21.91 -28.24 8.16
CA PHE A 1237 -20.77 -27.52 8.71
C PHE A 1237 -20.84 -27.57 10.23
N TYR A 1238 -19.90 -26.89 10.87
CA TYR A 1238 -19.85 -26.75 12.32
C TYR A 1238 -20.02 -25.27 12.66
N ARG A 1239 -21.16 -24.92 13.27
CA ARG A 1239 -21.35 -23.55 13.70
C ARG A 1239 -20.42 -23.25 14.88
N THR A 1240 -19.92 -22.01 14.92
CA THR A 1240 -18.98 -21.64 15.97
C THR A 1240 -19.66 -21.32 17.29
N SER A 1241 -20.98 -21.08 17.28
CA SER A 1241 -21.67 -20.70 18.51
C SER A 1241 -21.68 -21.85 19.51
N ASP A 1242 -22.01 -23.06 19.07
CA ASP A 1242 -22.13 -24.20 19.95
C ASP A 1242 -21.28 -25.40 19.54
N GLN A 1243 -20.47 -25.27 18.48
CA GLN A 1243 -19.68 -26.38 17.95
C GLN A 1243 -20.57 -27.58 17.63
N THR A 1244 -21.74 -27.31 17.07
CA THR A 1244 -22.70 -28.34 16.70
C THR A 1244 -22.80 -28.45 15.19
N TRP A 1245 -23.06 -29.67 14.72
CA TRP A 1245 -23.14 -29.92 13.30
C TRP A 1245 -24.47 -29.44 12.75
N VAL A 1246 -24.41 -28.61 11.71
CA VAL A 1246 -25.59 -28.08 11.04
C VAL A 1246 -25.65 -28.71 9.66
N LYS A 1247 -26.79 -29.32 9.35
CA LYS A 1247 -26.98 -30.01 8.08
C LYS A 1247 -27.84 -29.16 7.16
N LEU A 1248 -27.43 -29.05 5.90
CA LEU A 1248 -28.14 -28.24 4.92
C LEU A 1248 -29.48 -28.87 4.56
N GLU A 1249 -30.48 -28.02 4.39
CA GLU A 1249 -31.79 -28.44 3.89
C GLU A 1249 -32.24 -27.46 2.81
N ARG A 1250 -32.57 -27.99 1.63
CA ARG A 1250 -33.07 -27.18 0.52
C ARG A 1250 -32.08 -26.08 0.14
N ILE A 1251 -30.79 -26.43 0.08
CA ILE A 1251 -29.72 -25.49 -0.25
C ILE A 1251 -28.84 -26.13 -1.30
N GLN A 1252 -28.50 -25.35 -2.34
CA GLN A 1252 -27.60 -25.83 -3.38
C GLN A 1252 -26.75 -24.67 -3.88
N PHE A 1253 -25.61 -25.01 -4.47
CA PHE A 1253 -24.63 -24.03 -4.90
C PHE A 1253 -24.26 -24.17 -6.37
N VAL A 1254 -24.28 -23.05 -7.05
CA VAL A 1254 -23.78 -22.93 -8.42
C VAL A 1254 -22.80 -21.75 -8.45
N GLY A 1255 -21.64 -21.99 -9.04
CA GLY A 1255 -20.60 -21.00 -9.14
C GLY A 1255 -20.36 -20.55 -10.57
N ALA A 1256 -19.84 -19.34 -10.70
CA ALA A 1256 -19.48 -18.79 -12.00
C ALA A 1256 -18.05 -18.28 -11.90
N CYS A 1257 -17.19 -18.71 -12.82
CA CYS A 1257 -15.77 -18.38 -12.70
C CYS A 1257 -15.20 -18.16 -14.09
N ASN A 1258 -13.87 -18.13 -14.18
CA ASN A 1258 -13.12 -17.83 -15.39
C ASN A 1258 -11.99 -18.83 -15.60
N PRO A 1259 -11.42 -18.88 -16.79
CA PRO A 1259 -10.27 -19.77 -17.03
C PRO A 1259 -9.11 -19.45 -16.10
N PRO A 1260 -8.37 -20.47 -15.66
CA PRO A 1260 -7.22 -20.21 -14.79
C PRO A 1260 -6.14 -19.33 -15.40
N THR A 1261 -5.94 -19.40 -16.72
CA THR A 1261 -4.91 -18.59 -17.36
C THR A 1261 -5.25 -17.11 -17.35
N ASP A 1262 -6.51 -16.76 -17.06
CA ASP A 1262 -6.90 -15.37 -16.90
C ASP A 1262 -6.13 -14.77 -15.72
N PRO A 1263 -5.41 -13.67 -15.95
CA PRO A 1263 -4.67 -13.04 -14.85
C PRO A 1263 -5.61 -12.63 -13.73
N GLY A 1264 -5.15 -12.81 -12.49
CA GLY A 1264 -5.97 -12.61 -11.32
C GLY A 1264 -6.75 -13.83 -10.88
N ARG A 1265 -6.70 -14.91 -11.65
CA ARG A 1265 -7.48 -16.11 -11.37
C ARG A 1265 -6.57 -17.19 -10.81
N LYS A 1266 -7.13 -18.08 -9.99
CA LYS A 1266 -6.36 -19.16 -9.38
C LYS A 1266 -7.17 -20.46 -9.44
N PRO A 1267 -6.55 -21.59 -9.78
CA PRO A 1267 -7.31 -22.83 -9.94
C PRO A 1267 -7.82 -23.36 -8.62
N LEU A 1268 -8.90 -24.13 -8.68
CA LEU A 1268 -9.48 -24.75 -7.50
C LEU A 1268 -8.84 -26.11 -7.23
N SER A 1269 -9.01 -26.58 -6.00
CA SER A 1269 -8.43 -27.86 -5.61
C SER A 1269 -9.21 -29.02 -6.21
N HIS A 1270 -8.48 -30.02 -6.71
CA HIS A 1270 -9.14 -31.17 -7.38
C HIS A 1270 -10.10 -31.83 -6.41
N ARG A 1271 -9.94 -31.58 -5.11
CA ARG A 1271 -10.83 -32.16 -4.07
C ARG A 1271 -12.21 -31.50 -4.15
N PHE A 1272 -12.26 -30.20 -4.38
CA PHE A 1272 -13.56 -29.47 -4.51
C PHE A 1272 -14.22 -29.83 -5.84
N LEU A 1273 -13.45 -29.90 -6.93
CA LEU A 1273 -14.02 -30.15 -8.28
C LEU A 1273 -14.84 -31.44 -8.33
N ARG A 1274 -14.50 -32.44 -7.52
CA ARG A 1274 -15.20 -33.75 -7.58
C ARG A 1274 -16.71 -33.58 -7.41
N HIS A 1275 -17.15 -32.70 -6.52
CA HIS A 1275 -18.62 -32.60 -6.22
C HIS A 1275 -19.33 -31.60 -7.14
N VAL A 1276 -18.60 -30.95 -8.05
CA VAL A 1276 -19.21 -29.93 -8.92
C VAL A 1276 -18.81 -30.16 -10.36
N PRO A 1277 -19.75 -30.51 -11.24
CA PRO A 1277 -19.44 -30.55 -12.67
C PRO A 1277 -19.23 -29.16 -13.24
N VAL A 1278 -18.35 -29.08 -14.23
CA VAL A 1278 -17.95 -27.82 -14.84
C VAL A 1278 -18.49 -27.77 -16.27
N VAL A 1279 -19.05 -26.63 -16.65
CA VAL A 1279 -19.51 -26.40 -18.01
C VAL A 1279 -18.83 -25.15 -18.56
N TYR A 1280 -18.31 -25.25 -19.77
CA TYR A 1280 -17.51 -24.19 -20.38
C TYR A 1280 -18.38 -23.43 -21.37
N VAL A 1281 -18.61 -22.16 -21.10
CA VAL A 1281 -19.42 -21.29 -21.95
C VAL A 1281 -18.48 -20.32 -22.64
N ASP A 1282 -18.38 -20.42 -23.96
CA ASP A 1282 -17.49 -19.58 -24.74
C ASP A 1282 -18.23 -18.36 -25.28
N TYR A 1283 -17.48 -17.41 -25.84
CA TYR A 1283 -18.11 -16.22 -26.45
C TYR A 1283 -18.94 -16.66 -27.66
N PRO A 1284 -20.18 -16.17 -27.84
CA PRO A 1284 -20.99 -16.50 -29.01
C PRO A 1284 -20.19 -16.27 -30.31
N GLY A 1285 -20.26 -17.22 -31.25
CA GLY A 1285 -19.48 -17.11 -32.51
C GLY A 1285 -20.00 -16.04 -33.45
N PRO A 1286 -19.30 -15.74 -34.56
CA PRO A 1286 -19.71 -14.66 -35.48
C PRO A 1286 -21.14 -14.81 -35.96
N ALA A 1287 -21.51 -15.97 -36.49
CA ALA A 1287 -22.87 -16.18 -36.94
C ALA A 1287 -23.85 -16.12 -35.77
N SER A 1288 -23.45 -16.67 -34.63
CA SER A 1288 -24.31 -16.65 -33.46
C SER A 1288 -24.60 -15.22 -33.01
N LEU A 1289 -23.55 -14.39 -32.92
CA LEU A 1289 -23.77 -12.98 -32.59
C LEU A 1289 -24.62 -12.31 -33.64
N THR A 1290 -24.37 -12.62 -34.92
CA THR A 1290 -25.15 -12.02 -35.99
C THR A 1290 -26.62 -12.27 -35.80
N GLN A 1291 -27.00 -13.54 -35.57
CA GLN A 1291 -28.44 -13.90 -35.45
C GLN A 1291 -29.01 -13.36 -34.12
N ILE A 1292 -28.27 -13.50 -33.02
CA ILE A 1292 -28.79 -13.08 -31.68
C ILE A 1292 -29.11 -11.58 -31.71
N TYR A 1293 -28.15 -10.76 -32.14
CA TYR A 1293 -28.35 -9.28 -32.11
C TYR A 1293 -29.12 -8.84 -33.37
N GLY A 1294 -29.14 -9.67 -34.41
CA GLY A 1294 -29.97 -9.34 -35.60
C GLY A 1294 -31.43 -9.29 -35.20
N THR A 1295 -31.88 -10.24 -34.37
CA THR A 1295 -33.28 -10.22 -33.86
C THR A 1295 -33.50 -8.94 -33.06
N PHE A 1296 -32.52 -8.54 -32.24
CA PHE A 1296 -32.63 -7.31 -31.41
C PHE A 1296 -32.74 -6.08 -32.31
N ASN A 1297 -31.91 -6.00 -33.36
CA ASN A 1297 -31.90 -4.82 -34.25
C ASN A 1297 -33.23 -4.75 -35.02
N ARG A 1298 -33.73 -5.89 -35.53
CA ARG A 1298 -35.00 -5.88 -36.23
C ARG A 1298 -36.15 -5.55 -35.29
N ALA A 1299 -36.04 -5.91 -34.01
CA ALA A 1299 -37.06 -5.47 -33.06
C ALA A 1299 -36.97 -3.97 -32.81
N MET A 1300 -35.75 -3.42 -32.77
CA MET A 1300 -35.57 -2.01 -32.42
C MET A 1300 -35.96 -1.08 -33.57
N LEU A 1301 -35.57 -1.41 -34.80
CA LEU A 1301 -35.82 -0.52 -35.93
C LEU A 1301 -37.28 -0.49 -36.34
N ARG A 1302 -38.12 -1.33 -35.76
CA ARG A 1302 -39.55 -1.28 -36.04
C ARG A 1302 -40.19 0.01 -35.55
N LEU A 1303 -39.51 0.75 -34.66
CA LEU A 1303 -40.03 2.05 -34.24
C LEU A 1303 -40.14 3.01 -35.42
N ILE A 1304 -39.12 3.03 -36.28
CA ILE A 1304 -39.10 3.92 -37.43
C ILE A 1304 -39.35 3.09 -38.67
N PRO A 1305 -40.55 3.11 -39.25
CA PRO A 1305 -40.84 2.22 -40.37
C PRO A 1305 -40.24 2.71 -41.69
N SER A 1306 -38.99 3.17 -41.63
CA SER A 1306 -38.25 3.55 -42.82
C SER A 1306 -36.81 3.06 -42.82
N LEU A 1307 -36.31 2.58 -41.68
CA LEU A 1307 -34.97 2.01 -41.60
C LEU A 1307 -34.98 0.51 -41.43
N ARG A 1308 -36.15 -0.13 -41.63
CA ARG A 1308 -36.23 -1.58 -41.51
C ARG A 1308 -35.21 -2.26 -42.41
N THR A 1309 -35.08 -1.79 -43.65
CA THR A 1309 -34.12 -2.36 -44.57
C THR A 1309 -32.70 -2.24 -44.07
N TYR A 1310 -32.45 -1.35 -43.11
CA TYR A 1310 -31.12 -1.17 -42.54
C TYR A 1310 -30.86 -2.05 -41.33
N ALA A 1311 -31.81 -2.93 -40.96
CA ALA A 1311 -31.58 -3.80 -39.81
C ALA A 1311 -30.46 -4.79 -40.06
N GLU A 1312 -30.44 -5.41 -41.25
CA GLU A 1312 -29.44 -6.44 -41.51
C GLU A 1312 -28.05 -5.87 -41.77
N PRO A 1313 -27.87 -4.70 -42.40
CA PRO A 1313 -26.49 -4.16 -42.46
C PRO A 1313 -25.98 -3.73 -41.10
N LEU A 1314 -26.76 -2.90 -40.40
CA LEU A 1314 -26.34 -2.37 -39.11
C LEU A 1314 -25.75 -3.47 -38.22
N THR A 1315 -26.54 -4.51 -37.94
CA THR A 1315 -26.05 -5.61 -37.13
C THR A 1315 -24.69 -6.08 -37.57
N ALA A 1316 -24.56 -6.43 -38.85
CA ALA A 1316 -23.27 -6.91 -39.34
C ALA A 1316 -22.18 -5.92 -39.02
N ALA A 1317 -22.40 -4.65 -39.33
CA ALA A 1317 -21.39 -3.63 -39.03
C ALA A 1317 -20.98 -3.69 -37.58
N MET A 1318 -21.95 -3.66 -36.67
CA MET A 1318 -21.62 -3.73 -35.25
C MET A 1318 -20.74 -4.94 -34.99
N VAL A 1319 -21.20 -6.12 -35.41
CA VAL A 1319 -20.43 -7.34 -35.17
C VAL A 1319 -19.04 -7.18 -35.74
N GLU A 1320 -18.96 -6.72 -36.98
CA GLU A 1320 -17.64 -6.49 -37.59
C GLU A 1320 -16.77 -5.68 -36.66
N PHE A 1321 -17.24 -4.48 -36.31
CA PHE A 1321 -16.43 -3.61 -35.45
C PHE A 1321 -16.13 -4.31 -34.14
N TYR A 1322 -17.15 -4.94 -33.54
CA TYR A 1322 -16.94 -5.61 -32.26
C TYR A 1322 -15.83 -6.62 -32.37
N THR A 1323 -15.82 -7.43 -33.44
CA THR A 1323 -14.80 -8.45 -33.57
C THR A 1323 -13.41 -7.82 -33.58
N MET A 1324 -13.27 -6.69 -34.27
CA MET A 1324 -11.97 -6.04 -34.30
C MET A 1324 -11.53 -5.63 -32.91
N SER A 1325 -12.44 -5.10 -32.10
CA SER A 1325 -12.06 -4.66 -30.76
C SER A 1325 -11.63 -5.84 -29.90
N GLN A 1326 -12.06 -7.06 -30.26
CA GLN A 1326 -11.60 -8.21 -29.50
C GLN A 1326 -10.20 -8.64 -29.94
N GLU A 1327 -9.89 -8.45 -31.22
CA GLU A 1327 -8.59 -8.91 -31.73
C GLU A 1327 -7.53 -7.83 -31.73
N ARG A 1328 -7.82 -6.64 -31.20
CA ARG A 1328 -6.85 -5.55 -31.14
C ARG A 1328 -6.55 -5.12 -29.72
N PHE A 1329 -7.57 -4.93 -28.88
CA PHE A 1329 -7.38 -4.47 -27.51
C PHE A 1329 -7.51 -5.67 -26.57
N THR A 1330 -6.46 -6.49 -26.53
CA THR A 1330 -6.46 -7.66 -25.67
C THR A 1330 -6.22 -7.25 -24.22
N GLN A 1331 -6.57 -8.16 -23.30
CA GLN A 1331 -6.27 -7.94 -21.89
C GLN A 1331 -4.78 -8.07 -21.60
N ASP A 1332 -3.98 -8.53 -22.56
CA ASP A 1332 -2.54 -8.63 -22.37
C ASP A 1332 -1.87 -7.27 -22.30
N THR A 1333 -2.58 -6.19 -22.62
CA THR A 1333 -2.01 -4.85 -22.59
C THR A 1333 -2.39 -4.09 -21.33
N GLN A 1334 -3.69 -3.99 -21.03
CA GLN A 1334 -4.15 -3.51 -19.74
C GLN A 1334 -5.29 -4.39 -19.26
N PRO A 1335 -5.47 -4.52 -17.94
CA PRO A 1335 -6.45 -5.49 -17.41
C PRO A 1335 -7.89 -5.17 -17.77
N HIS A 1336 -8.23 -3.93 -18.09
CA HIS A 1336 -9.62 -3.55 -18.33
C HIS A 1336 -10.00 -3.61 -19.79
N TYR A 1337 -9.13 -4.15 -20.66
CA TYR A 1337 -9.46 -4.30 -22.08
C TYR A 1337 -10.13 -5.65 -22.32
N ILE A 1338 -11.33 -5.79 -21.76
CA ILE A 1338 -12.16 -6.97 -21.94
C ILE A 1338 -13.44 -6.51 -22.65
N TYR A 1339 -13.65 -7.02 -23.86
CA TYR A 1339 -14.82 -6.69 -24.67
C TYR A 1339 -15.67 -7.94 -24.80
N SER A 1340 -16.90 -7.88 -24.30
CA SER A 1340 -17.79 -9.07 -24.31
C SER A 1340 -19.10 -8.75 -25.05
N PRO A 1341 -19.96 -9.73 -25.36
CA PRO A 1341 -21.28 -9.45 -25.94
C PRO A 1341 -22.07 -8.47 -25.08
N ARG A 1342 -21.69 -8.32 -23.79
CA ARG A 1342 -22.35 -7.31 -22.91
C ARG A 1342 -22.19 -5.92 -23.53
N GLU A 1343 -21.03 -5.65 -24.14
CA GLU A 1343 -20.79 -4.34 -24.82
C GLU A 1343 -21.78 -4.19 -25.97
N MET A 1344 -22.01 -5.26 -26.75
CA MET A 1344 -22.99 -5.22 -27.86
C MET A 1344 -24.41 -5.06 -27.31
N THR A 1345 -24.69 -5.64 -26.14
CA THR A 1345 -26.03 -5.50 -25.49
C THR A 1345 -26.26 -4.02 -25.15
N ARG A 1346 -25.29 -3.39 -24.46
CA ARG A 1346 -25.45 -1.95 -24.07
C ARG A 1346 -25.36 -1.10 -25.34
N TRP A 1347 -24.75 -1.61 -26.41
CA TRP A 1347 -24.77 -0.87 -27.67
C TRP A 1347 -26.18 -0.79 -28.25
N VAL A 1348 -26.83 -1.94 -28.37
CA VAL A 1348 -28.19 -1.97 -28.90
C VAL A 1348 -29.12 -1.19 -27.98
N ARG A 1349 -28.93 -1.32 -26.66
CA ARG A 1349 -29.76 -0.57 -25.73
C ARG A 1349 -29.59 0.93 -25.92
N GLY A 1350 -28.35 1.38 -26.10
CA GLY A 1350 -28.12 2.81 -26.30
C GLY A 1350 -28.72 3.32 -27.60
N ILE A 1351 -28.54 2.55 -28.69
CA ILE A 1351 -29.13 2.96 -29.97
C ILE A 1351 -30.65 3.02 -29.84
N PHE A 1352 -31.24 2.02 -29.19
CA PHE A 1352 -32.70 1.98 -29.05
C PHE A 1352 -33.21 3.13 -28.21
N GLU A 1353 -32.49 3.47 -27.14
CA GLU A 1353 -32.91 4.58 -26.31
C GLU A 1353 -32.77 5.90 -27.05
N ALA A 1354 -31.73 6.03 -27.87
CA ALA A 1354 -31.57 7.23 -28.67
C ALA A 1354 -32.60 7.33 -29.79
N LEU A 1355 -33.32 6.24 -30.05
CA LEU A 1355 -34.34 6.21 -31.09
C LEU A 1355 -35.76 6.16 -30.54
N ARG A 1356 -35.94 6.14 -29.22
CA ARG A 1356 -37.28 5.96 -28.68
C ARG A 1356 -38.16 7.19 -28.86
N PRO A 1357 -37.82 8.37 -28.32
CA PRO A 1357 -38.75 9.50 -28.42
C PRO A 1357 -38.80 10.11 -29.81
N LEU A 1358 -37.77 9.87 -30.63
CA LEU A 1358 -37.65 10.54 -31.91
C LEU A 1358 -38.60 9.92 -32.93
N GLU A 1359 -39.14 10.77 -33.81
CA GLU A 1359 -40.24 10.35 -34.69
C GLU A 1359 -39.74 9.85 -36.03
N THR A 1360 -38.99 10.69 -36.76
CA THR A 1360 -38.48 10.33 -38.07
C THR A 1360 -37.00 10.64 -38.16
N LEU A 1361 -36.25 9.80 -38.87
CA LEU A 1361 -34.81 9.89 -38.88
C LEU A 1361 -34.23 9.21 -40.12
N PRO A 1362 -33.40 9.91 -40.89
CA PRO A 1362 -32.80 9.30 -42.07
C PRO A 1362 -31.70 8.33 -41.69
N VAL A 1363 -31.18 7.62 -42.69
CA VAL A 1363 -30.10 6.66 -42.44
C VAL A 1363 -28.90 7.38 -41.85
N GLU A 1364 -28.68 8.64 -42.22
CA GLU A 1364 -27.54 9.39 -41.70
C GLU A 1364 -27.60 9.50 -40.18
N GLY A 1365 -28.78 9.81 -39.65
CA GLY A 1365 -28.91 9.90 -38.20
C GLY A 1365 -28.67 8.57 -37.51
N LEU A 1366 -29.14 7.48 -38.12
CA LEU A 1366 -28.91 6.17 -37.54
C LEU A 1366 -27.42 5.84 -37.49
N ILE A 1367 -26.71 6.11 -38.59
CA ILE A 1367 -25.27 5.86 -38.60
C ILE A 1367 -24.57 6.73 -37.57
N ARG A 1368 -25.00 7.98 -37.45
CA ARG A 1368 -24.38 8.86 -36.46
C ARG A 1368 -24.60 8.36 -35.04
N ILE A 1369 -25.82 7.92 -34.72
CA ILE A 1369 -26.10 7.40 -33.39
C ILE A 1369 -25.29 6.14 -33.13
N TRP A 1370 -25.19 5.26 -34.13
CA TRP A 1370 -24.41 4.04 -33.99
C TRP A 1370 -22.94 4.36 -33.71
N ALA A 1371 -22.38 5.33 -34.44
CA ALA A 1371 -20.99 5.70 -34.21
C ALA A 1371 -20.81 6.35 -32.85
N HIS A 1372 -21.77 7.17 -32.42
CA HIS A 1372 -21.67 7.80 -31.11
C HIS A 1372 -21.67 6.74 -30.01
N GLU A 1373 -22.54 5.74 -30.15
CA GLU A 1373 -22.59 4.68 -29.14
C GLU A 1373 -21.29 3.88 -29.13
N ALA A 1374 -20.75 3.57 -30.31
CA ALA A 1374 -19.49 2.84 -30.36
C ALA A 1374 -18.36 3.66 -29.74
N LEU A 1375 -18.38 4.96 -29.91
CA LEU A 1375 -17.41 5.81 -29.23
C LEU A 1375 -17.64 5.88 -27.73
N ARG A 1376 -18.88 5.79 -27.28
CA ARG A 1376 -19.14 5.76 -25.85
C ARG A 1376 -18.89 4.38 -25.23
N LEU A 1377 -18.65 3.37 -26.04
CA LEU A 1377 -18.41 2.03 -25.53
C LEU A 1377 -17.02 1.50 -25.83
N PHE A 1378 -16.32 2.07 -26.82
CA PHE A 1378 -15.03 1.56 -27.23
C PHE A 1378 -13.95 2.62 -27.26
N GLN A 1379 -14.27 3.89 -26.98
CA GLN A 1379 -13.32 4.99 -27.08
C GLN A 1379 -13.00 5.58 -25.73
N ASP A 1380 -13.65 5.12 -24.66
CA ASP A 1380 -13.47 5.71 -23.35
C ASP A 1380 -12.49 4.94 -22.49
N ARG A 1381 -12.64 3.62 -22.40
CA ARG A 1381 -11.73 2.84 -21.57
C ARG A 1381 -10.30 2.84 -22.10
N LEU A 1382 -10.08 3.29 -23.34
CA LEU A 1382 -8.74 3.32 -23.87
C LEU A 1382 -7.89 4.33 -23.09
N VAL A 1383 -6.60 4.01 -23.00
CA VAL A 1383 -5.67 4.76 -22.16
C VAL A 1383 -4.85 5.75 -22.98
N GLU A 1384 -4.33 5.32 -24.12
CA GLU A 1384 -3.45 6.17 -24.91
C GLU A 1384 -4.13 6.63 -26.18
N ASP A 1385 -3.59 7.70 -26.78
CA ASP A 1385 -4.21 8.33 -27.93
C ASP A 1385 -4.04 7.55 -29.22
N GLU A 1386 -2.98 6.74 -29.35
CA GLU A 1386 -2.81 5.94 -30.55
C GLU A 1386 -3.99 4.98 -30.73
N GLU A 1387 -4.39 4.29 -29.66
CA GLU A 1387 -5.52 3.39 -29.75
C GLU A 1387 -6.79 4.16 -30.09
N ARG A 1388 -6.92 5.38 -29.56
CA ARG A 1388 -8.10 6.19 -29.86
C ARG A 1388 -8.18 6.56 -31.33
N ARG A 1389 -7.04 6.95 -31.91
CA ARG A 1389 -7.01 7.26 -33.33
C ARG A 1389 -7.34 6.02 -34.16
N TRP A 1390 -6.80 4.87 -33.76
CA TRP A 1390 -7.11 3.63 -34.47
C TRP A 1390 -8.60 3.32 -34.41
N THR A 1391 -9.20 3.49 -33.23
CA THR A 1391 -10.63 3.23 -33.07
C THR A 1391 -11.47 4.15 -33.94
N ASP A 1392 -11.13 5.44 -33.97
CA ASP A 1392 -11.89 6.37 -34.80
C ASP A 1392 -11.75 6.03 -36.29
N GLU A 1393 -10.52 5.73 -36.72
CA GLU A 1393 -10.32 5.35 -38.11
C GLU A 1393 -11.15 4.14 -38.48
N ASN A 1394 -11.15 3.10 -37.64
CA ASN A 1394 -11.86 1.89 -38.01
C ASN A 1394 -13.36 2.02 -37.86
N ILE A 1395 -13.84 2.84 -36.92
CA ILE A 1395 -15.29 3.06 -36.84
C ILE A 1395 -15.78 3.71 -38.13
N ASP A 1396 -15.09 4.76 -38.58
CA ASP A 1396 -15.50 5.39 -39.84
C ASP A 1396 -15.34 4.43 -41.01
N THR A 1397 -14.28 3.63 -41.01
CA THR A 1397 -14.05 2.69 -42.11
C THR A 1397 -15.16 1.65 -42.20
N VAL A 1398 -15.54 1.05 -41.07
CA VAL A 1398 -16.58 0.03 -41.11
C VAL A 1398 -17.93 0.65 -41.46
N ALA A 1399 -18.19 1.87 -40.98
CA ALA A 1399 -19.43 2.53 -41.35
C ALA A 1399 -19.50 2.77 -42.86
N LEU A 1400 -18.37 3.18 -43.46
CA LEU A 1400 -18.36 3.41 -44.90
C LEU A 1400 -18.47 2.10 -45.66
N LYS A 1401 -17.84 1.04 -45.16
CA LYS A 1401 -17.88 -0.25 -45.84
C LYS A 1401 -19.29 -0.83 -45.85
N HIS A 1402 -20.00 -0.71 -44.72
CA HIS A 1402 -21.30 -1.38 -44.64
C HIS A 1402 -22.44 -0.51 -45.17
N PHE A 1403 -22.15 0.75 -45.52
CA PHE A 1403 -23.15 1.67 -46.07
C PHE A 1403 -22.51 2.45 -47.21
N PRO A 1404 -22.30 1.82 -48.37
CA PRO A 1404 -21.58 2.49 -49.47
C PRO A 1404 -22.27 3.77 -49.95
N ASN A 1405 -23.60 3.79 -49.93
CA ASN A 1405 -24.37 4.96 -50.38
C ASN A 1405 -24.81 5.75 -49.15
N ILE A 1406 -23.87 6.53 -48.61
CA ILE A 1406 -24.14 7.32 -47.42
C ILE A 1406 -23.47 8.68 -47.59
N ASP A 1407 -24.00 9.68 -46.91
CA ASP A 1407 -23.37 10.99 -46.87
C ASP A 1407 -22.42 11.05 -45.69
N ARG A 1408 -21.12 10.89 -45.97
CA ARG A 1408 -20.15 10.70 -44.90
C ARG A 1408 -20.15 11.89 -43.94
N GLU A 1409 -20.17 13.11 -44.48
CA GLU A 1409 -20.03 14.29 -43.63
C GLU A 1409 -21.22 14.43 -42.68
N LYS A 1410 -22.43 14.21 -43.19
CA LYS A 1410 -23.61 14.33 -42.33
C LYS A 1410 -23.61 13.31 -41.21
N ALA A 1411 -23.25 12.06 -41.52
CA ALA A 1411 -23.24 11.03 -40.50
C ALA A 1411 -21.97 11.08 -39.65
N MET A 1412 -20.81 11.22 -40.30
CA MET A 1412 -19.52 11.21 -39.61
C MET A 1412 -18.95 12.64 -39.59
N SER A 1413 -19.38 13.40 -38.60
CA SER A 1413 -18.71 14.64 -38.26
C SER A 1413 -17.68 14.36 -37.17
N ARG A 1414 -16.80 15.31 -36.92
CA ARG A 1414 -15.76 15.01 -35.94
C ARG A 1414 -16.30 15.13 -34.52
N PRO A 1415 -16.89 16.27 -34.10
CA PRO A 1415 -17.40 16.28 -32.72
C PRO A 1415 -18.77 15.60 -32.60
N ILE A 1416 -18.73 14.27 -32.49
CA ILE A 1416 -19.96 13.48 -32.41
C ILE A 1416 -20.47 13.61 -30.98
N LEU A 1417 -21.34 14.59 -30.76
CA LEU A 1417 -21.84 14.91 -29.44
C LEU A 1417 -23.35 14.74 -29.41
N TYR A 1418 -23.86 14.37 -28.24
CA TYR A 1418 -25.28 14.20 -28.00
C TYR A 1418 -25.59 14.68 -26.59
N SER A 1419 -26.74 15.32 -26.41
CA SER A 1419 -27.14 15.78 -25.09
C SER A 1419 -28.65 15.93 -25.02
N ASN A 1420 -29.17 15.92 -23.79
CA ASN A 1420 -30.57 16.18 -23.53
C ASN A 1420 -30.76 17.41 -22.65
N TRP A 1421 -29.77 18.30 -22.61
CA TRP A 1421 -29.87 19.57 -21.89
C TRP A 1421 -30.43 20.67 -22.77
N LEU A 1422 -29.84 20.87 -23.95
CA LEU A 1422 -30.33 21.90 -24.86
C LEU A 1422 -31.74 21.60 -25.33
N SER A 1423 -32.04 20.34 -25.62
CA SER A 1423 -33.36 19.92 -26.07
C SER A 1423 -33.98 18.99 -25.04
N LYS A 1424 -35.27 18.70 -25.22
CA LYS A 1424 -35.97 17.74 -24.38
C LYS A 1424 -35.83 16.31 -24.87
N ASP A 1425 -35.27 16.10 -26.06
CA ASP A 1425 -35.05 14.77 -26.60
C ASP A 1425 -33.57 14.60 -26.89
N TYR A 1426 -33.03 13.43 -26.57
CA TYR A 1426 -31.63 13.13 -26.82
C TYR A 1426 -31.32 13.29 -28.30
N ILE A 1427 -30.57 14.33 -28.66
CA ILE A 1427 -30.31 14.68 -30.05
C ILE A 1427 -28.88 15.19 -30.19
N PRO A 1428 -28.31 15.23 -31.39
CA PRO A 1428 -26.98 15.83 -31.55
C PRO A 1428 -27.00 17.32 -31.22
N VAL A 1429 -25.86 17.80 -30.74
CA VAL A 1429 -25.71 19.22 -30.39
C VAL A 1429 -24.37 19.71 -30.95
N ASP A 1430 -24.37 20.92 -31.47
CA ASP A 1430 -23.13 21.54 -31.92
C ASP A 1430 -22.27 21.93 -30.73
N GLN A 1431 -20.96 21.94 -30.95
CA GLN A 1431 -20.01 22.14 -29.85
C GLN A 1431 -20.14 23.53 -29.25
N GLU A 1432 -20.28 24.56 -30.08
CA GLU A 1432 -20.26 25.94 -29.58
C GLU A 1432 -21.50 26.26 -28.75
N GLU A 1433 -22.68 25.84 -29.21
CA GLU A 1433 -23.88 26.07 -28.41
C GLU A 1433 -23.81 25.34 -27.08
N LEU A 1434 -23.28 24.12 -27.08
CA LEU A 1434 -23.10 23.40 -25.83
C LEU A 1434 -22.13 24.14 -24.92
N ARG A 1435 -21.04 24.68 -25.48
CA ARG A 1435 -20.08 25.42 -24.67
C ARG A 1435 -20.72 26.63 -24.03
N ASP A 1436 -21.50 27.38 -24.80
CA ASP A 1436 -22.16 28.57 -24.26
C ASP A 1436 -23.16 28.18 -23.17
N TYR A 1437 -23.95 27.14 -23.43
CA TYR A 1437 -24.95 26.71 -22.45
C TYR A 1437 -24.29 26.24 -21.17
N VAL A 1438 -23.23 25.45 -21.29
CA VAL A 1438 -22.57 24.93 -20.10
C VAL A 1438 -21.87 26.06 -19.35
N LYS A 1439 -21.41 27.10 -20.08
CA LYS A 1439 -20.85 28.26 -19.40
C LYS A 1439 -21.90 28.96 -18.56
N ALA A 1440 -23.08 29.18 -19.13
CA ALA A 1440 -24.15 29.83 -18.36
C ALA A 1440 -24.59 28.97 -17.17
N ARG A 1441 -24.76 27.66 -17.39
CA ARG A 1441 -25.17 26.78 -16.32
C ARG A 1441 -24.11 26.71 -15.23
N LEU A 1442 -22.83 26.75 -15.62
CA LEU A 1442 -21.75 26.75 -14.65
C LEU A 1442 -21.71 28.07 -13.88
N LYS A 1443 -22.08 29.17 -14.52
CA LYS A 1443 -22.22 30.42 -13.79
C LYS A 1443 -23.29 30.30 -12.72
N VAL A 1444 -24.41 29.66 -13.04
CA VAL A 1444 -25.43 29.42 -12.02
C VAL A 1444 -24.91 28.48 -10.95
N PHE A 1445 -24.17 27.45 -11.37
CA PHE A 1445 -23.66 26.45 -10.43
C PHE A 1445 -22.74 27.09 -9.41
N TYR A 1446 -21.90 28.03 -9.84
CA TYR A 1446 -21.03 28.76 -8.91
C TYR A 1446 -21.83 29.34 -7.75
N GLU A 1447 -22.91 30.05 -8.07
CA GLU A 1447 -23.76 30.58 -7.00
C GLU A 1447 -24.38 29.46 -6.19
N GLU A 1448 -24.67 28.33 -6.83
CA GLU A 1448 -25.21 27.19 -6.09
C GLU A 1448 -24.15 26.58 -5.17
N GLU A 1449 -23.05 26.07 -5.74
CA GLU A 1449 -21.97 25.52 -4.95
C GLU A 1449 -20.65 25.83 -5.65
N LEU A 1450 -19.55 25.57 -4.94
CA LEU A 1450 -18.21 25.59 -5.54
C LEU A 1450 -17.92 26.85 -6.34
N ASP A 1451 -17.78 27.99 -5.67
CA ASP A 1451 -17.47 29.23 -6.39
C ASP A 1451 -16.11 29.18 -7.07
N VAL A 1452 -15.41 28.06 -6.99
CA VAL A 1452 -14.15 27.90 -7.69
C VAL A 1452 -14.41 27.90 -9.19
N PRO A 1453 -13.75 28.78 -9.95
CA PRO A 1453 -14.03 28.86 -11.39
C PRO A 1453 -13.48 27.65 -12.13
N LEU A 1454 -14.07 27.38 -13.29
CA LEU A 1454 -13.64 26.29 -14.16
C LEU A 1454 -13.53 26.79 -15.59
N VAL A 1455 -12.50 26.36 -16.29
CA VAL A 1455 -12.39 26.60 -17.72
C VAL A 1455 -13.11 25.47 -18.46
N LEU A 1456 -13.74 25.81 -19.58
CA LEU A 1456 -14.54 24.85 -20.34
C LEU A 1456 -13.85 24.59 -21.67
N PHE A 1457 -12.92 23.63 -21.69
CA PHE A 1457 -12.26 23.25 -22.97
C PHE A 1457 -13.00 22.07 -23.60
N ASN A 1458 -12.55 21.64 -24.79
CA ASN A 1458 -13.26 20.56 -25.52
C ASN A 1458 -13.39 19.30 -24.66
N GLU A 1459 -12.32 18.90 -23.95
CA GLU A 1459 -12.35 17.64 -23.16
C GLU A 1459 -13.45 17.72 -22.09
N VAL A 1460 -13.50 18.81 -21.32
CA VAL A 1460 -14.52 18.97 -20.23
C VAL A 1460 -15.89 18.62 -20.79
N LEU A 1461 -16.27 19.20 -21.93
CA LEU A 1461 -17.59 18.97 -22.51
C LEU A 1461 -17.83 17.48 -22.77
N ASP A 1462 -16.84 16.81 -23.36
CA ASP A 1462 -16.99 15.37 -23.61
C ASP A 1462 -17.23 14.62 -22.31
N HIS A 1463 -16.43 14.90 -21.29
CA HIS A 1463 -16.53 14.16 -20.04
C HIS A 1463 -17.84 14.43 -19.33
N VAL A 1464 -18.30 15.69 -19.33
CA VAL A 1464 -19.56 15.99 -18.66
C VAL A 1464 -20.71 15.32 -19.39
N LEU A 1465 -20.64 15.22 -20.72
CA LEU A 1465 -21.67 14.49 -21.44
C LEU A 1465 -21.67 13.01 -21.07
N ARG A 1466 -20.47 12.40 -20.99
CA ARG A 1466 -20.41 10.99 -20.62
C ARG A 1466 -21.00 10.75 -19.22
N ILE A 1467 -20.63 11.60 -18.27
CA ILE A 1467 -21.10 11.41 -16.91
C ILE A 1467 -22.61 11.65 -16.82
N ASP A 1468 -23.12 12.59 -17.60
CA ASP A 1468 -24.57 12.79 -17.61
C ASP A 1468 -25.28 11.56 -18.16
N ARG A 1469 -24.74 10.99 -19.25
CA ARG A 1469 -25.29 9.74 -19.77
C ARG A 1469 -25.38 8.70 -18.67
N ILE A 1470 -24.31 8.55 -17.90
CA ILE A 1470 -24.29 7.48 -16.91
C ILE A 1470 -25.25 7.78 -15.77
N PHE A 1471 -25.32 9.03 -15.33
CA PHE A 1471 -26.27 9.38 -14.28
C PHE A 1471 -27.73 9.21 -14.72
N ARG A 1472 -28.02 9.30 -16.02
CA ARG A 1472 -29.40 9.12 -16.44
C ARG A 1472 -29.86 7.67 -16.40
N GLN A 1473 -28.94 6.71 -16.35
CA GLN A 1473 -29.30 5.30 -16.31
C GLN A 1473 -29.84 4.91 -14.93
N PRO A 1474 -30.64 3.85 -14.85
CA PRO A 1474 -31.25 3.50 -13.55
C PRO A 1474 -30.24 3.10 -12.50
N GLN A 1475 -29.37 2.15 -12.80
CA GLN A 1475 -28.29 1.75 -11.90
C GLN A 1475 -26.98 2.15 -12.58
N GLY A 1476 -26.61 3.42 -12.43
CA GLY A 1476 -25.46 3.94 -13.14
C GLY A 1476 -24.25 4.14 -12.26
N HIS A 1477 -23.27 3.24 -12.37
CA HIS A 1477 -22.05 3.30 -11.59
C HIS A 1477 -20.89 3.66 -12.51
N LEU A 1478 -20.13 4.67 -12.12
CA LEU A 1478 -19.09 5.22 -12.97
C LEU A 1478 -17.74 5.10 -12.29
N LEU A 1479 -16.69 4.90 -13.07
CA LEU A 1479 -15.33 4.73 -12.56
C LEU A 1479 -14.41 5.63 -13.37
N LEU A 1480 -14.03 6.76 -12.80
CA LEU A 1480 -13.21 7.74 -13.49
C LEU A 1480 -11.75 7.56 -13.11
N ILE A 1481 -10.90 7.27 -14.08
CA ILE A 1481 -9.48 7.10 -13.87
C ILE A 1481 -8.78 8.29 -14.50
N GLY A 1482 -8.20 9.14 -13.67
CA GLY A 1482 -7.43 10.28 -14.15
C GLY A 1482 -6.56 10.82 -13.05
N VAL A 1483 -5.54 11.58 -13.45
CA VAL A 1483 -4.62 12.15 -12.47
C VAL A 1483 -5.38 13.06 -11.51
N SER A 1484 -4.93 13.11 -10.26
CA SER A 1484 -5.61 13.89 -9.25
C SER A 1484 -5.58 15.37 -9.59
N GLY A 1485 -6.68 16.06 -9.31
CA GLY A 1485 -6.82 17.46 -9.63
C GLY A 1485 -7.28 17.75 -11.04
N ALA A 1486 -7.46 16.72 -11.87
CA ALA A 1486 -7.88 16.95 -13.25
C ALA A 1486 -9.31 17.42 -13.36
N GLY A 1487 -10.05 17.42 -12.27
CA GLY A 1487 -11.43 17.86 -12.28
C GLY A 1487 -12.46 16.77 -12.21
N LYS A 1488 -12.07 15.52 -11.95
CA LYS A 1488 -13.03 14.42 -11.90
C LYS A 1488 -14.11 14.69 -10.86
N THR A 1489 -13.71 15.04 -9.64
CA THR A 1489 -14.68 15.27 -8.58
C THR A 1489 -15.56 16.48 -8.88
N THR A 1490 -14.96 17.59 -9.31
CA THR A 1490 -15.76 18.79 -9.53
C THR A 1490 -16.68 18.63 -10.73
N LEU A 1491 -16.22 17.96 -11.79
CA LEU A 1491 -17.11 17.69 -12.92
C LEU A 1491 -18.25 16.77 -12.49
N SER A 1492 -17.95 15.75 -11.68
CA SER A 1492 -19.00 14.86 -11.21
C SER A 1492 -20.02 15.61 -10.37
N ARG A 1493 -19.57 16.49 -9.48
CA ARG A 1493 -20.51 17.26 -8.68
C ARG A 1493 -21.32 18.22 -9.54
N PHE A 1494 -20.69 18.82 -10.55
CA PHE A 1494 -21.42 19.72 -11.44
C PHE A 1494 -22.53 18.99 -12.17
N VAL A 1495 -22.21 17.87 -12.80
CA VAL A 1495 -23.23 17.14 -13.55
C VAL A 1495 -24.28 16.55 -12.62
N ALA A 1496 -23.88 16.12 -11.42
CA ALA A 1496 -24.85 15.62 -10.45
C ALA A 1496 -25.81 16.73 -10.04
N TRP A 1497 -25.31 17.94 -9.85
CA TRP A 1497 -26.20 19.06 -9.57
C TRP A 1497 -27.13 19.33 -10.75
N MET A 1498 -26.61 19.24 -11.97
CA MET A 1498 -27.46 19.35 -13.14
C MET A 1498 -28.57 18.32 -13.17
N ASN A 1499 -28.32 17.11 -12.69
CA ASN A 1499 -29.30 16.04 -12.74
C ASN A 1499 -30.13 15.94 -11.46
N GLY A 1500 -29.98 16.87 -10.53
CA GLY A 1500 -30.79 16.87 -9.33
C GLY A 1500 -30.35 15.91 -8.26
N LEU A 1501 -29.23 15.20 -8.47
CA LEU A 1501 -28.73 14.27 -7.48
C LEU A 1501 -28.16 15.02 -6.28
N SER A 1502 -28.44 14.50 -5.08
CA SER A 1502 -27.87 15.10 -3.85
C SER A 1502 -26.51 14.46 -3.59
N VAL A 1503 -25.43 15.09 -4.06
CA VAL A 1503 -24.06 14.51 -3.92
C VAL A 1503 -23.76 14.24 -2.44
N TYR A 1504 -23.36 13.01 -2.11
CA TYR A 1504 -22.99 12.67 -0.71
C TYR A 1504 -21.64 11.95 -0.71
N GLN A 1505 -20.63 12.56 -0.08
CA GLN A 1505 -19.27 11.95 -0.03
C GLN A 1505 -18.92 11.62 1.42
N ILE A 1506 -18.22 10.51 1.65
CA ILE A 1506 -17.82 10.12 3.03
C ILE A 1506 -16.77 11.11 3.54
N LYS A 1507 -16.80 11.41 4.84
CA LYS A 1507 -15.78 12.32 5.45
C LYS A 1507 -14.71 11.46 6.12
N VAL A 1508 -13.74 10.97 5.34
CA VAL A 1508 -12.68 10.08 5.89
C VAL A 1508 -11.78 10.89 6.84
N HIS A 1509 -11.31 10.26 7.92
CA HIS A 1509 -10.40 10.94 8.88
C HIS A 1509 -9.38 9.93 9.43
N ARG A 1510 -8.55 10.34 10.39
CA ARG A 1510 -7.49 9.44 10.94
C ARG A 1510 -8.15 8.26 11.67
N LYS A 1511 -9.18 8.52 12.48
CA LYS A 1511 -9.85 7.45 13.27
C LYS A 1511 -10.73 6.59 12.35
N TYR A 1512 -11.16 7.12 11.20
CA TYR A 1512 -12.08 6.38 10.29
C TYR A 1512 -11.77 4.88 10.27
N THR A 1513 -12.77 4.05 10.59
CA THR A 1513 -12.58 2.61 10.63
C THR A 1513 -13.76 1.95 9.93
N GLY A 1514 -13.84 0.62 10.05
CA GLY A 1514 -14.90 -0.10 9.37
C GLY A 1514 -16.28 0.28 9.86
N GLU A 1515 -16.43 0.49 11.15
CA GLU A 1515 -17.73 0.83 11.70
C GLU A 1515 -18.22 2.17 11.18
N ASP A 1516 -17.31 3.14 11.05
CA ASP A 1516 -17.69 4.44 10.54
C ASP A 1516 -18.19 4.34 9.10
N PHE A 1517 -17.50 3.56 8.27
CA PHE A 1517 -17.94 3.40 6.89
C PHE A 1517 -19.25 2.63 6.81
N ASP A 1518 -19.45 1.67 7.70
CA ASP A 1518 -20.73 0.97 7.75
C ASP A 1518 -21.87 1.92 8.11
N GLU A 1519 -21.61 2.84 9.06
CA GLU A 1519 -22.61 3.83 9.40
C GLU A 1519 -22.88 4.78 8.22
N ASP A 1520 -21.83 5.14 7.49
CA ASP A 1520 -22.03 5.98 6.31
C ASP A 1520 -22.89 5.26 5.26
N LEU A 1521 -22.63 3.97 5.06
CA LEU A 1521 -23.44 3.20 4.12
C LEU A 1521 -24.88 3.12 4.61
N ARG A 1522 -25.08 2.93 5.90
CA ARG A 1522 -26.43 2.93 6.45
C ARG A 1522 -27.12 4.26 6.18
N THR A 1523 -26.40 5.37 6.36
CA THR A 1523 -26.97 6.69 6.13
C THR A 1523 -27.39 6.84 4.67
N VAL A 1524 -26.49 6.53 3.74
CA VAL A 1524 -26.80 6.76 2.32
C VAL A 1524 -27.91 5.83 1.86
N LEU A 1525 -27.91 4.57 2.33
CA LEU A 1525 -28.95 3.63 1.93
C LEU A 1525 -30.29 4.02 2.52
N ARG A 1526 -30.31 4.49 3.78
CA ARG A 1526 -31.55 4.96 4.37
C ARG A 1526 -32.11 6.15 3.61
N ARG A 1527 -31.23 7.05 3.18
CA ARG A 1527 -31.69 8.20 2.41
C ARG A 1527 -32.20 7.79 1.03
N SER A 1528 -31.54 6.81 0.41
CA SER A 1528 -31.93 6.44 -0.96
C SER A 1528 -33.19 5.60 -0.97
N GLY A 1529 -33.18 4.45 -0.29
CA GLY A 1529 -34.30 3.54 -0.33
C GLY A 1529 -35.56 4.13 0.25
N CYS A 1530 -35.59 4.35 1.55
CA CYS A 1530 -36.67 5.13 2.14
C CYS A 1530 -36.39 6.60 1.92
N LYS A 1531 -37.46 7.41 1.97
CA LYS A 1531 -37.38 8.84 1.70
C LYS A 1531 -36.62 9.08 0.39
N ASN A 1532 -37.16 8.49 -0.67
CA ASN A 1532 -36.48 8.36 -1.95
C ASN A 1532 -35.91 9.68 -2.43
N GLU A 1533 -34.61 9.66 -2.75
CA GLU A 1533 -33.95 10.82 -3.33
C GLU A 1533 -32.65 10.37 -3.99
N LYS A 1534 -32.43 10.83 -5.22
CA LYS A 1534 -31.24 10.43 -5.96
C LYS A 1534 -29.98 10.90 -5.22
N ILE A 1535 -28.94 10.07 -5.25
CA ILE A 1535 -27.72 10.35 -4.52
C ILE A 1535 -26.53 10.03 -5.40
N ALA A 1536 -25.60 10.98 -5.51
CA ALA A 1536 -24.33 10.77 -6.21
C ALA A 1536 -23.24 10.48 -5.19
N PHE A 1537 -23.22 9.23 -4.75
CA PHE A 1537 -22.25 8.78 -3.75
C PHE A 1537 -20.87 8.73 -4.39
N ILE A 1538 -20.00 9.66 -4.00
CA ILE A 1538 -18.69 9.82 -4.63
C ILE A 1538 -17.64 9.25 -3.69
N MET A 1539 -16.90 8.27 -4.18
CA MET A 1539 -15.81 7.64 -3.46
C MET A 1539 -14.49 7.93 -4.17
N ASP A 1540 -13.42 7.95 -3.39
CA ASP A 1540 -12.10 8.21 -3.94
C ASP A 1540 -11.21 7.04 -3.52
N GLU A 1541 -10.21 6.75 -4.36
CA GLU A 1541 -9.33 5.62 -4.12
C GLU A 1541 -8.53 5.75 -2.83
N SER A 1542 -8.41 6.97 -2.29
CA SER A 1542 -7.80 7.16 -0.98
C SER A 1542 -8.80 7.09 0.15
N ASN A 1543 -10.07 7.39 -0.12
CA ASN A 1543 -11.09 7.32 0.92
C ASN A 1543 -11.33 5.91 1.40
N VAL A 1544 -10.83 4.90 0.67
CA VAL A 1544 -10.89 3.52 1.13
C VAL A 1544 -9.63 3.25 1.94
N LEU A 1545 -9.80 2.79 3.17
CA LEU A 1545 -8.68 2.44 4.02
C LEU A 1545 -8.54 0.93 4.14
N ASP A 1546 -9.62 0.26 4.54
CA ASP A 1546 -9.62 -1.18 4.77
C ASP A 1546 -10.21 -1.90 3.57
N SER A 1547 -9.83 -3.18 3.43
CA SER A 1547 -10.43 -4.02 2.40
C SER A 1547 -11.90 -4.25 2.67
N GLY A 1548 -12.33 -4.10 3.92
CA GLY A 1548 -13.75 -4.20 4.23
C GLY A 1548 -14.56 -3.16 3.49
N PHE A 1549 -14.03 -1.95 3.33
CA PHE A 1549 -14.69 -0.94 2.53
C PHE A 1549 -14.85 -1.43 1.10
N LEU A 1550 -13.79 -2.02 0.54
CA LEU A 1550 -13.85 -2.49 -0.85
C LEU A 1550 -14.88 -3.59 -1.02
N GLU A 1551 -14.95 -4.55 -0.09
CA GLU A 1551 -15.91 -5.63 -0.26
C GLU A 1551 -17.34 -5.13 -0.04
N ARG A 1552 -17.54 -4.19 0.88
CA ARG A 1552 -18.86 -3.60 1.05
C ARG A 1552 -19.30 -2.86 -0.20
N MET A 1553 -18.40 -2.10 -0.81
CA MET A 1553 -18.74 -1.42 -2.05
C MET A 1553 -18.96 -2.42 -3.18
N ASN A 1554 -18.20 -3.50 -3.20
CA ASN A 1554 -18.39 -4.53 -4.22
C ASN A 1554 -19.80 -5.11 -4.16
N THR A 1555 -20.21 -5.53 -2.96
CA THR A 1555 -21.54 -6.11 -2.85
C THR A 1555 -22.64 -5.08 -3.08
N LEU A 1556 -22.44 -3.83 -2.63
CA LEU A 1556 -23.44 -2.80 -2.88
C LEU A 1556 -23.59 -2.52 -4.37
N LEU A 1557 -22.48 -2.41 -5.09
CA LEU A 1557 -22.56 -2.16 -6.53
C LEU A 1557 -23.21 -3.33 -7.25
N ALA A 1558 -22.75 -4.55 -7.00
CA ALA A 1558 -23.21 -5.69 -7.78
C ALA A 1558 -24.64 -6.05 -7.44
N ASN A 1559 -24.91 -6.38 -6.17
CA ASN A 1559 -26.24 -6.76 -5.75
C ASN A 1559 -27.23 -5.60 -5.84
N GLY A 1560 -26.77 -4.37 -5.65
CA GLY A 1560 -27.68 -3.27 -5.48
C GLY A 1560 -28.12 -3.06 -4.06
N GLU A 1561 -27.67 -3.92 -3.13
CA GLU A 1561 -28.01 -3.83 -1.72
C GLU A 1561 -27.08 -4.73 -0.91
N VAL A 1562 -26.51 -4.17 0.16
CA VAL A 1562 -25.56 -4.91 0.99
C VAL A 1562 -26.33 -5.70 2.05
N PRO A 1563 -26.14 -7.01 2.15
CA PRO A 1563 -26.90 -7.81 3.11
C PRO A 1563 -26.29 -7.73 4.50
N GLY A 1564 -27.17 -7.63 5.50
CA GLY A 1564 -26.76 -7.62 6.88
C GLY A 1564 -26.27 -6.29 7.41
N LEU A 1565 -26.29 -5.23 6.59
CA LEU A 1565 -25.86 -3.93 7.08
C LEU A 1565 -26.79 -3.42 8.17
N PHE A 1566 -28.09 -3.61 7.99
CA PHE A 1566 -29.07 -3.21 8.99
C PHE A 1566 -29.43 -4.45 9.80
N GLU A 1567 -28.81 -4.58 10.96
CA GLU A 1567 -28.96 -5.77 11.79
C GLU A 1567 -29.63 -5.39 13.11
N GLY A 1568 -30.54 -6.25 13.58
CA GLY A 1568 -31.20 -6.02 14.85
C GLY A 1568 -32.16 -4.85 14.83
N ASP A 1569 -31.88 -3.85 15.67
CA ASP A 1569 -32.76 -2.68 15.73
C ASP A 1569 -32.77 -1.93 14.40
N GLU A 1570 -31.62 -1.86 13.73
CA GLU A 1570 -31.55 -1.17 12.45
C GLU A 1570 -32.45 -1.84 11.42
N TYR A 1571 -32.50 -3.18 11.44
CA TYR A 1571 -33.40 -3.89 10.54
C TYR A 1571 -34.84 -3.51 10.77
N ALA A 1572 -35.28 -3.47 12.04
CA ALA A 1572 -36.66 -3.12 12.33
C ALA A 1572 -36.98 -1.68 11.97
N THR A 1573 -36.06 -0.75 12.27
CA THR A 1573 -36.29 0.65 11.94
C THR A 1573 -36.36 0.85 10.44
N LEU A 1574 -35.46 0.22 9.68
CA LEU A 1574 -35.52 0.30 8.23
C LEU A 1574 -36.80 -0.33 7.71
N MET A 1575 -37.25 -1.41 8.32
CA MET A 1575 -38.49 -2.04 7.88
C MET A 1575 -39.66 -1.09 8.07
N THR A 1576 -39.70 -0.40 9.21
CA THR A 1576 -40.76 0.57 9.46
C THR A 1576 -40.69 1.73 8.47
N GLN A 1577 -39.48 2.24 8.22
CA GLN A 1577 -39.33 3.36 7.30
C GLN A 1577 -39.73 2.96 5.88
N CYS A 1578 -39.36 1.76 5.46
CA CYS A 1578 -39.77 1.27 4.14
C CYS A 1578 -41.28 1.12 4.07
N LYS A 1579 -41.92 0.68 5.15
CA LYS A 1579 -43.38 0.58 5.17
C LYS A 1579 -44.01 1.95 5.00
N GLU A 1580 -43.50 2.96 5.71
CA GLU A 1580 -44.04 4.31 5.58
C GLU A 1580 -43.83 4.85 4.17
N GLY A 1581 -42.66 4.60 3.60
CA GLY A 1581 -42.39 5.04 2.24
C GLY A 1581 -43.29 4.37 1.22
N ALA A 1582 -43.57 3.08 1.42
CA ALA A 1582 -44.48 2.38 0.53
C ALA A 1582 -45.89 2.91 0.64
N GLN A 1583 -46.35 3.21 1.87
CA GLN A 1583 -47.68 3.80 2.02
C GLN A 1583 -47.74 5.17 1.36
N LYS A 1584 -46.68 5.98 1.51
CA LYS A 1584 -46.64 7.28 0.84
C LYS A 1584 -46.69 7.12 -0.67
N GLU A 1585 -45.91 6.18 -1.21
CA GLU A 1585 -45.91 5.92 -2.64
C GLU A 1585 -47.21 5.28 -3.12
N GLY A 1586 -47.88 4.49 -2.27
CA GLY A 1586 -49.13 3.86 -2.62
C GLY A 1586 -49.11 2.34 -2.54
N LEU A 1587 -47.94 1.73 -2.52
CA LEU A 1587 -47.87 0.27 -2.39
C LEU A 1587 -48.17 -0.15 -0.95
N MET A 1588 -49.03 -1.16 -0.81
CA MET A 1588 -49.40 -1.72 0.49
C MET A 1588 -48.61 -3.01 0.69
N LEU A 1589 -47.58 -2.94 1.51
CA LEU A 1589 -46.70 -4.07 1.79
C LEU A 1589 -46.62 -4.30 3.30
N ASP A 1590 -46.67 -5.56 3.71
CA ASP A 1590 -46.53 -5.92 5.11
C ASP A 1590 -45.40 -6.90 5.39
N SER A 1591 -45.17 -7.86 4.49
CA SER A 1591 -44.18 -8.88 4.72
C SER A 1591 -42.77 -8.30 4.68
N HIS A 1592 -41.84 -8.98 5.36
CA HIS A 1592 -40.48 -8.48 5.46
C HIS A 1592 -39.77 -8.53 4.11
N GLU A 1593 -39.86 -9.65 3.40
CA GLU A 1593 -39.11 -9.79 2.16
C GLU A 1593 -39.67 -8.92 1.05
N GLU A 1594 -40.98 -8.70 1.03
CA GLU A 1594 -41.55 -7.79 0.04
C GLU A 1594 -41.00 -6.38 0.22
N LEU A 1595 -41.01 -5.88 1.45
CA LEU A 1595 -40.47 -4.55 1.72
C LEU A 1595 -38.98 -4.50 1.43
N TYR A 1596 -38.26 -5.57 1.75
CA TYR A 1596 -36.82 -5.58 1.47
C TYR A 1596 -36.55 -5.53 -0.03
N LYS A 1597 -37.32 -6.27 -0.82
CA LYS A 1597 -37.14 -6.22 -2.27
C LYS A 1597 -37.51 -4.86 -2.83
N TRP A 1598 -38.57 -4.25 -2.30
CA TRP A 1598 -38.93 -2.90 -2.73
C TRP A 1598 -37.82 -1.92 -2.41
N PHE A 1599 -37.23 -2.02 -1.21
CA PHE A 1599 -36.13 -1.15 -0.83
C PHE A 1599 -34.92 -1.37 -1.72
N THR A 1600 -34.61 -2.64 -2.04
CA THR A 1600 -33.49 -2.93 -2.92
C THR A 1600 -33.71 -2.33 -4.30
N SER A 1601 -34.93 -2.46 -4.83
CA SER A 1601 -35.22 -1.86 -6.13
C SER A 1601 -35.06 -0.35 -6.09
N GLN A 1602 -35.55 0.30 -5.03
CA GLN A 1602 -35.39 1.75 -4.91
C GLN A 1602 -33.92 2.14 -4.85
N VAL A 1603 -33.12 1.38 -4.10
CA VAL A 1603 -31.70 1.69 -4.01
C VAL A 1603 -31.02 1.54 -5.36
N ILE A 1604 -31.36 0.48 -6.09
CA ILE A 1604 -30.82 0.29 -7.43
C ILE A 1604 -31.19 1.46 -8.33
N ARG A 1605 -32.43 1.92 -8.23
CA ARG A 1605 -32.90 2.96 -9.13
C ARG A 1605 -32.31 4.33 -8.79
N ASN A 1606 -32.13 4.62 -7.50
CA ASN A 1606 -31.86 5.98 -7.04
C ASN A 1606 -30.60 6.04 -6.19
N LEU A 1607 -29.51 5.46 -6.68
CA LEU A 1607 -28.22 5.58 -6.00
C LEU A 1607 -27.12 5.32 -7.01
N HIS A 1608 -26.37 6.36 -7.35
CA HIS A 1608 -25.31 6.26 -8.35
C HIS A 1608 -23.96 6.50 -7.68
N VAL A 1609 -23.05 5.55 -7.85
CA VAL A 1609 -21.74 5.58 -7.21
C VAL A 1609 -20.69 5.97 -8.23
N VAL A 1610 -19.89 6.97 -7.89
CA VAL A 1610 -18.81 7.47 -8.75
C VAL A 1610 -17.50 7.20 -8.02
N PHE A 1611 -16.73 6.25 -8.54
CA PHE A 1611 -15.43 5.93 -7.96
C PHE A 1611 -14.33 6.63 -8.75
N THR A 1612 -13.61 7.54 -8.11
CA THR A 1612 -12.52 8.27 -8.74
C THR A 1612 -11.21 7.65 -8.30
N MET A 1613 -10.38 7.25 -9.25
CA MET A 1613 -9.16 6.53 -8.95
C MET A 1613 -8.03 7.08 -9.80
N ASN A 1614 -6.81 6.96 -9.30
CA ASN A 1614 -5.59 7.42 -9.95
C ASN A 1614 -5.03 6.35 -10.87
N PRO A 1615 -4.62 6.72 -12.10
CA PRO A 1615 -4.08 5.73 -13.05
C PRO A 1615 -2.71 5.20 -12.64
N SER A 1616 -2.71 4.32 -11.65
CA SER A 1616 -1.48 3.72 -11.14
C SER A 1616 -1.30 2.35 -11.79
N SER A 1617 -0.15 2.18 -12.45
CA SER A 1617 0.15 0.90 -13.08
C SER A 1617 0.30 -0.19 -12.02
N GLU A 1618 -0.14 -1.40 -12.37
CA GLU A 1618 -0.12 -2.56 -11.49
C GLU A 1618 -1.09 -2.39 -10.33
N GLY A 1619 -1.72 -1.22 -10.23
CA GLY A 1619 -2.85 -1.04 -9.33
C GLY A 1619 -4.18 -1.36 -9.97
N LEU A 1620 -4.26 -1.28 -11.30
CA LEU A 1620 -5.48 -1.64 -12.00
C LEU A 1620 -5.80 -3.12 -11.80
N LYS A 1621 -4.82 -4.00 -12.04
CA LYS A 1621 -5.04 -5.43 -11.88
C LYS A 1621 -5.35 -5.78 -10.44
N ASP A 1622 -4.64 -5.16 -9.50
CA ASP A 1622 -4.91 -5.43 -8.08
C ASP A 1622 -6.30 -4.98 -7.69
N ARG A 1623 -6.73 -3.82 -8.18
CA ARG A 1623 -8.07 -3.34 -7.85
C ARG A 1623 -9.14 -4.20 -8.50
N ALA A 1624 -8.87 -4.72 -9.69
CA ALA A 1624 -9.81 -5.65 -10.31
C ALA A 1624 -9.91 -6.93 -9.50
N ALA A 1625 -8.78 -7.45 -9.01
CA ALA A 1625 -8.79 -8.67 -8.21
C ALA A 1625 -9.54 -8.46 -6.90
N THR A 1626 -9.29 -7.33 -6.23
CA THR A 1626 -9.92 -7.12 -4.91
C THR A 1626 -11.38 -6.72 -5.03
N SER A 1627 -11.83 -6.27 -6.20
CA SER A 1627 -13.22 -5.91 -6.38
C SER A 1627 -13.58 -5.95 -7.86
N PRO A 1628 -14.07 -7.09 -8.37
CA PRO A 1628 -14.42 -7.17 -9.79
C PRO A 1628 -15.58 -6.29 -10.20
N ALA A 1629 -16.43 -5.86 -9.25
CA ALA A 1629 -17.58 -5.03 -9.62
C ALA A 1629 -17.15 -3.76 -10.32
N LEU A 1630 -16.07 -3.14 -9.84
CA LEU A 1630 -15.57 -1.91 -10.47
C LEU A 1630 -15.28 -2.14 -11.96
N PHE A 1631 -14.87 -3.35 -12.32
CA PHE A 1631 -14.57 -3.66 -13.70
C PHE A 1631 -15.70 -4.43 -14.38
N ASN A 1632 -16.80 -4.69 -13.68
CA ASN A 1632 -17.94 -5.38 -14.26
C ASN A 1632 -19.22 -4.56 -14.20
N ARG A 1633 -19.54 -3.98 -13.05
CA ARG A 1633 -20.77 -3.22 -12.86
C ARG A 1633 -20.53 -1.72 -12.92
N CYS A 1634 -19.35 -1.29 -13.36
CA CYS A 1634 -19.04 0.13 -13.45
C CYS A 1634 -18.47 0.43 -14.83
N VAL A 1635 -19.04 1.44 -15.48
CA VAL A 1635 -18.50 1.91 -16.75
C VAL A 1635 -17.25 2.73 -16.50
N LEU A 1636 -16.19 2.45 -17.25
CA LEU A 1636 -14.86 2.98 -16.99
C LEU A 1636 -14.58 4.14 -17.94
N ASN A 1637 -14.40 5.33 -17.38
CA ASN A 1637 -14.03 6.52 -18.15
C ASN A 1637 -12.59 6.88 -17.81
N TRP A 1638 -11.73 6.85 -18.82
CA TRP A 1638 -10.32 7.16 -18.64
C TRP A 1638 -10.10 8.64 -18.94
N PHE A 1639 -10.17 9.45 -17.88
CA PHE A 1639 -9.87 10.87 -18.02
C PHE A 1639 -8.42 11.09 -18.44
N GLY A 1640 -7.50 10.32 -17.86
CA GLY A 1640 -6.10 10.50 -18.18
C GLY A 1640 -5.59 11.83 -17.67
N ASP A 1641 -4.56 12.34 -18.33
CA ASP A 1641 -4.00 13.65 -18.02
C ASP A 1641 -4.37 14.62 -19.13
N TRP A 1642 -4.51 15.90 -18.78
CA TRP A 1642 -4.88 16.95 -19.76
C TRP A 1642 -3.95 16.87 -20.98
N SER A 1643 -4.52 16.79 -22.18
CA SER A 1643 -3.70 16.75 -23.42
C SER A 1643 -3.06 18.12 -23.67
N THR A 1644 -2.08 18.18 -24.58
CA THR A 1644 -1.46 19.49 -24.93
C THR A 1644 -2.56 20.44 -25.40
N GLU A 1645 -3.55 19.92 -26.14
CA GLU A 1645 -4.69 20.74 -26.62
C GLU A 1645 -5.42 21.36 -25.41
N ALA A 1646 -5.73 20.54 -24.40
CA ALA A 1646 -6.45 21.02 -23.20
C ALA A 1646 -5.61 22.09 -22.49
N LEU A 1647 -4.31 21.83 -22.31
CA LEU A 1647 -3.40 22.78 -21.61
C LEU A 1647 -3.34 24.09 -22.42
N TYR A 1648 -3.27 23.99 -23.74
CA TYR A 1648 -3.19 25.19 -24.61
C TYR A 1648 -4.48 26.00 -24.47
N GLN A 1649 -5.63 25.32 -24.48
CA GLN A 1649 -6.94 26.03 -24.40
C GLN A 1649 -7.05 26.76 -23.05
N VAL A 1650 -6.73 26.07 -21.95
CA VAL A 1650 -6.89 26.71 -20.60
C VAL A 1650 -5.89 27.89 -20.51
N GLY A 1651 -4.71 27.75 -21.11
CA GLY A 1651 -3.77 28.85 -21.08
C GLY A 1651 -4.30 30.07 -21.80
N LYS A 1652 -4.84 29.88 -23.00
CA LYS A 1652 -5.41 31.02 -23.73
C LYS A 1652 -6.59 31.60 -22.98
N GLU A 1653 -7.46 30.75 -22.44
CA GLU A 1653 -8.68 31.23 -21.79
C GLU A 1653 -8.34 32.09 -20.58
N PHE A 1654 -7.39 31.66 -19.75
CA PHE A 1654 -7.03 32.49 -18.60
C PHE A 1654 -6.19 33.69 -19.00
N THR A 1655 -5.28 33.54 -19.96
CA THR A 1655 -4.56 34.71 -20.45
C THR A 1655 -5.27 35.31 -21.66
N SER A 1656 -6.58 35.48 -21.54
CA SER A 1656 -7.35 36.31 -22.45
C SER A 1656 -7.45 37.76 -22.01
N LYS A 1657 -6.95 38.08 -20.80
CA LYS A 1657 -6.98 39.45 -20.33
C LYS A 1657 -5.62 40.11 -20.45
N MET A 1658 -4.55 39.32 -20.47
CA MET A 1658 -3.20 39.87 -20.53
C MET A 1658 -2.96 40.58 -21.85
N ASP A 1659 -2.18 41.65 -21.79
CA ASP A 1659 -1.81 42.42 -22.97
C ASP A 1659 -0.56 41.79 -23.58
N LEU A 1660 -0.75 40.65 -24.23
CA LEU A 1660 0.35 39.91 -24.84
C LEU A 1660 0.59 40.28 -26.30
N GLU A 1661 -0.22 41.17 -26.85
CA GLU A 1661 -0.12 41.51 -28.27
C GLU A 1661 1.16 42.28 -28.54
N LYS A 1662 1.93 41.83 -29.53
CA LYS A 1662 3.16 42.48 -29.94
C LYS A 1662 3.18 42.55 -31.46
N PRO A 1663 2.80 43.68 -32.05
CA PRO A 1663 2.71 43.73 -33.52
C PRO A 1663 4.02 43.47 -34.22
N ASN A 1664 5.14 43.88 -33.63
CA ASN A 1664 6.45 43.71 -34.25
C ASN A 1664 7.11 42.40 -33.86
N TYR A 1665 6.34 41.41 -33.41
CA TYR A 1665 6.90 40.12 -33.02
C TYR A 1665 7.38 39.38 -34.27
N ILE A 1666 8.68 39.30 -34.43
CA ILE A 1666 9.27 38.64 -35.60
C ILE A 1666 9.22 37.14 -35.39
N VAL A 1667 8.59 36.42 -36.32
CA VAL A 1667 8.49 34.97 -36.25
C VAL A 1667 9.85 34.37 -36.59
N PRO A 1668 10.37 33.47 -35.76
CA PRO A 1668 11.71 32.92 -36.03
C PRO A 1668 11.70 31.97 -37.21
N ASP A 1669 12.91 31.71 -37.72
CA ASP A 1669 13.06 30.72 -38.80
C ASP A 1669 12.64 29.34 -38.33
N TYR A 1670 13.02 28.96 -37.12
CA TYR A 1670 12.58 27.72 -36.50
C TYR A 1670 11.79 28.05 -35.24
N MET A 1671 10.69 27.35 -35.03
CA MET A 1671 9.89 27.50 -33.82
C MET A 1671 9.67 26.11 -33.24
N PRO A 1672 9.88 25.91 -31.95
CA PRO A 1672 9.62 24.60 -31.37
C PRO A 1672 8.14 24.37 -31.15
N VAL A 1673 7.54 23.55 -32.01
CA VAL A 1673 6.10 23.33 -31.99
C VAL A 1673 5.80 22.29 -30.92
N VAL A 1674 4.95 22.68 -29.97
CA VAL A 1674 4.53 21.74 -28.89
C VAL A 1674 3.04 21.47 -29.08
N TYR A 1675 2.25 22.53 -29.27
CA TYR A 1675 0.79 22.36 -29.55
C TYR A 1675 0.63 21.76 -30.94
N ASP A 1676 -0.15 20.67 -31.05
CA ASP A 1676 -0.31 19.98 -32.37
C ASP A 1676 -0.93 20.91 -33.41
N LYS A 1677 -1.91 21.74 -33.02
CA LYS A 1677 -2.62 22.60 -34.01
C LYS A 1677 -2.14 24.05 -33.90
N LEU A 1678 -0.86 24.27 -33.64
CA LEU A 1678 -0.33 25.63 -33.56
C LEU A 1678 -0.30 26.26 -34.95
N PRO A 1679 -0.91 27.42 -35.15
CA PRO A 1679 -0.80 28.10 -36.44
C PRO A 1679 0.66 28.46 -36.72
N GLN A 1680 1.13 28.08 -37.91
CA GLN A 1680 2.55 28.24 -38.22
C GLN A 1680 2.97 29.71 -38.33
N PRO A 1681 2.13 30.65 -38.76
CA PRO A 1681 2.43 32.06 -38.52
C PRO A 1681 1.72 32.59 -37.27
N PRO A 1682 2.17 32.23 -36.07
CA PRO A 1682 1.43 32.60 -34.88
C PRO A 1682 1.76 34.02 -34.42
N SER A 1683 0.79 34.63 -33.73
CA SER A 1683 1.03 35.92 -33.12
C SER A 1683 1.76 35.73 -31.79
N HIS A 1684 2.00 36.84 -31.09
CA HIS A 1684 2.76 36.79 -29.84
C HIS A 1684 2.04 35.96 -28.79
N ARG A 1685 0.72 36.10 -28.68
CA ARG A 1685 -0.04 35.34 -27.70
C ARG A 1685 0.06 33.84 -27.96
N GLU A 1686 -0.04 33.44 -29.23
CA GLU A 1686 0.04 32.03 -29.58
C GLU A 1686 1.43 31.45 -29.43
N ALA A 1687 2.45 32.28 -29.25
CA ALA A 1687 3.77 31.80 -28.86
C ALA A 1687 3.96 31.77 -27.35
N ILE A 1688 3.39 32.74 -26.64
CA ILE A 1688 3.46 32.73 -25.18
C ILE A 1688 2.74 31.52 -24.62
N VAL A 1689 1.53 31.23 -25.10
CA VAL A 1689 0.81 30.07 -24.60
C VAL A 1689 1.51 28.78 -24.98
N ASN A 1690 2.12 28.77 -26.18
CA ASN A 1690 2.90 27.60 -26.58
C ASN A 1690 4.08 27.37 -25.63
N SER A 1691 4.77 28.44 -25.23
CA SER A 1691 5.87 28.27 -24.29
C SER A 1691 5.36 27.87 -22.91
N CYS A 1692 4.16 28.32 -22.54
CA CYS A 1692 3.59 27.89 -21.26
C CYS A 1692 3.35 26.39 -21.24
N VAL A 1693 2.71 25.88 -22.30
CA VAL A 1693 2.49 24.44 -22.34
C VAL A 1693 3.82 23.71 -22.46
N PHE A 1694 4.82 24.31 -23.11
CA PHE A 1694 6.13 23.69 -23.15
C PHE A 1694 6.74 23.57 -21.76
N VAL A 1695 6.59 24.60 -20.93
CA VAL A 1695 7.10 24.54 -19.57
C VAL A 1695 6.41 23.43 -18.79
N HIS A 1696 5.09 23.33 -18.94
CA HIS A 1696 4.38 22.29 -18.21
C HIS A 1696 4.83 20.90 -18.67
N GLN A 1697 5.07 20.73 -19.97
CA GLN A 1697 5.64 19.48 -20.45
C GLN A 1697 7.07 19.27 -19.98
N THR A 1698 7.79 20.36 -19.71
CA THR A 1698 9.16 20.24 -19.23
C THR A 1698 9.21 19.70 -17.81
N LEU A 1699 8.23 20.06 -16.99
CA LEU A 1699 8.16 19.49 -15.63
C LEU A 1699 8.10 17.97 -15.67
N HIS A 1700 7.36 17.40 -16.62
CA HIS A 1700 7.26 15.94 -16.69
C HIS A 1700 8.62 15.31 -17.00
N GLN A 1701 9.36 15.89 -17.95
CA GLN A 1701 10.69 15.38 -18.27
C GLN A 1701 11.62 15.51 -17.08
N ALA A 1702 11.53 16.62 -16.35
CA ALA A 1702 12.36 16.79 -15.16
C ALA A 1702 12.03 15.74 -14.11
N ASN A 1703 10.74 15.47 -13.89
CA ASN A 1703 10.35 14.44 -12.94
C ASN A 1703 10.90 13.07 -13.37
N ALA A 1704 10.82 12.77 -14.67
CA ALA A 1704 11.35 11.51 -15.16
C ALA A 1704 12.85 11.42 -14.94
N ARG A 1705 13.58 12.49 -15.21
CA ARG A 1705 15.03 12.49 -15.00
C ARG A 1705 15.37 12.30 -13.53
N LEU A 1706 14.62 12.96 -12.63
CA LEU A 1706 14.88 12.80 -11.20
C LEU A 1706 14.58 11.36 -10.76
N ALA A 1707 13.50 10.77 -11.29
CA ALA A 1707 13.15 9.41 -10.92
C ALA A 1707 14.19 8.41 -11.40
N LYS A 1708 14.70 8.60 -12.62
CA LYS A 1708 15.64 7.62 -13.17
C LYS A 1708 16.93 7.57 -12.36
N ARG A 1709 17.46 8.73 -11.95
CA ARG A 1709 18.67 8.81 -11.14
C ARG A 1709 18.38 9.75 -9.97
N GLY A 1710 17.89 9.20 -8.88
CA GLY A 1710 17.60 9.99 -7.71
C GLY A 1710 16.50 9.36 -6.87
N GLY A 1711 15.89 10.18 -6.03
CA GLY A 1711 14.89 9.72 -5.10
C GLY A 1711 13.46 10.05 -5.49
N ARG A 1712 12.65 10.44 -4.51
CA ARG A 1712 11.23 10.63 -4.75
C ARG A 1712 10.97 11.80 -5.67
N THR A 1713 9.94 11.66 -6.51
CA THR A 1713 9.48 12.73 -7.38
C THR A 1713 8.01 13.00 -7.07
N MET A 1714 7.64 14.27 -7.01
CA MET A 1714 6.26 14.62 -6.73
C MET A 1714 5.50 14.73 -8.05
N ALA A 1715 4.28 14.22 -8.05
CA ALA A 1715 3.50 14.15 -9.28
C ALA A 1715 3.05 15.53 -9.74
N ILE A 1716 3.09 15.74 -11.05
CA ILE A 1716 2.64 16.98 -11.66
C ILE A 1716 1.17 16.83 -12.04
N THR A 1717 0.35 17.79 -11.63
CA THR A 1717 -1.08 17.76 -11.83
C THR A 1717 -1.52 19.02 -12.56
N PRO A 1718 -2.71 19.00 -13.16
CA PRO A 1718 -3.24 20.23 -13.78
C PRO A 1718 -3.41 21.38 -12.79
N ARG A 1719 -3.58 21.10 -11.50
CA ARG A 1719 -3.64 22.19 -10.54
C ARG A 1719 -2.35 22.99 -10.53
N HIS A 1720 -1.21 22.34 -10.77
CA HIS A 1720 0.03 23.07 -10.89
C HIS A 1720 0.00 24.03 -12.08
N TYR A 1721 -0.55 23.59 -13.20
CA TYR A 1721 -0.67 24.48 -14.35
C TYR A 1721 -1.61 25.64 -14.05
N LEU A 1722 -2.70 25.37 -13.34
CA LEU A 1722 -3.61 26.44 -12.97
C LEU A 1722 -2.92 27.46 -12.07
N ASP A 1723 -2.13 26.99 -11.11
CA ASP A 1723 -1.38 27.92 -10.26
C ASP A 1723 -0.34 28.69 -11.07
N PHE A 1724 0.30 28.03 -12.02
CA PHE A 1724 1.29 28.71 -12.86
C PHE A 1724 0.62 29.84 -13.64
N ILE A 1725 -0.55 29.57 -14.21
CA ILE A 1725 -1.23 30.60 -15.00
C ILE A 1725 -1.74 31.72 -14.10
N ASN A 1726 -2.28 31.38 -12.93
CA ASN A 1726 -2.73 32.42 -12.01
C ASN A 1726 -1.57 33.30 -11.56
N HIS A 1727 -0.43 32.68 -11.26
CA HIS A 1727 0.75 33.45 -10.88
C HIS A 1727 1.22 34.32 -12.03
N TYR A 1728 1.19 33.79 -13.26
CA TYR A 1728 1.62 34.57 -14.41
C TYR A 1728 0.74 35.81 -14.58
N ALA A 1729 -0.57 35.62 -14.48
CA ALA A 1729 -1.50 36.75 -14.63
C ALA A 1729 -1.31 37.77 -13.51
N ASN A 1730 -1.27 37.31 -12.27
CA ASN A 1730 -1.15 38.23 -11.13
C ASN A 1730 0.17 38.99 -11.20
N LEU A 1731 1.26 38.28 -11.51
CA LEU A 1731 2.57 38.91 -11.61
C LEU A 1731 2.61 39.91 -12.76
N PHE A 1732 1.94 39.59 -13.86
CA PHE A 1732 1.89 40.53 -14.97
C PHE A 1732 1.18 41.81 -14.56
N HIS A 1733 -0.01 41.70 -13.96
CA HIS A 1733 -0.70 42.90 -13.51
C HIS A 1733 0.14 43.69 -12.53
N GLU A 1734 0.76 43.03 -11.57
CA GLU A 1734 1.52 43.74 -10.55
C GLU A 1734 2.74 44.44 -11.14
N LYS A 1735 3.54 43.73 -11.92
CA LYS A 1735 4.73 44.33 -12.51
C LYS A 1735 4.37 45.46 -13.46
N ARG A 1736 3.34 45.26 -14.29
CA ARG A 1736 2.93 46.32 -15.21
C ARG A 1736 2.46 47.55 -14.44
N SER A 1737 1.66 47.35 -13.39
CA SER A 1737 1.18 48.49 -12.62
C SER A 1737 2.33 49.24 -11.96
N GLU A 1738 3.29 48.50 -11.39
CA GLU A 1738 4.41 49.15 -10.74
C GLU A 1738 5.25 49.95 -11.74
N LEU A 1739 5.53 49.36 -12.91
CA LEU A 1739 6.34 50.05 -13.89
C LEU A 1739 5.62 51.28 -14.43
N GLU A 1740 4.32 51.17 -14.69
CA GLU A 1740 3.56 52.31 -15.19
C GLU A 1740 3.51 53.43 -14.16
N GLU A 1741 3.29 53.09 -12.89
CA GLU A 1741 3.26 54.12 -11.85
C GLU A 1741 4.63 54.78 -11.69
N GLN A 1742 5.70 53.99 -11.76
CA GLN A 1742 7.04 54.54 -11.67
C GLN A 1742 7.30 55.50 -12.82
N GLN A 1743 6.89 55.12 -14.04
CA GLN A 1743 7.09 56.00 -15.18
C GLN A 1743 6.27 57.28 -15.06
N MET A 1744 5.05 57.17 -14.53
CA MET A 1744 4.22 58.35 -14.33
C MET A 1744 4.89 59.32 -13.36
N HIS A 1745 5.37 58.80 -12.22
CA HIS A 1745 6.04 59.65 -11.25
C HIS A 1745 7.30 60.26 -11.83
N LEU A 1746 8.07 59.47 -12.58
CA LEU A 1746 9.29 59.99 -13.18
C LEU A 1746 8.99 61.10 -14.18
N ASN A 1747 7.96 60.91 -15.00
CA ASN A 1747 7.62 61.91 -16.01
C ASN A 1747 7.13 63.20 -15.36
N VAL A 1748 6.27 63.11 -14.34
CA VAL A 1748 5.77 64.33 -13.71
C VAL A 1748 6.91 65.05 -12.98
N GLY A 1749 7.80 64.29 -12.35
CA GLY A 1749 8.96 64.92 -11.72
C GLY A 1749 9.84 65.62 -12.73
N LEU A 1750 10.09 64.98 -13.87
CA LEU A 1750 10.93 65.61 -14.89
C LEU A 1750 10.26 66.84 -15.48
N ARG A 1751 8.93 66.83 -15.62
CA ARG A 1751 8.22 68.01 -16.08
C ARG A 1751 8.36 69.16 -15.08
N LYS A 1752 8.25 68.84 -13.79
CA LYS A 1752 8.46 69.88 -12.78
C LYS A 1752 9.89 70.40 -12.80
N ILE A 1753 10.87 69.54 -13.08
CA ILE A 1753 12.25 70.00 -13.20
C ILE A 1753 12.42 70.91 -14.41
N LYS A 1754 11.74 70.61 -15.52
CA LYS A 1754 11.78 71.50 -16.67
C LYS A 1754 11.15 72.84 -16.34
N GLU A 1755 10.06 72.84 -15.58
CA GLU A 1755 9.45 74.09 -15.14
C GLU A 1755 10.40 74.88 -14.24
N THR A 1756 11.15 74.18 -13.39
CA THR A 1756 12.16 74.82 -12.55
C THR A 1756 13.25 75.44 -13.41
N VAL A 1757 13.66 74.74 -14.47
CA VAL A 1757 14.68 75.27 -15.38
C VAL A 1757 14.16 76.54 -16.06
N ASP A 1758 12.89 76.51 -16.49
CA ASP A 1758 12.26 77.71 -17.02
C ASP A 1758 12.33 78.85 -16.02
N GLN A 1759 11.99 78.57 -14.75
CA GLN A 1759 12.04 79.59 -13.71
C GLN A 1759 13.43 80.18 -13.58
N VAL A 1760 14.44 79.33 -13.41
CA VAL A 1760 15.78 79.84 -13.14
C VAL A 1760 16.33 80.58 -14.34
N GLU A 1761 15.99 80.14 -15.55
CA GLU A 1761 16.48 80.81 -16.74
C GLU A 1761 15.81 82.17 -16.92
N GLU A 1762 14.52 82.27 -16.59
CA GLU A 1762 13.85 83.55 -16.79
C GLU A 1762 14.16 84.53 -15.65
N LEU A 1763 14.59 84.02 -14.49
CA LEU A 1763 15.17 84.92 -13.49
C LEU A 1763 16.57 85.37 -13.89
N ARG A 1764 17.39 84.45 -14.44
CA ARG A 1764 18.75 84.82 -14.81
C ARG A 1764 18.78 85.82 -15.95
N ARG A 1765 17.87 85.70 -16.92
CA ARG A 1765 17.84 86.63 -18.04
C ARG A 1765 17.30 87.98 -17.60
N LYS A 1949 20.11 84.33 -4.11
CA LYS A 1949 18.81 83.87 -4.58
C LYS A 1949 18.95 83.18 -5.93
N VAL A 1950 20.09 83.38 -6.58
CA VAL A 1950 20.38 82.77 -7.87
C VAL A 1950 21.42 81.67 -7.69
N ASN A 1951 22.37 81.88 -6.78
CA ASN A 1951 23.42 80.90 -6.55
C ASN A 1951 22.82 79.58 -6.04
N ARG A 1952 21.87 79.66 -5.12
CA ARG A 1952 21.22 78.45 -4.64
C ARG A 1952 20.44 77.78 -5.76
N SER A 1953 19.82 78.57 -6.64
CA SER A 1953 19.10 78.00 -7.77
C SER A 1953 20.01 77.22 -8.69
N THR A 1954 21.17 77.79 -9.04
CA THR A 1954 22.11 77.09 -9.90
C THR A 1954 22.70 75.86 -9.21
N ALA A 1955 22.98 75.98 -7.91
CA ALA A 1955 23.53 74.85 -7.18
C ALA A 1955 22.54 73.68 -7.15
N LEU A 1956 21.27 73.96 -6.84
CA LEU A 1956 20.28 72.91 -6.85
C LEU A 1956 20.04 72.38 -8.27
N LEU A 1957 20.17 73.25 -9.27
CA LEU A 1957 20.04 72.79 -10.65
C LEU A 1957 21.12 71.76 -10.98
N LYS A 1958 22.37 72.05 -10.63
CA LYS A 1958 23.45 71.11 -10.93
C LYS A 1958 23.27 69.82 -10.13
N SER A 1959 22.98 69.94 -8.83
CA SER A 1959 22.82 68.76 -7.99
C SER A 1959 21.68 67.88 -8.47
N LEU A 1960 20.58 68.51 -8.91
CA LEU A 1960 19.44 67.75 -9.41
C LEU A 1960 19.69 67.17 -10.79
N SER A 1961 20.45 67.86 -11.65
CA SER A 1961 20.80 67.30 -12.94
C SER A 1961 21.68 66.06 -12.78
N ALA A 1962 22.48 66.03 -11.71
CA ALA A 1962 23.27 64.84 -11.41
C ALA A 1962 22.38 63.60 -11.31
N GLU A 1963 21.13 63.77 -10.91
CA GLU A 1963 20.16 62.68 -10.91
C GLU A 1963 19.31 62.67 -12.18
N ARG A 1964 19.11 63.83 -12.80
CA ARG A 1964 18.31 63.89 -14.01
C ARG A 1964 18.91 63.07 -15.13
N GLU A 1965 20.24 62.93 -15.14
CA GLU A 1965 20.86 62.10 -16.16
C GLU A 1965 20.34 60.67 -16.08
N ARG A 1966 20.34 60.09 -14.87
CA ARG A 1966 19.85 58.72 -14.73
C ARG A 1966 18.34 58.65 -14.83
N TRP A 1967 17.64 59.72 -14.47
CA TRP A 1967 16.19 59.73 -14.66
C TRP A 1967 15.84 59.64 -16.14
N GLU A 1968 16.56 60.40 -16.97
CA GLU A 1968 16.33 60.33 -18.41
C GLU A 1968 16.75 58.98 -18.97
N LYS A 1969 17.84 58.39 -18.45
CA LYS A 1969 18.18 57.03 -18.86
C LYS A 1969 17.04 56.06 -18.56
N THR A 1970 16.48 56.13 -17.35
CA THR A 1970 15.39 55.24 -16.97
C THR A 1970 14.14 55.48 -17.80
N SER A 1971 13.82 56.75 -18.08
CA SER A 1971 12.66 57.05 -18.90
C SER A 1971 12.84 56.50 -20.32
N GLU A 1972 14.06 56.62 -20.87
CA GLU A 1972 14.33 56.04 -22.18
C GLU A 1972 14.19 54.52 -22.15
N THR A 1973 14.70 53.88 -21.10
CA THR A 1973 14.64 52.42 -21.03
C THR A 1973 13.28 51.90 -20.56
N PHE A 1974 12.34 52.79 -20.23
CA PHE A 1974 11.00 52.36 -19.88
C PHE A 1974 10.38 51.50 -20.98
N LYS A 1975 10.56 51.92 -22.24
CA LYS A 1975 10.00 51.14 -23.34
C LYS A 1975 10.63 49.75 -23.41
N ASN A 1976 11.94 49.67 -23.21
CA ASN A 1976 12.62 48.38 -23.22
C ASN A 1976 12.11 47.49 -22.08
N GLN A 1977 11.93 48.05 -20.89
CA GLN A 1977 11.43 47.28 -19.77
C GLN A 1977 10.01 46.78 -20.03
N MET A 1978 9.17 47.63 -20.61
CA MET A 1978 7.82 47.21 -20.98
C MET A 1978 7.85 46.12 -22.04
N SER A 1979 8.84 46.17 -22.93
CA SER A 1979 8.93 45.16 -23.98
C SER A 1979 9.18 43.77 -23.40
N THR A 1980 10.05 43.67 -22.40
CA THR A 1980 10.49 42.39 -21.87
C THR A 1980 9.74 41.98 -20.61
N ILE A 1981 8.57 42.59 -20.34
CA ILE A 1981 7.79 42.23 -19.16
C ILE A 1981 7.04 40.92 -19.35
N ALA A 1982 6.89 40.44 -20.58
CA ALA A 1982 6.17 39.21 -20.83
C ALA A 1982 7.00 37.97 -20.50
N GLY A 1983 8.22 37.88 -21.05
CA GLY A 1983 9.05 36.73 -20.78
C GLY A 1983 9.50 36.64 -19.33
N ASP A 1984 9.81 37.79 -18.72
CA ASP A 1984 10.27 37.80 -17.33
C ASP A 1984 9.17 37.32 -16.39
N CYS A 1985 7.94 37.82 -16.57
CA CYS A 1985 6.85 37.37 -15.72
C CYS A 1985 6.58 35.88 -15.94
N LEU A 1986 6.69 35.42 -17.18
CA LEU A 1986 6.51 34.00 -17.47
C LEU A 1986 7.53 33.15 -16.71
N LEU A 1987 8.82 33.52 -16.81
CA LEU A 1987 9.86 32.75 -16.16
C LEU A 1987 9.71 32.78 -14.65
N SER A 1988 9.38 33.95 -14.10
CA SER A 1988 9.22 34.08 -12.65
C SER A 1988 8.04 33.25 -12.15
N ALA A 1989 6.91 33.30 -12.86
CA ALA A 1989 5.77 32.50 -12.47
C ALA A 1989 6.06 31.01 -12.56
N ALA A 1990 6.73 30.59 -13.64
CA ALA A 1990 7.08 29.19 -13.78
C ALA A 1990 8.01 28.75 -12.66
N PHE A 1991 8.93 29.62 -12.25
CA PHE A 1991 9.82 29.25 -11.15
C PHE A 1991 9.07 29.16 -9.83
N ILE A 1992 8.26 30.16 -9.49
CA ILE A 1992 7.60 30.17 -8.19
C ILE A 1992 6.38 29.25 -8.14
N ALA A 1993 6.01 28.63 -9.26
CA ALA A 1993 4.88 27.72 -9.28
C ALA A 1993 5.26 26.26 -9.45
N TYR A 1994 6.40 25.96 -10.05
CA TYR A 1994 6.81 24.59 -10.33
C TYR A 1994 8.04 24.17 -9.54
N ALA A 1995 9.14 24.91 -9.65
CA ALA A 1995 10.41 24.50 -9.06
C ALA A 1995 10.44 24.87 -7.57
N GLY A 1996 9.40 24.43 -6.87
CA GLY A 1996 9.32 24.66 -5.45
C GLY A 1996 9.74 23.45 -4.64
N TYR A 1997 9.94 22.33 -5.31
CA TYR A 1997 10.31 21.09 -4.66
C TYR A 1997 11.75 20.68 -4.93
N PHE A 1998 12.35 21.17 -6.00
CA PHE A 1998 13.60 20.62 -6.46
C PHE A 1998 14.78 21.30 -5.77
N ASP A 1999 15.94 20.66 -5.87
CA ASP A 1999 17.16 21.22 -5.32
C ASP A 1999 17.73 22.28 -6.26
N GLN A 2000 18.84 22.89 -5.85
CA GLN A 2000 19.36 24.04 -6.59
C GLN A 2000 19.77 23.66 -8.00
N GLN A 2001 20.42 22.51 -8.17
CA GLN A 2001 20.90 22.12 -9.50
C GLN A 2001 19.73 21.93 -10.45
N MET A 2002 18.67 21.25 -9.99
CA MET A 2002 17.52 21.01 -10.86
C MET A 2002 16.77 22.31 -11.13
N ARG A 2003 16.66 23.19 -10.13
CA ARG A 2003 16.02 24.48 -10.37
C ARG A 2003 16.76 25.27 -11.44
N GLN A 2004 18.09 25.31 -11.35
CA GLN A 2004 18.88 26.03 -12.34
C GLN A 2004 18.75 25.39 -13.71
N ASN A 2005 18.75 24.07 -13.78
CA ASN A 2005 18.60 23.39 -15.07
C ASN A 2005 17.24 23.69 -15.69
N LEU A 2006 16.17 23.64 -14.90
CA LEU A 2006 14.84 23.96 -15.41
C LEU A 2006 14.77 25.39 -15.91
N PHE A 2007 15.30 26.33 -15.14
CA PHE A 2007 15.27 27.72 -15.56
C PHE A 2007 16.08 27.95 -16.82
N THR A 2008 17.24 27.28 -16.92
CA THR A 2008 18.06 27.40 -18.13
C THR A 2008 17.33 26.85 -19.34
N THR A 2009 16.66 25.70 -19.19
CA THR A 2009 15.92 25.14 -20.32
C THR A 2009 14.77 26.06 -20.74
N TRP A 2010 14.04 26.61 -19.76
CA TRP A 2010 12.97 27.54 -20.10
C TRP A 2010 13.51 28.77 -20.82
N SER A 2011 14.64 29.30 -20.35
CA SER A 2011 15.24 30.46 -20.99
C SER A 2011 15.69 30.15 -22.40
N HIS A 2012 16.28 28.98 -22.61
CA HIS A 2012 16.71 28.59 -23.94
C HIS A 2012 15.52 28.49 -24.89
N HIS A 2013 14.43 27.88 -24.42
CA HIS A 2013 13.25 27.78 -25.27
C HIS A 2013 12.67 29.16 -25.59
N LEU A 2014 12.58 30.03 -24.58
CA LEU A 2014 12.05 31.37 -24.84
C LEU A 2014 12.92 32.14 -25.82
N GLN A 2015 14.25 31.98 -25.72
CA GLN A 2015 15.13 32.60 -26.68
C GLN A 2015 14.92 32.02 -28.08
N GLN A 2016 14.60 30.72 -28.16
CA GLN A 2016 14.30 30.11 -29.45
C GLN A 2016 13.06 30.75 -30.07
N ALA A 2017 12.04 31.02 -29.26
CA ALA A 2017 10.80 31.61 -29.75
C ALA A 2017 10.87 33.13 -29.84
N ASN A 2018 12.06 33.72 -29.66
CA ASN A 2018 12.24 35.16 -29.75
C ASN A 2018 11.31 35.91 -28.79
N ILE A 2019 11.10 35.35 -27.61
CA ILE A 2019 10.31 36.01 -26.59
C ILE A 2019 11.22 36.91 -25.77
N GLN A 2020 10.83 38.17 -25.61
CA GLN A 2020 11.66 39.14 -24.91
C GLN A 2020 11.63 38.90 -23.41
N PHE A 2021 12.81 38.87 -22.79
CA PHE A 2021 12.94 38.74 -21.36
C PHE A 2021 14.29 39.30 -20.95
N ARG A 2022 14.30 40.09 -19.88
CA ARG A 2022 15.51 40.75 -19.42
C ARG A 2022 16.43 39.72 -18.78
N THR A 2023 17.50 39.37 -19.49
CA THR A 2023 18.49 38.44 -18.96
C THR A 2023 19.37 39.16 -17.95
N ASP A 2024 20.29 38.39 -17.34
CA ASP A 2024 21.24 38.90 -16.36
C ASP A 2024 20.55 39.55 -15.16
N ILE A 2025 19.37 39.08 -14.81
CA ILE A 2025 18.65 39.56 -13.63
C ILE A 2025 18.23 38.34 -12.82
N ALA A 2026 18.68 38.29 -11.57
CA ALA A 2026 18.37 37.15 -10.71
C ALA A 2026 16.88 37.11 -10.40
N ARG A 2027 16.34 35.89 -10.33
CA ARG A 2027 14.92 35.73 -10.05
C ARG A 2027 14.55 36.28 -8.67
N THR A 2028 15.41 36.02 -7.67
CA THR A 2028 15.08 36.43 -6.31
C THR A 2028 15.00 37.96 -6.19
N GLU A 2029 15.87 38.69 -6.87
CA GLU A 2029 15.80 40.14 -6.81
C GLU A 2029 14.55 40.66 -7.53
N TYR A 2030 14.21 40.04 -8.66
CA TYR A 2030 13.04 40.50 -9.41
C TYR A 2030 11.75 40.25 -8.65
N LEU A 2031 11.61 39.08 -8.03
CA LEU A 2031 10.37 38.77 -7.32
C LEU A 2031 10.21 39.63 -6.08
N SER A 2032 11.28 39.82 -5.31
CA SER A 2032 11.21 40.47 -4.01
C SER A 2032 12.19 41.63 -3.96
N ASN A 2033 11.71 42.79 -3.51
CA ASN A 2033 12.58 43.93 -3.32
C ASN A 2033 13.41 43.76 -2.05
N ALA A 2034 14.31 44.72 -1.82
CA ALA A 2034 15.15 44.68 -0.64
C ALA A 2034 14.38 45.06 0.63
N ASP A 2035 13.25 45.75 0.50
CA ASP A 2035 12.51 46.20 1.68
C ASP A 2035 12.05 45.01 2.51
N GLU A 2036 11.37 44.04 1.88
CA GLU A 2036 10.94 42.86 2.62
C GLU A 2036 12.08 41.88 2.85
N ARG A 2037 13.13 41.93 2.03
CA ARG A 2037 14.29 41.08 2.29
C ARG A 2037 14.97 41.46 3.59
N LEU A 2038 15.02 42.75 3.91
CA LEU A 2038 15.55 43.17 5.21
C LEU A 2038 14.71 42.60 6.35
N ARG A 2039 13.39 42.66 6.23
CA ARG A 2039 12.53 42.09 7.28
C ARG A 2039 12.74 40.60 7.40
N TRP A 2040 12.89 39.90 6.27
CA TRP A 2040 13.11 38.47 6.32
C TRP A 2040 14.43 38.13 6.99
N GLN A 2041 15.52 38.82 6.60
CA GLN A 2041 16.81 38.54 7.21
C GLN A 2041 16.81 38.86 8.69
N ALA A 2042 16.14 39.95 9.08
CA ALA A 2042 15.97 40.24 10.49
C ALA A 2042 15.03 39.27 11.18
N SER A 2043 14.20 38.55 10.42
CA SER A 2043 13.28 37.57 10.96
C SER A 2043 13.86 36.17 11.01
N SER A 2044 15.18 36.05 11.16
CA SER A 2044 15.86 34.76 11.27
C SER A 2044 15.67 33.92 10.02
N LEU A 2045 16.16 34.43 8.90
CA LEU A 2045 16.17 33.72 7.64
C LEU A 2045 17.58 33.75 7.06
N PRO A 2046 18.14 32.61 6.67
CA PRO A 2046 19.50 32.59 6.13
C PRO A 2046 19.62 33.45 4.88
N ALA A 2047 20.75 34.14 4.77
CA ALA A 2047 20.96 35.10 3.68
C ALA A 2047 21.58 34.38 2.49
N ASP A 2048 20.74 33.63 1.78
CA ASP A 2048 21.19 32.90 0.61
C ASP A 2048 20.08 32.90 -0.43
N ASP A 2049 20.44 32.50 -1.65
CA ASP A 2049 19.49 32.52 -2.76
C ASP A 2049 18.30 31.60 -2.50
N LEU A 2050 18.56 30.36 -2.11
CA LEU A 2050 17.49 29.38 -1.97
C LEU A 2050 16.49 29.78 -0.90
N CYS A 2051 16.98 30.26 0.24
CA CYS A 2051 16.07 30.65 1.31
C CYS A 2051 15.25 31.87 0.90
N THR A 2052 15.85 32.81 0.16
CA THR A 2052 15.09 33.95 -0.33
C THR A 2052 13.99 33.49 -1.28
N GLU A 2053 14.31 32.58 -2.19
CA GLU A 2053 13.29 32.07 -3.11
C GLU A 2053 12.18 31.35 -2.37
N ASN A 2054 12.54 30.56 -1.35
CA ASN A 2054 11.53 29.86 -0.57
C ASN A 2054 10.63 30.83 0.17
N ALA A 2055 11.21 31.91 0.71
CA ALA A 2055 10.39 32.94 1.35
C ALA A 2055 9.46 33.59 0.33
N ILE A 2056 9.95 33.83 -0.88
CA ILE A 2056 9.11 34.37 -1.94
C ILE A 2056 7.93 33.45 -2.20
N MET A 2057 8.20 32.15 -2.30
CA MET A 2057 7.14 31.18 -2.53
C MET A 2057 6.15 31.18 -1.38
N LEU A 2058 6.64 31.31 -0.14
CA LEU A 2058 5.76 31.45 1.01
C LEU A 2058 4.92 32.71 0.95
N LYS A 2059 5.41 33.76 0.29
CA LYS A 2059 4.69 35.02 0.21
C LYS A 2059 3.60 34.98 -0.86
N ARG A 2060 3.98 34.66 -2.10
CA ARG A 2060 3.03 34.55 -3.20
C ARG A 2060 2.63 33.09 -3.37
N PHE A 2061 1.42 32.75 -2.95
CA PHE A 2061 0.96 31.37 -3.02
C PHE A 2061 -0.54 31.34 -3.26
N ASN A 2062 -0.99 30.37 -4.04
CA ASN A 2062 -2.42 30.12 -4.24
C ASN A 2062 -2.92 28.99 -3.36
N ARG A 2063 -2.35 27.81 -3.51
CA ARG A 2063 -2.61 26.71 -2.58
C ARG A 2063 -1.70 26.87 -1.37
N TYR A 2064 -2.21 26.51 -0.21
CA TYR A 2064 -1.48 26.74 1.03
C TYR A 2064 -0.17 25.95 1.03
N PRO A 2065 0.91 26.49 1.59
CA PRO A 2065 2.22 25.87 1.41
C PRO A 2065 2.43 24.63 2.26
N LEU A 2066 3.45 23.88 1.88
CA LEU A 2066 3.97 22.76 2.66
C LEU A 2066 5.48 22.88 2.71
N ILE A 2067 6.01 23.00 3.92
CA ILE A 2067 7.43 23.25 4.13
C ILE A 2067 8.11 21.93 4.43
N ILE A 2068 9.12 21.58 3.64
CA ILE A 2068 9.84 20.32 3.79
C ILE A 2068 11.27 20.70 4.15
N ASP A 2069 11.55 20.82 5.44
CA ASP A 2069 12.86 21.28 5.90
C ASP A 2069 13.45 20.30 6.89
N PRO A 2070 14.65 19.76 6.62
CA PRO A 2070 15.32 18.97 7.67
C PRO A 2070 15.56 19.78 8.94
N SER A 2071 16.30 20.88 8.84
CA SER A 2071 16.43 21.78 9.96
C SER A 2071 15.12 22.55 10.16
N GLY A 2072 15.00 23.19 11.31
CA GLY A 2072 13.76 23.86 11.65
C GLY A 2072 13.68 25.32 11.28
N GLN A 2073 14.61 25.84 10.48
CA GLN A 2073 14.76 27.28 10.30
C GLN A 2073 13.49 27.92 9.77
N ALA A 2074 12.86 27.30 8.78
CA ALA A 2074 11.65 27.86 8.22
C ALA A 2074 10.54 27.96 9.25
N THR A 2075 10.54 27.08 10.26
CA THR A 2075 9.50 27.12 11.27
C THR A 2075 9.53 28.42 12.06
N GLU A 2076 10.70 28.77 12.62
CA GLU A 2076 10.74 30.03 13.36
C GLU A 2076 10.68 31.21 12.40
N PHE A 2077 11.12 31.03 11.16
CA PHE A 2077 10.97 32.10 10.18
C PHE A 2077 9.50 32.48 10.02
N ILE A 2078 8.65 31.48 9.77
CA ILE A 2078 7.21 31.73 9.66
C ILE A 2078 6.65 32.23 10.99
N MET A 2079 7.12 31.67 12.10
CA MET A 2079 6.58 32.06 13.40
C MET A 2079 6.85 33.53 13.69
N ASN A 2080 8.04 34.03 13.37
CA ASN A 2080 8.36 35.43 13.57
C ASN A 2080 7.65 36.32 12.55
N GLU A 2081 7.57 35.86 11.29
CA GLU A 2081 6.97 36.69 10.25
C GLU A 2081 5.50 36.97 10.54
N TYR A 2082 4.76 35.97 11.01
CA TYR A 2082 3.36 36.12 11.34
C TYR A 2082 3.13 36.25 12.84
N LYS A 2083 4.17 36.58 13.61
CA LYS A 2083 4.02 36.73 15.04
C LYS A 2083 3.06 37.87 15.38
N ASP A 2084 3.13 38.96 14.63
CA ASP A 2084 2.29 40.12 14.88
C ASP A 2084 0.80 39.82 14.69
N ARG A 2085 0.46 38.78 13.95
CA ARG A 2085 -0.92 38.42 13.69
C ARG A 2085 -1.47 37.41 14.68
N LYS A 2086 -0.71 37.08 15.73
CA LYS A 2086 -1.08 36.07 16.71
C LYS A 2086 -1.23 34.70 16.04
N ILE A 2087 -0.17 34.29 15.36
CA ILE A 2087 -0.13 32.97 14.76
C ILE A 2087 -0.06 31.92 15.86
N THR A 2088 -0.87 30.86 15.72
CA THR A 2088 -0.98 29.82 16.73
C THR A 2088 -0.27 28.57 16.26
N ARG A 2089 0.38 27.88 17.19
CA ARG A 2089 1.10 26.64 16.88
C ARG A 2089 0.20 25.46 17.19
N THR A 2090 0.06 24.57 16.22
CA THR A 2090 -0.81 23.40 16.37
C THR A 2090 -0.23 22.26 15.56
N SER A 2091 -0.63 21.05 15.91
CA SER A 2091 -0.18 19.85 15.22
C SER A 2091 -1.38 18.95 14.94
N PHE A 2092 -1.24 18.11 13.91
CA PHE A 2092 -2.28 17.13 13.61
C PHE A 2092 -2.49 16.17 14.77
N LEU A 2093 -1.38 15.73 15.39
CA LEU A 2093 -1.47 14.73 16.45
C LEU A 2093 -2.22 15.25 17.66
N ASP A 2094 -2.08 16.55 17.96
CA ASP A 2094 -2.77 17.13 19.10
C ASP A 2094 -4.27 16.98 18.95
N ASP A 2095 -4.93 16.62 20.05
CA ASP A 2095 -6.37 16.39 20.02
C ASP A 2095 -7.17 17.67 19.85
N ALA A 2096 -6.66 18.79 20.37
CA ALA A 2096 -7.34 20.08 20.24
C ALA A 2096 -7.16 20.69 18.87
N PHE A 2097 -6.50 19.96 17.96
CA PHE A 2097 -6.24 20.48 16.62
C PHE A 2097 -7.51 20.99 15.97
N ARG A 2098 -8.62 20.26 16.13
CA ARG A 2098 -9.89 20.72 15.57
C ARG A 2098 -10.27 22.07 16.15
N LYS A 2099 -10.31 22.16 17.48
CA LYS A 2099 -10.76 23.39 18.12
C LYS A 2099 -9.95 24.58 17.66
N ASN A 2100 -8.63 24.50 17.77
CA ASN A 2100 -7.76 25.56 17.28
C ASN A 2100 -8.10 25.90 15.84
N LEU A 2101 -8.18 24.88 14.99
CA LEU A 2101 -8.55 25.10 13.59
C LEU A 2101 -9.84 25.90 13.52
N GLU A 2102 -10.88 25.43 14.21
CA GLU A 2102 -12.15 26.14 14.21
C GLU A 2102 -11.96 27.58 14.64
N SER A 2103 -11.19 27.80 15.72
CA SER A 2103 -10.93 29.15 16.17
C SER A 2103 -10.37 30.00 15.04
N ALA A 2104 -9.34 29.50 14.37
CA ALA A 2104 -8.77 30.25 13.26
C ALA A 2104 -9.83 30.50 12.20
N LEU A 2105 -10.60 29.47 11.85
CA LEU A 2105 -11.60 29.63 10.80
C LEU A 2105 -12.63 30.69 11.17
N ARG A 2106 -12.84 30.92 12.46
CA ARG A 2106 -13.80 31.95 12.84
C ARG A 2106 -13.14 33.25 13.26
N PHE A 2107 -11.81 33.30 13.35
CA PHE A 2107 -11.13 34.51 13.81
C PHE A 2107 -10.15 35.08 12.80
N GLY A 2108 -9.77 34.31 11.78
CA GLY A 2108 -8.84 34.80 10.78
C GLY A 2108 -7.45 35.06 11.32
N ASN A 2109 -6.95 34.15 12.15
CA ASN A 2109 -5.58 34.25 12.62
C ASN A 2109 -4.74 33.16 11.99
N PRO A 2110 -3.48 33.44 11.64
CA PRO A 2110 -2.67 32.44 10.96
C PRO A 2110 -2.47 31.20 11.81
N LEU A 2111 -2.37 30.06 11.12
CA LEU A 2111 -2.23 28.76 11.76
C LEU A 2111 -1.09 28.02 11.09
N LEU A 2112 -0.16 27.49 11.90
CA LEU A 2112 0.91 26.64 11.41
C LEU A 2112 0.70 25.24 11.97
N VAL A 2113 0.66 24.26 11.08
CA VAL A 2113 0.37 22.88 11.45
C VAL A 2113 1.61 22.04 11.13
N GLN A 2114 2.07 21.29 12.12
CA GLN A 2114 3.19 20.39 11.95
C GLN A 2114 2.72 18.94 11.94
N ASP A 2115 3.66 18.03 11.74
CA ASP A 2115 3.39 16.60 11.65
C ASP A 2115 2.38 16.30 10.54
N VAL A 2116 2.74 16.73 9.32
CA VAL A 2116 1.84 16.58 8.19
C VAL A 2116 1.77 15.14 7.70
N GLU A 2117 2.69 14.28 8.13
CA GLU A 2117 2.66 12.89 7.72
C GLU A 2117 1.34 12.23 8.12
N SER A 2118 0.89 12.50 9.35
CA SER A 2118 -0.44 12.07 9.79
C SER A 2118 -1.48 13.12 9.41
N TYR A 2119 -1.66 13.27 8.10
CA TYR A 2119 -2.55 14.31 7.60
C TYR A 2119 -4.00 14.01 7.96
N ASP A 2120 -4.73 15.05 8.34
CA ASP A 2120 -6.14 14.92 8.65
C ASP A 2120 -6.98 15.40 7.47
N PRO A 2121 -7.71 14.52 6.79
CA PRO A 2121 -8.40 14.92 5.55
C PRO A 2121 -9.53 15.91 5.73
N VAL A 2122 -9.92 16.25 6.97
CA VAL A 2122 -10.92 17.29 7.17
C VAL A 2122 -10.48 18.62 6.60
N LEU A 2123 -9.18 18.83 6.42
CA LEU A 2123 -8.65 20.03 5.80
C LEU A 2123 -8.91 20.11 4.31
N ASN A 2124 -9.38 19.02 3.69
CA ASN A 2124 -9.51 19.00 2.23
C ASN A 2124 -10.37 20.14 1.68
N PRO A 2125 -11.53 20.49 2.26
CA PRO A 2125 -12.27 21.62 1.70
C PRO A 2125 -11.54 22.94 1.81
N VAL A 2126 -11.01 23.29 2.99
CA VAL A 2126 -10.38 24.59 3.17
C VAL A 2126 -9.15 24.73 2.29
N LEU A 2127 -8.47 23.62 1.99
CA LEU A 2127 -7.31 23.71 1.09
C LEU A 2127 -7.76 23.99 -0.34
N ASN A 2128 -8.94 23.51 -0.71
CA ASN A 2128 -9.49 23.77 -2.04
C ASN A 2128 -10.38 24.99 -2.08
N ARG A 2129 -10.53 25.70 -0.96
CA ARG A 2129 -11.36 26.91 -0.87
C ARG A 2129 -12.79 26.62 -1.32
N GLU A 2130 -13.41 25.63 -0.67
CA GLU A 2130 -14.79 25.26 -0.95
C GLU A 2130 -15.71 26.22 -0.19
N VAL A 2131 -15.49 27.49 -0.44
CA VAL A 2131 -16.23 28.55 0.24
C VAL A 2131 -17.58 28.70 -0.44
N ARG A 2132 -18.51 29.34 0.28
CA ARG A 2132 -19.83 29.62 -0.24
C ARG A 2132 -20.22 31.04 0.14
N ARG A 2133 -20.39 31.90 -0.85
CA ARG A 2133 -20.75 33.29 -0.61
C ARG A 2133 -22.18 33.36 -0.08
N THR A 2134 -22.37 34.08 1.02
CA THR A 2134 -23.69 34.21 1.64
C THR A 2134 -24.12 35.67 1.66
N GLY A 2135 -23.94 36.37 0.54
CA GLY A 2135 -24.23 37.78 0.48
C GLY A 2135 -23.16 38.66 1.08
N GLY A 2136 -21.94 38.16 1.24
CA GLY A 2136 -20.85 38.91 1.85
C GLY A 2136 -19.99 38.10 2.80
N ARG A 2137 -20.42 36.92 3.21
CA ARG A 2137 -19.66 36.06 4.11
C ARG A 2137 -19.34 34.76 3.40
N VAL A 2138 -18.07 34.37 3.42
CA VAL A 2138 -17.65 33.10 2.82
C VAL A 2138 -17.73 32.01 3.88
N LEU A 2139 -18.33 30.88 3.51
CA LEU A 2139 -18.70 29.83 4.45
C LEU A 2139 -18.09 28.51 4.02
N ILE A 2140 -17.51 27.79 4.99
CA ILE A 2140 -16.75 26.58 4.73
C ILE A 2140 -17.23 25.45 5.64
N THR A 2141 -17.33 24.25 5.08
CA THR A 2141 -17.79 23.07 5.81
C THR A 2141 -16.57 22.24 6.21
N LEU A 2142 -16.37 22.06 7.51
CA LEU A 2142 -15.33 21.19 8.04
C LEU A 2142 -15.99 19.92 8.53
N GLY A 2143 -15.58 18.79 7.99
CA GLY A 2143 -16.19 17.52 8.33
C GLY A 2143 -17.67 17.53 8.01
N ASP A 2144 -18.50 17.60 9.05
CA ASP A 2144 -19.94 17.72 8.88
C ASP A 2144 -20.50 19.03 9.41
N GLN A 2145 -19.70 19.82 10.11
CA GLN A 2145 -20.19 21.08 10.67
C GLN A 2145 -19.74 22.25 9.80
N ASP A 2146 -20.65 23.20 9.61
CA ASP A 2146 -20.44 24.31 8.68
C ASP A 2146 -20.18 25.59 9.47
N ILE A 2147 -19.10 26.29 9.15
CA ILE A 2147 -18.63 27.44 9.91
C ILE A 2147 -18.30 28.57 8.95
N ASP A 2148 -18.60 29.80 9.36
CA ASP A 2148 -18.22 30.98 8.59
C ASP A 2148 -16.70 31.13 8.57
N LEU A 2149 -16.18 31.65 7.46
CA LEU A 2149 -14.75 31.87 7.29
C LEU A 2149 -14.42 33.35 7.33
N SER A 2150 -13.30 33.69 7.97
CA SER A 2150 -12.76 35.03 8.05
C SER A 2150 -11.71 35.24 6.97
N PRO A 2151 -11.73 36.39 6.29
CA PRO A 2151 -10.79 36.61 5.18
C PRO A 2151 -9.34 36.64 5.61
N SER A 2152 -9.05 36.88 6.88
CA SER A 2152 -7.67 36.96 7.36
C SER A 2152 -7.08 35.60 7.70
N PHE A 2153 -7.77 34.51 7.37
CA PHE A 2153 -7.29 33.19 7.72
C PHE A 2153 -6.25 32.70 6.72
N VAL A 2154 -5.08 32.31 7.23
CA VAL A 2154 -4.02 31.70 6.44
C VAL A 2154 -3.50 30.50 7.22
N ILE A 2155 -3.27 29.39 6.52
CA ILE A 2155 -2.82 28.16 7.15
C ILE A 2155 -1.55 27.68 6.48
N PHE A 2156 -0.62 27.17 7.29
CA PHE A 2156 0.65 26.65 6.81
C PHE A 2156 0.80 25.20 7.25
N LEU A 2157 1.49 24.41 6.44
CA LEU A 2157 1.76 23.02 6.74
C LEU A 2157 3.27 22.78 6.65
N SER A 2158 3.78 21.88 7.49
CA SER A 2158 5.22 21.68 7.54
C SER A 2158 5.54 20.31 8.13
N THR A 2159 6.79 19.89 7.93
CA THR A 2159 7.30 18.66 8.52
C THR A 2159 8.82 18.71 8.54
N ARG A 2160 9.41 17.77 9.28
CA ARG A 2160 10.86 17.69 9.41
C ARG A 2160 11.44 16.47 8.69
N ASP A 2161 10.65 15.79 7.86
CA ASP A 2161 11.12 14.57 7.20
C ASP A 2161 11.27 14.82 5.71
N PRO A 2162 12.49 15.04 5.21
CA PRO A 2162 12.67 15.19 3.76
C PRO A 2162 12.30 13.95 2.96
N THR A 2163 12.52 12.77 3.51
CA THR A 2163 12.21 11.50 2.85
C THR A 2163 10.98 10.91 3.53
N VAL A 2164 9.81 11.31 3.06
CA VAL A 2164 8.55 10.79 3.58
C VAL A 2164 7.52 10.89 2.48
N GLU A 2165 6.57 9.96 2.48
CA GLU A 2165 5.52 9.92 1.46
C GLU A 2165 4.22 10.44 2.04
N PHE A 2166 3.61 11.35 1.31
CA PHE A 2166 2.33 11.96 1.68
C PHE A 2166 1.19 11.27 0.96
N PRO A 2167 -0.01 11.31 1.54
CA PRO A 2167 -1.17 10.72 0.87
C PRO A 2167 -1.39 11.37 -0.49
N PRO A 2168 -1.86 10.60 -1.47
CA PRO A 2168 -2.04 11.18 -2.82
C PRO A 2168 -3.02 12.34 -2.86
N ASP A 2169 -4.04 12.34 -2.00
CA ASP A 2169 -5.02 13.43 -2.03
C ASP A 2169 -4.40 14.76 -1.61
N LEU A 2170 -3.39 14.71 -0.75
CA LEU A 2170 -2.72 15.93 -0.30
C LEU A 2170 -1.61 16.37 -1.24
N CYS A 2171 -1.22 15.51 -2.19
CA CYS A 2171 -0.12 15.86 -3.09
C CYS A 2171 -0.46 17.06 -3.95
N SER A 2172 -1.67 17.12 -4.47
CA SER A 2172 -2.06 18.17 -5.42
C SER A 2172 -2.82 19.32 -4.77
N ARG A 2173 -3.05 19.27 -3.45
CA ARG A 2173 -3.84 20.30 -2.80
C ARG A 2173 -2.99 21.40 -2.18
N VAL A 2174 -1.67 21.25 -2.12
CA VAL A 2174 -0.80 22.20 -1.46
C VAL A 2174 0.46 22.40 -2.28
N THR A 2175 0.96 23.64 -2.27
CA THR A 2175 2.24 23.98 -2.86
C THR A 2175 3.35 23.35 -2.03
N PHE A 2176 4.48 23.06 -2.65
CA PHE A 2176 5.61 22.45 -1.96
C PHE A 2176 6.81 23.37 -2.00
N VAL A 2177 7.44 23.58 -0.83
CA VAL A 2177 8.67 24.36 -0.73
C VAL A 2177 9.69 23.51 0.03
N ASN A 2178 10.83 23.27 -0.61
CA ASN A 2178 11.86 22.39 -0.07
C ASN A 2178 13.02 23.23 0.45
N PHE A 2179 13.21 23.21 1.77
CA PHE A 2179 14.29 23.97 2.39
C PHE A 2179 15.55 23.11 2.51
N THR A 2180 16.12 22.74 1.36
CA THR A 2180 17.34 21.89 1.36
C THR A 2180 18.58 22.71 1.73
N VAL A 2181 19.72 22.04 1.94
CA VAL A 2181 20.99 22.75 2.31
C VAL A 2181 21.80 22.99 1.03
N THR A 2182 22.14 24.26 0.75
CA THR A 2182 22.96 24.60 -0.43
C THR A 2182 24.44 24.51 -0.05
N ARG A 2183 25.31 24.13 -0.99
CA ARG A 2183 26.77 24.09 -0.71
C ARG A 2183 27.25 25.50 -0.30
N SER A 2184 26.86 26.53 -1.05
CA SER A 2184 27.25 27.92 -0.73
C SER A 2184 26.67 28.34 0.62
N SER A 2185 25.41 27.95 0.90
CA SER A 2185 24.76 28.30 2.18
C SER A 2185 25.54 27.71 3.35
N LEU A 2186 25.93 26.43 3.25
CA LEU A 2186 26.71 25.77 4.33
C LEU A 2186 28.10 26.41 4.41
N GLN A 2187 28.71 26.69 3.27
CA GLN A 2187 30.07 27.31 3.24
C GLN A 2187 30.01 28.66 3.98
N SER A 2188 28.94 29.44 3.76
CA SER A 2188 28.79 30.74 4.46
C SER A 2188 28.63 30.49 5.97
N GLN A 2189 27.84 29.50 6.37
CA GLN A 2189 27.65 29.21 7.78
C GLN A 2189 28.98 28.82 8.43
N CYS A 2190 29.76 27.98 7.76
CA CYS A 2190 31.05 27.59 8.30
C CYS A 2190 31.98 28.78 8.45
N LEU A 2191 32.02 29.66 7.46
CA LEU A 2191 32.89 30.83 7.53
C LEU A 2191 32.44 31.77 8.65
N ASN A 2192 31.14 31.99 8.78
CA ASN A 2192 30.63 32.87 9.83
C ASN A 2192 30.95 32.31 11.22
N GLU A 2193 30.77 31.01 11.41
CA GLU A 2193 31.05 30.43 12.72
C GLU A 2193 32.55 30.43 13.02
N VAL A 2194 33.38 30.11 12.03
CA VAL A 2194 34.82 30.08 12.30
C VAL A 2194 35.35 31.48 12.53
N LEU A 2195 34.74 32.50 11.92
CA LEU A 2195 35.17 33.87 12.19
C LEU A 2195 34.63 34.36 13.53
N LYS A 2196 33.47 33.85 13.95
CA LYS A 2196 32.96 34.16 15.29
C LYS A 2196 33.86 33.57 16.37
N ALA A 2197 34.36 32.36 16.15
CA ALA A 2197 35.18 31.70 17.18
C ALA A 2197 36.64 32.14 17.11
N GLU A 2198 37.27 31.97 15.95
CA GLU A 2198 38.73 32.27 15.82
C GLU A 2198 39.01 33.78 15.95
N ARG A 2199 38.28 34.62 15.22
CA ARG A 2199 38.55 36.09 15.24
C ARG A 2199 37.30 36.87 15.65
N PRO A 2200 36.90 36.87 16.95
CA PRO A 2200 35.66 37.53 17.37
C PRO A 2200 35.64 39.02 17.00
N ASP A 2201 36.80 39.70 17.12
CA ASP A 2201 36.88 41.14 16.79
C ASP A 2201 36.48 41.37 15.33
N VAL A 2202 37.05 40.58 14.41
CA VAL A 2202 36.75 40.75 12.95
C VAL A 2202 35.28 40.40 12.70
N ASP A 2203 34.78 39.35 13.35
CA ASP A 2203 33.35 38.95 13.19
C ASP A 2203 32.45 40.09 13.66
N GLU A 2204 32.80 40.74 14.78
CA GLU A 2204 32.01 41.88 15.28
C GLU A 2204 32.02 42.99 14.22
N LYS A 2205 33.19 43.32 13.68
CA LYS A 2205 33.27 44.34 12.61
C LYS A 2205 32.36 43.92 11.46
N ARG A 2206 32.51 42.69 10.98
CA ARG A 2206 31.68 42.21 9.84
C ARG A 2206 30.21 42.43 10.15
N SER A 2207 29.74 42.01 11.33
CA SER A 2207 28.30 42.12 11.67
C SER A 2207 27.86 43.59 11.73
N ASP A 2208 28.66 44.47 12.35
CA ASP A 2208 28.22 45.88 12.52
C ASP A 2208 28.25 46.62 11.17
N LEU A 2209 29.18 46.27 10.28
CA LEU A 2209 29.18 46.89 8.94
C LEU A 2209 28.06 46.36 8.08
N LEU A 2210 27.76 45.06 8.14
CA LEU A 2210 26.66 44.53 7.34
C LEU A 2210 25.34 45.17 7.73
N LYS A 2211 25.05 45.24 9.03
CA LYS A 2211 23.80 45.87 9.43
C LYS A 2211 23.79 47.35 9.05
N LEU A 2212 24.92 48.04 9.26
CA LEU A 2212 25.01 49.50 8.95
C LEU A 2212 24.74 49.70 7.46
N GLN A 2213 25.29 48.83 6.61
CA GLN A 2213 25.09 48.94 5.15
C GLN A 2213 23.60 48.77 4.82
N GLY A 2214 22.94 47.79 5.43
CA GLY A 2214 21.49 47.57 5.22
C GLY A 2214 20.69 48.80 5.61
N GLU A 2215 21.05 49.43 6.73
CA GLU A 2215 20.35 50.67 7.20
C GLU A 2215 20.57 51.79 6.18
N PHE A 2216 21.79 51.90 5.64
CA PHE A 2216 22.07 52.94 4.61
C PHE A 2216 21.20 52.70 3.37
N GLN A 2217 21.08 51.44 2.94
CA GLN A 2217 20.25 51.10 1.75
C GLN A 2217 18.78 51.44 2.03
N LEU A 2218 18.31 51.12 3.23
CA LEU A 2218 16.92 51.44 3.62
C LEU A 2218 16.71 52.96 3.53
N ARG A 2219 17.64 53.73 4.14
CA ARG A 2219 17.54 55.21 4.12
C ARG A 2219 17.63 55.72 2.69
N LEU A 2220 18.54 55.16 1.88
CA LEU A 2220 18.70 55.58 0.46
C LEU A 2220 17.35 55.45 -0.25
N ARG A 2221 16.68 54.29 -0.10
CA ARG A 2221 15.36 54.07 -0.75
C ARG A 2221 14.34 55.06 -0.20
N GLN A 2222 14.37 55.31 1.12
CA GLN A 2222 13.40 56.24 1.76
C GLN A 2222 13.57 57.65 1.19
N LEU A 2223 14.73 58.27 1.36
CA LEU A 2223 14.95 59.64 0.91
C LEU A 2223 14.72 59.77 -0.60
N GLU A 2224 15.17 58.79 -1.38
CA GLU A 2224 14.98 58.85 -2.82
C GLU A 2224 13.51 58.83 -3.19
N LYS A 2225 12.71 57.99 -2.52
CA LYS A 2225 11.29 57.93 -2.83
C LYS A 2225 10.55 59.17 -2.31
N SER A 2226 10.95 59.67 -1.14
CA SER A 2226 10.30 60.84 -0.57
C SER A 2226 10.55 62.07 -1.43
N LEU A 2227 11.74 62.16 -2.04
CA LEU A 2227 12.01 63.25 -2.97
C LEU A 2227 10.97 63.27 -4.08
N LEU A 2228 10.75 62.12 -4.72
CA LEU A 2228 9.78 62.04 -5.80
C LEU A 2228 8.36 62.31 -5.30
N GLN A 2229 8.02 61.79 -4.13
CA GLN A 2229 6.67 61.99 -3.62
C GLN A 2229 6.39 63.47 -3.38
N ALA A 2230 7.33 64.16 -2.75
CA ALA A 2230 7.17 65.60 -2.51
C ALA A 2230 7.15 66.36 -3.82
N LEU A 2231 8.00 65.99 -4.78
CA LEU A 2231 8.03 66.67 -6.06
C LEU A 2231 6.72 66.51 -6.82
N ASN A 2232 6.12 65.32 -6.78
CA ASN A 2232 4.80 65.12 -7.36
C ASN A 2232 3.75 65.94 -6.63
N GLU A 2233 3.82 65.97 -5.29
CA GLU A 2233 2.76 66.59 -4.53
C GLU A 2233 2.66 68.09 -4.79
N VAL A 2234 3.79 68.77 -4.97
CA VAL A 2234 3.75 70.22 -5.17
C VAL A 2234 3.14 70.54 -6.52
N LYS A 2235 2.17 71.46 -6.53
CA LYS A 2235 1.52 71.91 -7.75
C LYS A 2235 1.81 73.37 -8.05
N GLY A 2236 2.83 73.95 -7.43
CA GLY A 2236 3.18 75.34 -7.67
C GLY A 2236 4.48 75.50 -8.40
N ARG A 2237 5.50 76.02 -7.73
CA ARG A 2237 6.80 76.24 -8.34
C ARG A 2237 7.83 76.38 -7.23
N ILE A 2238 9.07 76.72 -7.63
CA ILE A 2238 10.17 76.80 -6.67
C ILE A 2238 9.98 77.94 -5.68
N LEU A 2239 9.06 78.88 -5.96
CA LEU A 2239 8.86 79.99 -5.05
C LEU A 2239 8.39 79.51 -3.68
N ASP A 2240 7.87 78.29 -3.59
CA ASP A 2240 7.47 77.72 -2.31
C ASP A 2240 8.68 77.61 -1.38
N ASP A 2241 8.48 78.04 -0.13
CA ASP A 2241 9.59 78.05 0.83
C ASP A 2241 9.99 76.65 1.27
N ASP A 2242 9.02 75.73 1.34
CA ASP A 2242 9.31 74.39 1.86
C ASP A 2242 10.12 73.57 0.87
N THR A 2243 9.81 73.73 -0.43
CA THR A 2243 10.43 72.87 -1.43
C THR A 2243 11.94 73.06 -1.47
N ILE A 2244 12.40 74.31 -1.40
CA ILE A 2244 13.83 74.58 -1.51
C ILE A 2244 14.59 73.95 -0.34
N ILE A 2245 14.07 74.12 0.87
CA ILE A 2245 14.76 73.58 2.03
C ILE A 2245 14.72 72.06 2.02
N THR A 2246 13.59 71.47 1.61
CA THR A 2246 13.51 70.03 1.52
C THR A 2246 14.52 69.48 0.51
N THR A 2247 14.62 70.08 -0.67
CA THR A 2247 15.51 69.54 -1.68
C THR A 2247 16.97 69.72 -1.27
N LEU A 2248 17.30 70.85 -0.64
CA LEU A 2248 18.69 71.04 -0.22
C LEU A 2248 19.07 70.07 0.88
N GLU A 2249 18.18 69.87 1.86
CA GLU A 2249 18.49 68.92 2.93
C GLU A 2249 18.59 67.50 2.39
N ASN A 2250 17.73 67.15 1.43
CA ASN A 2250 17.78 65.82 0.86
C ASN A 2250 19.09 65.57 0.11
N LEU A 2251 19.51 66.54 -0.72
CA LEU A 2251 20.75 66.36 -1.45
C LEU A 2251 21.95 66.27 -0.50
N LYS A 2252 21.97 67.14 0.53
CA LYS A 2252 23.05 67.06 1.49
C LYS A 2252 23.08 65.70 2.19
N ARG A 2253 21.89 65.22 2.59
CA ARG A 2253 21.81 63.99 3.36
C ARG A 2253 22.27 62.81 2.51
N GLU A 2254 21.88 62.77 1.23
CA GLU A 2254 22.27 61.64 0.39
C GLU A 2254 23.76 61.69 0.06
N ALA A 2255 24.31 62.89 -0.12
CA ALA A 2255 25.75 62.99 -0.36
C ALA A 2255 26.53 62.50 0.86
N ALA A 2256 26.08 62.91 2.06
CA ALA A 2256 26.75 62.46 3.28
C ALA A 2256 26.64 60.94 3.45
N GLU A 2257 25.45 60.38 3.14
CA GLU A 2257 25.27 58.94 3.23
C GLU A 2257 26.18 58.21 2.25
N VAL A 2258 26.32 58.74 1.03
CA VAL A 2258 27.26 58.18 0.08
C VAL A 2258 28.68 58.26 0.61
N THR A 2259 29.02 59.33 1.33
CA THR A 2259 30.34 59.44 1.94
C THR A 2259 30.60 58.27 2.89
N ARG A 2260 29.69 58.05 3.85
CA ARG A 2260 29.87 56.88 4.73
C ARG A 2260 29.89 55.56 3.97
N LYS A 2261 29.00 55.39 2.99
CA LYS A 2261 28.95 54.13 2.27
C LYS A 2261 30.28 53.85 1.59
N VAL A 2262 30.81 54.83 0.87
CA VAL A 2262 32.04 54.61 0.12
C VAL A 2262 33.21 54.38 1.07
N GLU A 2263 33.27 55.14 2.18
CA GLU A 2263 34.40 54.96 3.08
C GLU A 2263 34.38 53.58 3.73
N GLU A 2264 33.19 53.11 4.15
CA GLU A 2264 33.13 51.82 4.82
C GLU A 2264 33.38 50.68 3.84
N THR A 2265 32.94 50.85 2.58
CA THR A 2265 33.22 49.83 1.59
C THR A 2265 34.67 49.85 1.11
N ASP A 2266 35.40 50.93 1.32
CA ASP A 2266 36.81 51.00 0.94
C ASP A 2266 37.74 50.52 2.06
N ILE A 2267 37.70 51.16 3.23
CA ILE A 2267 38.79 50.98 4.19
C ILE A 2267 38.54 49.87 5.21
N VAL A 2268 37.29 49.46 5.44
CA VAL A 2268 37.00 48.49 6.48
C VAL A 2268 36.51 47.16 5.92
N MET A 2269 35.79 47.16 4.81
CA MET A 2269 35.36 45.92 4.17
C MET A 2269 36.50 45.15 3.52
N GLN A 2270 37.51 45.83 2.99
CA GLN A 2270 38.65 45.13 2.41
C GLN A 2270 39.42 44.38 3.47
N GLU A 2271 39.62 44.99 4.64
CA GLU A 2271 40.33 44.31 5.72
C GLU A 2271 39.57 43.08 6.20
N VAL A 2272 38.24 43.20 6.32
CA VAL A 2272 37.43 42.07 6.75
C VAL A 2272 37.53 40.93 5.73
N GLU A 2273 37.50 41.29 4.45
CA GLU A 2273 37.59 40.28 3.37
C GLU A 2273 38.86 39.44 3.54
N THR A 2274 40.01 40.10 3.77
CA THR A 2274 41.30 39.36 3.86
C THR A 2274 41.27 38.31 4.98
N VAL A 2275 40.71 38.67 6.14
CA VAL A 2275 40.68 37.73 7.31
C VAL A 2275 39.80 36.52 6.96
N SER A 2276 38.66 36.77 6.30
CA SER A 2276 37.75 35.66 5.89
C SER A 2276 38.38 34.88 4.73
N GLN A 2277 39.19 35.53 3.89
CA GLN A 2277 39.79 34.87 2.70
C GLN A 2277 40.72 33.73 3.12
N GLN A 2278 41.55 33.95 4.15
CA GLN A 2278 42.53 32.90 4.57
C GLN A 2278 41.81 31.72 5.23
N TYR A 2279 40.59 31.93 5.74
CA TYR A 2279 39.84 30.85 6.45
C TYR A 2279 38.81 30.23 5.48
N LEU A 2280 38.72 30.77 4.26
CA LEU A 2280 37.76 30.25 3.24
C LEU A 2280 38.09 28.79 2.85
N PRO A 2281 39.37 28.38 2.60
CA PRO A 2281 39.67 26.97 2.31
C PRO A 2281 39.04 26.00 3.32
N LEU A 2282 39.07 26.34 4.61
CA LEU A 2282 38.47 25.46 5.66
C LEU A 2282 36.97 25.31 5.39
N SER A 2283 36.27 26.43 5.13
CA SER A 2283 34.81 26.38 4.88
C SER A 2283 34.49 25.50 3.67
N THR A 2284 35.29 25.61 2.60
CA THR A 2284 35.10 24.77 1.42
C THR A 2284 35.28 23.30 1.77
N ALA A 2285 36.33 22.98 2.52
CA ALA A 2285 36.55 21.60 2.95
C ALA A 2285 35.41 21.11 3.82
N CYS A 2286 34.93 21.99 4.70
CA CYS A 2286 33.83 21.62 5.62
C CYS A 2286 32.58 21.26 4.80
N SER A 2287 32.25 22.08 3.80
CA SER A 2287 31.07 21.80 2.93
C SER A 2287 31.28 20.47 2.20
N SER A 2288 32.47 20.24 1.65
CA SER A 2288 32.74 18.98 0.91
C SER A 2288 32.52 17.78 1.84
N ILE A 2289 33.04 17.84 3.07
CA ILE A 2289 32.89 16.70 4.03
C ILE A 2289 31.40 16.45 4.27
N TYR A 2290 30.62 17.50 4.58
CA TYR A 2290 29.18 17.31 4.91
C TYR A 2290 28.44 16.69 3.72
N PHE A 2291 28.66 17.21 2.51
CA PHE A 2291 27.90 16.70 1.34
C PHE A 2291 28.34 15.27 1.04
N THR A 2292 29.62 14.96 1.18
CA THR A 2292 30.09 13.55 1.03
C THR A 2292 29.40 12.71 2.10
N MET A 2293 29.33 13.23 3.33
CA MET A 2293 28.66 12.54 4.43
C MET A 2293 27.18 12.34 4.14
N GLU A 2294 26.52 13.35 3.57
CA GLU A 2294 25.11 13.21 3.22
C GLU A 2294 24.91 12.16 2.14
N SER A 2295 25.72 12.20 1.08
CA SER A 2295 25.57 11.24 0.01
C SER A 2295 26.02 9.84 0.42
N LEU A 2296 26.67 9.71 1.58
CA LEU A 2296 27.08 8.39 2.06
C LEU A 2296 25.91 7.46 2.30
N LYS A 2297 24.69 7.98 2.40
CA LYS A 2297 23.52 7.13 2.63
C LYS A 2297 23.23 6.20 1.47
N GLN A 2298 23.84 6.40 0.31
CA GLN A 2298 23.54 5.57 -0.85
C GLN A 2298 24.13 4.17 -0.68
N ILE A 2299 25.32 4.06 -0.08
CA ILE A 2299 25.97 2.77 0.01
C ILE A 2299 25.36 1.88 1.09
N HIS A 2300 24.61 2.45 2.03
CA HIS A 2300 23.94 1.65 3.04
C HIS A 2300 22.79 2.46 3.62
N PHE A 2301 21.67 1.78 3.90
CA PHE A 2301 20.48 2.49 4.37
C PHE A 2301 20.65 3.01 5.79
N LEU A 2302 21.56 2.41 6.56
CA LEU A 2302 21.69 2.78 7.97
C LEU A 2302 22.27 4.17 8.14
N TYR A 2303 23.15 4.59 7.23
CA TYR A 2303 23.89 5.83 7.42
C TYR A 2303 23.01 7.04 7.13
N GLN A 2304 22.17 7.41 8.09
CA GLN A 2304 21.29 8.57 7.97
C GLN A 2304 21.80 9.64 8.92
N TYR A 2305 22.42 10.68 8.35
CA TYR A 2305 23.02 11.75 9.14
C TYR A 2305 22.29 13.05 8.89
N SER A 2306 22.02 13.78 9.96
CA SER A 2306 21.35 15.07 9.90
C SER A 2306 22.38 16.20 9.93
N LEU A 2307 21.91 17.39 9.56
CA LEU A 2307 22.78 18.56 9.58
C LEU A 2307 23.22 18.90 10.99
N GLN A 2308 22.36 18.69 11.98
CA GLN A 2308 22.72 19.01 13.37
C GLN A 2308 23.90 18.19 13.83
N PHE A 2309 24.00 16.93 13.39
CA PHE A 2309 25.13 16.10 13.78
C PHE A 2309 26.45 16.65 13.23
N PHE A 2310 26.44 17.08 11.96
CA PHE A 2310 27.65 17.66 11.39
C PHE A 2310 27.98 19.00 12.04
N LEU A 2311 26.96 19.78 12.39
CA LEU A 2311 27.20 21.02 13.10
C LEU A 2311 27.82 20.76 14.46
N ASP A 2312 27.37 19.70 15.15
CA ASP A 2312 27.99 19.31 16.41
C ASP A 2312 29.44 18.91 16.20
N ILE A 2313 29.72 18.16 15.12
CA ILE A 2313 31.11 17.80 14.82
C ILE A 2313 31.95 19.06 14.65
N TYR A 2314 31.46 20.00 13.85
CA TYR A 2314 32.25 21.18 13.53
C TYR A 2314 32.44 22.07 14.75
N HIS A 2315 31.42 22.14 15.61
CA HIS A 2315 31.55 22.97 16.81
C HIS A 2315 32.43 22.30 17.86
N ASN A 2316 32.41 20.96 17.94
CA ASN A 2316 33.37 20.26 18.79
C ASN A 2316 34.80 20.51 18.33
N VAL A 2317 35.03 20.44 17.02
CA VAL A 2317 36.35 20.74 16.49
C VAL A 2317 36.71 22.19 16.76
N LEU A 2318 35.71 23.08 16.71
CA LEU A 2318 35.96 24.51 16.83
C LEU A 2318 36.12 24.93 18.29
N TYR A 2319 35.19 24.53 19.15
CA TYR A 2319 35.22 24.99 20.54
C TYR A 2319 36.03 24.05 21.43
N GLU A 2320 35.58 22.80 21.56
CA GLU A 2320 36.17 21.86 22.51
C GLU A 2320 37.29 21.07 21.83
N ASN A 2321 38.42 21.74 21.67
CA ASN A 2321 39.58 21.15 21.04
C ASN A 2321 40.76 21.17 22.01
N PRO A 2322 41.34 20.02 22.35
CA PRO A 2322 42.52 20.05 23.23
C PRO A 2322 43.75 20.61 22.55
N ASN A 2323 43.95 20.31 21.26
CA ASN A 2323 45.16 20.78 20.58
C ASN A 2323 45.15 22.29 20.39
N LEU A 2324 43.97 22.90 20.31
CA LEU A 2324 43.90 24.34 20.13
C LEU A 2324 44.33 25.08 21.40
N LYS A 2325 44.20 24.43 22.55
CA LYS A 2325 44.57 25.06 23.81
C LYS A 2325 46.07 25.34 23.86
N GLY A 2326 46.42 26.54 24.34
CA GLY A 2326 47.81 26.93 24.44
C GLY A 2326 48.43 27.46 23.17
N VAL A 2327 47.64 27.68 22.12
CA VAL A 2327 48.14 28.19 20.85
C VAL A 2327 47.41 29.49 20.54
N THR A 2328 48.16 30.52 20.18
CA THR A 2328 47.59 31.81 19.81
C THR A 2328 47.89 32.22 18.38
N ASP A 2329 48.90 31.63 17.73
CA ASP A 2329 49.17 31.95 16.33
C ASP A 2329 48.07 31.42 15.45
N HIS A 2330 47.47 32.30 14.64
CA HIS A 2330 46.23 31.95 13.96
C HIS A 2330 46.45 30.93 12.84
N THR A 2331 47.57 31.01 12.13
CA THR A 2331 47.83 30.03 11.06
C THR A 2331 47.94 28.63 11.63
N GLN A 2332 48.69 28.47 12.73
CA GLN A 2332 48.79 27.17 13.38
C GLN A 2332 47.44 26.72 13.89
N ARG A 2333 46.65 27.63 14.44
CA ARG A 2333 45.33 27.28 14.93
C ARG A 2333 44.44 26.78 13.80
N LEU A 2334 44.54 27.39 12.61
CA LEU A 2334 43.74 26.94 11.48
C LEU A 2334 44.20 25.58 10.96
N SER A 2335 45.52 25.36 10.93
CA SER A 2335 46.00 24.03 10.56
C SER A 2335 45.49 22.97 11.52
N ILE A 2336 45.55 23.27 12.82
CA ILE A 2336 45.02 22.36 13.83
C ILE A 2336 43.52 22.16 13.63
N ILE A 2337 42.80 23.23 13.32
CA ILE A 2337 41.36 23.15 13.17
C ILE A 2337 40.98 22.26 12.00
N THR A 2338 41.65 22.42 10.86
CA THR A 2338 41.30 21.61 9.71
C THR A 2338 41.68 20.13 9.91
N LYS A 2339 42.87 19.87 10.46
CA LYS A 2339 43.25 18.48 10.72
C LYS A 2339 42.29 17.83 11.71
N ASP A 2340 41.95 18.55 12.79
CA ASP A 2340 41.04 18.02 13.78
C ASP A 2340 39.63 17.86 13.22
N LEU A 2341 39.22 18.74 12.30
CA LEU A 2341 37.93 18.56 11.66
C LEU A 2341 37.89 17.25 10.90
N PHE A 2342 38.88 17.02 10.05
CA PHE A 2342 38.93 15.76 9.32
C PHE A 2342 38.90 14.57 10.28
N GLN A 2343 39.78 14.59 11.28
CA GLN A 2343 39.90 13.45 12.18
C GLN A 2343 38.63 13.20 12.97
N VAL A 2344 38.05 14.26 13.55
CA VAL A 2344 36.89 14.11 14.41
C VAL A 2344 35.66 13.70 13.59
N ALA A 2345 35.50 14.28 12.40
CA ALA A 2345 34.40 13.86 11.54
C ALA A 2345 34.52 12.39 11.19
N PHE A 2346 35.73 11.95 10.83
CA PHE A 2346 35.92 10.55 10.48
C PHE A 2346 35.61 9.66 11.68
N ASN A 2347 36.10 10.01 12.86
CA ASN A 2347 35.87 9.18 14.02
C ASN A 2347 34.38 9.11 14.36
N ARG A 2348 33.71 10.26 14.39
CA ARG A 2348 32.30 10.27 14.76
C ARG A 2348 31.45 9.47 13.78
N VAL A 2349 31.73 9.59 12.48
CA VAL A 2349 30.95 8.84 11.51
C VAL A 2349 31.31 7.35 11.59
N ALA A 2350 32.60 7.03 11.75
CA ALA A 2350 33.01 5.63 11.80
C ALA A 2350 32.47 4.91 13.02
N ARG A 2351 32.15 5.64 14.09
CA ARG A 2351 31.53 5.00 15.24
C ARG A 2351 30.17 4.39 14.91
N GLY A 2352 29.54 4.79 13.81
CA GLY A 2352 28.24 4.26 13.46
C GLY A 2352 28.12 3.79 12.03
N MET A 2353 29.17 3.19 11.48
CA MET A 2353 29.13 2.65 10.13
C MET A 2353 29.98 1.40 10.06
N LEU A 2354 29.65 0.53 9.11
CA LEU A 2354 30.23 -0.81 9.07
C LEU A 2354 31.72 -0.77 8.80
N HIS A 2355 32.39 -1.88 9.12
CA HIS A 2355 33.83 -1.96 8.96
C HIS A 2355 34.24 -2.15 7.51
N GLN A 2356 33.31 -2.58 6.65
CA GLN A 2356 33.61 -2.67 5.23
C GLN A 2356 33.72 -1.31 4.58
N ASP A 2357 32.95 -0.34 5.07
CA ASP A 2357 32.80 0.95 4.41
C ASP A 2357 33.73 2.02 4.97
N HIS A 2358 34.51 1.72 6.02
CA HIS A 2358 35.41 2.72 6.57
C HIS A 2358 36.48 3.12 5.57
N ILE A 2359 36.99 2.15 4.80
CA ILE A 2359 38.05 2.47 3.84
C ILE A 2359 37.55 3.41 2.75
N THR A 2360 36.29 3.24 2.34
CA THR A 2360 35.73 4.15 1.34
C THR A 2360 35.60 5.57 1.88
N PHE A 2361 35.13 5.69 3.14
CA PHE A 2361 35.04 7.02 3.75
C PHE A 2361 36.41 7.65 3.89
N ALA A 2362 37.42 6.85 4.25
CA ALA A 2362 38.79 7.37 4.30
C ALA A 2362 39.26 7.82 2.92
N MET A 2363 38.92 7.06 1.88
CA MET A 2363 39.28 7.45 0.53
C MET A 2363 38.66 8.79 0.14
N LEU A 2364 37.37 8.96 0.45
CA LEU A 2364 36.70 10.21 0.11
C LEU A 2364 37.28 11.38 0.90
N LEU A 2365 37.58 11.17 2.19
CA LEU A 2365 38.19 12.24 2.97
C LEU A 2365 39.59 12.56 2.45
N ALA A 2366 40.32 11.56 1.98
CA ALA A 2366 41.62 11.80 1.37
C ALA A 2366 41.47 12.64 0.11
N ARG A 2367 40.46 12.36 -0.70
CA ARG A 2367 40.20 13.18 -1.88
C ARG A 2367 39.90 14.62 -1.49
N ILE A 2368 39.08 14.80 -0.45
CA ILE A 2368 38.72 16.15 -0.01
C ILE A 2368 39.96 16.89 0.49
N LYS A 2369 40.83 16.21 1.21
CA LYS A 2369 42.07 16.83 1.65
C LYS A 2369 42.97 17.16 0.46
N LEU A 2370 43.01 16.27 -0.54
CA LEU A 2370 43.86 16.50 -1.71
C LEU A 2370 43.41 17.73 -2.49
N LYS A 2371 42.10 17.88 -2.69
CA LYS A 2371 41.61 19.06 -3.39
C LYS A 2371 41.83 20.33 -2.58
N GLY A 2372 42.01 20.21 -1.27
CA GLY A 2372 42.26 21.34 -0.39
C GLY A 2372 43.72 21.67 -0.20
N THR A 2373 44.62 21.05 -0.95
CA THR A 2373 46.05 21.29 -0.83
C THR A 2373 46.41 22.62 -1.48
N VAL A 2374 47.71 22.88 -1.63
CA VAL A 2374 48.16 24.19 -2.08
C VAL A 2374 48.55 24.19 -3.55
N GLY A 2375 49.54 23.37 -3.94
CA GLY A 2375 50.06 23.44 -5.29
C GLY A 2375 50.23 22.10 -5.98
N GLU A 2376 50.09 21.02 -5.24
CA GLU A 2376 50.24 19.69 -5.83
C GLU A 2376 49.09 19.41 -6.80
N PRO A 2377 49.36 18.71 -7.91
CA PRO A 2377 48.34 18.57 -8.96
C PRO A 2377 47.13 17.79 -8.48
N THR A 2378 45.98 18.11 -9.07
CA THR A 2378 44.73 17.48 -8.66
C THR A 2378 44.68 16.00 -9.01
N TYR A 2379 45.47 15.58 -10.00
CA TYR A 2379 45.50 14.19 -10.45
C TYR A 2379 44.12 13.70 -10.85
N ASP A 2380 43.34 14.57 -11.50
CA ASP A 2380 41.96 14.23 -11.83
C ASP A 2380 41.90 13.07 -12.81
N ALA A 2381 42.78 13.05 -13.81
CA ALA A 2381 42.78 11.97 -14.79
C ALA A 2381 43.11 10.62 -14.16
N GLU A 2382 44.07 10.60 -13.23
CA GLU A 2382 44.44 9.36 -12.58
C GLU A 2382 43.28 8.82 -11.74
N PHE A 2383 42.60 9.70 -11.01
CA PHE A 2383 41.43 9.27 -10.25
C PHE A 2383 40.32 8.80 -11.17
N GLN A 2384 40.16 9.46 -12.32
CA GLN A 2384 39.14 9.05 -13.28
C GLN A 2384 39.42 7.64 -13.80
N HIS A 2385 40.69 7.36 -14.12
CA HIS A 2385 41.04 6.01 -14.57
C HIS A 2385 40.91 4.99 -13.45
N PHE A 2386 41.20 5.41 -12.22
CA PHE A 2386 41.09 4.49 -11.09
C PHE A 2386 39.65 4.10 -10.81
N LEU A 2387 38.75 5.08 -10.78
CA LEU A 2387 37.36 4.81 -10.46
C LEU A 2387 36.69 3.96 -11.53
N ARG A 2388 36.92 4.29 -12.80
CA ARG A 2388 36.33 3.57 -13.93
C ARG A 2388 37.43 3.24 -14.92
N GLY A 2389 38.11 2.11 -14.70
CA GLY A 2389 39.11 1.64 -15.63
C GLY A 2389 38.60 0.47 -16.46
N ASN A 2390 37.69 -0.31 -15.87
CA ASN A 2390 37.05 -1.41 -16.57
C ASN A 2390 36.02 -0.96 -17.59
N GLU A 2391 35.55 0.28 -17.50
CA GLU A 2391 34.56 0.79 -18.45
C GLU A 2391 35.13 0.96 -19.85
N ILE A 2392 36.45 1.13 -19.98
CA ILE A 2392 37.06 1.31 -21.29
C ILE A 2392 36.98 0.00 -22.06
N VAL A 2393 36.47 0.08 -23.29
CA VAL A 2393 36.21 -1.09 -24.12
C VAL A 2393 37.40 -1.33 -25.03
N LEU A 2394 37.88 -2.57 -25.06
CA LEU A 2394 38.97 -2.97 -25.93
C LEU A 2394 38.63 -4.31 -26.56
N SER A 2395 38.61 -4.36 -27.89
CA SER A 2395 38.10 -5.54 -28.59
C SER A 2395 39.17 -6.63 -28.71
N ALA A 2396 40.25 -6.36 -29.44
CA ALA A 2396 41.25 -7.37 -29.74
C ALA A 2396 42.66 -6.80 -29.63
N GLY A 2397 42.83 -5.77 -28.79
CA GLY A 2397 44.13 -5.18 -28.57
C GLY A 2397 44.97 -5.85 -27.52
N SER A 2398 44.47 -6.92 -26.89
CA SER A 2398 45.22 -7.60 -25.85
C SER A 2398 46.42 -8.32 -26.43
N THR A 2399 47.55 -8.24 -25.72
CA THR A 2399 48.79 -8.88 -26.15
C THR A 2399 49.61 -9.25 -24.92
N PRO A 2400 49.69 -10.53 -24.59
CA PRO A 2400 50.52 -10.93 -23.45
C PRO A 2400 52.00 -10.69 -23.73
N ARG A 2401 52.76 -10.41 -22.67
CA ARG A 2401 54.18 -10.12 -22.76
C ARG A 2401 54.94 -11.14 -21.92
N ILE A 2402 55.92 -11.79 -22.55
CA ILE A 2402 56.81 -12.80 -21.95
C ILE A 2402 56.02 -13.78 -21.07
N GLN A 2403 54.74 -13.94 -21.38
CA GLN A 2403 53.85 -14.86 -20.64
C GLN A 2403 53.87 -14.56 -19.14
N GLY A 2404 53.95 -13.27 -18.80
CA GLY A 2404 54.01 -12.85 -17.42
C GLY A 2404 52.70 -12.27 -16.92
N LEU A 2405 51.74 -12.08 -17.82
CA LEU A 2405 50.45 -11.50 -17.48
C LEU A 2405 49.33 -12.42 -17.95
N THR A 2406 48.31 -12.58 -17.12
CA THR A 2406 47.15 -13.36 -17.50
C THR A 2406 46.26 -12.54 -18.43
N VAL A 2407 45.13 -13.14 -18.81
CA VAL A 2407 44.17 -12.43 -19.66
C VAL A 2407 43.63 -11.20 -18.93
N GLU A 2408 43.25 -11.38 -17.66
CA GLU A 2408 42.76 -10.25 -16.88
C GLU A 2408 43.87 -9.22 -16.67
N GLN A 2409 45.08 -9.69 -16.38
CA GLN A 2409 46.20 -8.76 -16.18
C GLN A 2409 46.54 -8.01 -17.47
N ALA A 2410 46.53 -8.72 -18.61
CA ALA A 2410 46.78 -8.06 -19.89
C ALA A 2410 45.71 -7.03 -20.19
N GLU A 2411 44.44 -7.37 -19.96
CA GLU A 2411 43.36 -6.42 -20.19
C GLU A 2411 43.50 -5.21 -19.28
N ALA A 2412 43.85 -5.43 -18.01
CA ALA A 2412 44.03 -4.33 -17.08
C ALA A 2412 45.17 -3.41 -17.51
N VAL A 2413 46.30 -3.99 -17.94
CA VAL A 2413 47.44 -3.15 -18.29
C VAL A 2413 47.16 -2.37 -19.58
N VAL A 2414 46.49 -3.01 -20.56
CA VAL A 2414 46.20 -2.28 -21.78
C VAL A 2414 45.15 -1.19 -21.54
N ARG A 2415 44.20 -1.45 -20.63
CA ARG A 2415 43.25 -0.41 -20.25
C ARG A 2415 43.95 0.75 -19.56
N LEU A 2416 44.88 0.44 -18.66
CA LEU A 2416 45.57 1.48 -17.90
C LEU A 2416 46.58 2.24 -18.75
N SER A 2417 46.99 1.66 -19.89
CA SER A 2417 47.91 2.37 -20.78
C SER A 2417 47.28 3.63 -21.35
N CYS A 2418 45.96 3.80 -21.25
CA CYS A 2418 45.31 5.01 -21.75
C CYS A 2418 45.84 6.25 -21.05
N LEU A 2419 46.22 6.13 -19.78
CA LEU A 2419 46.77 7.26 -19.05
C LEU A 2419 48.08 7.71 -19.68
N PRO A 2420 48.29 9.01 -19.90
CA PRO A 2420 49.51 9.44 -20.61
C PRO A 2420 50.81 9.03 -19.96
N ALA A 2421 50.88 9.00 -18.62
CA ALA A 2421 52.09 8.58 -17.96
C ALA A 2421 52.32 7.08 -18.10
N PHE A 2422 51.33 6.36 -18.60
CA PHE A 2422 51.34 4.91 -18.65
C PHE A 2422 51.42 4.37 -20.06
N LYS A 2423 51.90 5.19 -21.01
CA LYS A 2423 52.08 4.74 -22.38
C LYS A 2423 53.13 3.65 -22.53
N ASP A 2424 54.08 3.54 -21.61
CA ASP A 2424 55.20 2.63 -21.75
C ASP A 2424 55.10 1.43 -20.81
N LEU A 2425 53.90 1.14 -20.29
CA LEU A 2425 53.76 0.00 -19.39
C LEU A 2425 54.08 -1.31 -20.10
N ILE A 2426 53.55 -1.49 -21.30
CA ILE A 2426 53.66 -2.77 -21.99
C ILE A 2426 55.12 -3.11 -22.26
N ALA A 2427 55.87 -2.15 -22.78
CA ALA A 2427 57.27 -2.41 -23.09
C ALA A 2427 58.13 -2.51 -21.84
N LYS A 2428 57.78 -1.76 -20.80
CA LYS A 2428 58.63 -1.73 -19.60
C LYS A 2428 58.46 -2.99 -18.77
N VAL A 2429 57.23 -3.50 -18.65
CA VAL A 2429 57.02 -4.69 -17.83
C VAL A 2429 57.72 -5.90 -18.44
N GLN A 2430 57.74 -6.00 -19.77
CA GLN A 2430 58.41 -7.10 -20.43
C GLN A 2430 59.92 -6.91 -20.48
N ALA A 2431 60.42 -5.71 -20.18
CA ALA A 2431 61.85 -5.45 -20.10
C ALA A 2431 62.39 -5.56 -18.68
N ASP A 2432 61.57 -6.00 -17.73
CA ASP A 2432 61.97 -6.13 -16.34
C ASP A 2432 61.97 -7.59 -15.93
N GLU A 2433 62.96 -7.96 -15.11
CA GLU A 2433 63.08 -9.32 -14.60
C GLU A 2433 62.59 -9.48 -13.18
N GLN A 2434 62.86 -8.51 -12.31
CA GLN A 2434 62.35 -8.56 -10.95
C GLN A 2434 60.85 -8.33 -10.87
N PHE A 2435 60.22 -7.90 -11.97
CA PHE A 2435 58.78 -7.70 -11.97
C PHE A 2435 58.04 -9.01 -11.72
N GLY A 2436 58.57 -10.12 -12.22
CA GLY A 2436 57.97 -11.42 -11.94
C GLY A 2436 58.00 -11.75 -10.46
N ILE A 2437 59.12 -11.47 -9.80
CA ILE A 2437 59.20 -11.68 -8.36
C ILE A 2437 58.25 -10.75 -7.63
N TRP A 2438 58.11 -9.52 -8.12
CA TRP A 2438 57.20 -8.57 -7.49
C TRP A 2438 55.74 -9.01 -7.61
N LEU A 2439 55.38 -9.63 -8.74
CA LEU A 2439 53.99 -10.01 -8.98
C LEU A 2439 53.51 -11.02 -7.97
N ASP A 2440 54.32 -12.03 -7.66
CA ASP A 2440 53.93 -13.09 -6.74
C ASP A 2440 54.45 -12.83 -5.32
N SER A 2441 54.90 -11.62 -5.03
CA SER A 2441 55.36 -11.30 -3.69
C SER A 2441 54.19 -11.33 -2.71
N SER A 2442 54.51 -11.66 -1.45
CA SER A 2442 53.47 -11.75 -0.43
C SER A 2442 52.82 -10.39 -0.19
N SER A 2443 53.62 -9.34 -0.09
CA SER A 2443 53.13 -7.98 0.16
C SER A 2443 53.78 -7.03 -0.83
N PRO A 2444 53.34 -7.02 -2.08
CA PRO A 2444 53.91 -6.09 -3.06
C PRO A 2444 53.59 -4.64 -2.77
N GLU A 2445 52.65 -4.36 -1.87
CA GLU A 2445 52.30 -2.98 -1.57
C GLU A 2445 53.45 -2.24 -0.91
N GLN A 2446 54.30 -2.94 -0.15
CA GLN A 2446 55.40 -2.28 0.52
C GLN A 2446 56.41 -1.72 -0.47
N THR A 2447 56.74 -2.50 -1.51
CA THR A 2447 57.69 -2.06 -2.53
C THR A 2447 57.06 -2.24 -3.91
N VAL A 2448 56.84 -1.13 -4.60
CA VAL A 2448 56.31 -1.12 -5.96
C VAL A 2448 57.41 -0.61 -6.88
N PRO A 2449 57.84 -1.39 -7.86
CA PRO A 2449 58.91 -0.92 -8.76
C PRO A 2449 58.45 0.28 -9.56
N TYR A 2450 59.40 1.17 -9.85
CA TYR A 2450 59.11 2.41 -10.55
C TYR A 2450 58.97 2.11 -12.05
N LEU A 2451 57.75 2.22 -12.56
CA LEU A 2451 57.46 1.96 -13.97
C LEU A 2451 56.91 3.17 -14.71
N TRP A 2452 56.18 4.05 -14.06
CA TRP A 2452 55.56 5.18 -14.74
C TRP A 2452 56.60 6.22 -15.12
N SER A 2453 56.38 6.85 -16.28
CA SER A 2453 57.28 7.86 -16.80
C SER A 2453 56.75 9.24 -16.45
N GLU A 2454 57.54 10.01 -15.72
CA GLU A 2454 57.17 11.37 -15.34
C GLU A 2454 58.27 12.33 -15.79
N GLU A 2455 57.85 13.43 -16.44
CA GLU A 2455 58.82 14.44 -16.84
C GLU A 2455 59.50 15.06 -15.63
N THR A 2456 58.75 15.33 -14.57
CA THR A 2456 59.29 15.89 -13.36
C THR A 2456 58.98 15.00 -12.16
N PRO A 2457 59.87 14.95 -11.16
CA PRO A 2457 59.58 14.16 -9.95
C PRO A 2457 58.29 14.63 -9.28
N ALA A 2458 57.36 13.69 -9.14
CA ALA A 2458 56.08 14.01 -8.53
C ALA A 2458 56.18 14.02 -7.01
N THR A 2459 55.18 14.62 -6.38
CA THR A 2459 55.10 14.63 -4.92
C THR A 2459 54.90 13.21 -4.41
N PRO A 2460 55.28 12.92 -3.16
CA PRO A 2460 55.06 11.58 -2.61
C PRO A 2460 53.62 11.11 -2.71
N ILE A 2461 52.64 12.02 -2.62
CA ILE A 2461 51.26 11.62 -2.87
C ILE A 2461 51.09 11.19 -4.32
N GLY A 2462 51.80 11.84 -5.24
CA GLY A 2462 51.76 11.41 -6.63
C GLY A 2462 52.31 10.01 -6.81
N GLN A 2463 53.43 9.70 -6.16
CA GLN A 2463 53.95 8.34 -6.21
C GLN A 2463 52.98 7.36 -5.56
N ALA A 2464 52.31 7.78 -4.49
CA ALA A 2464 51.35 6.92 -3.83
C ALA A 2464 50.18 6.58 -4.73
N ILE A 2465 49.63 7.58 -5.44
CA ILE A 2465 48.51 7.31 -6.33
C ILE A 2465 48.98 6.51 -7.55
N HIS A 2466 50.20 6.75 -8.03
CA HIS A 2466 50.74 5.93 -9.11
C HIS A 2466 50.83 4.48 -8.69
N ARG A 2467 51.37 4.22 -7.50
CA ARG A 2467 51.44 2.87 -6.98
C ARG A 2467 50.05 2.28 -6.78
N LEU A 2468 49.08 3.11 -6.39
CA LEU A 2468 47.71 2.62 -6.26
C LEU A 2468 47.16 2.15 -7.59
N LEU A 2469 47.40 2.91 -8.66
CA LEU A 2469 46.96 2.50 -9.98
C LEU A 2469 47.65 1.21 -10.42
N LEU A 2470 48.97 1.11 -10.18
CA LEU A 2470 49.67 -0.11 -10.54
C LEU A 2470 49.15 -1.32 -9.76
N ILE A 2471 48.87 -1.14 -8.47
CA ILE A 2471 48.34 -2.23 -7.66
C ILE A 2471 46.97 -2.66 -8.16
N GLN A 2472 46.12 -1.68 -8.50
CA GLN A 2472 44.81 -2.01 -9.04
C GLN A 2472 44.94 -2.78 -10.35
N ALA A 2473 45.92 -2.42 -11.17
CA ALA A 2473 46.11 -3.08 -12.46
C ALA A 2473 46.72 -4.47 -12.34
N PHE A 2474 47.60 -4.71 -11.36
CA PHE A 2474 48.35 -5.95 -11.31
C PHE A 2474 47.91 -6.87 -10.17
N ARG A 2475 47.74 -6.35 -8.96
CA ARG A 2475 47.44 -7.16 -7.78
C ARG A 2475 46.19 -6.64 -7.12
N PRO A 2476 45.02 -6.99 -7.65
CA PRO A 2476 43.76 -6.50 -7.05
C PRO A 2476 43.54 -6.98 -5.64
N ASP A 2477 44.21 -8.06 -5.22
CA ASP A 2477 44.08 -8.51 -3.84
C ASP A 2477 44.66 -7.50 -2.86
N ARG A 2478 45.81 -6.92 -3.19
CA ARG A 2478 46.46 -5.94 -2.34
C ARG A 2478 45.91 -4.53 -2.53
N LEU A 2479 44.77 -4.39 -3.20
CA LEU A 2479 44.20 -3.07 -3.42
C LEU A 2479 43.79 -2.44 -2.09
N LEU A 2480 43.25 -3.24 -1.17
CA LEU A 2480 42.90 -2.70 0.14
C LEU A 2480 44.13 -2.20 0.88
N ALA A 2481 45.22 -2.98 0.84
CA ALA A 2481 46.44 -2.57 1.52
C ALA A 2481 47.01 -1.30 0.91
N MET A 2482 47.01 -1.21 -0.42
CA MET A 2482 47.53 -0.01 -1.06
C MET A 2482 46.63 1.20 -0.80
N ALA A 2483 45.32 1.01 -0.73
CA ALA A 2483 44.44 2.10 -0.36
C ALA A 2483 44.69 2.55 1.07
N HIS A 2484 44.96 1.60 1.97
CA HIS A 2484 45.34 1.95 3.33
C HIS A 2484 46.61 2.78 3.34
N MET A 2485 47.59 2.39 2.53
CA MET A 2485 48.83 3.14 2.44
C MET A 2485 48.61 4.54 1.88
N PHE A 2486 47.73 4.66 0.88
CA PHE A 2486 47.42 5.98 0.33
C PHE A 2486 46.73 6.87 1.36
N VAL A 2487 45.77 6.32 2.11
CA VAL A 2487 45.14 7.08 3.18
C VAL A 2487 46.17 7.49 4.22
N SER A 2488 47.11 6.61 4.52
CA SER A 2488 48.18 6.95 5.47
C SER A 2488 49.02 8.10 4.94
N THR A 2489 49.38 8.07 3.65
CA THR A 2489 50.20 9.13 3.09
C THR A 2489 49.43 10.44 2.97
N ASN A 2490 48.10 10.40 2.87
CA ASN A 2490 47.32 11.63 2.77
C ASN A 2490 47.02 12.24 4.13
N LEU A 2491 46.34 11.49 4.99
CA LEU A 2491 45.88 11.99 6.28
C LEU A 2491 46.88 11.73 7.41
N GLY A 2492 48.04 11.16 7.09
CA GLY A 2492 49.03 10.86 8.11
C GLY A 2492 48.83 9.48 8.69
N GLU A 2493 49.90 8.90 9.25
CA GLU A 2493 49.80 7.61 9.88
C GLU A 2493 48.89 7.69 11.10
N SER A 2494 48.31 6.54 11.46
CA SER A 2494 47.41 6.44 12.61
C SER A 2494 46.22 7.38 12.48
N PHE A 2495 45.79 7.64 11.24
CA PHE A 2495 44.58 8.42 11.04
C PHE A 2495 43.35 7.64 11.45
N MET A 2496 43.10 6.52 10.77
CA MET A 2496 42.00 5.63 11.14
C MET A 2496 42.47 4.49 12.05
N SER A 2497 43.26 4.85 13.06
CA SER A 2497 43.65 3.90 14.09
C SER A 2497 42.72 3.89 15.28
N ILE A 2498 41.81 4.87 15.36
CA ILE A 2498 40.84 4.89 16.44
C ILE A 2498 39.88 3.72 16.34
N MET A 2499 39.52 3.32 15.11
CA MET A 2499 38.60 2.21 14.92
C MET A 2499 39.10 0.91 15.54
N GLU A 2500 40.42 0.74 15.67
CA GLU A 2500 40.95 -0.47 16.29
C GLU A 2500 40.73 -0.46 17.80
N GLN A 2501 40.83 0.71 18.43
CA GLN A 2501 40.66 0.79 19.87
C GLN A 2501 39.23 0.46 20.26
N PRO A 2502 39.02 -0.27 21.35
CA PRO A 2502 37.66 -0.55 21.82
C PRO A 2502 36.92 0.75 22.12
N LEU A 2503 35.63 0.78 21.78
CA LEU A 2503 34.86 2.00 21.90
C LEU A 2503 34.65 2.34 23.37
N ASP A 2504 34.82 3.63 23.69
CA ASP A 2504 34.65 4.13 25.05
C ASP A 2504 33.23 4.67 25.17
N LEU A 2505 32.36 3.89 25.82
CA LEU A 2505 30.95 4.26 25.89
C LEU A 2505 30.72 5.46 26.80
N THR A 2506 31.35 5.47 27.98
CA THR A 2506 30.99 6.46 29.00
C THR A 2506 31.32 7.88 28.56
N HIS A 2507 32.50 8.09 27.99
CA HIS A 2507 32.88 9.44 27.58
C HIS A 2507 31.98 9.97 26.48
N ILE A 2508 31.70 9.12 25.48
CA ILE A 2508 30.85 9.54 24.37
C ILE A 2508 29.44 9.83 24.85
N VAL A 2509 28.91 8.98 25.73
CA VAL A 2509 27.56 9.19 26.25
C VAL A 2509 27.48 10.47 27.07
N GLY A 2510 28.48 10.70 27.93
CA GLY A 2510 28.43 11.85 28.81
C GLY A 2510 28.79 13.18 28.17
N THR A 2511 29.49 13.16 27.03
CA THR A 2511 29.95 14.40 26.41
C THR A 2511 29.32 14.63 25.04
N GLU A 2512 29.41 13.65 24.13
CA GLU A 2512 29.02 13.86 22.74
C GLU A 2512 27.55 13.62 22.47
N VAL A 2513 26.75 13.28 23.48
CA VAL A 2513 25.34 12.96 23.28
C VAL A 2513 24.50 13.91 24.11
N LYS A 2514 23.62 14.65 23.43
CA LYS A 2514 22.66 15.50 24.13
C LYS A 2514 21.52 14.64 24.67
N PRO A 2515 20.89 15.09 25.76
CA PRO A 2515 19.82 14.28 26.36
C PRO A 2515 18.66 13.98 25.40
N ASN A 2516 18.30 14.93 24.54
CA ASN A 2516 17.19 14.72 23.63
C ASN A 2516 17.51 13.65 22.59
N THR A 2517 18.71 13.64 22.07
CA THR A 2517 19.07 12.69 21.03
C THR A 2517 19.21 11.29 21.63
N PRO A 2518 18.48 10.30 21.13
CA PRO A 2518 18.67 8.93 21.61
C PRO A 2518 19.97 8.34 21.11
N VAL A 2519 20.43 7.31 21.80
CA VAL A 2519 21.64 6.59 21.42
C VAL A 2519 21.20 5.29 20.76
N LEU A 2520 21.56 5.13 19.49
CA LEU A 2520 21.13 3.99 18.68
C LEU A 2520 22.28 3.00 18.60
N MET A 2521 22.02 1.76 19.00
CA MET A 2521 23.04 0.71 18.98
C MET A 2521 22.59 -0.37 17.98
N CYS A 2522 22.87 -0.13 16.71
CA CYS A 2522 22.58 -1.14 15.70
C CYS A 2522 23.52 -2.32 15.86
N SER A 2523 22.94 -3.52 15.83
CA SER A 2523 23.69 -4.74 16.07
C SER A 2523 23.49 -5.71 14.91
N VAL A 2524 24.58 -6.26 14.40
CA VAL A 2524 24.52 -7.30 13.39
C VAL A 2524 23.96 -8.54 14.04
N PRO A 2525 23.41 -9.50 13.28
CA PRO A 2525 22.96 -10.76 13.91
C PRO A 2525 24.11 -11.45 14.63
N GLY A 2526 23.80 -12.02 15.78
CA GLY A 2526 24.79 -12.66 16.63
C GLY A 2526 25.44 -11.73 17.64
N TYR A 2527 25.11 -10.45 17.62
CA TYR A 2527 25.68 -9.49 18.56
C TYR A 2527 24.56 -8.68 19.18
N ASP A 2528 24.74 -8.33 20.46
CA ASP A 2528 23.79 -7.52 21.19
C ASP A 2528 24.55 -6.51 22.04
N ALA A 2529 24.06 -5.28 22.07
CA ALA A 2529 24.71 -4.22 22.81
C ALA A 2529 24.11 -4.00 24.19
N SER A 2530 23.13 -4.82 24.59
CA SER A 2530 22.51 -4.65 25.89
C SER A 2530 23.50 -4.89 27.03
N GLY A 2531 24.35 -5.91 26.88
CA GLY A 2531 25.27 -6.23 27.95
C GLY A 2531 26.30 -5.14 28.21
N HIS A 2532 26.86 -4.57 27.14
CA HIS A 2532 27.87 -3.53 27.30
C HIS A 2532 27.29 -2.31 28.00
N VAL A 2533 26.08 -1.90 27.62
CA VAL A 2533 25.51 -0.71 28.25
C VAL A 2533 25.03 -1.03 29.66
N GLU A 2534 24.62 -2.27 29.92
CA GLU A 2534 24.31 -2.65 31.30
C GLU A 2534 25.54 -2.55 32.18
N ASP A 2535 26.69 -3.01 31.66
CA ASP A 2535 27.95 -2.86 32.39
C ASP A 2535 28.30 -1.39 32.57
N LEU A 2536 28.04 -0.56 31.56
CA LEU A 2536 28.28 0.87 31.67
C LEU A 2536 27.43 1.48 32.78
N ALA A 2537 26.14 1.13 32.82
CA ALA A 2537 25.25 1.67 33.84
C ALA A 2537 25.68 1.23 35.24
N ALA A 2538 26.09 -0.04 35.37
CA ALA A 2538 26.60 -0.50 36.66
C ALA A 2538 27.86 0.25 37.05
N GLU A 2539 28.77 0.48 36.10
CA GLU A 2539 30.01 1.18 36.39
C GLU A 2539 29.76 2.61 36.83
N GLN A 2540 28.81 3.29 36.19
CA GLN A 2540 28.45 4.63 36.60
C GLN A 2540 27.61 4.66 37.88
N ASN A 2541 27.20 3.51 38.38
CA ASN A 2541 26.33 3.41 39.56
C ASN A 2541 25.06 4.23 39.38
N THR A 2542 24.50 4.18 38.17
CA THR A 2542 23.24 4.84 37.87
C THR A 2542 22.18 3.80 37.57
N GLN A 2543 21.05 3.90 38.25
CA GLN A 2543 19.94 2.98 38.03
C GLN A 2543 19.37 3.18 36.63
N ILE A 2544 19.01 2.08 35.97
CA ILE A 2544 18.60 2.10 34.58
C ILE A 2544 17.39 1.18 34.42
N THR A 2545 16.47 1.57 33.54
CA THR A 2545 15.27 0.77 33.25
C THR A 2545 15.45 0.11 31.89
N SER A 2546 15.58 -1.21 31.89
CA SER A 2546 15.72 -1.98 30.67
C SER A 2546 14.38 -2.62 30.31
N ILE A 2547 13.86 -2.28 29.14
CA ILE A 2547 12.57 -2.77 28.68
C ILE A 2547 12.74 -3.35 27.28
N ALA A 2548 12.14 -4.51 27.04
CA ALA A 2548 12.09 -5.08 25.69
C ALA A 2548 10.78 -4.70 25.03
N ILE A 2549 10.87 -4.31 23.75
CA ILE A 2549 9.74 -3.74 23.04
C ILE A 2549 8.86 -4.86 22.50
N GLY A 2550 7.56 -4.77 22.79
CA GLY A 2550 6.59 -5.71 22.28
C GLY A 2550 5.44 -5.95 23.22
N SER A 2551 4.49 -6.79 22.81
CA SER A 2551 3.39 -7.29 23.64
C SER A 2551 2.40 -6.21 24.04
N ALA A 2552 2.50 -5.00 23.49
CA ALA A 2552 1.59 -3.88 23.73
C ALA A 2552 1.60 -3.41 25.18
N GLU A 2553 2.36 -4.05 26.07
CA GLU A 2553 2.58 -3.55 27.41
C GLU A 2553 3.96 -2.95 27.58
N GLY A 2554 4.93 -3.37 26.77
CA GLY A 2554 6.22 -2.71 26.78
C GLY A 2554 6.12 -1.26 26.33
N PHE A 2555 5.12 -0.94 25.51
CA PHE A 2555 4.91 0.45 25.09
C PHE A 2555 4.48 1.32 26.27
N ASN A 2556 3.49 0.85 27.03
CA ASN A 2556 3.02 1.62 28.17
C ASN A 2556 4.10 1.76 29.23
N GLN A 2557 4.82 0.66 29.52
CA GLN A 2557 5.92 0.70 30.47
C GLN A 2557 7.00 1.65 29.99
N ALA A 2558 7.33 1.61 28.70
CA ALA A 2558 8.36 2.50 28.16
C ALA A 2558 7.93 3.96 28.27
N ASP A 2559 6.66 4.25 27.98
CA ASP A 2559 6.17 5.62 28.10
C ASP A 2559 6.25 6.10 29.54
N LYS A 2560 5.84 5.25 30.48
CA LYS A 2560 5.91 5.64 31.89
C LYS A 2560 7.35 5.87 32.33
N ALA A 2561 8.26 4.99 31.93
CA ALA A 2561 9.66 5.13 32.32
C ALA A 2561 10.26 6.39 31.72
N ILE A 2562 9.94 6.70 30.46
CA ILE A 2562 10.46 7.91 29.84
C ILE A 2562 9.92 9.13 30.54
N ASN A 2563 8.62 9.13 30.87
CA ASN A 2563 8.03 10.27 31.56
C ASN A 2563 8.70 10.49 32.91
N THR A 2564 8.98 9.41 33.64
CA THR A 2564 9.62 9.55 34.95
C THR A 2564 11.08 9.98 34.80
N ALA A 2565 11.75 9.52 33.74
CA ALA A 2565 13.20 9.70 33.63
C ALA A 2565 13.59 11.10 33.17
N VAL A 2566 12.70 11.82 32.50
CA VAL A 2566 13.05 13.15 32.01
C VAL A 2566 13.14 14.16 33.14
N LYS A 2567 12.46 13.92 34.26
CA LYS A 2567 12.53 14.81 35.41
C LYS A 2567 13.44 14.28 36.51
N SER A 2568 14.23 13.25 36.24
CA SER A 2568 15.11 12.67 37.24
C SER A 2568 16.50 12.29 36.75
N GLY A 2569 16.76 12.35 35.44
CA GLY A 2569 18.05 11.94 34.91
C GLY A 2569 18.27 10.44 34.84
N ARG A 2570 17.22 9.65 35.02
CA ARG A 2570 17.33 8.20 34.97
C ARG A 2570 17.59 7.74 33.53
N TRP A 2571 18.47 6.75 33.40
CA TRP A 2571 18.69 6.15 32.09
C TRP A 2571 17.55 5.19 31.75
N VAL A 2572 17.31 5.02 30.45
CA VAL A 2572 16.25 4.14 29.97
C VAL A 2572 16.77 3.34 28.78
N MET A 2573 16.49 2.04 28.77
CA MET A 2573 16.79 1.16 27.67
C MET A 2573 15.52 0.56 27.09
N LEU A 2574 15.41 0.58 25.78
CA LEU A 2574 14.35 -0.12 25.05
C LEU A 2574 15.04 -1.11 24.11
N LYS A 2575 14.91 -2.40 24.43
CA LYS A 2575 15.62 -3.44 23.71
C LYS A 2575 14.81 -3.95 22.54
N ASN A 2576 15.51 -4.29 21.46
CA ASN A 2576 14.90 -4.85 20.25
C ASN A 2576 13.80 -3.95 19.72
N VAL A 2577 14.09 -2.65 19.65
CA VAL A 2577 13.12 -1.69 19.11
C VAL A 2577 13.37 -1.61 17.61
N HIS A 2578 12.87 -2.61 16.90
CA HIS A 2578 12.69 -2.55 15.46
C HIS A 2578 11.41 -3.26 15.05
N LEU A 2579 10.60 -3.71 16.00
CA LEU A 2579 9.37 -4.45 15.74
C LEU A 2579 8.12 -3.59 15.87
N ALA A 2580 8.27 -2.30 16.22
CA ALA A 2580 7.14 -1.38 16.33
C ALA A 2580 7.48 -0.07 15.64
N PRO A 2581 7.59 -0.07 14.30
CA PRO A 2581 7.96 1.16 13.60
C PRO A 2581 6.99 2.31 13.79
N GLY A 2582 5.69 2.05 13.88
CA GLY A 2582 4.75 3.14 14.11
C GLY A 2582 4.88 3.74 15.49
N TRP A 2583 4.97 2.91 16.51
CA TRP A 2583 5.27 3.41 17.84
C TRP A 2583 6.63 4.09 17.87
N LEU A 2584 7.52 3.73 16.96
CA LEU A 2584 8.83 4.35 16.94
C LEU A 2584 8.77 5.74 16.30
N MET A 2585 7.92 5.90 15.28
CA MET A 2585 7.56 7.24 14.80
C MET A 2585 7.01 8.09 15.93
N GLN A 2586 6.08 7.53 16.69
CA GLN A 2586 5.50 8.27 17.82
C GLN A 2586 6.57 8.63 18.84
N LEU A 2587 7.51 7.71 19.09
CA LEU A 2587 8.60 7.97 20.02
C LEU A 2587 9.48 9.12 19.53
N GLU A 2588 9.80 9.12 18.23
CA GLU A 2588 10.61 10.21 17.68
C GLU A 2588 9.89 11.54 17.81
N LYS A 2589 8.59 11.56 17.50
CA LYS A 2589 7.82 12.80 17.61
C LYS A 2589 7.78 13.30 19.05
N LYS A 2590 7.60 12.39 20.00
CA LYS A 2590 7.58 12.81 21.40
C LYS A 2590 8.96 13.25 21.88
N LEU A 2591 10.01 12.59 21.38
CA LEU A 2591 11.36 12.86 21.85
C LEU A 2591 11.91 14.16 21.27
N HIS A 2592 11.35 14.61 20.15
CA HIS A 2592 11.85 15.86 19.55
C HIS A 2592 11.68 17.04 20.49
N SER A 2593 10.70 17.00 21.39
CA SER A 2593 10.40 18.12 22.28
C SER A 2593 10.09 17.61 23.68
N LEU A 2594 11.13 17.52 24.53
CA LEU A 2594 10.92 17.20 25.93
C LEU A 2594 11.75 18.05 26.88
N GLN A 2595 12.85 18.64 26.36
CA GLN A 2595 13.87 19.36 27.12
C GLN A 2595 14.15 18.66 28.44
N PRO A 2596 14.73 17.47 28.41
CA PRO A 2596 14.84 16.64 29.61
C PRO A 2596 15.97 17.12 30.52
N HIS A 2597 16.03 16.50 31.70
CA HIS A 2597 17.08 16.80 32.66
C HIS A 2597 18.44 16.38 32.11
N ALA A 2598 19.48 17.08 32.57
CA ALA A 2598 20.83 16.74 32.18
C ALA A 2598 21.23 15.39 32.76
N CYS A 2599 22.24 14.77 32.13
CA CYS A 2599 22.74 13.43 32.42
C CYS A 2599 21.70 12.36 32.12
N PHE A 2600 20.51 12.71 31.66
CA PHE A 2600 19.53 11.74 31.20
C PHE A 2600 19.94 11.21 29.83
N ARG A 2601 19.76 9.91 29.64
CA ARG A 2601 20.07 9.28 28.37
C ARG A 2601 18.96 8.31 28.03
N LEU A 2602 18.84 8.02 26.73
CA LEU A 2602 17.84 7.07 26.24
C LEU A 2602 18.52 6.16 25.24
N PHE A 2603 18.54 4.87 25.54
CA PHE A 2603 19.21 3.87 24.72
C PHE A 2603 18.19 3.02 23.98
N LEU A 2604 18.39 2.85 22.68
CA LEU A 2604 17.49 2.07 21.84
C LEU A 2604 18.29 0.94 21.21
N THR A 2605 18.11 -0.27 21.73
CA THR A 2605 18.77 -1.44 21.17
C THR A 2605 17.93 -1.99 20.01
N MET A 2606 18.58 -2.22 18.87
CA MET A 2606 17.87 -2.67 17.69
C MET A 2606 18.84 -3.35 16.74
N GLU A 2607 18.30 -4.15 15.84
CA GLU A 2607 19.07 -4.86 14.84
C GLU A 2607 19.18 -4.00 13.58
N ILE A 2608 19.96 -4.47 12.62
CA ILE A 2608 20.17 -3.76 11.36
C ILE A 2608 19.17 -4.34 10.36
N ASN A 2609 18.02 -3.69 10.25
CA ASN A 2609 17.04 -4.03 9.23
C ASN A 2609 16.51 -2.77 8.57
N PRO A 2610 16.15 -2.83 7.29
CA PRO A 2610 15.71 -1.63 6.59
C PRO A 2610 14.33 -1.13 7.01
N LYS A 2611 13.66 -1.81 7.93
CA LYS A 2611 12.31 -1.42 8.35
C LYS A 2611 12.31 -0.46 9.53
N VAL A 2612 13.48 0.03 9.95
CA VAL A 2612 13.53 1.07 10.97
C VAL A 2612 13.31 2.42 10.29
N PRO A 2613 12.66 3.36 10.97
CA PRO A 2613 12.41 4.67 10.37
C PRO A 2613 13.70 5.40 10.03
N VAL A 2614 13.65 6.18 8.95
CA VAL A 2614 14.79 7.00 8.57
C VAL A 2614 14.93 8.21 9.49
N ASN A 2615 13.81 8.78 9.91
CA ASN A 2615 13.87 9.99 10.74
C ASN A 2615 14.52 9.72 12.08
N LEU A 2616 14.26 8.56 12.68
CA LEU A 2616 14.91 8.22 13.94
C LEU A 2616 16.41 8.10 13.75
N LEU A 2617 16.85 7.44 12.68
CA LEU A 2617 18.28 7.37 12.38
C LEU A 2617 18.87 8.75 12.18
N ARG A 2618 18.08 9.67 11.60
CA ARG A 2618 18.52 11.05 11.45
C ARG A 2618 18.68 11.72 12.81
N ALA A 2619 17.77 11.47 13.74
CA ALA A 2619 17.68 12.23 14.98
C ALA A 2619 18.46 11.62 16.14
N GLY A 2620 19.18 10.53 15.93
CA GLY A 2620 19.90 9.89 17.01
C GLY A 2620 21.30 9.51 16.60
N ARG A 2621 22.17 9.39 17.59
CA ARG A 2621 23.53 8.93 17.34
C ARG A 2621 23.52 7.42 17.13
N ILE A 2622 24.17 6.97 16.05
CA ILE A 2622 24.13 5.58 15.62
C ILE A 2622 25.45 4.92 15.99
N PHE A 2623 25.37 3.74 16.60
CA PHE A 2623 26.54 2.93 16.92
C PHE A 2623 26.33 1.53 16.37
N VAL A 2624 27.32 1.02 15.66
CA VAL A 2624 27.24 -0.30 15.05
C VAL A 2624 28.23 -1.22 15.75
N PHE A 2625 27.76 -2.39 16.15
CA PHE A 2625 28.56 -3.38 16.85
C PHE A 2625 28.75 -4.60 15.97
N GLU A 2626 30.00 -4.96 15.72
CA GLU A 2626 30.38 -6.03 14.82
C GLU A 2626 31.51 -6.82 15.46
N PRO A 2627 31.82 -8.01 14.93
CA PRO A 2627 33.10 -8.64 15.25
C PRO A 2627 34.24 -7.71 14.88
N PRO A 2628 35.15 -7.43 15.82
CA PRO A 2628 36.25 -6.53 15.51
C PRO A 2628 37.13 -7.10 14.41
N PRO A 2629 37.72 -6.26 13.58
CA PRO A 2629 38.49 -6.78 12.44
C PRO A 2629 39.89 -7.21 12.82
N GLY A 2630 40.25 -8.44 12.51
CA GLY A 2630 41.58 -8.93 12.81
C GLY A 2630 41.68 -9.53 14.19
N VAL A 2631 42.69 -10.38 14.37
CA VAL A 2631 42.89 -11.00 15.68
C VAL A 2631 43.30 -9.98 16.72
N LYS A 2632 44.13 -9.01 16.34
CA LYS A 2632 44.65 -8.06 17.32
C LYS A 2632 43.55 -7.28 18.01
N ALA A 2633 42.65 -6.69 17.22
CA ALA A 2633 41.55 -5.94 17.80
C ALA A 2633 40.63 -6.84 18.62
N ASN A 2634 40.52 -8.10 18.21
CA ASN A 2634 39.64 -9.03 18.94
C ASN A 2634 40.23 -9.37 20.30
N MET A 2635 41.54 -9.63 20.36
CA MET A 2635 42.22 -9.80 21.64
C MET A 2635 42.05 -8.56 22.51
N LEU A 2636 42.22 -7.38 21.92
CA LEU A 2636 42.10 -6.15 22.69
C LEU A 2636 40.70 -6.01 23.27
N ARG A 2637 39.68 -6.27 22.47
CA ARG A 2637 38.30 -6.17 22.94
C ARG A 2637 38.02 -7.19 24.04
N THR A 2638 38.50 -8.42 23.88
CA THR A 2638 38.27 -9.43 24.91
C THR A 2638 38.95 -9.04 26.22
N PHE A 2639 40.20 -8.56 26.15
CA PHE A 2639 40.91 -8.18 27.35
C PHE A 2639 40.27 -6.97 28.03
N SER A 2640 39.80 -6.01 27.24
CA SER A 2640 39.08 -4.88 27.82
C SER A 2640 37.79 -5.33 28.49
N SER A 2641 37.08 -6.28 27.88
CA SER A 2641 35.82 -6.75 28.43
C SER A 2641 36.02 -7.43 29.78
N ILE A 2642 37.05 -8.27 29.89
CA ILE A 2642 37.30 -8.99 31.15
C ILE A 2642 37.79 -8.00 32.19
N PRO A 2643 37.18 -7.94 33.37
CA PRO A 2643 37.65 -7.02 34.41
C PRO A 2643 39.07 -7.34 34.84
N VAL A 2644 39.82 -6.31 35.19
CA VAL A 2644 41.19 -6.50 35.65
C VAL A 2644 41.22 -7.28 36.95
N SER A 2645 40.23 -7.06 37.83
CA SER A 2645 40.22 -7.76 39.11
C SER A 2645 40.08 -9.26 38.93
N ARG A 2646 39.30 -9.69 37.94
CA ARG A 2646 39.09 -11.12 37.72
C ARG A 2646 40.40 -11.81 37.32
N ILE A 2647 41.20 -11.16 36.48
CA ILE A 2647 42.53 -11.67 36.17
C ILE A 2647 43.48 -11.30 37.30
N CYS A 2648 44.59 -12.04 37.40
CA CYS A 2648 45.61 -11.81 38.41
C CYS A 2648 45.06 -12.00 39.82
N LYS A 2649 44.08 -12.90 39.94
CA LYS A 2649 43.52 -13.29 41.22
C LYS A 2649 43.72 -14.79 41.40
N SER A 2650 44.27 -15.17 42.55
CA SER A 2650 44.71 -16.53 42.83
C SER A 2650 45.78 -16.83 41.77
N PRO A 2651 45.98 -18.07 41.27
CA PRO A 2651 47.32 -18.42 40.77
C PRO A 2651 47.72 -17.58 39.57
N ASN A 2652 49.03 -17.35 39.43
CA ASN A 2652 49.53 -16.56 38.32
C ASN A 2652 49.31 -17.23 36.97
N GLU A 2653 49.01 -18.53 36.95
CA GLU A 2653 48.69 -19.22 35.71
C GLU A 2653 47.33 -18.83 35.16
N ARG A 2654 46.50 -18.16 35.95
CA ARG A 2654 45.19 -17.72 35.47
C ARG A 2654 45.32 -16.74 34.32
N ALA A 2655 46.30 -15.85 34.38
CA ALA A 2655 46.48 -14.88 33.30
C ALA A 2655 46.82 -15.58 32.00
N ARG A 2656 47.71 -16.58 32.05
CA ARG A 2656 48.05 -17.32 30.84
C ARG A 2656 46.87 -18.12 30.33
N LEU A 2657 46.08 -18.69 31.24
CA LEU A 2657 44.87 -19.39 30.80
C LEU A 2657 43.92 -18.44 30.08
N TYR A 2658 43.74 -17.24 30.62
CA TYR A 2658 42.85 -16.26 29.99
C TYR A 2658 43.39 -15.81 28.64
N PHE A 2659 44.72 -15.65 28.53
CA PHE A 2659 45.29 -15.29 27.24
C PHE A 2659 45.08 -16.39 26.21
N LEU A 2660 45.26 -17.64 26.61
CA LEU A 2660 45.00 -18.74 25.69
C LEU A 2660 43.53 -18.77 25.29
N LEU A 2661 42.64 -18.55 26.25
CA LEU A 2661 41.21 -18.50 25.95
C LEU A 2661 40.90 -17.41 24.94
N ALA A 2662 41.47 -16.22 25.14
CA ALA A 2662 41.22 -15.11 24.23
C ALA A 2662 41.77 -15.42 22.84
N TRP A 2663 42.94 -16.05 22.76
CA TRP A 2663 43.51 -16.38 21.46
C TRP A 2663 42.65 -17.39 20.73
N PHE A 2664 42.18 -18.42 21.43
CA PHE A 2664 41.28 -19.39 20.83
C PHE A 2664 39.99 -18.74 20.37
N HIS A 2665 39.42 -17.87 21.21
CA HIS A 2665 38.19 -17.18 20.85
C HIS A 2665 38.37 -16.34 19.61
N ALA A 2666 39.48 -15.59 19.54
CA ALA A 2666 39.72 -14.76 18.37
C ALA A 2666 39.93 -15.58 17.11
N ILE A 2667 40.69 -16.67 17.21
CA ILE A 2667 40.95 -17.51 16.05
C ILE A 2667 39.65 -18.07 15.49
N ILE A 2668 38.82 -18.67 16.35
CA ILE A 2668 37.57 -19.24 15.85
C ILE A 2668 36.60 -18.15 15.44
N GLN A 2669 36.68 -16.97 16.07
CA GLN A 2669 35.76 -15.89 15.73
C GLN A 2669 36.02 -15.35 14.34
N GLU A 2670 37.28 -15.13 13.99
CA GLU A 2670 37.55 -14.50 12.71
C GLU A 2670 38.06 -15.51 11.68
N ARG A 2671 37.95 -16.81 11.96
CA ARG A 2671 37.88 -17.77 10.87
C ARG A 2671 36.52 -17.76 10.18
N LEU A 2672 35.48 -17.24 10.86
CA LEU A 2672 34.15 -17.19 10.28
C LEU A 2672 34.10 -16.35 9.01
N ARG A 2673 35.04 -15.42 8.84
CA ARG A 2673 35.07 -14.60 7.63
C ARG A 2673 35.27 -15.46 6.40
N TYR A 2674 36.11 -16.49 6.50
CA TYR A 2674 36.37 -17.39 5.38
C TYR A 2674 35.47 -18.63 5.48
N ALA A 2675 34.16 -18.36 5.47
CA ALA A 2675 33.18 -19.41 5.77
C ALA A 2675 33.27 -20.62 4.85
N PRO A 2676 33.36 -20.50 3.52
CA PRO A 2676 33.44 -21.71 2.70
C PRO A 2676 34.66 -22.58 3.01
N LEU A 2677 35.79 -21.96 3.39
CA LEU A 2677 37.01 -22.71 3.64
C LEU A 2677 37.34 -22.86 5.12
N GLY A 2678 36.78 -22.01 5.97
CA GLY A 2678 36.99 -22.12 7.40
C GLY A 2678 35.91 -22.96 8.05
N TRP A 2679 35.08 -22.33 8.88
CA TRP A 2679 33.96 -23.04 9.48
C TRP A 2679 32.84 -23.20 8.45
N SER A 2680 32.43 -24.45 8.21
CA SER A 2680 31.54 -24.75 7.09
C SER A 2680 30.26 -23.93 7.16
N LYS A 2681 29.78 -23.65 8.36
CA LYS A 2681 28.58 -22.86 8.55
C LYS A 2681 28.92 -21.57 9.27
N LYS A 2682 28.14 -20.53 9.02
CA LYS A 2682 28.35 -19.24 9.66
C LYS A 2682 27.72 -19.29 11.06
N TYR A 2683 28.49 -19.72 12.04
CA TYR A 2683 27.98 -19.89 13.40
C TYR A 2683 27.86 -18.53 14.08
N GLU A 2684 27.56 -18.52 15.37
CA GLU A 2684 27.33 -17.30 16.12
C GLU A 2684 28.14 -17.29 17.40
N PHE A 2685 29.42 -17.66 17.29
CA PHE A 2685 30.33 -17.50 18.43
C PHE A 2685 30.37 -16.05 18.85
N GLY A 2686 29.82 -15.74 20.01
CA GLY A 2686 29.61 -14.37 20.43
C GLY A 2686 30.15 -14.09 21.81
N GLU A 2687 29.46 -13.20 22.53
CA GLU A 2687 29.94 -12.76 23.83
C GLU A 2687 29.49 -13.69 24.95
N SER A 2688 28.32 -14.32 24.80
CA SER A 2688 27.89 -15.29 25.79
C SER A 2688 28.80 -16.50 25.81
N ASP A 2689 29.29 -16.92 24.64
CA ASP A 2689 30.25 -18.03 24.59
C ASP A 2689 31.51 -17.70 25.37
N LEU A 2690 32.05 -16.48 25.19
CA LEU A 2690 33.26 -16.09 25.90
C LEU A 2690 32.99 -15.94 27.40
N ARG A 2691 31.82 -15.43 27.77
CA ARG A 2691 31.50 -15.32 29.20
C ARG A 2691 31.39 -16.70 29.85
N SER A 2692 30.74 -17.64 29.17
CA SER A 2692 30.64 -18.99 29.72
C SER A 2692 32.01 -19.65 29.80
N ALA A 2693 32.85 -19.43 28.78
CA ALA A 2693 34.21 -19.94 28.82
C ALA A 2693 34.98 -19.38 30.00
N CYS A 2694 34.84 -18.08 30.24
CA CYS A 2694 35.49 -17.45 31.39
C CYS A 2694 34.99 -18.05 32.71
N ASP A 2695 33.68 -18.24 32.82
CA ASP A 2695 33.12 -18.77 34.06
C ASP A 2695 33.62 -20.18 34.33
N THR A 2696 33.63 -21.03 33.30
CA THR A 2696 34.09 -22.40 33.50
C THR A 2696 35.59 -22.43 33.82
N VAL A 2697 36.38 -21.61 33.14
CA VAL A 2697 37.81 -21.57 33.44
C VAL A 2697 38.03 -21.14 34.88
N ASP A 2698 37.33 -20.09 35.31
CA ASP A 2698 37.47 -19.61 36.68
C ASP A 2698 37.09 -20.70 37.69
N THR A 2699 35.93 -21.34 37.48
CA THR A 2699 35.46 -22.33 38.44
C THR A 2699 36.41 -23.51 38.53
N TRP A 2700 36.88 -24.01 37.38
CA TRP A 2700 37.71 -25.20 37.40
C TRP A 2700 39.13 -24.88 37.89
N LEU A 2701 39.62 -23.67 37.63
CA LEU A 2701 40.92 -23.31 38.18
C LEU A 2701 40.84 -23.10 39.69
N ASP A 2702 39.72 -22.57 40.18
CA ASP A 2702 39.55 -22.43 41.62
C ASP A 2702 39.39 -23.79 42.29
N ASP A 2703 38.72 -24.73 41.62
CA ASP A 2703 38.57 -26.06 42.18
C ASP A 2703 39.90 -26.81 42.21
N THR A 2704 40.69 -26.72 41.13
CA THR A 2704 41.92 -27.50 41.07
C THR A 2704 43.00 -26.93 41.98
N ALA A 2705 42.89 -25.66 42.37
CA ALA A 2705 43.87 -25.01 43.22
C ALA A 2705 43.13 -24.19 44.27
N LYS A 2706 43.01 -24.75 45.48
CA LYS A 2706 42.28 -24.09 46.56
C LYS A 2706 43.25 -23.16 47.28
N GLY A 2707 43.16 -21.87 46.98
CA GLY A 2707 43.97 -20.87 47.67
C GLY A 2707 45.42 -20.79 47.28
N ARG A 2708 46.12 -21.92 47.23
CA ARG A 2708 47.55 -21.91 46.95
C ARG A 2708 47.82 -21.38 45.56
N GLN A 2709 48.81 -20.51 45.45
CA GLN A 2709 49.22 -19.94 44.18
C GLN A 2709 50.27 -20.82 43.51
N ASN A 2710 50.69 -20.40 42.32
CA ASN A 2710 51.79 -21.03 41.59
C ASN A 2710 51.53 -22.52 41.36
N ILE A 2711 50.32 -22.82 40.92
CA ILE A 2711 49.96 -24.19 40.59
C ILE A 2711 50.78 -24.66 39.40
N SER A 2712 51.19 -25.93 39.43
CA SER A 2712 52.01 -26.47 38.37
C SER A 2712 51.23 -26.50 37.05
N PRO A 2713 51.90 -26.23 35.91
CA PRO A 2713 51.17 -26.22 34.63
C PRO A 2713 50.51 -27.55 34.31
N ASP A 2714 51.10 -28.66 34.72
CA ASP A 2714 50.55 -29.98 34.42
C ASP A 2714 49.47 -30.41 35.42
N LYS A 2715 49.15 -29.57 36.39
CA LYS A 2715 48.06 -29.85 37.33
C LYS A 2715 46.80 -29.08 37.01
N ILE A 2716 46.84 -28.18 36.03
CA ILE A 2716 45.63 -27.50 35.57
C ILE A 2716 44.74 -28.50 34.85
N PRO A 2717 43.42 -28.49 35.06
CA PRO A 2717 42.56 -29.48 34.41
C PRO A 2717 42.42 -29.25 32.92
N TRP A 2718 43.42 -29.69 32.15
CA TRP A 2718 43.36 -29.52 30.70
C TRP A 2718 42.19 -30.28 30.10
N SER A 2719 42.01 -31.53 30.51
CA SER A 2719 40.96 -32.35 29.92
C SER A 2719 39.59 -31.77 30.21
N ALA A 2720 39.36 -31.31 31.45
CA ALA A 2720 38.07 -30.73 31.80
C ALA A 2720 37.75 -29.51 30.95
N LEU A 2721 38.72 -28.59 30.83
CA LEU A 2721 38.49 -27.39 30.03
C LEU A 2721 38.28 -27.73 28.57
N LYS A 2722 39.09 -28.63 28.01
CA LYS A 2722 38.94 -28.99 26.61
C LYS A 2722 37.57 -29.59 26.34
N THR A 2723 37.14 -30.53 27.19
CA THR A 2723 35.83 -31.15 26.99
C THR A 2723 34.69 -30.15 27.17
N LEU A 2724 34.77 -29.29 28.19
CA LEU A 2724 33.70 -28.34 28.41
C LEU A 2724 33.60 -27.34 27.27
N MET A 2725 34.74 -26.92 26.73
CA MET A 2725 34.73 -25.99 25.61
C MET A 2725 34.32 -26.64 24.30
N ALA A 2726 34.58 -27.94 24.13
CA ALA A 2726 34.28 -28.63 22.89
C ALA A 2726 32.90 -29.27 22.86
N GLN A 2727 32.25 -29.44 24.02
CA GLN A 2727 30.98 -30.14 24.08
C GLN A 2727 29.84 -29.32 24.65
N SER A 2728 30.10 -28.25 25.37
CA SER A 2728 29.01 -27.56 26.04
C SER A 2728 28.92 -26.08 25.72
N ILE A 2729 30.05 -25.41 25.51
CA ILE A 2729 30.04 -23.96 25.32
C ILE A 2729 30.16 -23.60 23.85
N TYR A 2730 31.28 -23.97 23.23
CA TYR A 2730 31.49 -23.68 21.81
C TYR A 2730 30.96 -24.78 20.89
N GLY A 2731 31.04 -26.04 21.31
CA GLY A 2731 30.55 -27.12 20.48
C GLY A 2731 29.05 -27.26 20.49
N GLY A 2732 28.36 -26.54 21.38
CA GLY A 2732 26.91 -26.59 21.38
C GLY A 2732 26.30 -26.09 20.09
N ARG A 2733 26.86 -25.01 19.54
CA ARG A 2733 26.37 -24.45 18.29
C ARG A 2733 26.91 -25.17 17.06
N VAL A 2734 27.83 -26.12 17.23
CA VAL A 2734 28.38 -26.84 16.09
C VAL A 2734 27.46 -28.00 15.74
N ASP A 2735 27.04 -28.05 14.47
CA ASP A 2735 26.13 -29.09 13.99
C ASP A 2735 26.87 -30.27 13.40
N ASN A 2736 27.63 -30.07 12.33
CA ASN A 2736 28.26 -31.18 11.63
C ASN A 2736 29.48 -31.67 12.39
N GLU A 2737 29.87 -32.91 12.11
CA GLU A 2737 30.98 -33.54 12.82
C GLU A 2737 32.33 -33.00 12.39
N PHE A 2738 32.45 -32.50 11.15
CA PHE A 2738 33.73 -31.97 10.71
C PHE A 2738 34.09 -30.68 11.45
N ASP A 2739 33.10 -29.80 11.64
CA ASP A 2739 33.35 -28.60 12.43
C ASP A 2739 33.66 -28.95 13.88
N GLN A 2740 32.99 -29.97 14.41
CA GLN A 2740 33.29 -30.43 15.76
C GLN A 2740 34.72 -30.93 15.87
N ARG A 2741 35.19 -31.68 14.87
CA ARG A 2741 36.56 -32.16 14.90
C ARG A 2741 37.55 -31.02 14.72
N LEU A 2742 37.19 -29.98 13.97
CA LEU A 2742 38.05 -28.81 13.88
C LEU A 2742 38.16 -28.10 15.22
N LEU A 2743 37.03 -27.96 15.91
CA LEU A 2743 37.04 -27.36 17.24
C LEU A 2743 37.88 -28.17 18.20
N ASN A 2744 37.75 -29.50 18.15
CA ASN A 2744 38.60 -30.36 18.97
C ASN A 2744 40.07 -30.19 18.62
N THR A 2745 40.38 -30.07 17.32
CA THR A 2745 41.75 -29.85 16.91
C THR A 2745 42.32 -28.59 17.54
N PHE A 2746 41.59 -27.47 17.44
CA PHE A 2746 42.09 -26.23 18.02
C PHE A 2746 42.22 -26.32 19.53
N LEU A 2747 41.22 -26.90 20.20
CA LEU A 2747 41.26 -26.97 21.66
C LEU A 2747 42.42 -27.84 22.14
N GLU A 2748 42.67 -28.96 21.46
CA GLU A 2748 43.79 -29.81 21.83
C GLU A 2748 45.14 -29.16 21.48
N ARG A 2749 45.18 -28.35 20.43
CA ARG A 2749 46.44 -27.69 20.09
C ARG A 2749 46.78 -26.59 21.09
N LEU A 2750 45.78 -25.85 21.55
CA LEU A 2750 46.06 -24.71 22.44
C LEU A 2750 46.07 -25.11 23.91
N PHE A 2751 44.94 -25.63 24.40
CA PHE A 2751 44.80 -25.94 25.82
C PHE A 2751 45.61 -27.18 26.14
N THR A 2752 46.89 -26.99 26.46
CA THR A 2752 47.77 -28.10 26.80
C THR A 2752 48.88 -27.57 27.69
N THR A 2753 49.54 -28.51 28.39
CA THR A 2753 50.62 -28.12 29.29
C THR A 2753 51.79 -27.51 28.53
N ARG A 2754 52.05 -27.99 27.31
CA ARG A 2754 53.17 -27.47 26.52
C ARG A 2754 53.01 -26.00 26.17
N SER A 2755 51.80 -25.45 26.27
CA SER A 2755 51.61 -24.02 26.04
C SER A 2755 52.34 -23.16 27.06
N PHE A 2756 52.69 -23.70 28.22
CA PHE A 2756 53.41 -22.97 29.25
C PHE A 2756 54.91 -23.02 29.05
N ASP A 2757 55.38 -23.67 27.99
CA ASP A 2757 56.80 -23.72 27.69
C ASP A 2757 57.22 -22.37 27.09
N SER A 2758 58.47 -22.30 26.63
CA SER A 2758 58.98 -21.08 26.02
C SER A 2758 58.91 -21.08 24.50
N GLU A 2759 59.04 -22.24 23.87
CA GLU A 2759 59.07 -22.35 22.42
C GLU A 2759 57.72 -22.78 21.84
N PHE A 2760 56.67 -22.80 22.65
CA PHE A 2760 55.35 -23.11 22.14
C PHE A 2760 54.92 -22.06 21.12
N LYS A 2761 54.36 -22.53 20.01
CA LYS A 2761 53.99 -21.67 18.89
C LYS A 2761 52.47 -21.56 18.82
N LEU A 2762 51.95 -20.33 18.94
CA LEU A 2762 50.49 -20.13 18.79
C LEU A 2762 50.08 -20.51 17.36
N ALA A 2763 50.86 -20.06 16.37
CA ALA A 2763 50.60 -20.45 14.96
C ALA A 2763 51.79 -21.28 14.45
N CYS A 2764 51.51 -22.42 13.81
CA CYS A 2764 52.60 -23.32 13.34
C CYS A 2764 53.55 -22.55 12.43
N LYS A 2765 53.04 -21.92 11.36
CA LYS A 2765 53.87 -21.12 10.42
C LYS A 2765 53.01 -20.00 9.81
N VAL A 2766 53.53 -18.78 9.78
CA VAL A 2766 52.77 -17.64 9.17
C VAL A 2766 53.50 -17.17 7.91
N ASP A 2767 54.83 -17.35 7.85
CA ASP A 2767 55.61 -16.97 6.65
C ASP A 2767 56.42 -18.17 6.16
N GLY A 2768 56.20 -19.35 6.77
CA GLY A 2768 57.00 -20.55 6.42
C GLY A 2768 58.24 -20.63 7.30
N HIS A 2769 58.64 -19.51 7.91
CA HIS A 2769 59.81 -19.49 8.82
C HIS A 2769 59.45 -18.72 10.08
N LYS A 2770 58.61 -17.68 9.95
CA LYS A 2770 58.17 -16.86 11.11
C LYS A 2770 57.01 -17.58 11.80
N ASP A 2771 57.16 -17.88 13.10
CA ASP A 2771 56.10 -18.58 13.87
C ASP A 2771 55.69 -17.69 15.05
N ILE A 2772 54.37 -17.46 15.22
CA ILE A 2772 53.89 -16.65 16.38
C ILE A 2772 54.35 -17.33 17.67
N GLN A 2773 55.16 -16.64 18.47
CA GLN A 2773 55.70 -17.23 19.68
C GLN A 2773 54.81 -16.94 20.89
N MET A 2774 54.77 -17.90 21.81
CA MET A 2774 53.97 -17.77 23.02
C MET A 2774 54.59 -16.72 23.93
N PRO A 2775 53.89 -15.63 24.26
CA PRO A 2775 54.49 -14.61 25.12
C PRO A 2775 54.83 -15.15 26.50
N ASP A 2776 56.07 -14.94 26.93
CA ASP A 2776 56.54 -15.36 28.24
C ASP A 2776 56.15 -14.30 29.27
N GLY A 2777 54.87 -14.27 29.60
CA GLY A 2777 54.33 -13.32 30.56
C GLY A 2777 53.79 -14.03 31.78
N ILE A 2778 53.71 -13.29 32.90
CA ILE A 2778 53.12 -13.78 34.12
C ILE A 2778 51.91 -12.95 34.54
N ARG A 2779 52.01 -11.63 34.44
CA ARG A 2779 50.92 -10.72 34.77
C ARG A 2779 50.19 -10.31 33.50
N ARG A 2780 48.98 -9.75 33.68
CA ARG A 2780 48.12 -9.44 32.55
C ARG A 2780 48.76 -8.43 31.60
N GLU A 2781 49.40 -7.39 32.15
CA GLU A 2781 49.91 -6.31 31.32
C GLU A 2781 50.95 -6.81 30.32
N GLU A 2782 51.69 -7.85 30.68
CA GLU A 2782 52.65 -8.43 29.75
C GLU A 2782 51.95 -8.98 28.51
N PHE A 2783 50.89 -9.77 28.70
CA PHE A 2783 50.14 -10.28 27.57
C PHE A 2783 49.46 -9.16 26.79
N VAL A 2784 48.95 -8.15 27.50
CA VAL A 2784 48.28 -7.04 26.82
C VAL A 2784 49.25 -6.30 25.91
N GLN A 2785 50.44 -6.01 26.42
CA GLN A 2785 51.42 -5.31 25.58
C GLN A 2785 51.93 -6.22 24.47
N TRP A 2786 52.01 -7.53 24.72
CA TRP A 2786 52.37 -8.44 23.65
C TRP A 2786 51.34 -8.38 22.52
N VAL A 2787 50.06 -8.30 22.89
CA VAL A 2787 49.01 -8.11 21.89
C VAL A 2787 49.23 -6.80 21.14
N GLU A 2788 49.56 -5.74 21.87
CA GLU A 2788 49.70 -4.43 21.25
C GLU A 2788 50.90 -4.33 20.31
N LEU A 2789 51.91 -5.20 20.44
CA LEU A 2789 53.02 -5.24 19.51
C LEU A 2789 52.84 -6.27 18.40
N LEU A 2790 51.64 -6.82 18.25
CA LEU A 2790 51.39 -7.72 17.14
C LEU A 2790 51.53 -6.95 15.84
N PRO A 2791 52.21 -7.53 14.84
CA PRO A 2791 52.37 -6.81 13.57
C PRO A 2791 51.05 -6.64 12.86
N ASP A 2792 51.02 -5.70 11.91
CA ASP A 2792 49.83 -5.41 11.12
C ASP A 2792 49.81 -6.16 9.80
N THR A 2793 50.43 -7.34 9.75
CA THR A 2793 50.49 -8.18 8.56
C THR A 2793 49.73 -9.49 8.77
N GLN A 2794 48.54 -9.40 9.36
CA GLN A 2794 47.74 -10.58 9.67
C GLN A 2794 47.31 -11.27 8.39
N THR A 2795 47.93 -12.41 8.12
CA THR A 2795 47.55 -13.25 6.99
C THR A 2795 46.68 -14.40 7.48
N PRO A 2796 45.90 -15.03 6.59
CA PRO A 2796 45.15 -16.22 7.00
C PRO A 2796 46.04 -17.37 7.43
N SER A 2797 47.32 -17.35 7.05
CA SER A 2797 48.24 -18.39 7.50
C SER A 2797 48.37 -18.42 9.02
N TRP A 2798 48.04 -17.32 9.70
CA TRP A 2798 47.94 -17.34 11.16
C TRP A 2798 46.91 -18.36 11.61
N LEU A 2799 45.83 -18.52 10.84
CA LEU A 2799 44.65 -19.23 11.33
C LEU A 2799 44.81 -20.73 11.19
N GLY A 2800 45.78 -21.18 10.41
CA GLY A 2800 45.85 -22.54 9.93
C GLY A 2800 45.32 -22.70 8.53
N LEU A 2801 44.54 -21.73 8.05
CA LEU A 2801 44.08 -21.73 6.68
C LEU A 2801 45.25 -21.43 5.74
N PRO A 2802 45.14 -21.82 4.46
CA PRO A 2802 46.24 -21.56 3.52
C PRO A 2802 46.48 -20.08 3.34
N ASN A 2803 47.73 -19.74 3.01
CA ASN A 2803 48.10 -18.34 2.82
C ASN A 2803 47.34 -17.68 1.68
N ASN A 2804 46.91 -18.46 0.68
CA ASN A 2804 46.21 -17.95 -0.48
C ASN A 2804 44.69 -18.09 -0.35
N ALA A 2805 44.16 -18.02 0.88
CA ALA A 2805 42.74 -18.17 1.13
C ALA A 2805 42.01 -16.84 1.21
N GLU A 2806 42.68 -15.74 0.88
CA GLU A 2806 42.09 -14.41 0.97
C GLU A 2806 42.07 -13.67 -0.36
N ARG A 2807 42.60 -14.28 -1.43
CA ARG A 2807 42.67 -13.60 -2.72
C ARG A 2807 41.30 -13.19 -3.20
N VAL A 2808 40.36 -14.14 -3.24
CA VAL A 2808 39.03 -13.86 -3.77
C VAL A 2808 38.32 -12.83 -2.91
N LEU A 2809 38.36 -13.00 -1.59
CA LEU A 2809 37.68 -12.06 -0.71
C LEU A 2809 38.28 -10.67 -0.80
N LEU A 2810 39.61 -10.58 -0.83
CA LEU A 2810 40.25 -9.26 -0.93
C LEU A 2810 39.90 -8.58 -2.24
N THR A 2811 39.93 -9.33 -3.35
CA THR A 2811 39.57 -8.73 -4.64
C THR A 2811 38.11 -8.29 -4.66
N THR A 2812 37.22 -9.09 -4.08
CA THR A 2812 35.81 -8.71 -4.02
C THR A 2812 35.62 -7.45 -3.19
N GLN A 2813 36.31 -7.35 -2.06
CA GLN A 2813 36.23 -6.15 -1.24
C GLN A 2813 36.75 -4.94 -1.99
N GLY A 2814 37.84 -5.10 -2.74
CA GLY A 2814 38.36 -3.99 -3.52
C GLY A 2814 37.39 -3.53 -4.59
N VAL A 2815 36.78 -4.49 -5.30
CA VAL A 2815 35.80 -4.14 -6.32
C VAL A 2815 34.60 -3.44 -5.69
N ASP A 2816 34.15 -3.92 -4.53
CA ASP A 2816 33.05 -3.27 -3.84
C ASP A 2816 33.43 -1.87 -3.39
N MET A 2817 34.66 -1.67 -2.94
CA MET A 2817 35.12 -0.35 -2.55
C MET A 2817 35.09 0.60 -3.74
N ILE A 2818 35.60 0.15 -4.89
CA ILE A 2818 35.59 1.01 -6.07
C ILE A 2818 34.17 1.31 -6.51
N SER A 2819 33.29 0.31 -6.46
CA SER A 2819 31.90 0.54 -6.83
C SER A 2819 31.22 1.53 -5.88
N LYS A 2820 31.48 1.41 -4.58
CA LYS A 2820 30.92 2.36 -3.63
C LYS A 2820 31.45 3.76 -3.87
N MET A 2821 32.75 3.89 -4.13
CA MET A 2821 33.33 5.21 -4.40
C MET A 2821 32.72 5.81 -5.66
N LEU A 2822 32.52 5.00 -6.69
CA LEU A 2822 31.91 5.49 -7.92
C LEU A 2822 30.46 5.91 -7.70
N LYS A 2823 29.70 5.14 -6.92
CA LYS A 2823 28.35 5.53 -6.58
C LYS A 2823 28.33 6.80 -5.74
N MET A 2824 29.40 7.05 -4.98
CA MET A 2824 29.52 8.28 -4.21
C MET A 2824 29.61 9.52 -5.09
N GLN A 2825 30.29 9.41 -6.24
CA GLN A 2825 30.52 10.55 -7.12
C GLN A 2825 29.21 11.12 -7.65
N ALA A 2853 13.73 -4.07 -27.36
CA ALA A 2853 12.86 -4.31 -26.22
C ALA A 2853 13.16 -5.65 -25.57
N TRP A 2854 12.62 -5.86 -24.37
CA TRP A 2854 12.83 -7.12 -23.67
C TRP A 2854 12.19 -8.29 -24.40
N MET A 2855 11.13 -8.04 -25.15
CA MET A 2855 10.41 -9.13 -25.81
C MET A 2855 11.25 -9.78 -26.89
N ARG A 2856 11.88 -8.98 -27.75
CA ARG A 2856 12.74 -9.54 -28.79
C ARG A 2856 13.98 -10.19 -28.20
N THR A 2857 14.55 -9.59 -27.15
CA THR A 2857 15.69 -10.20 -26.49
C THR A 2857 15.33 -11.55 -25.89
N LEU A 2858 14.16 -11.64 -25.27
CA LEU A 2858 13.69 -12.92 -24.73
C LEU A 2858 13.46 -13.92 -25.86
N HIS A 2859 12.94 -13.44 -27.00
CA HIS A 2859 12.79 -14.30 -28.16
C HIS A 2859 14.11 -14.92 -28.57
N THR A 2860 15.14 -14.07 -28.72
CA THR A 2860 16.45 -14.56 -29.13
C THR A 2860 17.05 -15.51 -28.10
N THR A 2861 16.94 -15.16 -26.81
CA THR A 2861 17.51 -16.02 -25.78
C THR A 2861 16.79 -17.36 -25.72
N ALA A 2862 15.47 -17.37 -25.84
CA ALA A 2862 14.72 -18.62 -25.83
C ALA A 2862 15.08 -19.48 -27.03
N SER A 2863 15.23 -18.87 -28.21
CA SER A 2863 15.64 -19.64 -29.37
C SER A 2863 17.03 -20.24 -29.18
N ASN A 2864 17.97 -19.45 -28.65
CA ASN A 2864 19.31 -19.97 -28.42
C ASN A 2864 19.30 -21.11 -27.39
N TRP A 2865 18.52 -20.95 -26.33
CA TRP A 2865 18.44 -21.99 -25.31
C TRP A 2865 17.87 -23.28 -25.90
N LEU A 2866 16.79 -23.16 -26.67
CA LEU A 2866 16.21 -24.36 -27.29
C LEU A 2866 17.19 -25.00 -28.26
N HIS A 2867 18.01 -24.18 -28.93
CA HIS A 2867 19.02 -24.74 -29.84
C HIS A 2867 20.08 -25.52 -29.07
N LEU A 2868 20.62 -24.93 -28.00
CA LEU A 2868 21.72 -25.58 -27.30
C LEU A 2868 21.26 -26.79 -26.50
N ILE A 2869 20.06 -26.73 -25.95
CA ILE A 2869 19.50 -27.85 -25.18
C ILE A 2869 19.16 -28.98 -26.15
N PRO A 2870 19.66 -30.20 -25.91
CA PRO A 2870 19.40 -31.29 -26.85
C PRO A 2870 17.95 -31.76 -26.78
N GLN A 2871 17.61 -32.63 -27.73
CA GLN A 2871 16.26 -33.18 -27.81
C GLN A 2871 16.07 -34.24 -26.73
N THR A 2872 14.84 -34.70 -26.59
CA THR A 2872 14.50 -35.67 -25.55
C THR A 2872 15.33 -36.94 -25.70
N LEU A 2873 15.81 -37.45 -24.58
CA LEU A 2873 16.64 -38.65 -24.55
C LEU A 2873 15.78 -39.91 -24.39
N SER A 2874 16.30 -41.01 -24.91
CA SER A 2874 15.58 -42.28 -24.86
C SER A 2874 15.71 -42.93 -23.49
N HIS A 2875 14.69 -43.69 -23.12
CA HIS A 2875 14.66 -44.38 -21.85
C HIS A 2875 15.54 -45.63 -21.92
N LEU A 2876 15.43 -46.50 -20.92
CA LEU A 2876 16.15 -47.76 -20.89
C LEU A 2876 15.15 -48.91 -20.92
N LYS A 2877 15.50 -49.97 -21.66
CA LYS A 2877 14.58 -51.07 -21.87
C LYS A 2877 14.43 -51.89 -20.59
N ARG A 2878 13.18 -52.15 -20.21
CA ARG A 2878 12.86 -52.93 -19.02
C ARG A 2878 12.78 -54.41 -19.42
N THR A 2879 13.84 -55.15 -19.10
CA THR A 2879 13.88 -56.58 -19.33
C THR A 2879 13.77 -57.32 -18.00
N VAL A 2880 13.53 -58.63 -18.09
CA VAL A 2880 13.37 -59.43 -16.89
C VAL A 2880 14.67 -59.55 -16.12
N GLU A 2881 15.81 -59.49 -16.81
CA GLU A 2881 17.10 -59.64 -16.14
C GLU A 2881 17.72 -58.30 -15.74
N ASN A 2882 17.37 -57.21 -16.43
CA ASN A 2882 17.94 -55.92 -16.09
C ASN A 2882 17.17 -55.23 -14.96
N ILE A 2883 15.90 -55.59 -14.76
CA ILE A 2883 15.11 -54.94 -13.71
C ILE A 2883 15.69 -55.24 -12.33
N LYS A 2884 16.33 -56.39 -12.16
CA LYS A 2884 16.85 -56.78 -10.86
C LYS A 2884 18.14 -56.06 -10.49
N ASP A 2885 18.95 -55.66 -11.46
CA ASP A 2885 20.24 -55.05 -11.18
C ASP A 2885 20.05 -53.71 -10.47
N PRO A 2886 20.77 -53.44 -9.39
CA PRO A 2886 20.64 -52.12 -8.73
C PRO A 2886 21.16 -50.99 -9.58
N LEU A 2887 22.29 -51.19 -10.28
CA LEU A 2887 22.82 -50.15 -11.14
C LEU A 2887 21.84 -49.77 -12.24
N PHE A 2888 21.21 -50.77 -12.86
CA PHE A 2888 20.24 -50.50 -13.90
C PHE A 2888 19.03 -49.76 -13.35
N ARG A 2889 18.56 -50.15 -12.15
CA ARG A 2889 17.43 -49.46 -11.54
C ARG A 2889 17.77 -48.00 -11.28
N PHE A 2890 18.95 -47.74 -10.74
CA PHE A 2890 19.36 -46.37 -10.46
C PHE A 2890 19.45 -45.55 -11.74
N PHE A 2891 20.07 -46.12 -12.77
CA PHE A 2891 20.22 -45.37 -14.02
C PHE A 2891 18.88 -45.15 -14.71
N GLU A 2892 17.97 -46.12 -14.61
CA GLU A 2892 16.63 -45.94 -15.14
C GLU A 2892 15.90 -44.81 -14.45
N ARG A 2893 15.96 -44.77 -13.11
CA ARG A 2893 15.32 -43.67 -12.41
C ARG A 2893 15.95 -42.34 -12.79
N GLU A 2894 17.28 -42.31 -12.91
CA GLU A 2894 17.97 -41.08 -13.28
C GLU A 2894 17.51 -40.58 -14.64
N VAL A 2895 17.54 -41.46 -15.65
CA VAL A 2895 17.17 -41.03 -16.99
C VAL A 2895 15.68 -40.69 -17.06
N LYS A 2896 14.85 -41.36 -16.26
CA LYS A 2896 13.42 -41.02 -16.27
C LYS A 2896 13.19 -39.63 -15.70
N MET A 2897 13.82 -39.31 -14.59
CA MET A 2897 13.69 -37.96 -14.04
C MET A 2897 14.27 -36.92 -14.98
N GLY A 2898 15.42 -37.24 -15.60
CA GLY A 2898 16.00 -36.31 -16.56
C GLY A 2898 15.10 -36.09 -17.77
N ALA A 2899 14.47 -37.14 -18.26
CA ALA A 2899 13.56 -37.00 -19.39
C ALA A 2899 12.34 -36.18 -19.01
N LYS A 2900 11.79 -36.39 -17.81
CA LYS A 2900 10.66 -35.59 -17.37
C LYS A 2900 11.03 -34.12 -17.30
N LEU A 2901 12.17 -33.81 -16.69
CA LEU A 2901 12.61 -32.42 -16.61
C LEU A 2901 12.88 -31.84 -17.98
N LEU A 2902 13.50 -32.62 -18.88
CA LEU A 2902 13.80 -32.14 -20.22
C LEU A 2902 12.52 -31.84 -20.98
N GLN A 2903 11.54 -32.72 -20.91
CA GLN A 2903 10.27 -32.48 -21.59
C GLN A 2903 9.60 -31.23 -21.04
N ASP A 2904 9.57 -31.09 -19.71
CA ASP A 2904 8.91 -29.93 -19.11
C ASP A 2904 9.59 -28.63 -19.55
N VAL A 2905 10.93 -28.57 -19.46
CA VAL A 2905 11.62 -27.34 -19.80
C VAL A 2905 11.54 -27.06 -21.30
N ARG A 2906 11.57 -28.11 -22.13
CA ARG A 2906 11.48 -27.89 -23.57
C ARG A 2906 10.11 -27.35 -23.94
N GLN A 2907 9.04 -27.90 -23.37
CA GLN A 2907 7.72 -27.39 -23.72
C GLN A 2907 7.52 -25.99 -23.17
N ASP A 2908 8.09 -25.68 -22.00
CA ASP A 2908 8.00 -24.32 -21.48
C ASP A 2908 8.74 -23.33 -22.37
N LEU A 2909 9.95 -23.68 -22.81
CA LEU A 2909 10.69 -22.79 -23.70
C LEU A 2909 9.99 -22.63 -25.04
N ALA A 2910 9.43 -23.72 -25.57
CA ALA A 2910 8.67 -23.62 -26.81
C ALA A 2910 7.45 -22.72 -26.63
N ASP A 2911 6.77 -22.83 -25.50
CA ASP A 2911 5.64 -21.95 -25.22
C ASP A 2911 6.08 -20.49 -25.15
N VAL A 2912 7.22 -20.23 -24.53
CA VAL A 2912 7.75 -18.87 -24.48
C VAL A 2912 8.04 -18.36 -25.88
N VAL A 2913 8.62 -19.21 -26.73
CA VAL A 2913 8.91 -18.81 -28.11
C VAL A 2913 7.62 -18.49 -28.86
N GLN A 2914 6.59 -19.34 -28.68
CA GLN A 2914 5.33 -19.09 -29.37
C GLN A 2914 4.67 -17.81 -28.90
N VAL A 2915 4.71 -17.54 -27.59
CA VAL A 2915 4.11 -16.32 -27.07
C VAL A 2915 4.87 -15.10 -27.57
N CYS A 2916 6.20 -15.15 -27.53
CA CYS A 2916 7.00 -14.03 -28.02
C CYS A 2916 6.89 -13.84 -29.52
N GLU A 2917 6.35 -14.81 -30.25
CA GLU A 2917 5.95 -14.62 -31.63
C GLU A 2917 4.55 -14.03 -31.74
N GLY A 2918 3.84 -13.89 -30.63
CA GLY A 2918 2.59 -13.17 -30.58
C GLY A 2918 1.34 -13.97 -30.86
N LYS A 2919 1.46 -15.22 -31.28
CA LYS A 2919 0.26 -15.96 -31.69
C LYS A 2919 -0.51 -16.49 -30.49
N LYS A 2920 0.16 -16.76 -29.38
CA LYS A 2920 -0.46 -17.42 -28.24
C LYS A 2920 -0.83 -16.41 -27.15
N LYS A 2921 -1.79 -16.80 -26.32
CA LYS A 2921 -2.34 -15.93 -25.30
C LYS A 2921 -1.48 -16.02 -24.03
N GLN A 2922 -1.81 -15.22 -23.02
CA GLN A 2922 -1.03 -15.12 -21.79
C GLN A 2922 -1.71 -15.89 -20.66
N THR A 2923 -0.96 -16.79 -20.04
CA THR A 2923 -1.41 -17.58 -18.91
C THR A 2923 -0.79 -17.05 -17.63
N ASN A 2924 -1.45 -17.28 -16.50
CA ASN A 2924 -0.87 -16.91 -15.21
C ASN A 2924 0.47 -17.58 -15.02
N TYR A 2925 0.55 -18.88 -15.29
CA TYR A 2925 1.82 -19.58 -15.20
C TYR A 2925 2.83 -19.02 -16.19
N LEU A 2926 2.40 -18.76 -17.43
CA LEU A 2926 3.30 -18.20 -18.42
C LEU A 2926 3.74 -16.79 -18.02
N ARG A 2927 2.83 -16.00 -17.48
CA ARG A 2927 3.20 -14.67 -17.01
C ARG A 2927 4.26 -14.75 -15.92
N THR A 2928 4.06 -15.64 -14.95
CA THR A 2928 5.04 -15.80 -13.88
C THR A 2928 6.38 -16.27 -14.42
N LEU A 2929 6.35 -17.21 -15.36
CA LEU A 2929 7.59 -17.73 -15.93
C LEU A 2929 8.35 -16.64 -16.68
N ILE A 2930 7.64 -15.85 -17.48
CA ILE A 2930 8.29 -14.76 -18.20
C ILE A 2930 8.85 -13.73 -17.22
N ASN A 2931 8.07 -13.38 -16.20
CA ASN A 2931 8.51 -12.37 -15.25
C ASN A 2931 9.76 -12.81 -14.51
N GLU A 2932 9.82 -14.08 -14.10
CA GLU A 2932 10.99 -14.56 -13.40
C GLU A 2932 12.13 -14.96 -14.33
N LEU A 2933 11.88 -15.08 -15.63
CA LEU A 2933 12.93 -15.42 -16.57
C LEU A 2933 13.63 -14.21 -17.15
N VAL A 2934 12.90 -13.09 -17.34
CA VAL A 2934 13.57 -11.88 -17.80
C VAL A 2934 14.53 -11.35 -16.74
N LYS A 2935 14.27 -11.65 -15.47
CA LYS A 2935 15.12 -11.18 -14.38
C LYS A 2935 16.33 -12.07 -14.15
N GLY A 2936 16.47 -13.17 -14.89
CA GLY A 2936 17.57 -14.08 -14.67
C GLY A 2936 17.37 -15.03 -13.51
N ILE A 2937 16.17 -15.09 -12.92
CA ILE A 2937 15.89 -15.99 -11.82
C ILE A 2937 15.51 -17.35 -12.38
N LEU A 2938 16.16 -18.40 -11.89
CA LEU A 2938 15.81 -19.74 -12.32
C LEU A 2938 14.38 -20.08 -11.89
N PRO A 2939 13.54 -20.56 -12.80
CA PRO A 2939 12.17 -20.90 -12.42
C PRO A 2939 12.15 -21.99 -11.35
N ARG A 2940 11.20 -21.87 -10.43
CA ARG A 2940 11.11 -22.82 -9.33
C ARG A 2940 10.71 -24.22 -9.82
N SER A 2941 9.93 -24.30 -10.89
CA SER A 2941 9.55 -25.60 -11.44
C SER A 2941 10.77 -26.34 -11.98
N TRP A 2942 11.70 -25.62 -12.59
CA TRP A 2942 12.91 -26.23 -13.11
C TRP A 2942 13.87 -26.65 -12.00
N SER A 2943 13.66 -26.20 -10.77
CA SER A 2943 14.53 -26.52 -9.64
C SER A 2943 14.09 -27.84 -9.04
N HIS A 2944 14.55 -28.93 -9.63
CA HIS A 2944 14.22 -30.27 -9.15
C HIS A 2944 15.39 -30.98 -8.49
N TYR A 2945 16.61 -30.66 -8.87
CA TYR A 2945 17.80 -31.26 -8.30
C TYR A 2945 18.56 -30.24 -7.46
N THR A 2946 19.47 -30.75 -6.63
CA THR A 2946 20.22 -29.89 -5.72
C THR A 2946 21.16 -28.98 -6.51
N VAL A 2947 21.08 -27.69 -6.23
CA VAL A 2947 21.85 -26.68 -6.96
C VAL A 2947 22.49 -25.70 -5.97
N PRO A 2948 23.63 -25.10 -6.30
CA PRO A 2948 24.13 -24.00 -5.47
C PRO A 2948 23.16 -22.83 -5.51
N ALA A 2949 23.11 -22.09 -4.39
CA ALA A 2949 22.11 -21.04 -4.24
C ALA A 2949 22.39 -19.86 -5.16
N GLY A 2950 21.33 -19.34 -5.76
CA GLY A 2950 21.37 -18.06 -6.43
C GLY A 2950 22.25 -17.91 -7.66
N MET A 2951 22.10 -18.79 -8.65
CA MET A 2951 22.79 -18.56 -9.91
C MET A 2951 21.83 -17.94 -10.93
N THR A 2952 22.40 -17.52 -12.06
CA THR A 2952 21.59 -17.02 -13.16
C THR A 2952 20.97 -18.18 -13.94
N VAL A 2953 20.05 -17.83 -14.83
CA VAL A 2953 19.41 -18.86 -15.66
C VAL A 2953 20.41 -19.47 -16.63
N ILE A 2954 21.34 -18.65 -17.15
CA ILE A 2954 22.26 -19.15 -18.18
C ILE A 2954 23.15 -20.26 -17.62
N GLN A 2955 23.68 -20.05 -16.42
CA GLN A 2955 24.53 -21.08 -15.82
C GLN A 2955 23.76 -22.35 -15.55
N TRP A 2956 22.52 -22.22 -15.05
CA TRP A 2956 21.70 -23.40 -14.82
C TRP A 2956 21.42 -24.13 -16.14
N VAL A 2957 21.18 -23.37 -17.20
CA VAL A 2957 20.89 -23.98 -18.50
C VAL A 2957 22.11 -24.73 -19.03
N SER A 2958 23.30 -24.15 -18.88
CA SER A 2958 24.51 -24.85 -19.30
C SER A 2958 24.72 -26.11 -18.48
N ASP A 2959 24.50 -26.03 -17.16
CA ASP A 2959 24.60 -27.21 -16.32
C ASP A 2959 23.61 -28.28 -16.74
N PHE A 2960 22.38 -27.87 -17.05
CA PHE A 2960 21.36 -28.82 -17.48
C PHE A 2960 21.73 -29.47 -18.81
N SER A 2961 22.31 -28.69 -19.73
CA SER A 2961 22.75 -29.25 -20.99
C SER A 2961 23.83 -30.30 -20.78
N GLU A 2962 24.80 -30.01 -19.91
CA GLU A 2962 25.83 -31.00 -19.63
C GLU A 2962 25.25 -32.25 -18.97
N ARG A 2963 24.31 -32.06 -18.04
CA ARG A 2963 23.68 -33.19 -17.37
C ARG A 2963 22.93 -34.06 -18.36
N ILE A 2964 22.17 -33.45 -19.27
CA ILE A 2964 21.40 -34.22 -20.23
C ILE A 2964 22.34 -34.92 -21.22
N LYS A 2965 23.45 -34.29 -21.58
CA LYS A 2965 24.41 -34.95 -22.46
C LYS A 2965 25.02 -36.17 -21.77
N GLN A 2966 25.36 -36.05 -20.49
CA GLN A 2966 25.87 -37.21 -19.77
C GLN A 2966 24.80 -38.30 -19.66
N LEU A 2967 23.54 -37.90 -19.46
CA LEU A 2967 22.46 -38.89 -19.40
C LEU A 2967 22.28 -39.60 -20.72
N GLN A 2968 22.42 -38.88 -21.84
CA GLN A 2968 22.37 -39.50 -23.15
C GLN A 2968 23.51 -40.49 -23.33
N ASN A 2969 24.71 -40.13 -22.87
CA ASN A 2969 25.82 -41.07 -22.92
C ASN A 2969 25.51 -42.32 -22.09
N ILE A 2970 24.89 -42.13 -20.92
CA ILE A 2970 24.52 -43.26 -20.07
C ILE A 2970 23.52 -44.15 -20.79
N SER A 2971 22.52 -43.55 -21.45
CA SER A 2971 21.53 -44.33 -22.18
C SER A 2971 22.19 -45.12 -23.31
N LEU A 2972 23.11 -44.49 -24.04
CA LEU A 2972 23.81 -45.21 -25.10
C LEU A 2972 24.63 -46.37 -24.54
N ALA A 2973 25.31 -46.14 -23.42
CA ALA A 2973 26.10 -47.21 -22.81
C ALA A 2973 25.22 -48.36 -22.37
N ALA A 2974 24.05 -48.05 -21.80
CA ALA A 2974 23.12 -49.11 -21.39
C ALA A 2974 22.57 -49.84 -22.60
N ALA A 2975 22.33 -49.12 -23.70
CA ALA A 2975 21.86 -49.77 -24.93
C ALA A 2975 22.91 -50.72 -25.49
N SER A 2976 24.19 -50.33 -25.41
CA SER A 2976 25.25 -51.22 -25.86
C SER A 2976 25.29 -52.49 -25.03
N GLY A 2977 25.13 -52.37 -23.71
CA GLY A 2977 25.11 -53.52 -22.82
C GLY A 2977 24.17 -53.35 -21.67
N GLY A 2978 23.30 -54.34 -21.44
CA GLY A 2978 22.30 -54.22 -20.39
C GLY A 2978 22.91 -54.15 -19.00
N ALA A 2979 23.88 -55.01 -18.72
CA ALA A 2979 24.55 -55.03 -17.42
C ALA A 2979 26.07 -54.98 -17.53
N LYS A 2980 26.65 -55.61 -18.55
CA LYS A 2980 28.10 -55.66 -18.70
C LYS A 2980 28.71 -54.28 -18.96
N GLU A 2981 27.95 -53.35 -19.53
CA GLU A 2981 28.44 -52.01 -19.83
C GLU A 2981 27.96 -50.97 -18.83
N LEU A 2982 27.31 -51.40 -17.75
CA LEU A 2982 26.86 -50.49 -16.72
C LEU A 2982 27.84 -50.37 -15.55
N LYS A 2983 28.86 -51.21 -15.50
CA LYS A 2983 29.86 -51.18 -14.44
C LYS A 2983 31.13 -50.46 -14.85
N ASN A 2984 31.63 -50.72 -16.06
CA ASN A 2984 32.89 -50.14 -16.52
C ASN A 2984 32.64 -48.85 -17.31
N ILE A 2985 32.01 -47.89 -16.64
CA ILE A 2985 31.79 -46.55 -17.18
C ILE A 2985 32.18 -45.54 -16.13
N HIS A 2986 32.46 -44.32 -16.56
CA HIS A 2986 32.88 -43.25 -15.66
C HIS A 2986 31.78 -42.21 -15.59
N VAL A 2987 31.37 -41.88 -14.37
CA VAL A 2987 30.26 -40.97 -14.12
C VAL A 2987 30.79 -39.77 -13.35
N CYS A 2988 30.48 -38.57 -13.84
CA CYS A 2988 30.81 -37.34 -13.14
C CYS A 2988 29.72 -37.07 -12.11
N LEU A 2989 30.06 -37.19 -10.83
CA LEU A 2989 29.07 -36.99 -9.78
C LEU A 2989 28.57 -35.55 -9.72
N GLY A 2990 29.29 -34.61 -10.31
CA GLY A 2990 28.82 -33.24 -10.35
C GLY A 2990 27.48 -33.12 -11.06
N GLY A 2991 27.38 -33.71 -12.24
CA GLY A 2991 26.11 -33.76 -12.94
C GLY A 2991 25.38 -35.07 -12.68
N LEU A 2992 24.50 -35.06 -11.68
CA LEU A 2992 23.70 -36.22 -11.32
C LEU A 2992 22.68 -35.77 -10.28
N PHE A 2993 21.47 -36.30 -10.37
CA PHE A 2993 20.39 -35.79 -9.53
C PHE A 2993 20.60 -36.18 -8.07
N VAL A 2994 20.87 -37.45 -7.80
CA VAL A 2994 21.04 -37.93 -6.43
C VAL A 2994 22.33 -38.75 -6.35
N PRO A 2995 23.48 -38.13 -6.09
CA PRO A 2995 24.74 -38.90 -6.04
C PRO A 2995 24.76 -39.99 -4.97
N GLU A 2996 24.14 -39.75 -3.82
CA GLU A 2996 24.13 -40.77 -2.78
C GLU A 2996 23.40 -42.01 -3.24
N ALA A 2997 22.41 -41.86 -4.13
CA ALA A 2997 21.79 -43.02 -4.74
C ALA A 2997 22.80 -43.80 -5.57
N TYR A 2998 23.68 -43.09 -6.28
CA TYR A 2998 24.71 -43.78 -7.05
C TYR A 2998 25.67 -44.54 -6.14
N ILE A 2999 26.07 -43.92 -5.03
CA ILE A 2999 26.97 -44.62 -4.09
C ILE A 2999 26.28 -45.85 -3.52
N THR A 3000 25.01 -45.71 -3.11
CA THR A 3000 24.28 -46.84 -2.57
C THR A 3000 24.09 -47.93 -3.61
N ALA A 3001 23.87 -47.54 -4.87
CA ALA A 3001 23.71 -48.52 -5.94
C ALA A 3001 25.00 -49.29 -6.18
N THR A 3002 26.14 -48.59 -6.17
CA THR A 3002 27.42 -49.29 -6.31
C THR A 3002 27.65 -50.25 -5.14
N ARG A 3003 27.34 -49.80 -3.93
CA ARG A 3003 27.46 -50.67 -2.75
C ARG A 3003 26.58 -51.90 -2.90
N GLN A 3004 25.33 -51.70 -3.31
CA GLN A 3004 24.39 -52.79 -3.44
C GLN A 3004 24.82 -53.76 -4.54
N TYR A 3005 25.34 -53.23 -5.65
CA TYR A 3005 25.82 -54.10 -6.73
C TYR A 3005 27.01 -54.94 -6.27
N VAL A 3006 27.94 -54.33 -5.53
CA VAL A 3006 29.08 -55.11 -5.03
C VAL A 3006 28.61 -56.16 -4.04
N ALA A 3007 27.65 -55.80 -3.18
CA ALA A 3007 27.14 -56.75 -2.19
C ALA A 3007 26.42 -57.92 -2.87
N GLN A 3008 25.68 -57.63 -3.95
CA GLN A 3008 24.96 -58.69 -4.65
C GLN A 3008 25.89 -59.54 -5.50
N ALA A 3009 26.99 -58.98 -5.98
CA ALA A 3009 27.94 -59.75 -6.79
C ALA A 3009 28.51 -60.91 -5.98
N ASN A 3010 28.98 -60.63 -4.78
CA ASN A 3010 29.41 -61.65 -3.85
C ASN A 3010 28.24 -62.01 -2.94
N SER A 3011 28.51 -62.75 -1.88
CA SER A 3011 27.50 -63.05 -0.86
C SER A 3011 27.53 -62.04 0.28
N TRP A 3012 28.37 -61.03 0.19
CA TRP A 3012 28.56 -60.08 1.28
C TRP A 3012 27.30 -59.26 1.51
N SER A 3013 27.02 -59.00 2.78
CA SER A 3013 25.90 -58.13 3.13
C SER A 3013 26.27 -56.67 2.92
N LEU A 3014 25.25 -55.80 2.95
CA LEU A 3014 25.49 -54.38 2.73
C LEU A 3014 26.35 -53.79 3.84
N GLU A 3015 26.11 -54.20 5.08
CA GLU A 3015 26.79 -53.57 6.21
C GLU A 3015 28.27 -53.91 6.24
N GLU A 3016 28.62 -55.15 5.92
CA GLU A 3016 30.01 -55.60 5.96
C GLU A 3016 30.75 -55.11 4.70
N LEU A 3017 30.70 -53.79 4.50
CA LEU A 3017 31.31 -53.17 3.34
C LEU A 3017 31.86 -51.80 3.72
N CYS A 3018 33.06 -51.51 3.25
CA CYS A 3018 33.68 -50.22 3.45
C CYS A 3018 34.24 -49.74 2.12
N LEU A 3019 34.30 -48.41 1.97
CA LEU A 3019 34.67 -47.79 0.71
C LEU A 3019 36.13 -47.37 0.75
N GLU A 3020 36.90 -47.83 -0.23
CA GLU A 3020 38.28 -47.42 -0.42
C GLU A 3020 38.42 -46.87 -1.83
N VAL A 3021 39.02 -45.69 -1.95
CA VAL A 3021 39.09 -44.97 -3.21
C VAL A 3021 40.55 -44.88 -3.65
N ASN A 3022 40.81 -45.28 -4.89
CA ASN A 3022 42.13 -45.19 -5.49
C ASN A 3022 42.06 -44.27 -6.69
N VAL A 3023 42.78 -43.16 -6.62
CA VAL A 3023 42.76 -42.17 -7.69
C VAL A 3023 43.75 -42.57 -8.77
N THR A 3024 43.27 -42.66 -10.01
CA THR A 3024 44.12 -43.06 -11.12
C THR A 3024 44.72 -41.84 -11.82
N PHE A 3036 34.35 -49.43 -10.13
CA PHE A 3036 33.68 -48.31 -10.80
C PHE A 3036 34.65 -47.17 -11.09
N GLY A 3037 34.32 -46.34 -12.07
CA GLY A 3037 35.11 -45.18 -12.41
C GLY A 3037 34.31 -43.91 -12.16
N VAL A 3038 34.97 -42.93 -11.55
CA VAL A 3038 34.35 -41.66 -11.21
C VAL A 3038 35.28 -40.54 -11.62
N THR A 3039 34.74 -39.54 -12.33
CA THR A 3039 35.52 -38.42 -12.82
C THR A 3039 34.88 -37.13 -12.33
N GLY A 3040 35.55 -36.01 -12.63
CA GLY A 3040 35.02 -34.70 -12.30
C GLY A 3040 35.21 -34.28 -10.87
N LEU A 3041 36.12 -34.90 -10.13
CA LEU A 3041 36.37 -34.52 -8.75
C LEU A 3041 37.62 -33.66 -8.63
N LYS A 3042 37.62 -32.77 -7.65
CA LYS A 3042 38.72 -31.84 -7.43
C LYS A 3042 39.07 -31.79 -5.96
N LEU A 3043 40.36 -31.84 -5.64
CA LEU A 3043 40.84 -31.68 -4.27
C LEU A 3043 41.08 -30.21 -3.98
N GLN A 3044 40.67 -29.77 -2.78
CA GLN A 3044 40.85 -28.39 -2.35
C GLN A 3044 42.10 -28.31 -1.50
N GLY A 3045 43.25 -28.17 -2.16
CA GLY A 3045 44.50 -27.98 -1.46
C GLY A 3045 45.21 -29.25 -1.06
N ALA A 3046 45.40 -30.15 -2.02
CA ALA A 3046 46.12 -31.39 -1.76
C ALA A 3046 46.53 -32.01 -3.09
N THR A 3047 47.80 -32.37 -3.20
CA THR A 3047 48.34 -33.00 -4.41
C THR A 3047 48.66 -34.46 -4.11
N CYS A 3048 48.09 -35.36 -4.88
CA CYS A 3048 48.23 -36.79 -4.66
C CYS A 3048 49.29 -37.35 -5.62
N ASN A 3049 50.30 -38.01 -5.07
CA ASN A 3049 51.36 -38.56 -5.92
C ASN A 3049 50.94 -39.90 -6.53
N ASN A 3050 50.71 -40.91 -5.69
CA ASN A 3050 50.17 -42.18 -6.15
C ASN A 3050 48.82 -42.47 -5.51
N ASN A 3051 48.78 -42.61 -4.19
CA ASN A 3051 47.53 -42.59 -3.45
C ASN A 3051 47.65 -41.79 -2.16
N LYS A 3052 48.84 -41.27 -1.85
CA LYS A 3052 49.09 -40.50 -0.65
C LYS A 3052 48.86 -39.01 -0.92
N LEU A 3053 48.68 -38.25 0.15
CA LEU A 3053 48.37 -36.83 0.06
C LEU A 3053 49.54 -36.00 0.58
N SER A 3054 49.80 -34.89 -0.07
CA SER A 3054 50.75 -33.89 0.38
C SER A 3054 50.12 -32.51 0.27
N LEU A 3055 50.23 -31.72 1.33
CA LEU A 3055 49.63 -30.40 1.35
C LEU A 3055 50.30 -29.50 0.31
N SER A 3056 49.47 -28.74 -0.42
CA SER A 3056 49.94 -27.83 -1.44
C SER A 3056 49.14 -26.54 -1.37
N ASN A 3057 49.70 -25.48 -1.96
CA ASN A 3057 49.10 -24.15 -1.92
C ASN A 3057 48.10 -23.92 -3.04
N ALA A 3058 47.96 -24.87 -3.96
CA ALA A 3058 47.02 -24.71 -5.06
C ALA A 3058 45.59 -24.66 -4.54
N ILE A 3059 44.78 -23.80 -5.16
CA ILE A 3059 43.40 -23.63 -4.72
C ILE A 3059 42.63 -24.93 -4.90
N SER A 3060 42.77 -25.56 -6.06
CA SER A 3060 42.11 -26.82 -6.34
C SER A 3060 43.04 -27.72 -7.14
N THR A 3061 42.89 -29.03 -6.95
CA THR A 3061 43.64 -30.02 -7.71
C THR A 3061 42.66 -31.02 -8.29
N ALA A 3062 42.71 -31.21 -9.60
CA ALA A 3062 41.77 -32.10 -10.27
C ALA A 3062 42.07 -33.55 -9.90
N LEU A 3063 41.00 -34.34 -9.80
CA LEU A 3063 41.12 -35.78 -9.55
C LEU A 3063 40.68 -36.52 -10.80
N PRO A 3064 41.60 -37.00 -11.64
CA PRO A 3064 41.22 -37.67 -12.89
C PRO A 3064 40.92 -39.15 -12.64
N LEU A 3065 39.67 -39.54 -12.91
CA LEU A 3065 39.27 -40.95 -12.95
C LEU A 3065 39.56 -41.65 -11.62
N THR A 3066 38.84 -41.20 -10.58
CA THR A 3066 38.90 -41.88 -9.30
C THR A 3066 38.13 -43.19 -9.37
N GLN A 3067 38.66 -44.22 -8.71
CA GLN A 3067 38.03 -45.54 -8.66
C GLN A 3067 37.42 -45.76 -7.29
N LEU A 3068 36.17 -46.21 -7.26
CA LEU A 3068 35.45 -46.48 -6.03
C LEU A 3068 35.43 -47.99 -5.80
N ARG A 3069 36.23 -48.46 -4.85
CA ARG A 3069 36.33 -49.87 -4.54
C ARG A 3069 35.70 -50.14 -3.18
N TRP A 3070 34.80 -51.12 -3.13
CA TRP A 3070 34.22 -51.56 -1.86
C TRP A 3070 34.87 -52.86 -1.44
N VAL A 3071 35.39 -52.88 -0.21
CA VAL A 3071 36.06 -54.06 0.32
C VAL A 3071 35.45 -54.39 1.67
N LYS A 3072 35.66 -55.64 2.10
CA LYS A 3072 35.07 -56.13 3.33
C LYS A 3072 35.59 -55.36 4.53
N GLN A 3073 34.69 -54.97 5.43
CA GLN A 3073 35.09 -54.26 6.63
C GLN A 3073 35.84 -55.21 7.56
N THR A 3074 37.01 -54.78 8.02
CA THR A 3074 37.84 -55.59 8.90
C THR A 3074 37.73 -55.21 10.37
N ASN A 3075 36.93 -54.19 10.70
CA ASN A 3075 36.78 -53.71 12.08
C ASN A 3075 38.15 -53.38 12.69
N THR A 3076 39.01 -52.76 11.90
CA THR A 3076 40.37 -52.43 12.30
C THR A 3076 40.54 -50.91 12.29
N GLU A 3077 41.15 -50.39 13.35
CA GLU A 3077 41.37 -48.95 13.44
C GLU A 3077 42.33 -48.48 12.36
N LYS A 3078 42.04 -47.33 11.78
CA LYS A 3078 42.83 -46.82 10.68
C LYS A 3078 44.20 -46.34 11.18
N LYS A 3079 45.15 -46.25 10.24
CA LYS A 3079 46.49 -45.80 10.57
C LYS A 3079 46.50 -44.30 10.85
N ALA A 3080 47.62 -43.84 11.41
CA ALA A 3080 47.77 -42.42 11.71
C ALA A 3080 47.74 -41.57 10.44
N SER A 3081 48.37 -42.05 9.37
CA SER A 3081 48.43 -41.29 8.12
C SER A 3081 47.08 -41.20 7.41
N VAL A 3082 46.08 -41.98 7.83
CA VAL A 3082 44.80 -41.99 7.15
C VAL A 3082 43.91 -40.89 7.72
N VAL A 3083 43.31 -40.10 6.82
CA VAL A 3083 42.41 -39.02 7.20
C VAL A 3083 41.13 -39.13 6.39
N THR A 3084 40.05 -38.58 6.95
CA THR A 3084 38.74 -38.63 6.34
C THR A 3084 38.41 -37.27 5.75
N LEU A 3085 38.40 -37.18 4.42
CA LEU A 3085 38.09 -35.93 3.74
C LEU A 3085 36.66 -35.94 3.25
N PRO A 3086 35.85 -34.94 3.58
CA PRO A 3086 34.49 -34.91 3.05
C PRO A 3086 34.48 -34.62 1.57
N VAL A 3087 33.43 -35.10 0.90
CA VAL A 3087 33.24 -34.87 -0.53
C VAL A 3087 31.94 -34.08 -0.67
N TYR A 3088 32.05 -32.82 -1.10
CA TYR A 3088 30.89 -31.96 -1.28
C TYR A 3088 30.55 -31.86 -2.76
N LEU A 3089 29.29 -31.51 -3.03
CA LEU A 3089 28.80 -31.47 -4.40
C LEU A 3089 29.37 -30.27 -5.16
N ASN A 3090 29.24 -29.08 -4.58
CA ASN A 3090 29.64 -27.85 -5.26
C ASN A 3090 30.59 -27.04 -4.39
N PHE A 3091 30.89 -25.82 -4.84
CA PHE A 3091 31.79 -24.95 -4.09
C PHE A 3091 31.24 -24.64 -2.71
N THR A 3092 29.94 -24.39 -2.62
CA THR A 3092 29.29 -24.17 -1.34
C THR A 3092 29.24 -25.50 -0.59
N ARG A 3093 30.08 -25.63 0.45
CA ARG A 3093 30.12 -26.86 1.24
C ARG A 3093 28.89 -26.91 2.12
N ALA A 3094 27.79 -27.37 1.53
CA ALA A 3094 26.52 -27.45 2.23
C ALA A 3094 25.79 -28.77 2.02
N ASP A 3095 26.37 -29.71 1.28
CA ASP A 3095 25.73 -31.01 1.02
C ASP A 3095 26.79 -32.12 0.92
N LEU A 3096 26.95 -32.82 2.03
CA LEU A 3096 27.91 -33.92 2.07
C LEU A 3096 27.38 -35.11 1.29
N ILE A 3097 28.23 -35.67 0.42
CA ILE A 3097 27.84 -36.82 -0.38
C ILE A 3097 28.34 -38.08 0.30
N PHE A 3098 29.66 -38.18 0.47
CA PHE A 3098 30.27 -39.31 1.15
C PHE A 3098 31.65 -38.89 1.61
N THR A 3099 32.29 -39.75 2.41
CA THR A 3099 33.59 -39.45 3.00
C THR A 3099 34.60 -40.48 2.54
N VAL A 3100 35.81 -40.00 2.22
CA VAL A 3100 36.88 -40.83 1.70
C VAL A 3100 38.03 -40.82 2.70
N ASP A 3101 38.56 -42.00 3.00
CA ASP A 3101 39.70 -42.13 3.91
C ASP A 3101 40.97 -42.15 3.07
N PHE A 3102 41.64 -41.00 3.02
CA PHE A 3102 42.90 -40.87 2.28
C PHE A 3102 44.09 -41.06 3.20
N GLU A 3103 45.16 -41.64 2.67
CA GLU A 3103 46.42 -41.72 3.38
C GLU A 3103 47.31 -40.55 3.00
N ILE A 3104 48.26 -40.24 3.86
CA ILE A 3104 49.08 -39.05 3.71
C ILE A 3104 50.53 -39.48 3.46
N ALA A 3105 51.28 -38.63 2.76
CA ALA A 3105 52.68 -38.88 2.46
C ALA A 3105 53.53 -38.64 3.71
N THR A 3106 54.85 -38.62 3.53
CA THR A 3106 55.77 -38.57 4.66
C THR A 3106 55.95 -37.14 5.14
N LYS A 3107 56.16 -37.00 6.46
CA LYS A 3107 56.48 -35.71 7.11
C LYS A 3107 55.32 -34.72 6.97
N GLU A 3108 54.11 -35.22 7.16
CA GLU A 3108 52.92 -34.38 7.17
C GLU A 3108 52.08 -34.72 8.39
N ASP A 3109 51.27 -33.75 8.81
CA ASP A 3109 50.49 -33.89 10.02
C ASP A 3109 49.01 -33.87 9.70
N PRO A 3110 48.26 -34.91 10.07
CA PRO A 3110 46.80 -34.90 9.83
C PRO A 3110 46.10 -33.73 10.49
N ARG A 3111 46.63 -33.26 11.62
CA ARG A 3111 46.08 -32.07 12.27
C ARG A 3111 46.14 -30.88 11.34
N SER A 3112 47.24 -30.72 10.62
CA SER A 3112 47.35 -29.63 9.64
C SER A 3112 46.33 -29.79 8.51
N PHE A 3113 46.09 -31.03 8.09
CA PHE A 3113 45.06 -31.28 7.08
C PHE A 3113 43.70 -30.85 7.58
N TYR A 3114 43.36 -31.18 8.82
CA TYR A 3114 42.05 -30.81 9.36
C TYR A 3114 41.92 -29.30 9.52
N GLU A 3115 42.97 -28.64 10.03
CA GLU A 3115 42.86 -27.22 10.31
C GLU A 3115 42.87 -26.38 9.02
N ARG A 3116 43.44 -26.92 7.95
CA ARG A 3116 43.48 -26.21 6.67
C ARG A 3116 42.16 -26.31 5.92
N GLY A 3117 41.23 -27.14 6.39
CA GLY A 3117 39.95 -27.28 5.72
C GLY A 3117 40.01 -27.95 4.37
N VAL A 3118 40.84 -28.98 4.24
CA VAL A 3118 40.92 -29.73 2.99
C VAL A 3118 39.62 -30.50 2.78
N ALA A 3119 39.09 -30.43 1.56
CA ALA A 3119 37.85 -31.12 1.21
C ALA A 3119 37.89 -31.46 -0.27
N VAL A 3120 36.82 -32.11 -0.73
CA VAL A 3120 36.69 -32.55 -2.12
C VAL A 3120 35.39 -31.99 -2.67
N LEU A 3121 35.45 -31.43 -3.88
CA LEU A 3121 34.30 -30.80 -4.52
C LEU A 3121 33.99 -31.49 -5.84
N CYS A 3122 32.73 -31.83 -6.04
CA CYS A 3122 32.31 -32.44 -7.30
C CYS A 3122 32.20 -31.40 -8.41
N THR A 3123 31.83 -30.17 -8.06
CA THR A 3123 31.66 -29.11 -9.05
C THR A 3123 32.83 -28.13 -8.99
N ILE B 96 -34.51 71.28 -20.86
CA ILE B 96 -33.37 72.19 -20.94
C ILE B 96 -32.76 72.38 -19.56
N PRO B 97 -31.43 72.38 -19.49
CA PRO B 97 -30.75 72.55 -18.20
C PRO B 97 -31.10 73.88 -17.54
N ARG B 98 -31.31 73.84 -16.22
CA ARG B 98 -31.77 75.06 -15.49
C ARG B 98 -30.83 75.36 -14.31
N PRO B 99 -30.95 76.52 -13.62
CA PRO B 99 -30.06 76.91 -12.51
C PRO B 99 -29.54 75.78 -11.58
N PRO B 100 -30.37 74.99 -10.85
CA PRO B 100 -29.85 74.22 -9.72
C PRO B 100 -29.04 72.99 -10.15
N GLU B 101 -27.75 72.96 -9.83
CA GLU B 101 -26.93 71.76 -10.16
C GLU B 101 -27.39 70.60 -9.26
N LYS B 102 -27.63 69.42 -9.84
CA LYS B 102 -28.16 68.36 -9.00
C LYS B 102 -27.06 67.78 -8.11
N TYR B 103 -25.90 67.48 -8.69
CA TYR B 103 -24.75 67.00 -7.94
C TYR B 103 -23.50 67.71 -8.43
N ALA B 104 -22.53 67.87 -7.54
CA ALA B 104 -21.21 68.39 -7.87
C ALA B 104 -20.19 67.40 -7.30
N LEU B 105 -19.82 66.40 -8.10
CA LEU B 105 -18.94 65.34 -7.67
C LEU B 105 -17.49 65.79 -7.81
N SER B 106 -16.75 65.74 -6.71
CA SER B 106 -15.38 66.25 -6.67
C SER B 106 -14.47 65.17 -6.08
N GLY B 107 -13.84 64.40 -6.96
CA GLY B 107 -12.91 63.37 -6.52
C GLY B 107 -11.57 63.45 -7.20
N HIS B 108 -11.51 64.15 -8.33
CA HIS B 108 -10.28 64.20 -9.12
C HIS B 108 -9.24 65.11 -8.47
N ARG B 109 -7.97 64.72 -8.61
CA ARG B 109 -6.86 65.50 -8.09
C ARG B 109 -6.31 66.50 -9.08
N SER B 110 -6.76 66.45 -10.33
CA SER B 110 -6.27 67.29 -11.41
C SER B 110 -7.47 67.84 -12.18
N PRO B 111 -7.27 68.89 -12.98
CA PRO B 111 -8.38 69.42 -13.78
C PRO B 111 -9.03 68.35 -14.65
N VAL B 112 -10.35 68.29 -14.59
CA VAL B 112 -11.10 67.30 -15.37
C VAL B 112 -11.16 67.73 -16.84
N THR B 113 -10.87 66.80 -17.74
CA THR B 113 -10.82 67.15 -19.15
C THR B 113 -12.14 66.90 -19.86
N ARG B 114 -12.63 65.66 -19.86
CA ARG B 114 -13.83 65.31 -20.61
C ARG B 114 -14.69 64.33 -19.85
N VAL B 115 -16.00 64.55 -19.92
CA VAL B 115 -17.00 63.72 -19.24
C VAL B 115 -17.98 63.21 -20.28
N ILE B 116 -18.29 61.91 -20.22
CA ILE B 116 -19.20 61.28 -21.16
C ILE B 116 -20.16 60.37 -20.41
N PHE B 117 -21.24 60.01 -21.09
CA PHE B 117 -22.24 59.10 -20.58
C PHE B 117 -22.04 57.71 -21.15
N HIS B 118 -22.39 56.70 -20.36
CA HIS B 118 -22.40 55.34 -20.89
C HIS B 118 -23.65 55.16 -21.76
N PRO B 119 -23.55 54.47 -22.89
CA PRO B 119 -24.73 54.36 -23.78
C PRO B 119 -25.95 53.73 -23.14
N VAL B 120 -25.77 52.73 -22.30
CA VAL B 120 -26.88 51.91 -21.79
C VAL B 120 -27.04 52.06 -20.28
N PHE B 121 -25.94 51.94 -19.52
CA PHE B 121 -26.04 51.97 -18.07
C PHE B 121 -26.24 53.39 -17.58
N SER B 122 -26.70 53.50 -16.33
CA SER B 122 -26.82 54.80 -15.65
C SER B 122 -25.47 55.12 -14.99
N VAL B 123 -24.46 55.28 -15.85
CA VAL B 123 -23.08 55.45 -15.43
C VAL B 123 -22.46 56.60 -16.21
N MET B 124 -21.68 57.43 -15.53
CA MET B 124 -20.95 58.53 -16.14
C MET B 124 -19.45 58.29 -15.97
N VAL B 125 -18.67 58.73 -16.95
CA VAL B 125 -17.22 58.52 -16.95
C VAL B 125 -16.53 59.86 -17.15
N SER B 126 -15.44 60.07 -16.43
CA SER B 126 -14.69 61.32 -16.49
C SER B 126 -13.21 61.03 -16.65
N ALA B 127 -12.52 61.87 -17.41
CA ALA B 127 -11.08 61.80 -17.58
C ALA B 127 -10.45 63.13 -17.16
N SER B 128 -9.32 63.03 -16.46
CA SER B 128 -8.67 64.22 -15.91
C SER B 128 -7.16 64.13 -16.16
N GLU B 129 -6.45 65.15 -15.70
CA GLU B 129 -5.03 65.26 -15.96
C GLU B 129 -4.17 64.41 -15.03
N ASP B 130 -4.77 63.76 -14.04
CA ASP B 130 -4.03 62.92 -13.11
C ASP B 130 -3.85 61.50 -13.61
N ALA B 131 -3.97 61.28 -14.92
CA ALA B 131 -3.76 59.97 -15.54
C ALA B 131 -4.71 58.91 -14.99
N THR B 132 -5.90 59.32 -14.59
CA THR B 132 -6.89 58.42 -14.04
C THR B 132 -8.24 58.62 -14.73
N ILE B 133 -8.99 57.53 -14.88
CA ILE B 133 -10.32 57.59 -15.45
C ILE B 133 -11.32 57.22 -14.37
N LYS B 134 -12.14 58.17 -13.95
CA LYS B 134 -13.06 57.94 -12.84
C LYS B 134 -14.45 57.57 -13.34
N VAL B 135 -15.13 56.73 -12.58
CA VAL B 135 -16.47 56.25 -12.90
C VAL B 135 -17.41 56.69 -11.79
N TRP B 136 -18.51 57.35 -12.17
CA TRP B 136 -19.46 57.93 -11.25
C TRP B 136 -20.85 57.43 -11.60
N ASP B 137 -21.76 57.52 -10.62
CA ASP B 137 -23.17 57.18 -10.83
C ASP B 137 -23.96 58.49 -10.78
N TYR B 138 -24.28 59.02 -11.96
CA TYR B 138 -24.93 60.33 -12.03
C TYR B 138 -26.36 60.30 -11.50
N GLU B 139 -26.93 59.12 -11.28
CA GLU B 139 -28.29 59.03 -10.75
C GLU B 139 -28.33 59.41 -9.27
N THR B 140 -27.38 58.94 -8.48
CA THR B 140 -27.34 59.21 -7.05
C THR B 140 -26.06 59.93 -6.62
N GLY B 141 -25.21 60.33 -7.55
CA GLY B 141 -23.98 61.03 -7.19
C GLY B 141 -23.02 60.19 -6.39
N ASP B 142 -22.80 58.94 -6.80
CA ASP B 142 -21.94 58.02 -6.08
C ASP B 142 -20.69 57.73 -6.90
N PHE B 143 -19.60 57.45 -6.18
CA PHE B 143 -18.37 57.00 -6.80
C PHE B 143 -18.43 55.49 -7.03
N GLU B 144 -17.92 55.05 -8.17
CA GLU B 144 -17.97 53.65 -8.54
C GLU B 144 -16.56 53.11 -8.59
N ARG B 145 -15.66 53.69 -9.39
CA ARG B 145 -14.36 53.12 -9.64
C ARG B 145 -13.44 54.15 -10.27
N THR B 146 -12.13 53.89 -10.15
CA THR B 146 -11.12 54.72 -10.78
C THR B 146 -10.11 53.82 -11.47
N LEU B 147 -9.64 54.25 -12.64
CA LEU B 147 -8.72 53.46 -13.47
C LEU B 147 -7.44 54.24 -13.65
N LYS B 148 -6.37 53.80 -12.97
CA LYS B 148 -5.10 54.51 -12.98
C LYS B 148 -4.09 53.89 -13.94
N GLY B 149 -4.56 53.27 -15.03
CA GLY B 149 -3.65 52.56 -15.90
C GLY B 149 -2.80 53.47 -16.76
N HIS B 150 -3.32 54.66 -17.08
CA HIS B 150 -2.59 55.57 -17.96
C HIS B 150 -1.38 56.16 -17.27
N THR B 151 -0.40 56.56 -18.09
CA THR B 151 0.83 57.16 -17.57
C THR B 151 0.65 58.65 -17.27
N ASP B 152 0.32 59.43 -18.29
CA ASP B 152 0.23 60.88 -18.16
C ASP B 152 -1.23 61.31 -18.30
N SER B 153 -1.44 62.63 -18.33
CA SER B 153 -2.78 63.21 -18.31
C SER B 153 -3.64 62.66 -19.43
N VAL B 154 -4.89 62.33 -19.10
CA VAL B 154 -5.83 61.76 -20.06
C VAL B 154 -6.57 62.90 -20.74
N GLN B 155 -6.63 62.86 -22.07
CA GLN B 155 -7.26 63.96 -22.81
C GLN B 155 -8.72 63.65 -23.11
N ASP B 156 -8.99 62.58 -23.85
CA ASP B 156 -10.34 62.26 -24.30
C ASP B 156 -10.63 60.79 -24.10
N ILE B 157 -11.91 60.48 -23.90
CA ILE B 157 -12.39 59.11 -23.77
C ILE B 157 -13.63 58.94 -24.65
N SER B 158 -13.89 57.71 -25.05
CA SER B 158 -15.01 57.45 -25.94
C SER B 158 -15.46 55.99 -25.78
N PHE B 159 -16.77 55.81 -25.73
CA PHE B 159 -17.38 54.49 -25.71
C PHE B 159 -17.67 54.04 -27.14
N ASP B 160 -18.30 52.87 -27.25
CA ASP B 160 -18.84 52.40 -28.51
C ASP B 160 -20.38 52.44 -28.43
N HIS B 161 -21.03 51.95 -29.48
CA HIS B 161 -22.48 51.93 -29.48
C HIS B 161 -23.03 51.02 -28.40
N SER B 162 -22.39 49.87 -28.19
CA SER B 162 -22.86 48.89 -27.21
C SER B 162 -22.43 49.20 -25.79
N GLY B 163 -21.48 50.12 -25.60
CA GLY B 163 -21.02 50.46 -24.27
C GLY B 163 -20.15 49.41 -23.60
N LYS B 164 -19.52 48.52 -24.36
CA LYS B 164 -18.73 47.46 -23.74
C LYS B 164 -17.23 47.77 -23.79
N LEU B 165 -16.79 48.60 -24.73
CA LEU B 165 -15.40 48.99 -24.86
C LEU B 165 -15.28 50.50 -24.69
N LEU B 166 -14.12 50.95 -24.18
CA LEU B 166 -13.87 52.36 -23.95
C LEU B 166 -12.44 52.68 -24.38
N ALA B 167 -12.30 53.49 -25.42
CA ALA B 167 -10.98 53.88 -25.90
C ALA B 167 -10.60 55.22 -25.31
N SER B 168 -9.40 55.28 -24.72
CA SER B 168 -8.92 56.47 -24.05
C SER B 168 -7.56 56.87 -24.60
N CYS B 169 -7.28 58.17 -24.57
CA CYS B 169 -6.05 58.72 -25.10
C CYS B 169 -5.40 59.60 -24.04
N SER B 170 -4.08 59.60 -24.02
CA SER B 170 -3.35 60.39 -23.04
C SER B 170 -2.05 60.88 -23.67
N ALA B 171 -1.39 61.81 -22.98
CA ALA B 171 -0.22 62.48 -23.51
C ALA B 171 1.02 61.59 -23.46
N ASP B 172 0.83 60.28 -23.30
CA ASP B 172 1.92 59.32 -23.27
C ASP B 172 2.16 58.66 -24.62
N MET B 173 1.56 59.19 -25.69
CA MET B 173 1.68 58.64 -27.04
C MET B 173 1.18 57.20 -27.14
N THR B 174 0.12 56.88 -26.40
CA THR B 174 -0.48 55.55 -26.42
C THR B 174 -1.99 55.70 -26.52
N ILE B 175 -2.65 54.68 -27.08
CA ILE B 175 -4.11 54.62 -27.08
C ILE B 175 -4.50 53.35 -26.33
N LYS B 176 -5.24 53.51 -25.24
CA LYS B 176 -5.59 52.33 -24.40
C LYS B 176 -7.01 51.86 -24.70
N LEU B 177 -7.17 50.57 -24.99
CA LEU B 177 -8.52 49.98 -25.22
C LEU B 177 -8.98 49.35 -23.91
N TRP B 178 -9.93 50.00 -23.22
CA TRP B 178 -10.40 49.48 -21.91
C TRP B 178 -11.63 48.59 -22.11
N ASP B 179 -11.62 47.39 -21.51
CA ASP B 179 -12.81 46.51 -21.57
C ASP B 179 -13.74 46.90 -20.43
N PHE B 180 -14.85 47.58 -20.72
CA PHE B 180 -15.78 48.04 -19.65
C PHE B 180 -16.45 46.81 -19.02
N GLN B 181 -16.03 45.61 -19.40
CA GLN B 181 -16.57 44.41 -18.74
C GLN B 181 -15.63 43.93 -17.65
N GLY B 182 -14.35 43.77 -17.98
CA GLY B 182 -13.33 43.36 -17.03
C GLY B 182 -12.60 44.48 -16.34
N PHE B 183 -12.82 45.72 -16.75
CA PHE B 183 -12.21 46.89 -16.11
C PHE B 183 -10.69 46.80 -16.08
N GLU B 184 -10.13 46.27 -17.18
CA GLU B 184 -8.69 46.16 -17.32
C GLU B 184 -8.33 46.30 -18.79
N CYS B 185 -7.07 46.67 -19.03
CA CYS B 185 -6.58 46.93 -20.37
C CYS B 185 -6.49 45.62 -21.14
N ILE B 186 -7.16 45.55 -22.28
CA ILE B 186 -7.01 44.42 -23.20
C ILE B 186 -6.07 44.74 -24.35
N ARG B 187 -5.81 46.01 -24.62
CA ARG B 187 -4.86 46.40 -25.65
C ARG B 187 -4.38 47.81 -25.38
N THR B 188 -3.10 48.05 -25.62
CA THR B 188 -2.52 49.38 -25.53
C THR B 188 -1.68 49.60 -26.78
N MET B 189 -2.26 50.27 -27.77
CA MET B 189 -1.60 50.44 -29.07
C MET B 189 -0.63 51.60 -28.98
N HIS B 190 0.60 51.34 -29.42
CA HIS B 190 1.70 52.28 -29.32
C HIS B 190 1.90 53.00 -30.66
N GLY B 191 2.81 53.96 -30.65
CA GLY B 191 3.09 54.75 -31.83
C GLY B 191 2.34 56.06 -31.80
N HIS B 192 2.02 56.60 -32.98
CA HIS B 192 1.16 57.78 -33.07
C HIS B 192 1.78 58.92 -32.29
N ASP B 193 2.93 59.39 -32.76
CA ASP B 193 3.87 60.19 -31.96
C ASP B 193 3.20 61.40 -31.32
N HIS B 194 3.80 61.84 -30.21
CA HIS B 194 3.43 63.04 -29.48
C HIS B 194 2.08 62.94 -28.79
N ASN B 195 1.68 64.02 -28.11
CA ASN B 195 0.44 64.05 -27.37
C ASN B 195 -0.74 63.77 -28.28
N VAL B 196 -1.39 62.62 -28.10
CA VAL B 196 -2.60 62.30 -28.83
C VAL B 196 -3.74 63.14 -28.22
N SER B 197 -4.40 63.93 -29.07
CA SER B 197 -5.36 64.89 -28.56
C SER B 197 -6.75 64.29 -28.45
N SER B 198 -7.15 63.48 -29.42
CA SER B 198 -8.48 62.91 -29.40
C SER B 198 -8.47 61.47 -29.92
N VAL B 199 -9.45 60.70 -29.47
CA VAL B 199 -9.66 59.34 -29.95
C VAL B 199 -11.16 59.11 -30.06
N ALA B 200 -11.55 58.28 -31.02
CA ALA B 200 -12.97 58.06 -31.26
C ALA B 200 -13.19 56.66 -31.82
N ILE B 201 -14.35 56.10 -31.51
CA ILE B 201 -14.80 54.82 -32.04
C ILE B 201 -15.85 55.08 -33.11
N MET B 202 -15.60 54.60 -34.32
CA MET B 202 -16.58 54.78 -35.38
C MET B 202 -17.79 53.89 -35.13
N PRO B 203 -18.96 54.21 -35.68
CA PRO B 203 -20.17 53.43 -35.37
C PRO B 203 -20.07 51.98 -35.79
N ASN B 204 -19.17 51.63 -36.70
CA ASN B 204 -18.95 50.23 -37.02
C ASN B 204 -18.43 49.44 -35.82
N GLY B 205 -17.76 50.11 -34.89
CA GLY B 205 -17.30 49.48 -33.67
C GLY B 205 -16.11 48.56 -33.83
N ASP B 206 -15.49 48.51 -35.00
CA ASP B 206 -14.36 47.64 -35.24
C ASP B 206 -13.06 48.41 -35.45
N HIS B 207 -13.13 49.74 -35.59
CA HIS B 207 -11.94 50.54 -35.82
C HIS B 207 -12.09 51.85 -35.07
N ILE B 208 -10.95 52.47 -34.78
CA ILE B 208 -10.89 53.71 -34.01
C ILE B 208 -9.99 54.70 -34.74
N VAL B 209 -10.16 55.98 -34.43
CA VAL B 209 -9.35 57.05 -35.00
C VAL B 209 -8.71 57.84 -33.87
N SER B 210 -7.51 58.35 -34.14
CA SER B 210 -6.71 59.05 -33.14
C SER B 210 -6.01 60.24 -33.77
N ALA B 211 -6.00 61.37 -33.05
CA ALA B 211 -5.41 62.61 -33.54
C ALA B 211 -4.48 63.21 -32.48
N SER B 212 -3.34 63.71 -32.93
CA SER B 212 -2.24 64.12 -32.05
C SER B 212 -1.57 65.39 -32.54
N ARG B 213 -0.42 65.67 -31.92
CA ARG B 213 0.49 66.75 -32.27
C ARG B 213 1.33 66.49 -33.50
N ASP B 214 1.39 65.24 -33.96
CA ASP B 214 2.32 64.84 -35.02
C ASP B 214 1.81 65.16 -36.41
N LYS B 215 0.81 66.03 -36.54
CA LYS B 215 0.28 66.47 -37.82
C LYS B 215 -0.23 65.30 -38.66
N THR B 216 -1.01 64.42 -38.03
CA THR B 216 -1.63 63.31 -38.74
C THR B 216 -2.72 62.71 -37.88
N ILE B 217 -3.57 61.90 -38.51
CA ILE B 217 -4.64 61.17 -37.81
C ILE B 217 -4.55 59.71 -38.22
N LYS B 218 -4.39 58.82 -37.26
CA LYS B 218 -4.18 57.41 -37.53
C LYS B 218 -5.43 56.61 -37.19
N MET B 219 -5.71 55.60 -38.00
CA MET B 219 -6.83 54.70 -37.71
C MET B 219 -6.31 53.32 -37.36
N TRP B 220 -6.86 52.76 -36.30
CA TRP B 220 -6.40 51.51 -35.71
C TRP B 220 -7.56 50.50 -35.73
N GLU B 221 -7.21 49.22 -35.77
CA GLU B 221 -8.22 48.18 -35.57
C GLU B 221 -8.34 47.82 -34.11
N VAL B 222 -9.58 47.67 -33.65
CA VAL B 222 -9.83 47.16 -32.30
C VAL B 222 -9.29 45.75 -32.16
N GLN B 223 -9.38 44.95 -33.24
CA GLN B 223 -9.00 43.55 -33.16
C GLN B 223 -7.49 43.37 -32.94
N THR B 224 -6.67 44.14 -33.65
CA THR B 224 -5.23 43.93 -33.61
C THR B 224 -4.44 45.12 -33.10
N GLY B 225 -4.81 46.34 -33.49
CA GLY B 225 -4.07 47.52 -33.10
C GLY B 225 -2.94 47.92 -34.02
N TYR B 226 -2.96 47.49 -35.28
CA TYR B 226 -1.91 47.82 -36.23
C TYR B 226 -2.33 48.99 -37.12
N CYS B 227 -1.43 49.94 -37.30
CA CYS B 227 -1.76 51.13 -38.10
C CYS B 227 -1.86 50.77 -39.58
N VAL B 228 -2.99 51.11 -40.19
CA VAL B 228 -3.20 50.84 -41.60
C VAL B 228 -3.38 52.11 -42.44
N LYS B 229 -4.14 53.10 -41.94
CA LYS B 229 -4.26 54.36 -42.66
C LYS B 229 -3.88 55.51 -41.75
N THR B 230 -3.24 56.51 -42.35
CA THR B 230 -2.62 57.61 -41.65
C THR B 230 -2.83 58.87 -42.48
N PHE B 231 -3.83 59.68 -42.11
CA PHE B 231 -4.18 60.85 -42.87
C PHE B 231 -3.23 61.98 -42.54
N THR B 232 -2.69 62.61 -43.59
CA THR B 232 -1.79 63.74 -43.48
C THR B 232 -2.31 64.89 -44.32
N GLY B 233 -1.86 66.09 -44.00
CA GLY B 233 -2.30 67.27 -44.72
C GLY B 233 -2.54 68.44 -43.80
N HIS B 234 -2.87 68.16 -42.54
CA HIS B 234 -2.95 69.21 -41.54
C HIS B 234 -1.55 69.76 -41.27
N ARG B 235 -1.48 71.07 -41.14
CA ARG B 235 -0.20 71.76 -40.99
C ARG B 235 0.22 71.95 -39.55
N GLU B 236 -0.58 71.52 -38.58
CA GLU B 236 -0.31 71.84 -37.19
C GLU B 236 -1.07 70.84 -36.31
N TRP B 237 -1.10 71.09 -35.00
CA TRP B 237 -1.75 70.23 -34.02
C TRP B 237 -3.21 69.99 -34.37
N VAL B 238 -3.62 68.73 -34.39
CA VAL B 238 -5.01 68.36 -34.61
C VAL B 238 -5.66 68.07 -33.28
N ARG B 239 -6.76 68.77 -32.99
CA ARG B 239 -7.36 68.74 -31.66
C ARG B 239 -8.47 67.72 -31.51
N MET B 240 -9.53 67.82 -32.30
CA MET B 240 -10.71 66.98 -32.10
C MET B 240 -11.05 66.26 -33.40
N VAL B 241 -11.42 64.98 -33.28
CA VAL B 241 -11.84 64.18 -34.42
C VAL B 241 -13.08 63.39 -34.03
N ARG B 242 -14.10 63.42 -34.89
CA ARG B 242 -15.33 62.66 -34.69
C ARG B 242 -15.90 62.23 -36.03
N PRO B 243 -16.15 60.94 -36.23
CA PRO B 243 -16.72 60.47 -37.50
C PRO B 243 -18.21 60.78 -37.58
N ASN B 244 -18.76 60.55 -38.77
CA ASN B 244 -20.18 60.70 -38.99
C ASN B 244 -20.92 59.49 -38.40
N GLN B 245 -22.25 59.52 -38.44
CA GLN B 245 -23.03 58.53 -37.71
C GLN B 245 -23.06 57.19 -38.43
N ASP B 246 -22.68 57.16 -39.71
CA ASP B 246 -22.61 55.89 -40.42
C ASP B 246 -21.17 55.41 -40.64
N GLY B 247 -20.18 56.19 -40.21
CA GLY B 247 -18.79 55.74 -40.24
C GLY B 247 -18.07 55.91 -41.57
N THR B 248 -18.71 56.51 -42.57
CA THR B 248 -18.06 56.68 -43.86
C THR B 248 -17.23 57.96 -43.97
N LEU B 249 -17.39 58.89 -43.04
CA LEU B 249 -16.67 60.16 -43.08
C LEU B 249 -16.09 60.43 -41.70
N ILE B 250 -15.03 61.24 -41.66
CA ILE B 250 -14.51 61.78 -40.41
C ILE B 250 -14.29 63.27 -40.57
N ALA B 251 -14.16 63.96 -39.45
CA ALA B 251 -13.90 65.38 -39.42
C ALA B 251 -12.78 65.65 -38.43
N SER B 252 -11.91 66.61 -38.75
CA SER B 252 -10.80 66.96 -37.88
C SER B 252 -10.64 68.47 -37.84
N CYS B 253 -10.57 69.02 -36.62
CA CYS B 253 -10.23 70.41 -36.41
C CYS B 253 -8.78 70.48 -35.93
N SER B 254 -8.12 71.59 -36.21
CA SER B 254 -6.70 71.69 -35.94
C SER B 254 -6.32 73.11 -35.54
N ASN B 255 -5.10 73.24 -35.04
CA ASN B 255 -4.56 74.54 -34.65
C ASN B 255 -4.17 75.39 -35.85
N ASP B 256 -4.21 74.85 -37.07
CA ASP B 256 -3.98 75.63 -38.27
C ASP B 256 -5.19 76.48 -38.65
N GLN B 257 -6.21 76.44 -37.80
CA GLN B 257 -7.47 77.16 -37.99
C GLN B 257 -8.22 76.67 -39.22
N THR B 258 -8.00 75.42 -39.63
CA THR B 258 -8.72 74.79 -40.72
C THR B 258 -9.37 73.52 -40.22
N VAL B 259 -10.60 73.29 -40.68
CA VAL B 259 -11.35 72.08 -40.33
C VAL B 259 -11.56 71.27 -41.60
N ARG B 260 -11.11 70.02 -41.57
CA ARG B 260 -11.14 69.17 -42.74
C ARG B 260 -12.15 68.05 -42.56
N VAL B 261 -12.87 67.74 -43.65
CA VAL B 261 -13.76 66.60 -43.72
C VAL B 261 -13.14 65.60 -44.67
N TRP B 262 -12.79 64.43 -44.13
CA TRP B 262 -12.08 63.38 -44.83
C TRP B 262 -13.01 62.20 -45.07
N VAL B 263 -12.79 61.50 -46.18
CA VAL B 263 -13.52 60.29 -46.51
C VAL B 263 -12.70 59.11 -46.03
N VAL B 264 -13.34 58.23 -45.26
CA VAL B 264 -12.62 57.08 -44.68
C VAL B 264 -12.15 56.13 -45.78
N ALA B 265 -12.98 55.90 -46.78
CA ALA B 265 -12.73 54.80 -47.72
C ALA B 265 -11.47 55.03 -48.54
N THR B 266 -11.33 56.21 -49.15
CA THR B 266 -10.27 56.42 -50.13
C THR B 266 -9.33 57.58 -49.83
N LYS B 267 -9.29 58.07 -48.59
CA LYS B 267 -8.24 58.95 -48.10
C LYS B 267 -8.18 60.31 -48.81
N GLU B 268 -9.30 60.81 -49.31
CA GLU B 268 -9.29 62.12 -49.95
C GLU B 268 -9.91 63.17 -49.04
N CYS B 269 -9.48 64.42 -49.23
CA CYS B 269 -10.04 65.55 -48.49
C CYS B 269 -11.33 65.98 -49.17
N LYS B 270 -12.47 65.50 -48.66
CA LYS B 270 -13.75 65.90 -49.24
C LYS B 270 -13.99 67.40 -49.07
N ALA B 271 -13.64 67.94 -47.91
CA ALA B 271 -13.85 69.37 -47.68
C ALA B 271 -12.73 69.94 -46.84
N GLU B 272 -12.39 71.20 -47.10
CA GLU B 272 -11.42 71.94 -46.28
C GLU B 272 -12.03 73.30 -45.96
N LEU B 273 -12.81 73.36 -44.88
CA LEU B 273 -13.47 74.60 -44.48
C LEU B 273 -12.53 75.33 -43.53
N ARG B 274 -11.97 76.44 -44.01
CA ARG B 274 -10.97 77.22 -43.29
C ARG B 274 -11.49 78.66 -43.19
N GLU B 275 -12.30 78.91 -42.17
CA GLU B 275 -12.90 80.24 -42.03
C GLU B 275 -12.86 80.79 -40.61
N HIS B 276 -12.36 80.04 -39.63
CA HIS B 276 -12.33 80.53 -38.26
C HIS B 276 -11.23 81.56 -38.07
N GLU B 277 -11.47 82.49 -37.16
CA GLU B 277 -10.51 83.53 -36.83
C GLU B 277 -9.46 83.07 -35.84
N HIS B 278 -9.68 81.96 -35.15
CA HIS B 278 -8.72 81.43 -34.19
C HIS B 278 -8.75 79.90 -34.27
N VAL B 279 -7.93 79.27 -33.43
CA VAL B 279 -7.79 77.82 -33.46
C VAL B 279 -9.10 77.15 -33.10
N VAL B 280 -9.51 76.18 -33.92
CA VAL B 280 -10.74 75.43 -33.67
C VAL B 280 -10.47 74.34 -32.65
N GLU B 281 -11.24 74.35 -31.56
CA GLU B 281 -11.03 73.41 -30.47
C GLU B 281 -11.98 72.22 -30.49
N CYS B 282 -13.23 72.42 -30.91
CA CYS B 282 -14.23 71.36 -30.82
C CYS B 282 -15.01 71.30 -32.13
N ILE B 283 -15.40 70.08 -32.49
CA ILE B 283 -16.26 69.82 -33.65
C ILE B 283 -17.29 68.77 -33.26
N SER B 284 -18.41 68.78 -33.99
CA SER B 284 -19.51 67.87 -33.70
C SER B 284 -20.39 67.67 -34.92
N TRP B 285 -20.82 66.44 -35.15
CA TRP B 285 -21.73 66.17 -36.25
C TRP B 285 -23.18 66.42 -35.82
N ALA B 286 -24.07 66.38 -36.80
CA ALA B 286 -25.48 66.64 -36.52
C ALA B 286 -26.28 65.35 -36.65
N PRO B 287 -27.23 65.09 -35.75
CA PRO B 287 -28.13 63.95 -35.93
C PRO B 287 -29.12 64.21 -37.06
N GLU B 288 -29.63 63.12 -37.64
CA GLU B 288 -30.63 63.25 -38.68
C GLU B 288 -31.88 63.96 -38.18
N SER B 289 -32.23 63.75 -36.91
CA SER B 289 -33.45 64.33 -36.34
C SER B 289 -33.47 65.85 -36.40
N SER B 290 -32.35 66.48 -36.72
CA SER B 290 -32.30 67.93 -36.85
C SER B 290 -31.96 68.39 -38.25
N TYR B 291 -31.59 67.49 -39.16
CA TYR B 291 -31.26 67.89 -40.53
C TYR B 291 -32.38 68.71 -41.15
N SER B 292 -33.61 68.17 -41.12
CA SER B 292 -34.75 68.91 -41.65
C SER B 292 -34.89 70.26 -40.97
N SER B 293 -34.63 70.31 -39.66
CA SER B 293 -34.66 71.59 -38.96
C SER B 293 -33.69 72.58 -39.58
N ILE B 294 -32.46 72.12 -39.84
CA ILE B 294 -31.45 72.97 -40.46
C ILE B 294 -32.01 73.61 -41.73
N SER B 295 -32.88 72.87 -42.42
CA SER B 295 -33.42 73.34 -43.69
C SER B 295 -34.09 74.70 -43.55
N GLU B 296 -34.90 74.90 -42.50
CA GLU B 296 -35.51 76.22 -42.36
C GLU B 296 -34.68 77.10 -41.43
N ALA B 297 -33.70 76.52 -40.75
CA ALA B 297 -32.86 77.31 -39.85
C ALA B 297 -31.97 78.26 -40.65
N THR B 298 -31.32 77.76 -41.69
CA THR B 298 -30.40 78.54 -42.50
C THR B 298 -30.92 78.83 -43.90
N GLY B 299 -32.08 78.27 -44.27
CA GLY B 299 -32.56 78.42 -45.62
C GLY B 299 -31.83 77.58 -46.65
N SER B 300 -31.21 76.48 -46.22
CA SER B 300 -30.47 75.62 -47.14
C SER B 300 -31.41 74.99 -48.16
N GLU B 301 -31.02 75.02 -49.42
CA GLU B 301 -31.82 74.44 -50.47
C GLU B 301 -31.46 72.98 -50.70
N THR B 302 -32.44 72.19 -51.13
CA THR B 302 -32.23 70.77 -51.36
C THR B 302 -31.64 70.53 -52.74
N LYS B 303 -30.88 69.44 -52.84
CA LYS B 303 -30.31 69.01 -54.12
C LYS B 303 -31.28 68.05 -54.81
N LYS B 304 -30.80 67.36 -55.85
CA LYS B 304 -31.63 66.40 -56.55
C LYS B 304 -32.01 65.23 -55.65
N SER B 305 -31.07 64.76 -54.82
CA SER B 305 -31.35 63.63 -53.94
C SER B 305 -32.36 63.97 -52.85
N GLY B 306 -32.57 65.25 -52.57
CA GLY B 306 -33.50 65.67 -51.55
C GLY B 306 -32.93 65.78 -50.16
N LYS B 307 -31.75 65.23 -49.92
CA LYS B 307 -31.12 65.32 -48.61
C LYS B 307 -30.65 66.75 -48.36
N PRO B 308 -30.86 67.30 -47.16
CA PRO B 308 -30.32 68.63 -46.86
C PRO B 308 -28.80 68.66 -46.85
N GLY B 309 -28.13 67.51 -46.77
CA GLY B 309 -26.70 67.45 -46.79
C GLY B 309 -26.12 67.27 -45.40
N PRO B 310 -25.01 66.53 -45.30
CA PRO B 310 -24.38 66.34 -44.00
C PRO B 310 -23.94 67.68 -43.40
N PHE B 311 -24.15 67.83 -42.10
CA PHE B 311 -23.82 69.07 -41.41
C PHE B 311 -22.77 68.82 -40.34
N LEU B 312 -22.03 69.89 -40.04
CA LEU B 312 -20.94 69.82 -39.08
C LEU B 312 -20.92 71.12 -38.29
N LEU B 313 -20.26 71.09 -37.13
CA LEU B 313 -20.09 72.28 -36.33
C LEU B 313 -18.63 72.41 -35.89
N SER B 314 -18.22 73.64 -35.61
CA SER B 314 -16.86 73.90 -35.16
C SER B 314 -16.87 75.12 -34.25
N GLY B 315 -16.44 74.92 -33.01
CA GLY B 315 -16.21 76.01 -32.08
C GLY B 315 -14.71 76.27 -31.96
N SER B 316 -14.35 77.54 -31.82
CA SER B 316 -12.96 77.92 -31.84
C SER B 316 -12.67 78.93 -30.73
N ARG B 317 -11.42 79.36 -30.68
CA ARG B 317 -10.99 80.40 -29.75
C ARG B 317 -11.45 81.79 -30.17
N ASP B 318 -12.00 81.92 -31.36
CA ASP B 318 -12.48 83.20 -31.89
C ASP B 318 -13.82 83.60 -31.34
N LYS B 319 -14.30 82.85 -30.35
CA LYS B 319 -15.58 83.09 -29.68
C LYS B 319 -16.76 82.90 -30.62
N THR B 320 -16.55 82.26 -31.78
CA THR B 320 -17.60 82.05 -32.75
C THR B 320 -17.75 80.55 -33.02
N ILE B 321 -19.00 80.14 -33.25
CA ILE B 321 -19.33 78.76 -33.56
C ILE B 321 -19.89 78.73 -34.98
N LYS B 322 -19.22 78.01 -35.87
CA LYS B 322 -19.64 77.92 -37.26
C LYS B 322 -20.32 76.59 -37.52
N MET B 323 -21.45 76.64 -38.25
CA MET B 323 -22.13 75.45 -38.72
C MET B 323 -21.93 75.36 -40.23
N TRP B 324 -21.50 74.19 -40.69
CA TRP B 324 -20.97 74.01 -42.03
C TRP B 324 -21.69 72.90 -42.76
N ASP B 325 -21.89 73.11 -44.05
CA ASP B 325 -22.53 72.13 -44.93
C ASP B 325 -21.43 71.33 -45.62
N VAL B 326 -21.29 70.07 -45.24
CA VAL B 326 -20.22 69.23 -45.77
C VAL B 326 -20.38 69.05 -47.28
N SER B 327 -21.62 68.91 -47.74
CA SER B 327 -21.87 68.70 -49.16
C SER B 327 -21.39 69.88 -49.99
N THR B 328 -21.64 71.12 -49.53
CA THR B 328 -21.28 72.31 -50.29
C THR B 328 -20.03 73.02 -49.79
N GLY B 329 -19.61 72.76 -48.55
CA GLY B 329 -18.45 73.45 -48.02
C GLY B 329 -18.66 74.90 -47.72
N MET B 330 -19.90 75.31 -47.46
CA MET B 330 -20.23 76.70 -47.19
C MET B 330 -20.48 76.92 -45.71
N CYS B 331 -20.33 78.18 -45.28
CA CYS B 331 -20.62 78.56 -43.91
C CYS B 331 -22.12 78.82 -43.79
N LEU B 332 -22.85 77.86 -43.21
CA LEU B 332 -24.30 78.00 -43.11
C LEU B 332 -24.68 79.15 -42.20
N MET B 333 -24.16 79.18 -40.98
CA MET B 333 -24.45 80.22 -40.01
C MET B 333 -23.38 80.25 -38.94
N THR B 334 -23.06 81.45 -38.49
CA THR B 334 -22.11 81.67 -37.42
C THR B 334 -22.82 82.26 -36.21
N LEU B 335 -22.47 81.75 -35.04
CA LEU B 335 -23.13 82.14 -33.79
C LEU B 335 -22.07 82.74 -32.86
N VAL B 336 -22.40 83.91 -32.30
CA VAL B 336 -21.46 84.68 -31.49
C VAL B 336 -22.15 85.00 -30.17
N GLY B 337 -21.34 85.23 -29.13
CA GLY B 337 -21.88 85.59 -27.85
C GLY B 337 -21.06 85.07 -26.68
N HIS B 338 -20.21 84.08 -26.93
CA HIS B 338 -19.32 83.60 -25.88
C HIS B 338 -18.22 84.60 -25.60
N ASP B 339 -17.87 84.72 -24.32
CA ASP B 339 -16.90 85.71 -23.86
C ASP B 339 -15.46 85.21 -23.95
N ASN B 340 -15.24 83.96 -24.31
CA ASN B 340 -13.89 83.41 -24.40
C ASN B 340 -13.92 82.23 -25.37
N TRP B 341 -12.84 81.45 -25.38
CA TRP B 341 -12.72 80.32 -26.29
C TRP B 341 -13.79 79.29 -26.02
N VAL B 342 -14.43 78.80 -27.08
CA VAL B 342 -15.42 77.74 -26.95
C VAL B 342 -14.69 76.41 -26.87
N ARG B 343 -15.05 75.60 -25.87
CA ARG B 343 -14.41 74.31 -25.66
C ARG B 343 -15.25 73.12 -26.10
N GLY B 344 -16.57 73.23 -26.06
CA GLY B 344 -17.42 72.14 -26.49
C GLY B 344 -18.74 72.66 -27.01
N VAL B 345 -19.26 71.99 -28.02
CA VAL B 345 -20.54 72.36 -28.63
C VAL B 345 -21.25 71.09 -29.07
N LEU B 346 -22.56 71.04 -28.85
CA LEU B 346 -23.30 69.84 -29.24
C LEU B 346 -24.79 70.16 -29.36
N PHE B 347 -25.52 69.22 -29.93
CA PHE B 347 -26.95 69.35 -30.15
C PHE B 347 -27.75 68.67 -29.06
N HIS B 348 -28.84 69.33 -28.66
CA HIS B 348 -29.84 68.71 -27.81
C HIS B 348 -30.43 67.50 -28.55
N SER B 349 -30.75 66.46 -27.78
CA SER B 349 -31.25 65.22 -28.38
C SER B 349 -32.52 65.46 -29.20
N GLY B 350 -33.29 66.49 -28.87
CA GLY B 350 -34.47 66.83 -29.62
C GLY B 350 -34.24 67.59 -30.90
N GLY B 351 -32.99 67.93 -31.21
CA GLY B 351 -32.70 68.68 -32.42
C GLY B 351 -33.35 70.06 -32.45
N LYS B 352 -33.39 70.73 -31.31
CA LYS B 352 -34.08 72.01 -31.19
C LYS B 352 -33.28 73.09 -30.49
N PHE B 353 -32.21 72.75 -29.77
CA PHE B 353 -31.33 73.73 -29.15
C PHE B 353 -29.88 73.35 -29.41
N ILE B 354 -28.99 74.32 -29.19
CA ILE B 354 -27.55 74.12 -29.27
C ILE B 354 -26.96 74.43 -27.90
N LEU B 355 -26.10 73.54 -27.41
CA LEU B 355 -25.45 73.72 -26.12
C LEU B 355 -23.97 73.96 -26.33
N SER B 356 -23.40 74.87 -25.55
CA SER B 356 -21.99 75.17 -25.65
C SER B 356 -21.41 75.40 -24.27
N CYS B 357 -20.18 74.93 -24.09
CA CYS B 357 -19.38 75.22 -22.90
C CYS B 357 -18.07 75.84 -23.36
N ALA B 358 -17.69 76.93 -22.70
CA ALA B 358 -16.57 77.73 -23.15
C ALA B 358 -15.70 78.08 -21.95
N ASP B 359 -14.63 78.82 -22.22
CA ASP B 359 -13.71 79.28 -21.19
C ASP B 359 -14.29 80.42 -20.36
N ASP B 360 -15.48 80.91 -20.70
CA ASP B 360 -16.16 81.97 -19.97
C ASP B 360 -16.76 81.50 -18.66
N LYS B 361 -16.46 80.27 -18.23
CA LYS B 361 -16.93 79.70 -16.96
C LYS B 361 -18.45 79.55 -16.92
N THR B 362 -19.11 79.63 -18.07
CA THR B 362 -20.57 79.51 -18.16
C THR B 362 -20.92 78.58 -19.31
N LEU B 363 -22.06 77.91 -19.19
CA LEU B 363 -22.61 77.11 -20.27
C LEU B 363 -23.80 77.84 -20.87
N ARG B 364 -23.89 77.86 -22.19
CA ARG B 364 -24.88 78.65 -22.91
C ARG B 364 -25.71 77.76 -23.81
N VAL B 365 -27.03 77.90 -23.67
CA VAL B 365 -28.01 77.21 -24.49
C VAL B 365 -28.63 78.23 -25.44
N TRP B 366 -28.38 78.06 -26.72
CA TRP B 366 -28.84 78.98 -27.75
C TRP B 366 -29.86 78.29 -28.65
N ASP B 367 -30.70 79.10 -29.28
CA ASP B 367 -31.64 78.63 -30.29
C ASP B 367 -31.14 79.07 -31.66
N TYR B 368 -31.11 78.14 -32.60
CA TYR B 368 -30.59 78.42 -33.93
C TYR B 368 -31.67 78.58 -34.99
N LYS B 369 -32.83 77.95 -34.84
CA LYS B 369 -33.88 78.07 -35.84
C LYS B 369 -34.54 79.44 -35.79
N ASN B 370 -34.82 79.93 -34.58
CA ASN B 370 -35.54 81.18 -34.40
C ASN B 370 -34.81 82.18 -33.51
N LYS B 371 -33.67 81.78 -32.92
CA LYS B 371 -32.86 82.68 -32.09
C LYS B 371 -33.66 83.24 -30.91
N ARG B 372 -34.64 82.46 -30.45
CA ARG B 372 -35.48 82.88 -29.32
C ARG B 372 -34.73 82.76 -27.99
N CYS B 373 -33.95 81.70 -27.82
CA CYS B 373 -33.31 81.39 -26.55
C CYS B 373 -31.82 81.68 -26.62
N MET B 374 -31.31 82.37 -25.60
CA MET B 374 -29.90 82.70 -25.45
C MET B 374 -29.47 82.53 -24.00
N LYS B 375 -29.95 81.47 -23.37
CA LYS B 375 -29.75 81.29 -21.94
C LYS B 375 -28.29 81.06 -21.60
N THR B 376 -27.85 81.61 -20.47
CA THR B 376 -26.49 81.47 -20.00
C THR B 376 -26.53 81.16 -18.51
N LEU B 377 -25.77 80.14 -18.09
CA LEU B 377 -25.72 79.73 -16.69
C LEU B 377 -24.26 79.68 -16.23
N ASN B 378 -24.01 80.16 -15.02
CA ASN B 378 -22.67 80.16 -14.44
C ASN B 378 -22.30 78.74 -14.07
N ALA B 379 -21.68 78.04 -15.03
CA ALA B 379 -21.40 76.62 -14.85
C ALA B 379 -20.43 76.38 -13.70
N HIS B 380 -19.29 77.06 -13.70
CA HIS B 380 -18.22 76.76 -12.77
C HIS B 380 -17.49 78.04 -12.37
N GLU B 381 -16.80 77.95 -11.25
CA GLU B 381 -15.95 79.03 -10.77
C GLU B 381 -14.69 79.19 -11.61
N HIS B 382 -14.41 78.27 -12.52
CA HIS B 382 -13.21 78.31 -13.33
C HIS B 382 -13.56 77.76 -14.71
N PHE B 383 -12.54 77.37 -15.47
CA PHE B 383 -12.73 76.96 -16.86
C PHE B 383 -13.61 75.70 -16.94
N VAL B 384 -14.45 75.64 -17.97
CA VAL B 384 -15.25 74.45 -18.25
C VAL B 384 -14.65 73.75 -19.46
N THR B 385 -14.24 72.49 -19.28
CA THR B 385 -13.48 71.77 -20.29
C THR B 385 -14.33 70.97 -21.26
N SER B 386 -15.44 70.39 -20.82
CA SER B 386 -16.27 69.58 -21.70
C SER B 386 -17.69 69.53 -21.16
N LEU B 387 -18.61 69.18 -22.05
CA LEU B 387 -20.03 69.07 -21.70
C LEU B 387 -20.61 67.88 -22.46
N ASP B 388 -21.66 67.29 -21.88
CA ASP B 388 -22.31 66.15 -22.50
C ASP B 388 -23.78 66.13 -22.10
N PHE B 389 -24.61 65.64 -23.02
CA PHE B 389 -26.06 65.53 -22.83
C PHE B 389 -26.45 64.05 -22.95
N HIS B 390 -27.22 63.56 -21.98
CA HIS B 390 -27.67 62.17 -22.03
C HIS B 390 -28.72 61.99 -23.11
N LYS B 391 -28.58 60.92 -23.89
CA LYS B 391 -29.45 60.71 -25.05
C LYS B 391 -30.90 60.57 -24.64
N THR B 392 -31.17 59.86 -23.54
CA THR B 392 -32.53 59.64 -23.07
C THR B 392 -32.83 60.39 -21.78
N ALA B 393 -31.97 60.28 -20.78
CA ALA B 393 -32.21 60.96 -19.51
C ALA B 393 -32.10 62.48 -19.69
N PRO B 394 -32.88 63.26 -18.94
CA PRO B 394 -32.78 64.73 -19.03
C PRO B 394 -31.65 65.28 -18.18
N TYR B 395 -30.45 64.69 -18.35
CA TYR B 395 -29.29 65.01 -17.54
C TYR B 395 -28.14 65.45 -18.43
N VAL B 396 -27.42 66.47 -17.96
CA VAL B 396 -26.21 66.95 -18.63
C VAL B 396 -25.08 66.95 -17.62
N VAL B 397 -23.86 66.79 -18.11
CA VAL B 397 -22.67 66.71 -17.26
C VAL B 397 -21.60 67.63 -17.82
N THR B 398 -20.97 68.41 -16.93
CA THR B 398 -19.94 69.37 -17.29
C THR B 398 -18.69 69.08 -16.50
N GLY B 399 -17.56 68.95 -17.21
CA GLY B 399 -16.27 68.87 -16.56
C GLY B 399 -15.57 70.22 -16.55
N SER B 400 -14.67 70.40 -15.59
CA SER B 400 -14.09 71.71 -15.37
C SER B 400 -12.68 71.56 -14.81
N VAL B 401 -11.90 72.64 -14.98
CA VAL B 401 -10.53 72.67 -14.45
C VAL B 401 -10.49 72.64 -12.93
N ASP B 402 -11.53 73.13 -12.26
CA ASP B 402 -11.54 73.17 -10.79
C ASP B 402 -11.68 71.79 -10.17
N GLN B 403 -11.54 70.73 -10.97
CA GLN B 403 -11.57 69.35 -10.51
C GLN B 403 -12.93 68.94 -9.96
N THR B 404 -13.99 69.66 -10.35
CA THR B 404 -15.35 69.34 -9.95
C THR B 404 -16.19 69.07 -11.19
N VAL B 405 -16.94 67.98 -11.16
CA VAL B 405 -17.81 67.57 -12.25
C VAL B 405 -19.25 67.84 -11.84
N LYS B 406 -19.94 68.70 -12.59
CA LYS B 406 -21.27 69.15 -12.21
C LYS B 406 -22.32 68.55 -13.13
N VAL B 407 -23.36 67.99 -12.53
CA VAL B 407 -24.46 67.40 -13.28
C VAL B 407 -25.69 68.28 -13.10
N TRP B 408 -26.45 68.46 -14.16
CA TRP B 408 -27.63 69.32 -14.17
C TRP B 408 -28.81 68.58 -14.77
N GLU B 409 -30.00 68.94 -14.34
CA GLU B 409 -31.22 68.33 -14.85
C GLU B 409 -31.87 69.22 -15.90
N CYS B 410 -32.65 68.61 -16.78
CA CYS B 410 -33.35 69.32 -17.84
C CYS B 410 -34.84 69.32 -17.54
N ARG B 411 -35.48 70.47 -17.71
CA ARG B 411 -36.93 70.57 -17.53
C ARG B 411 -37.55 71.45 -18.61
N ILE C 96 -53.13 36.86 -25.66
CA ILE C 96 -51.95 36.09 -26.05
C ILE C 96 -50.90 36.99 -26.71
N PRO C 97 -49.71 37.03 -26.13
CA PRO C 97 -48.63 37.83 -26.72
C PRO C 97 -48.15 37.24 -28.04
N ARG C 98 -47.68 38.10 -28.94
CA ARG C 98 -47.21 37.62 -30.26
C ARG C 98 -45.76 38.06 -30.52
N PRO C 99 -45.03 37.50 -31.52
CA PRO C 99 -43.61 37.81 -31.74
C PRO C 99 -43.17 39.29 -31.78
N PRO C 100 -43.88 40.26 -32.40
CA PRO C 100 -43.45 41.66 -32.33
C PRO C 100 -43.42 42.19 -30.88
N GLU C 101 -42.23 42.31 -30.31
CA GLU C 101 -42.11 42.92 -28.94
C GLU C 101 -42.34 44.42 -29.06
N LYS C 102 -42.93 45.04 -28.04
CA LYS C 102 -43.25 46.46 -28.18
C LYS C 102 -42.03 47.31 -27.83
N TYR C 103 -41.40 47.04 -26.69
CA TYR C 103 -40.20 47.73 -26.27
C TYR C 103 -39.19 46.73 -25.72
N ALA C 104 -37.90 47.04 -25.90
CA ALA C 104 -36.81 46.27 -25.31
C ALA C 104 -36.06 47.22 -24.36
N LEU C 105 -36.42 47.18 -23.09
CA LEU C 105 -35.87 48.08 -22.10
C LEU C 105 -34.60 47.49 -21.52
N SER C 106 -33.46 48.16 -21.76
CA SER C 106 -32.16 47.67 -21.30
C SER C 106 -31.48 48.78 -20.52
N GLY C 107 -31.49 48.67 -19.19
CA GLY C 107 -30.77 49.60 -18.35
C GLY C 107 -29.91 48.92 -17.31
N HIS C 108 -30.20 47.65 -17.03
CA HIS C 108 -29.53 46.95 -15.95
C HIS C 108 -28.09 46.59 -16.34
N ARG C 109 -27.24 46.48 -15.31
CA ARG C 109 -25.87 46.05 -15.49
C ARG C 109 -25.66 44.58 -15.18
N SER C 110 -26.71 43.87 -14.79
CA SER C 110 -26.61 42.47 -14.39
C SER C 110 -27.85 41.73 -14.84
N PRO C 111 -27.85 40.40 -14.83
CA PRO C 111 -29.05 39.65 -15.21
C PRO C 111 -30.29 40.02 -14.41
N VAL C 112 -31.43 40.07 -15.06
CA VAL C 112 -32.69 40.39 -14.41
C VAL C 112 -33.23 39.13 -13.74
N THR C 113 -33.86 39.30 -12.57
CA THR C 113 -34.39 38.17 -11.81
C THR C 113 -35.91 38.12 -11.83
N ARG C 114 -36.57 39.21 -11.49
CA ARG C 114 -38.02 39.24 -11.44
C ARG C 114 -38.55 40.53 -12.06
N VAL C 115 -39.69 40.42 -12.72
CA VAL C 115 -40.39 41.57 -13.30
C VAL C 115 -41.87 41.44 -12.96
N ILE C 116 -42.49 42.53 -12.52
CA ILE C 116 -43.89 42.51 -12.11
C ILE C 116 -44.56 43.81 -12.57
N PHE C 117 -45.89 43.81 -12.48
CA PHE C 117 -46.70 44.95 -12.84
C PHE C 117 -47.28 45.59 -11.59
N HIS C 118 -47.26 46.91 -11.54
CA HIS C 118 -47.98 47.61 -10.49
C HIS C 118 -49.48 47.37 -10.67
N PRO C 119 -50.20 46.99 -9.61
CA PRO C 119 -51.61 46.59 -9.79
C PRO C 119 -52.51 47.70 -10.28
N VAL C 120 -52.12 48.97 -10.12
CA VAL C 120 -53.00 50.07 -10.51
C VAL C 120 -52.35 50.92 -11.59
N PHE C 121 -51.21 51.53 -11.27
CA PHE C 121 -50.60 52.49 -12.18
C PHE C 121 -49.98 51.78 -13.38
N SER C 122 -49.85 52.55 -14.47
CA SER C 122 -49.30 52.02 -15.72
C SER C 122 -47.78 52.07 -15.69
N VAL C 123 -47.22 51.34 -14.72
CA VAL C 123 -45.80 51.35 -14.45
C VAL C 123 -45.34 49.93 -14.14
N MET C 124 -44.16 49.58 -14.61
CA MET C 124 -43.62 48.23 -14.48
C MET C 124 -42.28 48.29 -13.77
N VAL C 125 -41.98 47.25 -13.00
CA VAL C 125 -40.82 47.21 -12.12
C VAL C 125 -40.01 45.96 -12.43
N SER C 126 -38.69 46.09 -12.44
CA SER C 126 -37.79 44.97 -12.71
C SER C 126 -36.67 44.97 -11.69
N ALA C 127 -36.41 43.81 -11.10
CA ALA C 127 -35.32 43.62 -10.15
C ALA C 127 -34.19 42.88 -10.83
N SER C 128 -32.95 43.28 -10.53
CA SER C 128 -31.79 42.68 -11.16
C SER C 128 -30.82 42.17 -10.11
N GLU C 129 -29.69 41.64 -10.58
CA GLU C 129 -28.65 41.15 -9.70
C GLU C 129 -27.63 42.20 -9.33
N ASP C 130 -27.83 43.45 -9.77
CA ASP C 130 -26.98 44.56 -9.37
C ASP C 130 -27.55 45.33 -8.20
N ALA C 131 -28.47 44.72 -7.45
CA ALA C 131 -29.12 45.29 -6.28
C ALA C 131 -29.97 46.52 -6.59
N THR C 132 -30.35 46.71 -7.85
CA THR C 132 -31.11 47.88 -8.27
C THR C 132 -32.51 47.46 -8.70
N ILE C 133 -33.52 48.03 -8.04
CA ILE C 133 -34.90 47.85 -8.45
C ILE C 133 -35.26 48.97 -9.41
N LYS C 134 -34.94 48.79 -10.68
CA LYS C 134 -35.21 49.82 -11.67
C LYS C 134 -36.69 49.83 -12.03
N VAL C 135 -37.29 51.02 -12.06
CA VAL C 135 -38.70 51.18 -12.35
C VAL C 135 -38.83 51.86 -13.71
N TRP C 136 -39.49 51.16 -14.64
CA TRP C 136 -39.70 51.60 -16.01
C TRP C 136 -41.16 51.93 -16.22
N ASP C 137 -41.49 52.39 -17.43
CA ASP C 137 -42.86 52.60 -17.85
C ASP C 137 -43.11 51.81 -19.13
N TYR C 138 -43.97 50.80 -19.06
CA TYR C 138 -44.19 49.92 -20.19
C TYR C 138 -45.05 50.55 -21.28
N GLU C 139 -45.93 51.48 -20.94
CA GLU C 139 -46.78 52.11 -21.95
C GLU C 139 -45.94 52.90 -22.96
N THR C 140 -44.95 53.66 -22.47
CA THR C 140 -44.13 54.49 -23.34
C THR C 140 -42.73 53.92 -23.56
N GLY C 141 -42.38 52.82 -22.91
CA GLY C 141 -41.04 52.27 -23.03
C GLY C 141 -39.97 53.20 -22.53
N ASP C 142 -40.22 53.83 -21.37
CA ASP C 142 -39.34 54.85 -20.82
C ASP C 142 -38.94 54.48 -19.41
N PHE C 143 -37.66 54.66 -19.09
CA PHE C 143 -37.17 54.55 -17.73
C PHE C 143 -37.80 55.62 -16.86
N GLU C 144 -38.18 55.24 -15.64
CA GLU C 144 -38.83 56.17 -14.72
C GLU C 144 -37.90 56.53 -13.56
N ARG C 145 -37.47 55.56 -12.76
CA ARG C 145 -36.49 55.85 -11.71
C ARG C 145 -36.08 54.55 -11.03
N THR C 146 -34.80 54.46 -10.65
CA THR C 146 -34.28 53.28 -9.98
C THR C 146 -34.52 53.36 -8.47
N LEU C 147 -34.32 52.22 -7.80
CA LEU C 147 -34.52 52.11 -6.35
C LEU C 147 -33.36 51.30 -5.75
N LYS C 148 -32.32 52.00 -5.32
CA LYS C 148 -31.22 51.33 -4.63
C LYS C 148 -31.54 51.19 -3.14
N GLY C 149 -30.61 50.56 -2.43
CA GLY C 149 -30.77 50.36 -1.00
C GLY C 149 -30.32 48.99 -0.53
N HIS C 150 -30.47 47.98 -1.37
CA HIS C 150 -30.01 46.65 -1.02
C HIS C 150 -28.52 46.53 -1.30
N THR C 151 -27.87 45.59 -0.61
CA THR C 151 -26.44 45.42 -0.75
C THR C 151 -26.07 44.40 -1.82
N ASP C 152 -26.85 43.33 -1.96
CA ASP C 152 -26.57 42.29 -2.94
C ASP C 152 -27.80 42.10 -3.82
N SER C 153 -27.75 41.09 -4.68
CA SER C 153 -28.78 40.90 -5.71
C SER C 153 -30.16 40.78 -5.12
N VAL C 154 -31.12 41.45 -5.74
CA VAL C 154 -32.52 41.32 -5.36
C VAL C 154 -33.10 40.10 -6.05
N GLN C 155 -33.72 39.22 -5.27
CA GLN C 155 -34.22 37.97 -5.82
C GLN C 155 -35.71 38.00 -6.15
N ASP C 156 -36.50 38.79 -5.44
CA ASP C 156 -37.93 38.81 -5.69
C ASP C 156 -38.50 40.13 -5.17
N ILE C 157 -39.59 40.57 -5.79
CA ILE C 157 -40.28 41.80 -5.43
C ILE C 157 -41.78 41.54 -5.51
N SER C 158 -42.54 42.27 -4.69
CA SER C 158 -43.99 42.10 -4.73
C SER C 158 -44.66 43.36 -4.24
N PHE C 159 -45.87 43.59 -4.76
CA PHE C 159 -46.71 44.72 -4.37
C PHE C 159 -47.86 44.20 -3.52
N ASP C 160 -48.42 45.09 -2.70
CA ASP C 160 -49.58 44.72 -1.90
C ASP C 160 -50.84 44.86 -2.75
N HIS C 161 -52.01 44.74 -2.10
CA HIS C 161 -53.26 44.83 -2.84
C HIS C 161 -53.48 46.23 -3.43
N SER C 162 -53.09 47.26 -2.69
CA SER C 162 -53.29 48.63 -3.14
C SER C 162 -52.11 49.19 -3.93
N GLY C 163 -50.97 48.49 -3.97
CA GLY C 163 -49.83 48.94 -4.72
C GLY C 163 -49.00 50.03 -4.06
N LYS C 164 -49.37 50.45 -2.85
CA LYS C 164 -48.65 51.54 -2.20
C LYS C 164 -47.34 51.08 -1.58
N LEU C 165 -47.17 49.77 -1.37
CA LEU C 165 -46.02 49.20 -0.70
C LEU C 165 -45.36 48.17 -1.61
N LEU C 166 -44.03 48.14 -1.63
CA LEU C 166 -43.29 47.17 -2.43
C LEU C 166 -42.28 46.47 -1.54
N ALA C 167 -42.51 45.20 -1.28
CA ALA C 167 -41.59 44.40 -0.47
C ALA C 167 -40.61 43.69 -1.39
N SER C 168 -39.32 43.84 -1.09
CA SER C 168 -38.27 43.18 -1.86
C SER C 168 -37.39 42.38 -0.92
N CYS C 169 -36.85 41.28 -1.43
CA CYS C 169 -35.92 40.44 -0.69
C CYS C 169 -34.63 40.34 -1.47
N SER C 170 -33.51 40.38 -0.77
CA SER C 170 -32.22 40.39 -1.44
C SER C 170 -31.37 39.23 -0.95
N ALA C 171 -30.22 39.07 -1.62
CA ALA C 171 -29.27 38.03 -1.25
C ALA C 171 -28.47 38.38 0.00
N ASP C 172 -28.62 39.59 0.52
CA ASP C 172 -27.95 39.98 1.76
C ASP C 172 -28.75 39.61 3.00
N MET C 173 -29.66 38.65 2.89
CA MET C 173 -30.51 38.20 4.01
C MET C 173 -31.39 39.32 4.54
N THR C 174 -31.69 40.33 3.71
CA THR C 174 -32.51 41.44 4.13
C THR C 174 -33.76 41.55 3.26
N ILE C 175 -34.89 41.82 3.92
CA ILE C 175 -36.14 42.10 3.25
C ILE C 175 -36.49 43.56 3.50
N LYS C 176 -36.49 44.36 2.44
CA LYS C 176 -36.78 45.82 2.60
C LYS C 176 -38.18 46.17 2.13
N LEU C 177 -38.88 47.03 2.88
CA LEU C 177 -40.25 47.49 2.48
C LEU C 177 -40.11 48.89 1.86
N TRP C 178 -40.89 49.20 0.81
CA TRP C 178 -40.69 50.49 0.11
C TRP C 178 -41.97 51.31 0.03
N ASP C 179 -41.93 52.58 0.45
CA ASP C 179 -43.09 53.50 0.29
C ASP C 179 -43.07 53.96 -1.17
N PHE C 180 -43.72 53.22 -2.07
CA PHE C 180 -43.73 53.49 -3.49
C PHE C 180 -44.24 54.88 -3.86
N GLN C 181 -45.11 55.47 -3.06
CA GLN C 181 -45.46 56.88 -3.29
C GLN C 181 -44.24 57.78 -3.10
N GLY C 182 -43.44 57.51 -2.07
CA GLY C 182 -42.25 58.29 -1.80
C GLY C 182 -40.94 57.69 -2.26
N PHE C 183 -40.95 56.46 -2.77
CA PHE C 183 -39.74 55.79 -3.24
C PHE C 183 -38.68 55.69 -2.15
N GLU C 184 -39.11 55.35 -0.94
CA GLU C 184 -38.21 55.25 0.21
C GLU C 184 -38.38 53.90 0.90
N CYS C 185 -37.29 53.47 1.55
CA CYS C 185 -37.27 52.22 2.31
C CYS C 185 -37.69 52.52 3.75
N ILE C 186 -38.95 52.24 4.07
CA ILE C 186 -39.46 52.61 5.39
C ILE C 186 -39.10 51.57 6.45
N ARG C 187 -38.75 50.36 6.04
CA ARG C 187 -38.38 49.35 7.02
C ARG C 187 -37.49 48.30 6.38
N THR C 188 -36.73 47.61 7.23
CA THR C 188 -35.85 46.53 6.82
C THR C 188 -35.99 45.40 7.83
N MET C 189 -35.89 44.17 7.35
CA MET C 189 -36.05 42.99 8.21
C MET C 189 -34.91 42.01 7.97
N HIS C 190 -34.35 41.50 9.06
CA HIS C 190 -33.30 40.49 9.03
C HIS C 190 -33.73 39.29 9.84
N GLY C 191 -32.99 38.19 9.70
CA GLY C 191 -33.26 37.00 10.47
C GLY C 191 -33.01 35.69 9.76
N HIS C 192 -32.84 35.74 8.44
CA HIS C 192 -32.61 34.53 7.67
C HIS C 192 -31.13 34.19 7.64
N ASP C 193 -30.81 32.91 7.85
CA ASP C 193 -29.42 32.49 7.93
C ASP C 193 -28.68 32.73 6.62
N HIS C 194 -29.31 32.41 5.50
CA HIS C 194 -28.66 32.57 4.21
C HIS C 194 -29.58 33.47 3.36
N ASN C 195 -29.26 33.61 2.08
CA ASN C 195 -29.96 34.58 1.25
C ASN C 195 -31.45 34.27 1.14
N VAL C 196 -32.26 35.32 1.07
CA VAL C 196 -33.70 35.20 0.87
C VAL C 196 -33.96 35.19 -0.62
N SER C 197 -34.67 34.17 -1.10
CA SER C 197 -34.92 34.02 -2.53
C SER C 197 -36.39 34.13 -2.89
N SER C 198 -37.23 34.64 -1.99
CA SER C 198 -38.64 34.84 -2.30
C SER C 198 -39.24 35.83 -1.31
N VAL C 199 -40.38 36.39 -1.69
CA VAL C 199 -41.11 37.32 -0.86
C VAL C 199 -42.50 37.49 -1.45
N ALA C 200 -43.48 37.76 -0.59
CA ALA C 200 -44.85 37.96 -1.02
C ALA C 200 -45.63 38.58 0.13
N ILE C 201 -46.59 39.43 -0.20
CA ILE C 201 -47.42 40.08 0.80
C ILE C 201 -48.76 39.35 0.85
N MET C 202 -49.24 39.09 2.06
CA MET C 202 -50.57 38.53 2.22
C MET C 202 -51.61 39.45 1.59
N PRO C 203 -52.62 38.89 0.94
CA PRO C 203 -53.70 39.74 0.39
C PRO C 203 -54.40 40.57 1.45
N ASN C 204 -54.40 40.10 2.71
CA ASN C 204 -54.93 40.92 3.79
C ASN C 204 -54.10 42.18 3.98
N GLY C 205 -52.87 42.22 3.47
CA GLY C 205 -52.05 43.41 3.55
C GLY C 205 -51.44 43.68 4.90
N ASP C 206 -51.48 42.72 5.82
CA ASP C 206 -50.97 42.92 7.16
C ASP C 206 -49.76 42.05 7.50
N HIS C 207 -49.23 41.32 6.51
CA HIS C 207 -48.12 40.41 6.77
C HIS C 207 -47.31 40.23 5.50
N ILE C 208 -46.07 39.76 5.69
CA ILE C 208 -45.19 39.38 4.60
C ILE C 208 -44.75 37.95 4.85
N VAL C 209 -44.49 37.20 3.78
CA VAL C 209 -43.87 35.88 3.90
C VAL C 209 -42.63 35.88 3.02
N SER C 210 -41.59 35.19 3.50
CA SER C 210 -40.35 35.09 2.75
C SER C 210 -39.79 33.69 2.88
N ALA C 211 -39.08 33.26 1.85
CA ALA C 211 -38.43 31.96 1.81
C ALA C 211 -36.95 32.15 1.53
N SER C 212 -36.12 31.30 2.15
CA SER C 212 -34.68 31.51 2.11
C SER C 212 -33.97 30.17 1.95
N ARG C 213 -32.66 30.25 1.75
CA ARG C 213 -31.82 29.07 1.65
C ARG C 213 -31.60 28.39 2.99
N ASP C 214 -32.06 28.99 4.08
CA ASP C 214 -31.95 28.39 5.40
C ASP C 214 -33.00 27.32 5.66
N LYS C 215 -33.64 26.82 4.60
CA LYS C 215 -34.58 25.71 4.69
C LYS C 215 -35.77 26.02 5.58
N THR C 216 -36.25 27.27 5.56
CA THR C 216 -37.43 27.63 6.32
C THR C 216 -38.07 28.87 5.71
N ILE C 217 -39.33 29.09 6.08
CA ILE C 217 -40.12 30.22 5.59
C ILE C 217 -40.51 31.06 6.80
N LYS C 218 -40.29 32.37 6.70
CA LYS C 218 -40.58 33.27 7.80
C LYS C 218 -41.77 34.16 7.45
N MET C 219 -42.50 34.58 8.48
CA MET C 219 -43.65 35.46 8.32
C MET C 219 -43.48 36.66 9.23
N TRP C 220 -43.64 37.85 8.67
CA TRP C 220 -43.40 39.12 9.33
C TRP C 220 -44.68 39.93 9.38
N GLU C 221 -44.75 40.86 10.34
CA GLU C 221 -45.88 41.76 10.48
C GLU C 221 -45.51 43.14 9.93
N VAL C 222 -46.47 43.77 9.24
CA VAL C 222 -46.18 45.01 8.53
C VAL C 222 -45.97 46.17 9.50
N GLN C 223 -46.76 46.22 10.59
CA GLN C 223 -46.71 47.37 11.48
C GLN C 223 -45.35 47.52 12.15
N THR C 224 -44.74 46.41 12.57
CA THR C 224 -43.50 46.46 13.32
C THR C 224 -42.31 45.88 12.58
N GLY C 225 -42.48 44.75 11.91
CA GLY C 225 -41.38 44.05 11.28
C GLY C 225 -40.86 42.84 12.04
N TYR C 226 -41.60 42.37 13.03
CA TYR C 226 -41.15 41.28 13.88
C TYR C 226 -41.69 39.94 13.38
N CYS C 227 -40.80 38.97 13.25
CA CYS C 227 -41.20 37.63 12.82
C CYS C 227 -42.24 37.06 13.78
N VAL C 228 -43.31 36.50 13.22
CA VAL C 228 -44.38 35.95 14.02
C VAL C 228 -44.56 34.45 13.84
N LYS C 229 -44.22 33.90 12.66
CA LYS C 229 -44.35 32.47 12.41
C LYS C 229 -43.18 32.00 11.59
N THR C 230 -42.80 30.74 11.78
CA THR C 230 -41.67 30.14 11.08
C THR C 230 -42.06 28.75 10.63
N PHE C 231 -42.40 28.61 9.35
CA PHE C 231 -42.73 27.32 8.76
C PHE C 231 -41.45 26.55 8.49
N THR C 232 -41.36 25.35 9.04
CA THR C 232 -40.21 24.48 8.85
C THR C 232 -40.67 23.10 8.43
N GLY C 233 -39.78 22.38 7.75
CA GLY C 233 -40.13 21.07 7.21
C GLY C 233 -39.48 20.78 5.88
N HIS C 234 -39.12 21.82 5.13
CA HIS C 234 -38.34 21.62 3.93
C HIS C 234 -36.93 21.17 4.29
N ARG C 235 -36.40 20.24 3.50
CA ARG C 235 -35.09 19.67 3.77
C ARG C 235 -33.97 20.33 2.96
N GLU C 236 -34.28 21.36 2.19
CA GLU C 236 -33.27 22.01 1.36
C GLU C 236 -33.69 23.45 1.09
N TRP C 237 -32.93 24.11 0.22
CA TRP C 237 -33.18 25.49 -0.19
C TRP C 237 -34.60 25.66 -0.66
N VAL C 238 -35.33 26.61 -0.07
CA VAL C 238 -36.68 26.93 -0.50
C VAL C 238 -36.58 28.06 -1.54
N ARG C 239 -37.08 27.80 -2.75
CA ARG C 239 -36.89 28.73 -3.85
C ARG C 239 -37.95 29.82 -3.89
N MET C 240 -39.20 29.47 -3.58
CA MET C 240 -40.28 30.41 -3.83
C MET C 240 -41.45 30.10 -2.90
N VAL C 241 -42.11 31.14 -2.42
CA VAL C 241 -43.32 31.02 -1.62
C VAL C 241 -44.37 31.97 -2.20
N ARG C 242 -45.58 31.47 -2.39
CA ARG C 242 -46.66 32.27 -2.95
C ARG C 242 -47.99 31.88 -2.31
N PRO C 243 -48.64 32.79 -1.60
CA PRO C 243 -49.90 32.46 -0.94
C PRO C 243 -51.04 32.34 -1.94
N ASN C 244 -52.14 31.77 -1.47
CA ASN C 244 -53.35 31.63 -2.28
C ASN C 244 -54.09 32.96 -2.29
N GLN C 245 -55.31 32.97 -2.86
CA GLN C 245 -56.01 34.23 -3.09
C GLN C 245 -56.51 34.83 -1.78
N ASP C 246 -57.12 34.03 -0.92
CA ASP C 246 -57.67 34.56 0.33
C ASP C 246 -56.64 34.66 1.45
N GLY C 247 -55.44 34.13 1.24
CA GLY C 247 -54.38 34.25 2.22
C GLY C 247 -54.42 33.25 3.35
N THR C 248 -55.32 32.27 3.33
CA THR C 248 -55.39 31.28 4.39
C THR C 248 -54.44 30.11 4.18
N LEU C 249 -53.78 30.04 3.03
CA LEU C 249 -52.82 28.98 2.73
C LEU C 249 -51.63 29.59 2.01
N ILE C 250 -50.49 28.91 2.09
CA ILE C 250 -49.34 29.28 1.28
C ILE C 250 -48.79 28.02 0.61
N ALA C 251 -47.95 28.24 -0.39
CA ALA C 251 -47.31 27.15 -1.10
C ALA C 251 -45.85 27.48 -1.31
N SER C 252 -44.98 26.53 -1.04
CA SER C 252 -43.54 26.74 -1.13
C SER C 252 -42.89 25.59 -1.87
N CYS C 253 -42.05 25.91 -2.84
CA CYS C 253 -41.27 24.92 -3.56
C CYS C 253 -39.84 25.00 -3.09
N SER C 254 -39.13 23.87 -3.17
CA SER C 254 -37.78 23.80 -2.62
C SER C 254 -36.91 22.91 -3.50
N ASN C 255 -35.59 22.95 -3.22
CA ASN C 255 -34.63 22.12 -3.92
C ASN C 255 -34.74 20.65 -3.54
N ASP C 256 -35.53 20.30 -2.54
CA ASP C 256 -35.75 18.90 -2.19
C ASP C 256 -36.74 18.24 -3.14
N GLN C 257 -37.03 18.86 -4.28
CA GLN C 257 -37.91 18.30 -5.31
C GLN C 257 -39.31 18.03 -4.78
N THR C 258 -39.79 18.88 -3.87
CA THR C 258 -41.13 18.77 -3.34
C THR C 258 -41.77 20.15 -3.31
N VAL C 259 -43.10 20.17 -3.30
CA VAL C 259 -43.89 21.39 -3.17
C VAL C 259 -44.81 21.21 -1.98
N ARG C 260 -44.63 22.03 -0.95
CA ARG C 260 -45.40 21.90 0.27
C ARG C 260 -46.44 23.00 0.36
N VAL C 261 -47.68 22.60 0.61
CA VAL C 261 -48.78 23.54 0.84
C VAL C 261 -49.05 23.58 2.33
N TRP C 262 -48.93 24.77 2.91
CA TRP C 262 -48.99 25.03 4.33
C TRP C 262 -50.26 25.79 4.66
N VAL C 263 -50.72 25.62 5.90
CA VAL C 263 -51.85 26.37 6.44
C VAL C 263 -51.31 27.49 7.31
N VAL C 264 -51.71 28.72 7.01
CA VAL C 264 -51.20 29.87 7.73
C VAL C 264 -51.68 29.87 9.18
N ALA C 265 -52.93 29.45 9.39
CA ALA C 265 -53.54 29.57 10.72
C ALA C 265 -52.80 28.74 11.76
N THR C 266 -52.38 27.53 11.40
CA THR C 266 -51.78 26.63 12.38
C THR C 266 -50.44 26.03 11.96
N LYS C 267 -49.81 26.54 10.90
CA LYS C 267 -48.48 26.14 10.47
C LYS C 267 -48.39 24.67 10.06
N GLU C 268 -49.53 23.98 9.93
CA GLU C 268 -49.51 22.57 9.61
C GLU C 268 -49.32 22.34 8.11
N CYS C 269 -48.57 21.31 7.77
CA CYS C 269 -48.27 21.00 6.37
C CYS C 269 -49.48 20.29 5.76
N LYS C 270 -50.29 21.04 5.03
CA LYS C 270 -51.51 20.47 4.47
C LYS C 270 -51.20 19.45 3.38
N ALA C 271 -50.21 19.71 2.54
CA ALA C 271 -49.92 18.77 1.46
C ALA C 271 -48.44 18.79 1.15
N GLU C 272 -47.93 17.65 0.66
CA GLU C 272 -46.55 17.49 0.22
C GLU C 272 -46.56 16.85 -1.16
N LEU C 273 -46.69 17.68 -2.19
CA LEU C 273 -46.78 17.22 -3.57
C LEU C 273 -45.36 16.97 -4.10
N ARG C 274 -44.99 15.71 -4.27
CA ARG C 274 -43.65 15.34 -4.72
C ARG C 274 -43.74 14.32 -5.84
N GLU C 275 -43.67 14.81 -7.08
CA GLU C 275 -43.56 13.95 -8.24
C GLU C 275 -42.54 14.44 -9.25
N HIS C 276 -41.98 15.63 -9.05
CA HIS C 276 -40.96 16.12 -9.96
C HIS C 276 -39.66 15.34 -9.78
N GLU C 277 -38.87 15.29 -10.84
CA GLU C 277 -37.61 14.55 -10.85
C GLU C 277 -36.41 15.47 -10.69
N HIS C 278 -36.64 16.74 -10.33
CA HIS C 278 -35.56 17.70 -10.24
C HIS C 278 -36.00 18.83 -9.32
N VAL C 279 -35.16 19.86 -9.24
CA VAL C 279 -35.41 20.99 -8.36
C VAL C 279 -36.58 21.81 -8.89
N VAL C 280 -37.58 22.04 -8.05
CA VAL C 280 -38.72 22.86 -8.46
C VAL C 280 -38.31 24.33 -8.42
N GLU C 281 -38.46 25.01 -9.55
CA GLU C 281 -38.01 26.39 -9.69
C GLU C 281 -39.09 27.41 -9.38
N CYS C 282 -40.34 27.13 -9.72
CA CYS C 282 -41.39 28.15 -9.63
C CYS C 282 -42.74 27.49 -9.46
N ILE C 283 -43.65 28.22 -8.82
CA ILE C 283 -45.02 27.78 -8.61
C ILE C 283 -45.95 28.96 -8.87
N SER C 284 -47.25 28.66 -8.94
CA SER C 284 -48.26 29.68 -9.11
C SER C 284 -49.66 29.13 -8.82
N TRP C 285 -50.46 29.88 -8.08
CA TRP C 285 -51.80 29.43 -7.77
C TRP C 285 -52.72 29.62 -8.97
N ALA C 286 -53.89 29.02 -8.88
CA ALA C 286 -54.91 29.10 -9.91
C ALA C 286 -55.95 30.15 -9.54
N PRO C 287 -56.16 31.17 -10.36
CA PRO C 287 -57.20 32.16 -10.05
C PRO C 287 -58.57 31.52 -10.04
N GLU C 288 -59.45 32.06 -9.20
CA GLU C 288 -60.77 31.45 -9.00
C GLU C 288 -61.56 31.39 -10.30
N SER C 289 -61.40 32.38 -11.17
CA SER C 289 -62.14 32.41 -12.43
C SER C 289 -61.90 31.17 -13.27
N SER C 290 -60.76 30.50 -13.10
CA SER C 290 -60.43 29.32 -13.87
C SER C 290 -60.88 28.02 -13.21
N TYR C 291 -61.30 28.07 -11.94
CA TYR C 291 -61.64 26.86 -11.19
C TYR C 291 -62.48 25.90 -12.02
N SER C 292 -63.66 26.34 -12.44
CA SER C 292 -64.56 25.46 -13.19
C SER C 292 -63.89 24.94 -14.46
N SER C 293 -63.20 25.82 -15.19
CA SER C 293 -62.52 25.38 -16.40
C SER C 293 -61.54 24.26 -16.11
N ILE C 294 -60.85 24.33 -14.96
CA ILE C 294 -59.94 23.26 -14.58
C ILE C 294 -60.67 21.94 -14.54
N SER C 295 -61.83 21.90 -13.87
CA SER C 295 -62.57 20.66 -13.74
C SER C 295 -62.94 20.10 -15.10
N GLU C 296 -63.05 20.96 -16.11
CA GLU C 296 -63.39 20.47 -17.44
C GLU C 296 -62.19 19.85 -18.13
N ALA C 297 -61.00 20.42 -17.92
CA ALA C 297 -59.83 19.95 -18.66
C ALA C 297 -59.34 18.60 -18.15
N THR C 298 -59.24 18.43 -16.83
CA THR C 298 -58.77 17.20 -16.24
C THR C 298 -59.89 16.23 -15.91
N GLY C 299 -61.15 16.65 -16.03
CA GLY C 299 -62.25 15.79 -15.67
C GLY C 299 -62.39 15.54 -14.18
N SER C 300 -61.80 16.40 -13.35
CA SER C 300 -61.84 16.19 -11.91
C SER C 300 -63.26 16.29 -11.38
N GLU C 301 -63.60 15.38 -10.46
CA GLU C 301 -64.95 15.33 -9.91
C GLU C 301 -65.06 16.24 -8.68
N THR C 302 -66.24 16.84 -8.53
CA THR C 302 -66.48 17.77 -7.44
C THR C 302 -66.85 17.03 -6.16
N LYS C 303 -66.60 17.67 -5.03
CA LYS C 303 -66.86 17.07 -3.72
C LYS C 303 -68.21 17.56 -3.19
N LYS C 304 -68.49 17.24 -1.92
CA LYS C 304 -69.80 17.55 -1.34
C LYS C 304 -70.06 19.05 -1.27
N SER C 305 -69.05 19.82 -0.86
CA SER C 305 -69.24 21.26 -0.67
C SER C 305 -69.41 22.01 -1.98
N GLY C 306 -69.09 21.39 -3.11
CA GLY C 306 -69.18 22.03 -4.40
C GLY C 306 -67.93 22.78 -4.83
N LYS C 307 -67.03 23.07 -3.90
CA LYS C 307 -65.78 23.71 -4.25
C LYS C 307 -64.87 22.70 -4.93
N PRO C 308 -64.41 22.95 -6.15
CA PRO C 308 -63.59 21.96 -6.85
C PRO C 308 -62.26 21.68 -6.16
N GLY C 309 -61.80 22.57 -5.29
CA GLY C 309 -60.52 22.41 -4.65
C GLY C 309 -59.46 23.25 -5.33
N PRO C 310 -58.72 24.03 -4.54
CA PRO C 310 -57.71 24.91 -5.12
C PRO C 310 -56.67 24.14 -5.90
N PHE C 311 -56.28 24.68 -7.05
CA PHE C 311 -55.31 24.06 -7.94
C PHE C 311 -54.02 24.87 -7.94
N LEU C 312 -52.96 24.24 -8.41
CA LEU C 312 -51.63 24.84 -8.29
C LEU C 312 -50.76 24.33 -9.42
N LEU C 313 -49.79 25.15 -9.83
CA LEU C 313 -48.84 24.78 -10.86
C LEU C 313 -47.43 24.74 -10.31
N SER C 314 -46.62 23.83 -10.82
CA SER C 314 -45.24 23.69 -10.37
C SER C 314 -44.36 23.46 -11.58
N GLY C 315 -43.43 24.37 -11.82
CA GLY C 315 -42.43 24.20 -12.84
C GLY C 315 -41.12 23.80 -12.18
N SER C 316 -40.40 22.90 -12.84
CA SER C 316 -39.15 22.38 -12.29
C SER C 316 -38.08 22.38 -13.37
N ARG C 317 -36.89 21.94 -12.97
CA ARG C 317 -35.79 21.76 -13.90
C ARG C 317 -35.90 20.47 -14.69
N ASP C 318 -36.89 19.64 -14.40
CA ASP C 318 -37.17 18.45 -15.20
C ASP C 318 -37.87 18.78 -16.49
N LYS C 319 -37.92 20.07 -16.86
CA LYS C 319 -38.45 20.54 -18.13
C LYS C 319 -39.94 20.30 -18.28
N THR C 320 -40.65 20.07 -17.18
CA THR C 320 -42.06 19.78 -17.23
C THR C 320 -42.80 20.66 -16.22
N ILE C 321 -44.05 20.98 -16.54
CA ILE C 321 -44.91 21.77 -15.66
C ILE C 321 -46.05 20.88 -15.20
N LYS C 322 -46.09 20.58 -13.91
CA LYS C 322 -47.14 19.74 -13.37
C LYS C 322 -48.21 20.61 -12.76
N MET C 323 -49.43 20.09 -12.70
CA MET C 323 -50.55 20.79 -12.10
C MET C 323 -51.23 19.90 -11.09
N TRP C 324 -51.37 20.40 -9.86
CA TRP C 324 -51.86 19.62 -8.74
C TRP C 324 -53.19 20.17 -8.24
N ASP C 325 -53.99 19.28 -7.67
CA ASP C 325 -55.20 19.66 -6.96
C ASP C 325 -54.87 19.58 -5.47
N VAL C 326 -54.93 20.72 -4.80
CA VAL C 326 -54.54 20.76 -3.38
C VAL C 326 -55.49 19.92 -2.55
N SER C 327 -56.79 19.99 -2.83
CA SER C 327 -57.78 19.30 -2.01
C SER C 327 -57.54 17.80 -1.97
N THR C 328 -56.95 17.24 -3.03
CA THR C 328 -56.68 15.81 -3.09
C THR C 328 -55.20 15.47 -3.13
N GLY C 329 -54.33 16.43 -3.44
CA GLY C 329 -52.91 16.16 -3.44
C GLY C 329 -52.44 15.27 -4.57
N MET C 330 -53.14 15.27 -5.70
CA MET C 330 -52.81 14.42 -6.82
C MET C 330 -52.52 15.26 -8.08
N CYS C 331 -51.63 14.74 -8.92
CA CYS C 331 -51.19 15.44 -10.12
C CYS C 331 -52.27 15.33 -11.18
N LEU C 332 -53.00 16.43 -11.39
CA LEU C 332 -54.08 16.40 -12.37
C LEU C 332 -53.55 16.22 -13.79
N MET C 333 -52.48 16.92 -14.13
CA MET C 333 -51.93 16.79 -15.48
C MET C 333 -50.48 17.24 -15.47
N THR C 334 -49.77 16.87 -16.53
CA THR C 334 -48.41 17.30 -16.78
C THR C 334 -48.32 17.91 -18.17
N LEU C 335 -47.45 18.90 -18.32
CA LEU C 335 -47.24 19.60 -19.57
C LEU C 335 -45.77 19.52 -19.92
N VAL C 336 -45.48 19.12 -21.16
CA VAL C 336 -44.13 18.87 -21.62
C VAL C 336 -43.92 19.66 -22.90
N GLY C 337 -42.65 19.99 -23.18
CA GLY C 337 -42.31 20.66 -24.42
C GLY C 337 -41.17 21.63 -24.28
N HIS C 338 -40.89 22.08 -23.05
CA HIS C 338 -39.75 22.96 -22.83
C HIS C 338 -38.45 22.20 -23.04
N ASP C 339 -37.45 22.90 -23.55
CA ASP C 339 -36.16 22.30 -23.88
C ASP C 339 -35.12 22.56 -22.80
N ASN C 340 -35.51 23.11 -21.66
CA ASN C 340 -34.57 23.46 -20.60
C ASN C 340 -35.36 23.69 -19.33
N TRP C 341 -34.68 24.18 -18.29
CA TRP C 341 -35.32 24.34 -16.98
C TRP C 341 -36.38 25.43 -17.04
N VAL C 342 -37.58 25.10 -16.58
CA VAL C 342 -38.65 26.08 -16.47
C VAL C 342 -38.31 27.05 -15.34
N ARG C 343 -38.43 28.34 -15.63
CA ARG C 343 -38.14 29.37 -14.65
C ARG C 343 -39.37 30.07 -14.09
N GLY C 344 -40.37 30.30 -14.91
CA GLY C 344 -41.60 30.93 -14.44
C GLY C 344 -42.79 30.32 -15.13
N VAL C 345 -43.91 30.25 -14.41
CA VAL C 345 -45.14 29.70 -14.96
C VAL C 345 -46.31 30.42 -14.30
N LEU C 346 -47.32 30.71 -15.10
CA LEU C 346 -48.46 31.47 -14.59
C LEU C 346 -49.67 31.23 -15.47
N PHE C 347 -50.83 31.59 -14.93
CA PHE C 347 -52.09 31.45 -15.62
C PHE C 347 -52.44 32.71 -16.38
N HIS C 348 -53.04 32.54 -17.55
CA HIS C 348 -53.65 33.65 -18.26
C HIS C 348 -54.85 34.15 -17.45
N SER C 349 -55.03 35.46 -17.40
CA SER C 349 -56.09 36.05 -16.59
C SER C 349 -57.46 35.51 -16.99
N GLY C 350 -57.62 35.10 -18.25
CA GLY C 350 -58.88 34.54 -18.70
C GLY C 350 -59.10 33.10 -18.35
N GLY C 351 -58.15 32.46 -17.69
CA GLY C 351 -58.28 31.04 -17.36
C GLY C 351 -58.39 30.15 -18.57
N LYS C 352 -57.63 30.45 -19.63
CA LYS C 352 -57.69 29.69 -20.85
C LYS C 352 -56.32 29.29 -21.39
N PHE C 353 -55.24 29.94 -20.98
CA PHE C 353 -53.90 29.57 -21.40
C PHE C 353 -52.98 29.58 -20.19
N ILE C 354 -51.89 28.83 -20.31
CA ILE C 354 -50.82 28.83 -19.33
C ILE C 354 -49.58 29.42 -19.99
N LEU C 355 -49.10 30.53 -19.45
CA LEU C 355 -47.87 31.14 -19.93
C LEU C 355 -46.71 30.59 -19.13
N SER C 356 -45.56 30.44 -19.77
CA SER C 356 -44.39 30.01 -19.04
C SER C 356 -43.13 30.46 -19.76
N CYS C 357 -42.05 30.61 -19.00
CA CYS C 357 -40.76 30.95 -19.54
C CYS C 357 -39.71 30.05 -18.91
N ALA C 358 -38.74 29.65 -19.73
CA ALA C 358 -37.72 28.71 -19.31
C ALA C 358 -36.36 29.20 -19.77
N ASP C 359 -35.33 28.39 -19.52
CA ASP C 359 -33.98 28.73 -19.94
C ASP C 359 -33.73 28.35 -21.40
N ASP C 360 -34.74 27.84 -22.10
CA ASP C 360 -34.62 27.55 -23.52
C ASP C 360 -34.74 28.80 -24.38
N LYS C 361 -34.66 29.97 -23.77
CA LYS C 361 -34.77 31.27 -24.44
C LYS C 361 -36.13 31.44 -25.12
N THR C 362 -37.17 30.79 -24.62
CA THR C 362 -38.48 30.84 -25.24
C THR C 362 -39.58 31.12 -24.22
N LEU C 363 -40.54 31.93 -24.62
CA LEU C 363 -41.80 32.10 -23.91
C LEU C 363 -42.83 31.20 -24.57
N ARG C 364 -43.42 30.29 -23.81
CA ARG C 364 -44.35 29.33 -24.36
C ARG C 364 -45.75 29.56 -23.80
N VAL C 365 -46.71 29.64 -24.70
CA VAL C 365 -48.12 29.75 -24.36
C VAL C 365 -48.77 28.41 -24.66
N TRP C 366 -49.23 27.72 -23.62
CA TRP C 366 -49.77 26.39 -23.72
C TRP C 366 -51.26 26.39 -23.43
N ASP C 367 -51.96 25.42 -24.00
CA ASP C 367 -53.39 25.27 -23.77
C ASP C 367 -53.64 23.98 -22.99
N TYR C 368 -54.49 24.08 -21.97
CA TYR C 368 -54.78 22.95 -21.10
C TYR C 368 -56.18 22.39 -21.25
N LYS C 369 -57.14 23.17 -21.73
CA LYS C 369 -58.49 22.65 -21.91
C LYS C 369 -58.58 21.73 -23.12
N ASN C 370 -58.18 22.22 -24.29
CA ASN C 370 -58.25 21.47 -25.53
C ASN C 370 -56.88 21.12 -26.09
N LYS C 371 -55.80 21.54 -25.43
CA LYS C 371 -54.44 21.37 -25.93
C LYS C 371 -54.33 21.96 -27.34
N ARG C 372 -54.92 23.13 -27.53
CA ARG C 372 -55.08 23.74 -28.85
C ARG C 372 -53.82 24.48 -29.31
N CYS C 373 -53.35 25.42 -28.50
CA CYS C 373 -52.22 26.27 -28.88
C CYS C 373 -50.99 25.89 -28.08
N MET C 374 -49.84 25.84 -28.75
CA MET C 374 -48.54 25.61 -28.15
C MET C 374 -47.56 26.65 -28.69
N LYS C 375 -47.96 27.91 -28.60
CA LYS C 375 -47.19 28.98 -29.22
C LYS C 375 -45.84 29.15 -28.55
N THR C 376 -44.83 29.45 -29.37
CA THR C 376 -43.44 29.58 -28.93
C THR C 376 -42.92 30.94 -29.36
N LEU C 377 -42.18 31.60 -28.49
CA LEU C 377 -41.61 32.91 -28.77
C LEU C 377 -40.12 32.88 -28.45
N ASN C 378 -39.30 33.27 -29.41
CA ASN C 378 -37.86 33.41 -29.19
C ASN C 378 -37.65 34.71 -28.42
N ALA C 379 -37.92 34.65 -27.11
CA ALA C 379 -38.04 35.86 -26.31
C ALA C 379 -36.73 36.62 -26.20
N HIS C 380 -35.65 35.91 -25.81
CA HIS C 380 -34.39 36.58 -25.53
C HIS C 380 -33.25 35.77 -26.13
N GLU C 381 -32.08 36.42 -26.21
CA GLU C 381 -30.88 35.79 -26.72
C GLU C 381 -30.15 34.96 -25.67
N HIS C 382 -30.68 34.91 -24.44
CA HIS C 382 -30.07 34.12 -23.39
C HIS C 382 -31.22 33.63 -22.49
N PHE C 383 -30.89 33.12 -21.31
CA PHE C 383 -31.90 32.50 -20.46
C PHE C 383 -32.98 33.51 -20.09
N VAL C 384 -34.21 33.04 -20.00
CA VAL C 384 -35.34 33.87 -19.58
C VAL C 384 -35.66 33.54 -18.13
N THR C 385 -35.52 34.54 -17.25
CA THR C 385 -35.58 34.28 -15.82
C THR C 385 -36.97 34.41 -15.23
N SER C 386 -37.82 35.28 -15.76
CA SER C 386 -39.14 35.48 -15.17
C SER C 386 -40.04 36.17 -16.18
N LEU C 387 -41.34 36.08 -15.94
CA LEU C 387 -42.33 36.72 -16.79
C LEU C 387 -43.46 37.22 -15.92
N ASP C 388 -44.28 38.10 -16.49
CA ASP C 388 -45.52 38.48 -15.83
C ASP C 388 -46.50 39.00 -16.86
N PHE C 389 -47.78 38.75 -16.59
CA PHE C 389 -48.90 39.12 -17.45
C PHE C 389 -49.76 40.13 -16.70
N HIS C 390 -50.00 41.28 -17.33
CA HIS C 390 -50.81 42.32 -16.70
C HIS C 390 -52.23 41.81 -16.49
N LYS C 391 -52.83 42.19 -15.35
CA LYS C 391 -54.16 41.71 -15.03
C LYS C 391 -55.20 42.20 -16.02
N THR C 392 -55.12 43.47 -16.42
CA THR C 392 -56.11 44.06 -17.31
C THR C 392 -55.54 44.44 -18.67
N ALA C 393 -54.47 45.24 -18.68
CA ALA C 393 -53.90 45.68 -19.95
C ALA C 393 -53.30 44.49 -20.71
N PRO C 394 -53.37 44.48 -22.03
CA PRO C 394 -52.87 43.33 -22.82
C PRO C 394 -51.38 43.40 -23.10
N TYR C 395 -50.58 43.29 -22.04
CA TYR C 395 -49.13 43.33 -22.16
C TYR C 395 -48.50 42.21 -21.35
N VAL C 396 -47.30 41.81 -21.77
CA VAL C 396 -46.50 40.81 -21.08
C VAL C 396 -45.09 41.37 -20.94
N VAL C 397 -44.44 41.08 -19.82
CA VAL C 397 -43.04 41.45 -19.64
C VAL C 397 -42.23 40.21 -19.28
N THR C 398 -41.02 40.14 -19.82
CA THR C 398 -40.11 39.03 -19.53
C THR C 398 -38.73 39.57 -19.23
N GLY C 399 -38.15 39.11 -18.12
CA GLY C 399 -36.75 39.39 -17.83
C GLY C 399 -35.85 38.36 -18.49
N SER C 400 -34.54 38.58 -18.34
CA SER C 400 -33.59 37.69 -18.98
C SER C 400 -32.21 37.86 -18.36
N VAL C 401 -31.33 36.92 -18.70
CA VAL C 401 -29.93 37.01 -18.27
C VAL C 401 -29.13 37.92 -19.20
N ASP C 402 -29.63 38.21 -20.40
CA ASP C 402 -28.88 39.12 -21.26
C ASP C 402 -29.01 40.57 -20.83
N GLN C 403 -29.47 40.79 -19.60
CA GLN C 403 -29.54 42.11 -18.97
C GLN C 403 -30.57 43.02 -19.61
N THR C 404 -31.58 42.45 -20.26
CA THR C 404 -32.63 43.23 -20.91
C THR C 404 -33.99 42.69 -20.50
N VAL C 405 -34.95 43.61 -20.41
CA VAL C 405 -36.35 43.27 -20.19
C VAL C 405 -37.06 43.52 -21.51
N LYS C 406 -38.07 42.70 -21.80
CA LYS C 406 -38.85 42.86 -23.02
C LYS C 406 -40.33 42.97 -22.70
N VAL C 407 -41.02 43.80 -23.47
CA VAL C 407 -42.46 43.99 -23.35
C VAL C 407 -43.10 43.56 -24.65
N TRP C 408 -44.02 42.60 -24.57
CA TRP C 408 -44.76 42.10 -25.72
C TRP C 408 -46.21 42.52 -25.60
N GLU C 409 -46.85 42.75 -26.75
CA GLU C 409 -48.25 43.14 -26.77
C GLU C 409 -49.13 41.92 -27.03
N CYS C 410 -50.29 41.91 -26.38
CA CYS C 410 -51.26 40.83 -26.53
C CYS C 410 -52.28 41.21 -27.58
N ARG C 411 -52.49 40.33 -28.55
CA ARG C 411 -53.42 40.60 -29.64
C ARG C 411 -54.28 39.38 -29.93
#